data_7D73
#
_entry.id   7D73
#
_cell.length_a   1.00
_cell.length_b   1.00
_cell.length_c   1.00
_cell.angle_alpha   90.00
_cell.angle_beta   90.00
_cell.angle_gamma   90.00
#
_symmetry.space_group_name_H-M   'P 1'
#
loop_
_entity.id
_entity.type
_entity.pdbx_description
1 polymer 'Mannose-1-phosphate guanyltransferase alpha'
2 polymer 'Mannose-1-phosphate guanyltransferase beta'
3 non-polymer "GUANOSINE-5'-DIPHOSPHATE-ALPHA-D-MANNOSE"
4 non-polymer "GUANOSINE-5'-TRIPHOSPHATE"
#
loop_
_entity_poly.entity_id
_entity_poly.type
_entity_poly.pdbx_seq_one_letter_code
_entity_poly.pdbx_strand_id
1 'polypeptide(L)'
;MLKAVILIGGPQKGTRFRPLSFEVPKPLFPVAGVPMIQHHIEACAQVPGMQEILLIGFYQPDEPLTQFLEAAQQEFNLPV
RYLQEFAPLGTGGGLYHFRDQILAGSPEAFFVLNADVCSDFPLSAMLEAHRRQRHPFLLLGTTANRTQSLNYGCIVENPQ
THEVLHYVEKPSTFISDIINCGIYLFSPEALKPLRDVFQRNQQDGQLEDSPGLWPGAGTIRLEQDVFSALAGQGQIYVHL
TDGIWSQIKSAGSALYASRLYLSRYQDTHPERLAKHTPGGPWIRGNVYIHPTAKVAPSAVLGPNVSIGKGVTVGEGVRLR
ESIVLHGATLQEHTCVLHSIVGWGSTVGRWARVEGTPSDPNPNDPRARMDSESLFKDGKLLPAITILGCRVRIPAEVLIL
NSIVLPHKELSRSFTNQIIL
;
A,B,C,D
2 'polypeptide(L)'
;MKALILVGGYGTRLRPLTLSTPKPLVDFCNKPILLHQVEALAAAGVDHVILAVSYMSQVLEKEMKAQEQRLGIRISMSHE
EEPLGTAGPLALARDLLSETADPFFVLNSDVICDFPFQAMVQFHRHHGQEGSILVTKVEEPSKYGVVVCEADTGRIHRFV
EKPQVFVSNKINAGMYILSPAVLQRIQLQPTSIEKEVFPIMAKEGQLYAMELQGFWMDIGQPKDFLTGMCLFLQSLRQKQ
PERLCSGPGIVGNVLVDPSARIGQNCSIGPNVSLGPGVVVEDGVCIRRCTVLRDARIRSHSWLESCIVGWRCRVGQWVRM
ENVTVLGEDVIVNDELYLNGASVLPHKSIGESVPEPRIIM
;
E,F,G,I,J,K,L,H
#
# COMPACT_ATOMS: atom_id res chain seq x y z
N MET A 1 42.10 9.23 7.29
CA MET A 1 40.73 8.96 6.89
C MET A 1 40.40 7.48 7.07
N LEU A 2 39.39 7.20 7.86
CA LEU A 2 38.89 5.85 8.07
C LEU A 2 37.41 5.86 7.76
N LYS A 3 36.89 4.69 7.43
CA LYS A 3 35.44 4.63 7.35
C LYS A 3 34.93 3.31 7.89
N ALA A 4 33.61 3.21 7.97
CA ALA A 4 32.94 2.12 8.63
C ALA A 4 31.86 1.59 7.73
N VAL A 5 31.73 0.27 7.74
CA VAL A 5 30.74 -0.46 6.97
C VAL A 5 29.98 -1.32 7.95
N ILE A 6 28.68 -1.12 8.04
CA ILE A 6 27.82 -1.91 8.91
C ILE A 6 27.01 -2.84 8.03
N LEU A 7 27.25 -4.13 8.16
CA LEU A 7 26.51 -5.15 7.43
C LEU A 7 25.19 -5.38 8.14
N ILE A 8 24.18 -4.70 7.68
CA ILE A 8 22.83 -4.96 8.15
C ILE A 8 22.25 -6.03 7.24
N GLY A 9 21.24 -6.72 7.71
CA GLY A 9 20.85 -7.87 6.93
C GLY A 9 19.85 -7.55 5.85
N GLY A 10 18.74 -8.26 5.87
CA GLY A 10 17.64 -7.97 5.01
C GLY A 10 16.39 -8.63 5.52
N PRO A 11 15.32 -8.59 4.73
CA PRO A 11 14.02 -9.05 5.26
C PRO A 11 13.94 -10.53 5.54
N GLN A 12 14.55 -11.38 4.71
CA GLN A 12 14.51 -12.81 4.96
C GLN A 12 15.65 -13.28 5.83
N LYS A 13 16.84 -12.67 5.69
CA LYS A 13 18.04 -13.14 6.38
C LYS A 13 18.01 -12.84 7.87
N GLY A 14 17.04 -12.04 8.34
CA GLY A 14 16.91 -11.78 9.76
C GLY A 14 16.67 -13.06 10.54
N THR A 15 15.75 -13.91 10.04
CA THR A 15 15.49 -15.28 10.46
C THR A 15 15.37 -15.38 11.96
N ARG A 16 14.41 -14.61 12.47
CA ARG A 16 14.41 -14.25 13.89
C ARG A 16 14.15 -15.48 14.73
N PHE A 17 15.18 -15.79 15.54
CA PHE A 17 15.22 -17.04 16.30
C PHE A 17 14.03 -17.13 17.25
N ARG A 18 13.63 -16.00 17.79
CA ARG A 18 12.35 -15.73 18.42
C ARG A 18 12.17 -14.22 18.26
N PRO A 19 11.11 -13.77 17.58
CA PRO A 19 11.12 -12.44 16.96
C PRO A 19 11.13 -11.29 17.96
N LEU A 20 11.94 -10.30 17.67
CA LEU A 20 12.00 -9.08 18.47
C LEU A 20 10.78 -8.25 18.04
N SER A 21 10.49 -8.25 16.75
CA SER A 21 9.37 -7.51 16.21
C SER A 21 8.93 -8.17 14.92
N PHE A 22 7.98 -7.54 14.25
CA PHE A 22 7.52 -8.07 12.98
C PHE A 22 7.58 -7.01 11.91
N GLU A 23 7.41 -5.74 12.31
CA GLU A 23 7.15 -4.66 11.37
C GLU A 23 8.25 -3.62 11.28
N VAL A 24 9.15 -3.52 12.25
CA VAL A 24 10.31 -2.65 12.08
C VAL A 24 11.49 -3.51 11.66
N PRO A 25 12.43 -2.98 10.88
CA PRO A 25 13.62 -3.76 10.54
C PRO A 25 14.46 -4.07 11.77
N LYS A 26 15.04 -5.25 11.78
CA LYS A 26 15.87 -5.69 12.90
C LYS A 26 17.04 -4.79 13.29
N PRO A 27 17.76 -4.09 12.39
CA PRO A 27 18.75 -3.12 12.86
C PRO A 27 18.16 -1.95 13.63
N LEU A 28 16.90 -1.59 13.39
CA LEU A 28 16.30 -0.43 14.02
C LEU A 28 15.57 -0.77 15.31
N PHE A 29 15.78 -1.97 15.84
CA PHE A 29 15.12 -2.37 17.07
C PHE A 29 15.83 -1.77 18.26
N PRO A 30 15.15 -1.01 19.12
CA PRO A 30 15.84 -0.33 20.23
C PRO A 30 16.31 -1.23 21.35
N VAL A 31 17.61 -1.45 21.41
CA VAL A 31 18.27 -2.13 22.50
C VAL A 31 18.80 -1.06 23.44
N ALA A 32 18.39 -1.11 24.71
CA ALA A 32 18.69 -0.11 25.74
C ALA A 32 18.27 1.30 25.33
N GLY A 33 17.13 1.40 24.67
CA GLY A 33 16.49 2.66 24.42
C GLY A 33 16.76 3.24 23.05
N VAL A 34 17.92 2.96 22.46
CA VAL A 34 18.26 3.50 21.15
C VAL A 34 18.39 2.34 20.17
N PRO A 35 18.13 2.55 18.85
CA PRO A 35 18.25 1.46 17.87
C PRO A 35 19.56 0.72 17.87
N MET A 36 19.52 -0.53 17.40
CA MET A 36 20.63 -1.45 17.58
C MET A 36 21.88 -1.01 16.85
N ILE A 37 21.74 -0.36 15.69
CA ILE A 37 22.90 0.12 14.96
C ILE A 37 23.38 1.48 15.40
N GLN A 38 22.63 2.20 16.22
CA GLN A 38 23.11 3.49 16.72
C GLN A 38 24.22 3.33 17.74
N HIS A 39 24.31 2.18 18.40
CA HIS A 39 25.47 1.89 19.24
C HIS A 39 26.74 1.79 18.42
N HIS A 40 26.66 1.12 17.26
CA HIS A 40 27.76 1.05 16.30
C HIS A 40 28.12 2.43 15.79
N ILE A 41 27.11 3.24 15.48
CA ILE A 41 27.35 4.54 14.90
C ILE A 41 27.97 5.49 15.93
N GLU A 42 27.54 5.42 17.21
CA GLU A 42 28.21 6.17 18.28
C GLU A 42 29.66 5.78 18.40
N ALA A 43 29.92 4.46 18.40
CA ALA A 43 31.28 3.96 18.55
C ALA A 43 32.17 4.34 17.37
N CYS A 44 31.61 4.36 16.17
CA CYS A 44 32.39 4.71 14.98
C CYS A 44 32.62 6.20 14.88
N ALA A 45 31.62 7.02 15.19
CA ALA A 45 31.78 8.46 15.13
C ALA A 45 32.61 9.01 16.28
N GLN A 46 32.84 8.22 17.33
CA GLN A 46 33.80 8.66 18.35
C GLN A 46 35.23 8.56 17.85
N VAL A 47 35.50 7.67 16.89
CA VAL A 47 36.86 7.44 16.41
C VAL A 47 37.34 8.68 15.64
N PRO A 48 38.52 9.21 15.94
CA PRO A 48 39.04 10.35 15.18
C PRO A 48 39.47 9.91 13.79
N GLY A 49 39.21 10.77 12.81
CA GLY A 49 39.53 10.47 11.43
C GLY A 49 38.48 9.68 10.69
N MET A 50 37.46 9.18 11.38
CA MET A 50 36.34 8.52 10.74
C MET A 50 35.52 9.54 9.95
N GLN A 51 35.40 9.33 8.64
CA GLN A 51 34.72 10.26 7.75
C GLN A 51 33.30 9.85 7.41
N GLU A 52 33.08 8.58 7.08
CA GLU A 52 31.82 8.12 6.52
C GLU A 52 31.38 6.85 7.23
N ILE A 53 30.08 6.56 7.13
CA ILE A 53 29.47 5.37 7.71
C ILE A 53 28.53 4.79 6.68
N LEU A 54 28.75 3.55 6.29
CA LEU A 54 27.98 2.90 5.24
C LEU A 54 27.23 1.72 5.80
N LEU A 55 25.95 1.62 5.49
CA LEU A 55 25.15 0.48 5.88
C LEU A 55 24.86 -0.32 4.63
N ILE A 56 25.40 -1.53 4.57
CA ILE A 56 25.15 -2.41 3.44
C ILE A 56 24.11 -3.43 3.85
N GLY A 57 23.03 -3.51 3.09
CA GLY A 57 22.01 -4.50 3.35
C GLY A 57 21.11 -4.61 2.15
N PHE A 58 20.13 -5.48 2.25
CA PHE A 58 19.15 -5.63 1.18
C PHE A 58 17.73 -5.39 1.68
N TYR A 59 17.58 -4.53 2.68
CA TYR A 59 16.28 -3.97 2.99
C TYR A 59 15.90 -2.97 1.92
N GLN A 60 14.65 -2.96 1.52
CA GLN A 60 14.17 -1.88 0.68
C GLN A 60 14.08 -0.59 1.50
N PRO A 61 14.25 0.57 0.87
CA PRO A 61 14.25 1.81 1.65
C PRO A 61 12.86 2.23 2.09
N ASP A 62 12.43 1.72 3.24
CA ASP A 62 11.21 2.20 3.87
C ASP A 62 11.47 3.53 4.56
N GLU A 63 10.41 4.09 5.13
CA GLU A 63 10.48 5.33 5.90
C GLU A 63 11.24 5.27 7.23
N PRO A 64 11.13 4.22 8.08
CA PRO A 64 11.96 4.22 9.30
C PRO A 64 13.45 4.17 9.01
N LEU A 65 13.84 3.47 7.96
CA LEU A 65 15.24 3.38 7.59
C LEU A 65 15.77 4.75 7.16
N THR A 66 15.02 5.46 6.33
CA THR A 66 15.44 6.79 5.86
C THR A 66 15.46 7.80 7.00
N GLN A 67 14.45 7.77 7.86
CA GLN A 67 14.43 8.75 8.94
C GLN A 67 15.46 8.43 10.02
N PHE A 68 15.86 7.15 10.16
CA PHE A 68 16.99 6.85 11.02
C PHE A 68 18.30 7.32 10.40
N LEU A 69 18.44 7.21 9.08
CA LEU A 69 19.64 7.72 8.41
C LEU A 69 19.78 9.23 8.60
N GLU A 70 18.67 9.94 8.48
CA GLU A 70 18.70 11.39 8.65
C GLU A 70 18.95 11.77 10.10
N ALA A 71 18.34 11.04 11.03
CA ALA A 71 18.56 11.29 12.46
C ALA A 71 20.02 11.04 12.85
N ALA A 72 20.63 9.99 12.30
CA ALA A 72 22.03 9.70 12.63
C ALA A 72 22.98 10.70 11.98
N GLN A 73 22.67 11.13 10.74
CA GLN A 73 23.46 12.16 10.08
C GLN A 73 23.40 13.48 10.83
N GLN A 74 22.24 13.81 11.35
CA GLN A 74 22.07 15.05 12.10
C GLN A 74 22.70 14.96 13.49
N GLU A 75 22.65 13.80 14.13
CA GLU A 75 23.15 13.66 15.50
C GLU A 75 24.66 13.56 15.55
N PHE A 76 25.29 12.92 14.58
CA PHE A 76 26.73 12.70 14.66
C PHE A 76 27.52 13.53 13.66
N ASN A 77 26.83 14.28 12.79
CA ASN A 77 27.41 15.19 11.78
C ASN A 77 28.42 14.46 10.90
N LEU A 78 28.06 13.24 10.54
CA LEU A 78 28.74 12.33 9.66
C LEU A 78 27.81 12.04 8.51
N PRO A 79 28.32 11.72 7.33
CA PRO A 79 27.48 11.03 6.34
C PRO A 79 27.20 9.60 6.79
N VAL A 80 25.92 9.22 6.77
CA VAL A 80 25.47 7.86 7.02
C VAL A 80 24.63 7.48 5.82
N ARG A 81 25.16 6.62 4.96
CA ARG A 81 24.50 6.23 3.72
C ARG A 81 24.06 4.78 3.79
N TYR A 82 23.09 4.42 2.96
CA TYR A 82 22.56 3.06 2.88
C TYR A 82 22.73 2.54 1.47
N LEU A 83 23.74 1.70 1.26
CA LEU A 83 23.98 1.09 -0.04
C LEU A 83 23.23 -0.23 -0.10
N GLN A 84 22.20 -0.29 -0.94
CA GLN A 84 21.32 -1.44 -1.00
C GLN A 84 21.76 -2.39 -2.11
N GLU A 85 21.85 -3.67 -1.78
CA GLU A 85 22.28 -4.64 -2.75
C GLU A 85 21.13 -5.08 -3.63
N PHE A 86 21.45 -5.50 -4.85
CA PHE A 86 20.44 -5.96 -5.78
C PHE A 86 19.90 -7.34 -5.43
N ALA A 87 20.63 -8.08 -4.61
CA ALA A 87 20.25 -9.39 -4.13
C ALA A 87 20.95 -9.62 -2.82
N PRO A 88 20.55 -10.61 -2.03
CA PRO A 88 21.39 -11.00 -0.90
C PRO A 88 22.73 -11.53 -1.37
N LEU A 89 23.78 -10.76 -1.14
CA LEU A 89 25.11 -11.07 -1.65
C LEU A 89 26.01 -11.69 -0.60
N GLY A 90 25.51 -11.97 0.57
CA GLY A 90 26.32 -12.58 1.60
C GLY A 90 27.17 -11.55 2.30
N THR A 91 28.04 -12.06 3.15
CA THR A 91 28.77 -11.20 4.08
C THR A 91 29.90 -10.44 3.39
N GLY A 92 30.47 -11.00 2.34
CA GLY A 92 31.56 -10.34 1.65
C GLY A 92 31.19 -9.87 0.27
N GLY A 93 30.08 -10.36 -0.27
CA GLY A 93 29.65 -9.96 -1.60
C GLY A 93 29.19 -8.53 -1.67
N GLY A 94 28.60 -8.02 -0.60
CA GLY A 94 28.26 -6.61 -0.57
C GLY A 94 29.46 -5.71 -0.40
N LEU A 95 30.53 -6.22 0.22
CA LEU A 95 31.77 -5.46 0.31
C LEU A 95 32.46 -5.42 -1.03
N TYR A 96 32.40 -6.50 -1.79
CA TYR A 96 33.01 -6.51 -3.10
C TYR A 96 32.17 -5.74 -4.13
N HIS A 97 30.85 -5.76 -4.00
CA HIS A 97 30.00 -5.07 -4.94
C HIS A 97 30.09 -3.55 -4.77
N PHE A 98 30.30 -3.08 -3.55
CA PHE A 98 30.34 -1.67 -3.26
C PHE A 98 31.75 -1.18 -2.98
N ARG A 99 32.75 -1.80 -3.58
CA ARG A 99 34.14 -1.48 -3.26
C ARG A 99 34.58 -0.13 -3.82
N ASP A 100 33.92 0.38 -4.84
CA ASP A 100 34.24 1.72 -5.31
C ASP A 100 33.63 2.78 -4.40
N GLN A 101 32.47 2.50 -3.83
CA GLN A 101 31.91 3.41 -2.83
C GLN A 101 32.65 3.32 -1.52
N ILE A 102 33.11 2.12 -1.15
CA ILE A 102 33.87 1.94 0.08
C ILE A 102 35.24 2.58 -0.03
N LEU A 103 35.92 2.42 -1.17
CA LEU A 103 37.27 2.93 -1.34
C LEU A 103 37.33 4.30 -1.99
N ALA A 104 36.21 5.00 -2.13
CA ALA A 104 36.27 6.38 -2.57
C ALA A 104 36.75 7.26 -1.43
N GLY A 105 37.56 8.25 -1.77
CA GLY A 105 38.19 9.09 -0.78
C GLY A 105 39.51 8.56 -0.28
N SER A 106 39.86 7.31 -0.64
CA SER A 106 41.04 6.55 -0.24
C SER A 106 41.18 6.50 1.28
N PRO A 107 40.38 5.71 1.98
CA PRO A 107 40.51 5.62 3.43
C PRO A 107 41.78 4.87 3.82
N GLU A 108 42.21 5.11 5.06
CA GLU A 108 43.36 4.39 5.59
C GLU A 108 42.98 2.97 5.96
N ALA A 109 41.78 2.77 6.51
CA ALA A 109 41.21 1.45 6.78
C ALA A 109 39.72 1.60 6.98
N PHE A 110 39.02 0.47 6.93
CA PHE A 110 37.59 0.50 7.20
C PHE A 110 37.19 -0.63 8.13
N PHE A 111 36.35 -0.29 9.09
CA PHE A 111 35.80 -1.24 10.05
C PHE A 111 34.58 -1.88 9.45
N VAL A 112 34.51 -3.21 9.49
CA VAL A 112 33.34 -3.95 9.08
C VAL A 112 32.68 -4.51 10.33
N LEU A 113 31.41 -4.18 10.53
CA LEU A 113 30.71 -4.52 11.77
C LEU A 113 29.40 -5.22 11.45
N ASN A 114 29.18 -6.39 12.05
CA ASN A 114 27.88 -7.02 11.99
C ASN A 114 26.86 -6.17 12.71
N ALA A 115 25.66 -6.05 12.16
CA ALA A 115 24.65 -5.20 12.79
C ALA A 115 24.13 -5.79 14.09
N ASP A 116 24.04 -7.12 14.19
CA ASP A 116 23.44 -7.75 15.35
C ASP A 116 24.50 -8.22 16.34
N VAL A 117 25.33 -7.32 16.81
CA VAL A 117 26.19 -7.57 17.94
C VAL A 117 25.99 -6.46 18.95
N CYS A 118 26.16 -6.80 20.22
CA CYS A 118 26.32 -5.84 21.30
C CYS A 118 27.78 -5.92 21.68
N SER A 119 28.49 -4.81 21.59
CA SER A 119 29.90 -4.86 21.87
C SER A 119 30.32 -3.63 22.64
N ASP A 120 31.45 -3.76 23.33
CA ASP A 120 32.17 -2.62 23.86
C ASP A 120 32.65 -1.72 22.73
N PHE A 121 32.91 -2.29 21.54
CA PHE A 121 33.50 -1.72 20.34
C PHE A 121 34.84 -1.06 20.63
N PRO A 122 35.90 -1.80 20.92
CA PRO A 122 37.20 -1.15 21.11
C PRO A 122 37.88 -0.83 19.78
N LEU A 123 37.32 0.15 19.08
CA LEU A 123 37.74 0.41 17.72
C LEU A 123 39.09 1.10 17.67
N SER A 124 39.39 1.94 18.66
CA SER A 124 40.71 2.55 18.72
C SER A 124 41.78 1.56 19.14
N ALA A 125 41.42 0.56 19.95
CA ALA A 125 42.42 -0.44 20.34
C ALA A 125 42.78 -1.34 19.17
N MET A 126 41.78 -1.77 18.39
CA MET A 126 42.05 -2.49 17.16
C MET A 126 42.79 -1.63 16.17
N LEU A 127 42.45 -0.34 16.12
CA LEU A 127 43.12 0.60 15.24
C LEU A 127 44.58 0.76 15.58
N GLU A 128 44.90 0.74 16.88
CA GLU A 128 46.28 0.91 17.28
C GLU A 128 47.08 -0.37 17.04
N ALA A 129 46.46 -1.53 17.30
CA ALA A 129 47.09 -2.80 16.95
C ALA A 129 47.33 -2.92 15.45
N HIS A 130 46.44 -2.38 14.64
CA HIS A 130 46.59 -2.46 13.19
C HIS A 130 47.58 -1.44 12.68
N ARG A 131 47.61 -0.23 13.25
CA ARG A 131 48.61 0.74 12.86
C ARG A 131 50.01 0.27 13.22
N ARG A 132 50.14 -0.51 14.29
CA ARG A 132 51.43 -1.14 14.55
C ARG A 132 51.68 -2.32 13.62
N GLN A 133 50.63 -3.02 13.17
CA GLN A 133 50.82 -4.25 12.40
C GLN A 133 50.67 -4.06 10.89
N ARG A 134 49.64 -3.34 10.43
CA ARG A 134 49.35 -3.07 9.01
C ARG A 134 49.17 -4.35 8.19
N HIS A 135 48.14 -5.10 8.56
CA HIS A 135 47.80 -6.38 7.97
C HIS A 135 46.46 -6.31 7.25
N PRO A 136 46.17 -7.22 6.31
CA PRO A 136 44.92 -7.09 5.54
C PRO A 136 43.66 -7.29 6.34
N PHE A 137 43.62 -8.27 7.24
CA PHE A 137 42.43 -8.58 8.01
C PHE A 137 42.80 -8.63 9.48
N LEU A 138 42.18 -7.78 10.28
CA LEU A 138 42.27 -7.84 11.72
C LEU A 138 40.89 -8.17 12.27
N LEU A 139 40.82 -9.16 13.14
CA LEU A 139 39.56 -9.62 13.70
C LEU A 139 39.55 -9.36 15.20
N LEU A 140 38.42 -8.93 15.72
CA LEU A 140 38.22 -8.91 17.16
C LEU A 140 37.68 -10.28 17.57
N GLY A 141 38.29 -10.88 18.58
CA GLY A 141 37.86 -12.17 19.07
C GLY A 141 37.70 -12.15 20.57
N THR A 142 36.73 -12.91 21.05
CA THR A 142 36.53 -13.10 22.49
C THR A 142 36.85 -14.52 22.86
N THR A 143 36.59 -14.84 24.12
CA THR A 143 36.81 -16.15 24.68
C THR A 143 35.47 -16.76 25.00
N ALA A 144 35.24 -17.97 24.51
CA ALA A 144 33.97 -18.65 24.70
C ALA A 144 34.12 -19.81 25.68
N ASN A 145 32.96 -20.25 26.17
CA ASN A 145 32.80 -21.55 26.80
C ASN A 145 33.16 -22.65 25.80
N ARG A 146 33.56 -23.82 26.33
CA ARG A 146 33.95 -24.93 25.44
C ARG A 146 32.74 -25.50 24.71
N THR A 147 31.58 -25.58 25.38
CA THR A 147 30.39 -26.11 24.74
C THR A 147 29.78 -25.12 23.76
N GLN A 148 29.79 -23.84 24.11
CA GLN A 148 29.14 -22.81 23.34
C GLN A 148 30.04 -22.23 22.26
N SER A 149 31.28 -22.70 22.17
CA SER A 149 32.17 -22.22 21.12
C SER A 149 31.75 -22.72 19.75
N LEU A 150 30.98 -23.82 19.68
CA LEU A 150 30.55 -24.43 18.44
C LEU A 150 29.52 -23.62 17.66
N ASN A 151 28.96 -22.57 18.25
CA ASN A 151 27.95 -21.75 17.61
C ASN A 151 28.52 -20.49 16.97
N TYR A 152 29.82 -20.28 17.06
CA TYR A 152 30.47 -19.10 16.54
C TYR A 152 31.65 -19.51 15.69
N GLY A 153 32.32 -18.53 15.11
CA GLY A 153 33.50 -18.75 14.29
C GLY A 153 34.77 -18.89 15.10
N CYS A 154 35.27 -20.12 15.19
CA CYS A 154 36.37 -20.44 16.09
C CYS A 154 37.71 -20.31 15.38
N ILE A 155 38.71 -19.92 16.17
CA ILE A 155 39.97 -19.35 15.70
C ILE A 155 41.10 -20.03 16.46
N VAL A 156 41.94 -20.78 15.75
CA VAL A 156 43.23 -21.21 16.28
C VAL A 156 44.24 -20.15 15.89
N GLU A 157 44.70 -19.39 16.87
CA GLU A 157 45.69 -18.33 16.66
C GLU A 157 47.07 -18.81 17.05
N ASN A 158 48.07 -18.00 16.72
CA ASN A 158 49.41 -18.15 17.23
C ASN A 158 49.63 -17.10 18.31
N PRO A 159 49.85 -17.49 19.57
CA PRO A 159 49.79 -16.52 20.67
C PRO A 159 51.00 -15.63 20.81
N GLN A 160 52.02 -15.82 19.98
CA GLN A 160 53.18 -14.94 19.99
C GLN A 160 52.99 -13.75 19.07
N THR A 161 52.47 -13.98 17.86
CA THR A 161 52.32 -12.95 16.86
C THR A 161 50.88 -12.51 16.63
N HIS A 162 49.91 -13.17 17.27
CA HIS A 162 48.47 -12.91 17.17
C HIS A 162 47.92 -13.17 15.77
N GLU A 163 48.40 -14.20 15.10
CA GLU A 163 47.99 -14.50 13.73
C GLU A 163 47.07 -15.71 13.72
N VAL A 164 45.93 -15.59 13.03
CA VAL A 164 45.02 -16.71 12.86
C VAL A 164 45.69 -17.79 12.02
N LEU A 165 45.74 -19.00 12.56
CA LEU A 165 46.29 -20.11 11.83
C LEU A 165 45.22 -21.05 11.30
N HIS A 166 44.09 -21.13 11.98
CA HIS A 166 43.00 -21.96 11.52
C HIS A 166 41.69 -21.29 11.88
N TYR A 167 40.70 -21.41 11.00
CA TYR A 167 39.40 -20.79 11.20
C TYR A 167 38.34 -21.78 10.77
N VAL A 168 37.41 -22.10 11.67
CA VAL A 168 36.24 -22.87 11.31
C VAL A 168 35.01 -22.04 11.61
N GLU A 169 34.04 -22.05 10.71
CA GLU A 169 32.95 -21.10 10.84
C GLU A 169 31.91 -21.56 11.86
N LYS A 170 31.31 -22.72 11.67
CA LYS A 170 30.39 -23.26 12.68
C LYS A 170 30.69 -24.73 12.80
N PRO A 171 31.59 -25.11 13.69
CA PRO A 171 32.05 -26.49 13.76
C PRO A 171 31.04 -27.40 14.44
N SER A 172 31.28 -28.69 14.26
CA SER A 172 30.59 -29.73 15.01
C SER A 172 31.41 -30.27 16.16
N THR A 173 32.74 -30.19 16.08
CA THR A 173 33.62 -30.53 17.19
C THR A 173 34.47 -29.33 17.57
N PHE A 174 34.93 -29.35 18.82
CA PHE A 174 35.74 -28.28 19.38
C PHE A 174 37.06 -28.13 18.64
N ILE A 175 37.35 -26.91 18.16
CA ILE A 175 38.68 -26.62 17.64
C ILE A 175 39.33 -25.51 18.46
N SER A 176 38.54 -24.63 19.04
CA SER A 176 39.07 -23.54 19.85
C SER A 176 37.99 -22.95 20.71
N ASP A 177 38.42 -22.15 21.68
CA ASP A 177 37.54 -21.38 22.53
C ASP A 177 37.71 -19.88 22.31
N ILE A 178 38.46 -19.48 21.28
CA ILE A 178 38.46 -18.11 20.80
C ILE A 178 37.39 -18.02 19.73
N ILE A 179 36.57 -16.99 19.78
CA ILE A 179 35.47 -16.88 18.84
C ILE A 179 35.52 -15.51 18.17
N ASN A 180 35.04 -15.47 16.94
CA ASN A 180 34.98 -14.26 16.16
C ASN A 180 33.87 -13.35 16.68
N CYS A 181 34.21 -12.11 17.03
CA CYS A 181 33.20 -11.21 17.56
C CYS A 181 32.35 -10.54 16.48
N GLY A 182 32.77 -10.57 15.23
CA GLY A 182 32.03 -9.89 14.19
C GLY A 182 32.46 -8.47 13.95
N ILE A 183 33.63 -8.09 14.44
CA ILE A 183 34.16 -6.75 14.27
C ILE A 183 35.52 -6.88 13.61
N TYR A 184 35.69 -6.22 12.46
CA TYR A 184 36.86 -6.40 11.64
C TYR A 184 37.45 -5.06 11.26
N LEU A 185 38.76 -4.99 11.19
CA LEU A 185 39.45 -3.88 10.56
C LEU A 185 40.06 -4.39 9.29
N PHE A 186 39.70 -3.79 8.17
CA PHE A 186 40.14 -4.19 6.85
C PHE A 186 41.07 -3.11 6.32
N SER A 187 42.22 -3.53 5.82
CA SER A 187 43.08 -2.68 5.03
C SER A 187 42.43 -2.47 3.65
N PRO A 188 42.82 -1.42 2.92
CA PRO A 188 42.34 -1.26 1.53
C PRO A 188 42.87 -2.28 0.54
N GLU A 189 43.70 -3.23 0.98
CA GLU A 189 44.12 -4.36 0.17
C GLU A 189 43.30 -5.61 0.46
N ALA A 190 42.51 -5.62 1.53
CA ALA A 190 41.65 -6.74 1.89
C ALA A 190 40.53 -6.98 0.90
N LEU A 191 40.24 -6.03 0.03
CA LEU A 191 39.31 -6.24 -1.07
C LEU A 191 39.91 -7.05 -2.19
N LYS A 192 41.20 -7.29 -2.17
CA LYS A 192 41.96 -7.92 -3.23
C LYS A 192 41.88 -9.45 -3.12
N PRO A 193 41.81 -10.07 -1.92
CA PRO A 193 41.39 -11.48 -1.89
C PRO A 193 39.92 -11.71 -2.20
N LEU A 194 39.03 -10.76 -1.86
CA LEU A 194 37.61 -10.93 -2.12
C LEU A 194 37.32 -11.06 -3.60
N ARG A 195 38.03 -10.27 -4.41
CA ARG A 195 38.03 -10.41 -5.87
C ARG A 195 38.37 -11.81 -6.29
N ASP A 196 39.37 -12.40 -5.65
CA ASP A 196 39.82 -13.75 -5.96
C ASP A 196 38.69 -14.75 -5.78
N VAL A 197 37.91 -14.59 -4.69
CA VAL A 197 36.81 -15.51 -4.43
C VAL A 197 35.77 -15.37 -5.51
N PHE A 198 35.51 -14.12 -5.93
CA PHE A 198 34.59 -13.85 -7.03
C PHE A 198 35.08 -14.51 -8.30
N GLN A 199 36.39 -14.44 -8.56
CA GLN A 199 36.90 -15.05 -9.78
C GLN A 199 37.03 -16.55 -9.68
N ARG A 200 36.89 -17.13 -8.48
CA ARG A 200 36.73 -18.57 -8.42
C ARG A 200 35.33 -18.97 -8.79
N ASN A 201 34.36 -18.10 -8.57
CA ASN A 201 32.98 -18.42 -8.89
C ASN A 201 32.69 -18.19 -10.37
N GLN A 202 33.23 -17.11 -10.93
CA GLN A 202 33.10 -16.85 -12.37
C GLN A 202 34.24 -17.55 -13.12
N GLN A 203 34.14 -18.88 -13.17
CA GLN A 203 34.95 -19.71 -14.05
C GLN A 203 34.25 -21.04 -14.32
N ALA A 217 24.39 -13.00 -8.17
CA ALA A 217 25.74 -13.24 -8.65
C ALA A 217 26.75 -12.41 -7.87
N GLY A 218 27.86 -13.05 -7.50
CA GLY A 218 28.84 -12.41 -6.66
C GLY A 218 28.56 -12.55 -5.19
N THR A 219 27.96 -13.66 -4.77
CA THR A 219 27.83 -13.99 -3.37
C THR A 219 29.18 -14.43 -2.84
N ILE A 220 29.60 -13.85 -1.72
CA ILE A 220 30.84 -14.22 -1.04
C ILE A 220 30.51 -14.28 0.44
N ARG A 221 30.53 -15.47 1.02
CA ARG A 221 30.54 -15.60 2.46
C ARG A 221 31.90 -15.13 2.96
N LEU A 222 31.92 -14.11 3.80
CA LEU A 222 33.19 -13.52 4.19
C LEU A 222 33.96 -14.43 5.12
N GLU A 223 33.26 -15.14 6.00
CA GLU A 223 33.93 -15.95 6.98
C GLU A 223 34.30 -17.32 6.42
N GLN A 224 33.45 -17.86 5.54
CA GLN A 224 33.67 -19.20 5.02
C GLN A 224 34.58 -19.24 3.79
N ASP A 225 34.69 -18.16 3.04
CA ASP A 225 35.51 -18.13 1.83
C ASP A 225 36.81 -17.37 2.02
N VAL A 226 36.79 -16.28 2.77
CA VAL A 226 37.95 -15.43 2.94
C VAL A 226 38.64 -15.70 4.27
N PHE A 227 37.90 -16.05 5.32
CA PHE A 227 38.60 -16.32 6.57
C PHE A 227 39.00 -17.78 6.71
N SER A 228 38.14 -18.71 6.27
CA SER A 228 38.41 -20.12 6.48
C SER A 228 39.54 -20.62 5.59
N ALA A 229 39.74 -19.97 4.45
CA ALA A 229 40.70 -20.43 3.46
C ALA A 229 41.97 -19.61 3.40
N LEU A 230 42.00 -18.40 3.96
CA LEU A 230 43.21 -17.58 3.99
C LEU A 230 43.89 -17.57 5.34
N ALA A 231 43.49 -18.45 6.26
CA ALA A 231 44.14 -18.56 7.55
C ALA A 231 45.37 -19.44 7.43
N GLY A 232 46.41 -19.09 8.19
CA GLY A 232 47.68 -19.77 8.09
C GLY A 232 48.59 -19.20 7.04
N GLN A 233 48.17 -18.16 6.33
CA GLN A 233 48.92 -17.59 5.23
C GLN A 233 49.49 -16.22 5.56
N GLY A 234 49.44 -15.81 6.82
CA GLY A 234 49.96 -14.52 7.22
C GLY A 234 49.04 -13.36 6.94
N GLN A 235 47.78 -13.61 6.61
CA GLN A 235 46.87 -12.56 6.19
C GLN A 235 45.91 -12.11 7.27
N ILE A 236 45.48 -13.00 8.14
CA ILE A 236 44.48 -12.71 9.16
C ILE A 236 45.17 -12.67 10.52
N TYR A 237 44.82 -11.67 11.31
CA TYR A 237 45.35 -11.50 12.65
C TYR A 237 44.19 -11.24 13.61
N VAL A 238 44.39 -11.52 14.89
CA VAL A 238 43.32 -11.37 15.88
C VAL A 238 43.69 -10.29 16.87
N HIS A 239 42.65 -9.69 17.45
CA HIS A 239 42.76 -8.76 18.56
C HIS A 239 41.83 -9.26 19.66
N LEU A 240 42.39 -9.80 20.74
CA LEU A 240 41.58 -10.38 21.78
C LEU A 240 41.10 -9.31 22.75
N THR A 241 39.83 -9.40 23.13
CA THR A 241 39.19 -8.39 23.94
C THR A 241 38.56 -9.03 25.17
N ASP A 242 38.32 -8.20 26.17
CA ASP A 242 37.76 -8.63 27.44
C ASP A 242 36.41 -8.02 27.77
N GLY A 243 35.93 -7.09 26.95
CA GLY A 243 34.73 -6.33 27.28
C GLY A 243 33.45 -7.12 27.10
N ILE A 244 32.34 -6.39 27.10
CA ILE A 244 31.04 -7.01 26.88
C ILE A 244 30.92 -7.39 25.41
N TRP A 245 30.37 -8.56 25.17
CA TRP A 245 30.05 -8.98 23.80
C TRP A 245 28.86 -9.92 23.85
N SER A 246 27.90 -9.67 22.98
CA SER A 246 26.79 -10.59 22.80
C SER A 246 26.36 -10.55 21.35
N GLN A 247 25.75 -11.63 20.91
CA GLN A 247 25.07 -11.67 19.64
C GLN A 247 23.62 -11.35 19.88
N ILE A 248 23.02 -10.53 19.01
CA ILE A 248 21.61 -10.24 19.16
C ILE A 248 20.82 -10.93 18.06
N LYS A 249 20.36 -12.14 18.30
CA LYS A 249 19.53 -12.84 17.34
C LYS A 249 18.12 -13.09 17.84
N SER A 250 17.97 -13.58 19.06
CA SER A 250 16.68 -13.88 19.65
C SER A 250 16.08 -12.63 20.27
N ALA A 251 14.94 -12.81 20.92
CA ALA A 251 14.38 -11.76 21.76
C ALA A 251 15.07 -11.69 23.11
N GLY A 252 15.37 -12.86 23.69
CA GLY A 252 16.13 -12.90 24.92
C GLY A 252 17.57 -12.46 24.73
N SER A 253 18.10 -12.62 23.52
CA SER A 253 19.40 -12.07 23.19
C SER A 253 19.38 -10.54 23.18
N ALA A 254 18.27 -9.94 22.76
CA ALA A 254 18.15 -8.49 22.82
C ALA A 254 17.88 -7.99 24.22
N LEU A 255 17.21 -8.76 25.06
CA LEU A 255 17.08 -8.36 26.45
C LEU A 255 18.39 -8.46 27.19
N TYR A 256 19.22 -9.44 26.82
CA TYR A 256 20.55 -9.55 27.38
C TYR A 256 21.46 -8.43 26.90
N ALA A 257 21.36 -8.06 25.63
CA ALA A 257 22.09 -6.92 25.10
C ALA A 257 21.64 -5.63 25.75
N SER A 258 20.35 -5.53 26.07
CA SER A 258 19.84 -4.37 26.79
C SER A 258 20.43 -4.28 28.19
N ARG A 259 20.54 -5.42 28.89
CA ARG A 259 21.18 -5.43 30.20
C ARG A 259 22.66 -5.04 30.13
N LEU A 260 23.38 -5.56 29.13
CA LEU A 260 24.80 -5.23 28.97
C LEU A 260 25.01 -3.76 28.64
N TYR A 261 24.19 -3.22 27.76
CA TYR A 261 24.34 -1.83 27.37
C TYR A 261 23.93 -0.88 28.48
N LEU A 262 22.90 -1.24 29.25
CA LEU A 262 22.54 -0.40 30.39
C LEU A 262 23.56 -0.50 31.50
N SER A 263 24.34 -1.58 31.53
CA SER A 263 25.49 -1.62 32.42
C SER A 263 26.61 -0.69 31.94
N ARG A 264 26.89 -0.69 30.64
CA ARG A 264 27.94 0.15 30.08
C ARG A 264 27.55 1.64 30.05
N TYR A 265 26.25 1.95 30.12
CA TYR A 265 25.78 3.33 30.19
C TYR A 265 26.21 4.04 31.46
N GLN A 266 26.60 3.31 32.51
CA GLN A 266 26.98 3.95 33.76
C GLN A 266 28.26 4.76 33.62
N ASP A 267 29.15 4.38 32.71
CA ASP A 267 30.35 5.14 32.45
C ASP A 267 30.43 5.71 31.04
N THR A 268 29.46 5.45 30.16
CA THR A 268 29.48 6.21 28.91
C THR A 268 28.39 7.26 28.80
N HIS A 269 27.16 6.94 29.17
CA HIS A 269 26.04 7.88 29.12
C HIS A 269 25.36 7.93 30.47
N PRO A 270 25.96 8.59 31.46
CA PRO A 270 25.33 8.62 32.80
C PRO A 270 24.05 9.44 32.83
N GLU A 271 23.82 10.29 31.83
CA GLU A 271 22.58 11.01 31.70
C GLU A 271 21.42 10.13 31.24
N ARG A 272 21.72 9.01 30.59
CA ARG A 272 20.68 8.18 30.00
C ARG A 272 19.96 7.33 31.02
N LEU A 273 20.57 7.06 32.17
CA LEU A 273 19.94 6.21 33.16
C LEU A 273 18.90 7.01 33.95
N ALA A 274 18.07 6.28 34.68
CA ALA A 274 16.97 6.88 35.41
C ALA A 274 17.32 6.90 36.89
N LYS A 275 17.34 8.08 37.47
CA LYS A 275 17.61 8.24 38.88
C LYS A 275 16.28 8.13 39.64
N HIS A 276 16.36 8.15 40.96
CA HIS A 276 15.19 7.84 41.76
C HIS A 276 14.15 8.95 41.69
N THR A 277 14.52 10.18 42.07
CA THR A 277 13.69 11.39 42.09
C THR A 277 12.42 11.10 42.89
N PRO A 278 12.48 11.08 44.23
CA PRO A 278 11.42 10.46 45.03
C PRO A 278 10.05 11.14 44.98
N GLY A 279 9.86 12.17 44.15
CA GLY A 279 8.53 12.47 43.68
C GLY A 279 8.05 11.58 42.56
N GLY A 280 8.96 10.83 41.92
CA GLY A 280 8.66 10.06 40.73
C GLY A 280 8.80 8.57 40.92
N PRO A 281 8.92 7.83 39.81
CA PRO A 281 8.82 6.37 39.88
C PRO A 281 10.04 5.72 40.52
N TRP A 282 9.78 4.70 41.33
CA TRP A 282 10.83 3.97 42.02
C TRP A 282 11.68 3.20 41.01
N ILE A 283 12.98 3.46 41.01
CA ILE A 283 13.90 2.86 40.07
C ILE A 283 14.78 1.87 40.82
N ARG A 284 14.71 0.61 40.44
CA ARG A 284 15.69 -0.40 40.83
C ARG A 284 16.58 -0.69 39.64
N GLY A 285 17.86 -0.94 39.89
CA GLY A 285 18.84 -1.25 38.88
C GLY A 285 19.03 -0.13 37.86
N ASN A 286 19.48 -0.54 36.68
CA ASN A 286 19.68 0.36 35.55
C ASN A 286 18.42 0.39 34.72
N VAL A 287 17.84 1.58 34.53
CA VAL A 287 16.63 1.78 33.77
C VAL A 287 16.85 2.93 32.81
N TYR A 288 16.51 2.74 31.55
CA TYR A 288 16.34 3.86 30.63
C TYR A 288 14.87 4.20 30.52
N ILE A 289 14.54 5.46 30.72
CA ILE A 289 13.21 6.00 30.39
C ILE A 289 13.44 7.12 29.39
N HIS A 290 12.65 7.12 28.33
CA HIS A 290 12.65 8.25 27.41
C HIS A 290 12.17 9.50 28.14
N PRO A 291 12.68 10.68 27.76
CA PRO A 291 12.19 11.92 28.39
C PRO A 291 10.72 12.22 28.10
N THR A 292 10.16 11.68 27.03
CA THR A 292 8.78 11.91 26.65
C THR A 292 7.81 10.89 27.23
N ALA A 293 8.29 9.85 27.90
CA ALA A 293 7.43 8.84 28.48
C ALA A 293 6.82 9.34 29.77
N LYS A 294 5.56 8.99 29.98
CA LYS A 294 4.83 9.33 31.20
C LYS A 294 4.81 8.10 32.09
N VAL A 295 5.50 8.18 33.21
CA VAL A 295 5.58 7.08 34.17
C VAL A 295 5.04 7.60 35.49
N ALA A 296 3.89 7.07 35.91
CA ALA A 296 3.25 7.48 37.15
C ALA A 296 4.14 7.17 38.35
N PRO A 297 4.09 8.00 39.40
CA PRO A 297 5.05 7.85 40.51
C PRO A 297 4.87 6.59 41.35
N SER A 298 3.73 5.91 41.26
CA SER A 298 3.56 4.68 42.02
C SER A 298 4.15 3.47 41.31
N ALA A 299 4.53 3.61 40.05
CA ALA A 299 5.08 2.50 39.27
C ALA A 299 6.54 2.30 39.63
N VAL A 300 6.92 1.07 39.95
CA VAL A 300 8.30 0.76 40.30
C VAL A 300 8.91 -0.03 39.15
N LEU A 301 10.08 0.40 38.70
CA LEU A 301 10.66 -0.02 37.44
C LEU A 301 11.95 -0.75 37.77
N GLY A 302 11.94 -2.06 37.61
CA GLY A 302 12.98 -2.91 38.11
C GLY A 302 14.17 -2.86 37.21
N PRO A 303 15.15 -3.70 37.46
CA PRO A 303 16.39 -3.62 36.70
C PRO A 303 16.21 -4.04 35.25
N ASN A 304 16.99 -3.39 34.39
CA ASN A 304 17.08 -3.68 32.95
C ASN A 304 15.76 -3.41 32.24
N VAL A 305 15.16 -2.27 32.51
CA VAL A 305 13.95 -1.83 31.85
C VAL A 305 14.29 -0.68 30.93
N SER A 306 13.79 -0.74 29.70
CA SER A 306 13.97 0.34 28.73
C SER A 306 12.61 0.77 28.24
N ILE A 307 12.31 2.07 28.38
CA ILE A 307 11.00 2.64 28.05
C ILE A 307 11.17 3.54 26.85
N GLY A 308 10.38 3.29 25.81
CA GLY A 308 10.41 4.10 24.61
C GLY A 308 9.67 5.40 24.78
N LYS A 309 9.54 6.12 23.67
CA LYS A 309 8.94 7.43 23.70
C LYS A 309 7.42 7.33 23.66
N GLY A 310 6.76 8.26 24.34
CA GLY A 310 5.32 8.26 24.32
C GLY A 310 4.66 7.12 25.05
N VAL A 311 5.40 6.42 25.90
CA VAL A 311 4.86 5.31 26.64
C VAL A 311 4.18 5.83 27.89
N THR A 312 2.94 5.41 28.11
CA THR A 312 2.20 5.76 29.30
C THR A 312 2.20 4.57 30.24
N VAL A 313 2.72 4.78 31.45
CA VAL A 313 2.79 3.75 32.47
C VAL A 313 1.94 4.22 33.65
N GLY A 314 0.98 3.40 34.06
CA GLY A 314 0.04 3.75 35.08
C GLY A 314 0.57 3.55 36.49
N GLU A 315 -0.35 3.53 37.44
CA GLU A 315 0.02 3.46 38.84
C GLU A 315 0.20 2.01 39.27
N GLY A 316 1.25 1.75 40.01
CA GLY A 316 1.50 0.40 40.48
C GLY A 316 2.00 -0.58 39.46
N VAL A 317 2.37 -0.12 38.27
CA VAL A 317 2.95 -1.00 37.27
C VAL A 317 4.32 -1.47 37.73
N ARG A 318 4.54 -2.78 37.66
CA ARG A 318 5.83 -3.38 37.96
C ARG A 318 6.45 -3.84 36.65
N LEU A 319 7.55 -3.22 36.28
CA LEU A 319 8.28 -3.54 35.05
C LEU A 319 9.64 -4.09 35.43
N ARG A 320 9.94 -5.31 35.02
CA ARG A 320 11.23 -5.92 35.38
C ARG A 320 11.78 -6.67 34.18
N GLU A 321 12.97 -6.28 33.73
CA GLU A 321 13.69 -6.88 32.60
C GLU A 321 12.86 -6.85 31.30
N SER A 322 12.39 -5.67 30.94
CA SER A 322 11.47 -5.59 29.81
C SER A 322 11.79 -4.39 28.94
N ILE A 323 11.55 -4.54 27.65
CA ILE A 323 11.60 -3.46 26.70
C ILE A 323 10.17 -3.06 26.38
N VAL A 324 9.83 -1.81 26.60
CA VAL A 324 8.52 -1.30 26.25
C VAL A 324 8.70 -0.30 25.13
N LEU A 325 8.32 -0.70 23.93
CA LEU A 325 8.50 0.09 22.73
C LEU A 325 7.50 1.25 22.70
N HIS A 326 7.71 2.14 21.73
CA HIS A 326 7.12 3.47 21.76
C HIS A 326 5.60 3.45 21.58
N GLY A 327 4.92 4.36 22.24
CA GLY A 327 3.49 4.45 22.13
C GLY A 327 2.70 3.50 22.97
N ALA A 328 3.35 2.53 23.62
CA ALA A 328 2.64 1.50 24.35
C ALA A 328 2.08 2.06 25.64
N THR A 329 0.92 1.55 26.04
CA THR A 329 0.26 1.99 27.26
C THR A 329 0.10 0.79 28.19
N LEU A 330 0.67 0.89 29.36
CA LEU A 330 0.43 -0.07 30.42
C LEU A 330 -0.47 0.60 31.43
N GLN A 331 -1.65 0.04 31.66
CA GLN A 331 -2.58 0.64 32.60
C GLN A 331 -2.20 0.24 34.01
N GLU A 332 -3.08 0.45 34.97
CA GLU A 332 -2.70 0.38 36.37
C GLU A 332 -2.62 -1.06 36.85
N HIS A 333 -1.70 -1.29 37.79
CA HIS A 333 -1.49 -2.53 38.55
C HIS A 333 -0.98 -3.70 37.72
N THR A 334 -0.58 -3.48 36.48
CA THR A 334 -0.07 -4.56 35.66
C THR A 334 1.34 -4.94 36.07
N CYS A 335 1.73 -6.17 35.74
CA CYS A 335 3.07 -6.68 36.00
C CYS A 335 3.62 -7.18 34.68
N VAL A 336 4.64 -6.52 34.15
CA VAL A 336 5.32 -6.93 32.93
C VAL A 336 6.73 -7.37 33.29
N LEU A 337 7.01 -8.65 33.09
CA LEU A 337 8.31 -9.22 33.42
C LEU A 337 8.80 -10.03 32.24
N HIS A 338 10.03 -9.76 31.80
CA HIS A 338 10.74 -10.52 30.75
C HIS A 338 9.96 -10.52 29.44
N SER A 339 9.60 -9.34 28.97
CA SER A 339 8.72 -9.20 27.84
C SER A 339 9.17 -8.07 26.95
N ILE A 340 8.71 -8.08 25.73
CA ILE A 340 8.92 -6.99 24.80
C ILE A 340 7.53 -6.54 24.38
N VAL A 341 7.01 -5.53 25.08
CA VAL A 341 5.71 -4.96 24.76
C VAL A 341 5.89 -4.09 23.53
N GLY A 342 5.34 -4.53 22.41
CA GLY A 342 5.53 -3.89 21.12
C GLY A 342 4.91 -2.53 21.05
N TRP A 343 5.19 -1.85 19.94
CA TRP A 343 4.82 -0.45 19.84
C TRP A 343 3.32 -0.30 19.66
N GLY A 344 2.73 0.60 20.44
CA GLY A 344 1.30 0.79 20.39
C GLY A 344 0.48 -0.28 21.05
N SER A 345 1.08 -1.15 21.85
CA SER A 345 0.35 -2.21 22.51
C SER A 345 -0.21 -1.73 23.83
N THR A 346 -1.40 -2.22 24.16
CA THR A 346 -2.08 -1.84 25.38
C THR A 346 -2.21 -3.05 26.28
N VAL A 347 -1.80 -2.90 27.54
CA VAL A 347 -2.00 -3.89 28.58
C VAL A 347 -2.94 -3.27 29.61
N GLY A 348 -4.09 -3.89 29.81
CA GLY A 348 -5.11 -3.35 30.70
C GLY A 348 -4.86 -3.70 32.15
N ARG A 349 -5.79 -3.22 33.00
CA ARG A 349 -5.67 -3.30 34.46
C ARG A 349 -5.49 -4.71 34.97
N TRP A 350 -4.52 -4.91 35.86
CA TRP A 350 -4.25 -6.17 36.55
C TRP A 350 -3.91 -7.30 35.58
N ALA A 351 -3.45 -6.98 34.39
CA ALA A 351 -2.98 -7.99 33.47
C ALA A 351 -1.53 -8.27 33.76
N ARG A 352 -1.12 -9.50 33.54
CA ARG A 352 0.24 -9.93 33.83
C ARG A 352 0.86 -10.46 32.56
N VAL A 353 1.88 -9.79 32.05
CA VAL A 353 2.58 -10.20 30.84
C VAL A 353 3.95 -10.68 31.26
N GLU A 354 4.14 -11.99 31.30
CA GLU A 354 5.31 -12.61 31.89
C GLU A 354 6.02 -13.49 30.88
N GLY A 355 7.35 -13.51 30.93
CA GLY A 355 8.15 -14.42 30.13
C GLY A 355 9.19 -15.11 31.00
N THR A 356 9.86 -16.09 30.42
CA THR A 356 10.91 -16.83 31.10
C THR A 356 12.25 -16.32 30.61
N PRO A 357 13.16 -16.00 31.53
CA PRO A 357 14.48 -15.50 31.14
C PRO A 357 15.38 -16.58 30.54
N SER A 358 16.13 -16.21 29.51
CA SER A 358 17.06 -17.10 28.85
C SER A 358 18.45 -16.73 29.37
N ASP A 359 18.68 -17.02 30.65
CA ASP A 359 19.92 -16.69 31.34
C ASP A 359 21.08 -17.68 31.18
N PRO A 360 22.29 -17.15 30.93
CA PRO A 360 23.53 -17.95 30.84
C PRO A 360 23.77 -18.76 32.09
N ASN A 361 24.47 -19.88 31.92
CA ASN A 361 24.70 -20.86 32.98
C ASN A 361 25.57 -20.28 34.09
N PRO A 362 25.00 -19.94 35.26
CA PRO A 362 25.73 -19.14 36.25
C PRO A 362 26.77 -19.91 37.05
N ASN A 363 26.92 -21.20 36.80
CA ASN A 363 27.93 -22.02 37.45
C ASN A 363 29.22 -22.11 36.66
N ASP A 364 29.28 -21.50 35.48
CA ASP A 364 30.37 -21.74 34.54
C ASP A 364 31.01 -20.42 34.12
N PRO A 365 32.34 -20.35 34.07
CA PRO A 365 33.01 -19.12 33.60
C PRO A 365 32.75 -18.84 32.13
N ARG A 366 32.38 -17.59 31.84
CA ARG A 366 32.32 -17.04 30.47
C ARG A 366 31.34 -17.78 29.57
N ALA A 367 30.24 -18.28 30.13
CA ALA A 367 29.11 -18.66 29.31
C ALA A 367 28.51 -17.42 28.69
N ARG A 368 28.39 -17.39 27.36
CA ARG A 368 28.02 -16.14 26.71
C ARG A 368 26.52 -15.92 26.73
N MET A 369 25.80 -16.68 25.90
CA MET A 369 24.34 -16.79 25.83
C MET A 369 24.02 -17.84 24.78
N ASP A 370 23.06 -18.72 25.02
CA ASP A 370 22.48 -19.46 23.92
C ASP A 370 21.20 -18.75 23.50
N SER A 371 21.03 -18.63 22.19
CA SER A 371 19.83 -18.04 21.61
C SER A 371 18.84 -19.16 21.26
N GLU A 372 17.66 -19.08 21.86
CA GLU A 372 16.62 -20.08 21.66
C GLU A 372 16.12 -20.06 20.23
N SER A 373 15.75 -21.23 19.72
CA SER A 373 15.42 -21.37 18.30
C SER A 373 13.92 -21.53 18.06
N LEU A 374 13.10 -21.17 19.07
CA LEU A 374 11.64 -21.12 19.12
C LEU A 374 10.98 -22.50 19.19
N PHE A 375 11.72 -23.55 18.93
CA PHE A 375 11.21 -24.91 18.99
C PHE A 375 12.41 -25.79 19.26
N LYS A 376 12.35 -26.63 20.29
CA LYS A 376 13.51 -27.45 20.60
C LYS A 376 13.44 -28.81 19.92
N ASP A 377 12.40 -29.58 20.22
CA ASP A 377 12.23 -30.90 19.61
C ASP A 377 10.77 -31.13 19.27
N GLY A 378 10.15 -30.15 18.66
CA GLY A 378 8.73 -30.21 18.39
C GLY A 378 7.89 -29.59 19.46
N LYS A 379 8.51 -29.13 20.54
CA LYS A 379 7.83 -28.43 21.62
C LYS A 379 8.22 -26.96 21.55
N LEU A 380 7.31 -26.09 21.97
CA LEU A 380 7.59 -24.66 22.02
C LEU A 380 8.45 -24.37 23.23
N LEU A 381 9.43 -23.50 23.04
CA LEU A 381 10.27 -23.32 24.21
C LEU A 381 9.72 -22.19 25.07
N PRO A 382 9.74 -22.32 26.40
CA PRO A 382 9.36 -21.20 27.26
C PRO A 382 10.44 -20.13 27.26
N ALA A 383 10.09 -18.94 26.80
CA ALA A 383 11.06 -17.87 26.64
C ALA A 383 10.36 -16.54 26.84
N ILE A 384 10.97 -15.48 26.31
CA ILE A 384 10.45 -14.12 26.43
C ILE A 384 9.08 -14.01 25.77
N THR A 385 8.19 -13.27 26.42
CA THR A 385 6.89 -12.98 25.84
C THR A 385 7.00 -11.81 24.88
N ILE A 386 6.52 -11.99 23.65
CA ILE A 386 6.51 -10.94 22.65
C ILE A 386 5.08 -10.52 22.45
N LEU A 387 4.83 -9.23 22.59
CA LEU A 387 3.59 -8.62 22.13
C LEU A 387 3.91 -7.88 20.85
N GLY A 388 3.14 -8.14 19.80
CA GLY A 388 3.34 -7.44 18.55
C GLY A 388 2.85 -6.01 18.62
N CYS A 389 2.88 -5.35 17.48
CA CYS A 389 2.44 -3.97 17.43
C CYS A 389 0.93 -3.89 17.46
N ARG A 390 0.43 -2.95 18.27
CA ARG A 390 -1.00 -2.70 18.49
C ARG A 390 -1.74 -3.92 19.00
N VAL A 391 -1.13 -4.65 19.91
CA VAL A 391 -1.77 -5.79 20.56
C VAL A 391 -2.50 -5.28 21.78
N ARG A 392 -3.76 -5.64 21.92
CA ARG A 392 -4.54 -5.24 23.09
C ARG A 392 -4.67 -6.40 24.05
N ILE A 393 -4.17 -6.23 25.26
CA ILE A 393 -4.35 -7.20 26.34
C ILE A 393 -5.51 -6.72 27.21
N PRO A 394 -6.54 -7.53 27.41
CA PRO A 394 -7.66 -7.10 28.26
C PRO A 394 -7.26 -7.00 29.71
N ALA A 395 -8.20 -6.50 30.50
CA ALA A 395 -7.96 -6.40 31.92
C ALA A 395 -8.00 -7.78 32.55
N GLU A 396 -7.15 -7.99 33.55
CA GLU A 396 -7.19 -9.14 34.45
C GLU A 396 -6.91 -10.45 33.72
N VAL A 397 -5.81 -10.48 32.97
CA VAL A 397 -5.49 -11.57 32.05
C VAL A 397 -4.00 -11.86 32.11
N LEU A 398 -3.62 -13.12 32.17
CA LEU A 398 -2.21 -13.51 32.16
C LEU A 398 -1.78 -13.95 30.76
N ILE A 399 -0.74 -13.32 30.24
CA ILE A 399 -0.03 -13.82 29.06
C ILE A 399 1.30 -14.38 29.55
N LEU A 400 1.55 -15.65 29.25
CA LEU A 400 2.72 -16.35 29.78
C LEU A 400 3.44 -17.06 28.65
N ASN A 401 4.68 -16.66 28.38
CA ASN A 401 5.59 -17.30 27.41
C ASN A 401 5.00 -17.35 26.01
N SER A 402 4.31 -16.30 25.61
CA SER A 402 3.55 -16.31 24.38
C SER A 402 4.09 -15.28 23.41
N ILE A 403 3.90 -15.54 22.14
CA ILE A 403 4.10 -14.55 21.09
C ILE A 403 2.72 -14.17 20.58
N VAL A 404 2.34 -12.92 20.75
CA VAL A 404 1.11 -12.41 20.18
C VAL A 404 1.48 -11.63 18.92
N LEU A 405 0.92 -12.06 17.80
CA LEU A 405 1.19 -11.46 16.51
C LEU A 405 0.56 -10.07 16.44
N PRO A 406 1.09 -9.17 15.60
CA PRO A 406 0.64 -7.77 15.59
C PRO A 406 -0.84 -7.59 15.26
N HIS A 407 -1.42 -6.54 15.85
CA HIS A 407 -2.82 -6.12 15.66
C HIS A 407 -3.81 -7.20 16.08
N LYS A 408 -3.74 -7.61 17.33
CA LYS A 408 -4.55 -8.72 17.81
C LYS A 408 -5.08 -8.39 19.20
N GLU A 409 -6.39 -8.23 19.33
CA GLU A 409 -7.01 -7.93 20.62
C GLU A 409 -7.37 -9.24 21.29
N LEU A 410 -6.66 -9.58 22.34
CA LEU A 410 -6.97 -10.80 23.04
C LEU A 410 -8.17 -10.60 23.95
N SER A 411 -8.71 -11.70 24.44
CA SER A 411 -9.84 -11.64 25.34
C SER A 411 -9.72 -12.56 26.53
N ARG A 412 -8.74 -13.46 26.57
CA ARG A 412 -8.58 -14.37 27.68
C ARG A 412 -7.10 -14.55 27.96
N SER A 413 -6.80 -15.36 28.96
CA SER A 413 -5.42 -15.60 29.38
C SER A 413 -4.82 -16.71 28.55
N PHE A 414 -3.65 -16.44 27.97
CA PHE A 414 -2.95 -17.41 27.14
C PHE A 414 -1.66 -17.82 27.82
N THR A 415 -1.26 -19.07 27.63
CA THR A 415 -0.09 -19.62 28.30
C THR A 415 0.63 -20.58 27.36
N ASN A 416 1.88 -20.25 27.03
CA ASN A 416 2.77 -21.02 26.15
C ASN A 416 2.14 -21.24 24.76
N GLN A 417 1.80 -20.13 24.11
CA GLN A 417 1.18 -20.11 22.80
C GLN A 417 2.00 -19.29 21.82
N ILE A 418 1.65 -19.42 20.56
CA ILE A 418 1.93 -18.43 19.55
C ILE A 418 0.56 -18.03 19.03
N ILE A 419 0.04 -16.90 19.49
CA ILE A 419 -1.31 -16.48 19.14
C ILE A 419 -1.22 -15.69 17.84
N LEU A 420 -1.70 -16.27 16.75
CA LEU A 420 -1.67 -15.62 15.46
C LEU A 420 -2.81 -14.60 15.34
N MET B 1 -41.41 -8.05 -1.25
CA MET B 1 -39.97 -8.09 -1.44
C MET B 1 -39.22 -8.21 -0.11
N LEU B 2 -38.02 -8.77 -0.18
CA LEU B 2 -37.17 -8.99 0.97
C LEU B 2 -35.76 -8.51 0.63
N LYS B 3 -34.90 -8.48 1.64
CA LYS B 3 -33.49 -8.25 1.41
C LYS B 3 -32.67 -9.04 2.41
N ALA B 4 -31.38 -9.15 2.12
CA ALA B 4 -30.45 -9.91 2.94
C ALA B 4 -29.38 -8.99 3.49
N VAL B 5 -28.99 -9.22 4.73
CA VAL B 5 -27.88 -8.56 5.36
C VAL B 5 -26.86 -9.61 5.72
N ILE B 6 -25.72 -9.63 5.04
CA ILE B 6 -24.63 -10.51 5.39
C ILE B 6 -23.66 -9.70 6.24
N LEU B 7 -23.52 -10.10 7.50
CA LEU B 7 -22.62 -9.44 8.44
C LEU B 7 -21.22 -9.96 8.23
N ILE B 8 -20.48 -9.32 7.35
CA ILE B 8 -19.06 -9.60 7.26
C ILE B 8 -18.34 -8.93 8.43
N GLY B 9 -17.14 -9.37 8.73
CA GLY B 9 -16.57 -8.84 9.94
C GLY B 9 -15.77 -7.59 9.73
N GLY B 10 -14.56 -7.60 10.24
CA GLY B 10 -13.58 -6.60 9.94
C GLY B 10 -12.25 -7.26 10.18
N PRO B 11 -11.17 -6.48 10.19
CA PRO B 11 -9.84 -7.09 10.31
C PRO B 11 -9.56 -7.73 11.65
N GLN B 12 -10.31 -7.43 12.70
CA GLN B 12 -10.11 -8.10 13.97
C GLN B 12 -10.80 -9.45 14.01
N LYS B 13 -11.88 -9.63 13.26
CA LYS B 13 -12.52 -10.94 13.24
C LYS B 13 -11.80 -11.91 12.33
N GLY B 14 -10.90 -11.40 11.51
CA GLY B 14 -10.08 -12.18 10.60
C GLY B 14 -8.75 -12.59 11.22
N THR B 15 -8.49 -12.17 12.45
CA THR B 15 -7.25 -12.51 13.16
C THR B 15 -7.11 -14.00 13.43
N ARG B 16 -8.21 -14.68 13.67
CA ARG B 16 -8.21 -16.12 13.90
C ARG B 16 -7.91 -16.99 12.66
N PHE B 17 -8.10 -16.39 11.49
CA PHE B 17 -7.92 -16.95 10.16
C PHE B 17 -6.64 -16.33 9.62
N ARG B 18 -5.67 -16.07 10.49
CA ARG B 18 -4.49 -15.28 10.17
C ARG B 18 -3.50 -15.58 9.07
N PRO B 19 -3.08 -16.85 8.88
CA PRO B 19 -2.12 -17.01 7.79
C PRO B 19 -2.78 -16.64 6.46
N LEU B 20 -3.99 -17.11 6.26
CA LEU B 20 -4.78 -16.82 5.06
C LEU B 20 -5.23 -15.36 4.91
N SER B 21 -5.59 -14.74 6.03
CA SER B 21 -6.09 -13.35 6.05
C SER B 21 -5.05 -12.25 5.81
N PHE B 22 -3.77 -12.61 5.84
CA PHE B 22 -2.72 -11.64 5.60
C PHE B 22 -2.85 -11.04 4.19
N GLU B 23 -3.23 -11.87 3.23
CA GLU B 23 -3.35 -11.45 1.84
C GLU B 23 -4.74 -10.93 1.52
N VAL B 24 -5.76 -11.77 1.63
CA VAL B 24 -7.12 -11.36 1.30
C VAL B 24 -7.92 -11.18 2.59
N PRO B 25 -9.03 -10.45 2.58
CA PRO B 25 -9.96 -10.50 3.70
C PRO B 25 -10.54 -11.89 3.86
N LYS B 26 -10.86 -12.24 5.10
CA LYS B 26 -11.53 -13.51 5.39
C LYS B 26 -12.81 -13.77 4.60
N PRO B 27 -13.77 -12.83 4.40
CA PRO B 27 -14.96 -13.19 3.64
C PRO B 27 -14.72 -13.45 2.16
N LEU B 28 -13.58 -13.04 1.62
CA LEU B 28 -13.25 -13.31 0.24
C LEU B 28 -12.29 -14.47 0.07
N PHE B 29 -12.17 -15.34 1.05
CA PHE B 29 -11.30 -16.48 0.85
C PHE B 29 -12.04 -17.52 0.04
N PRO B 30 -11.45 -18.04 -1.04
CA PRO B 30 -12.18 -18.99 -1.89
C PRO B 30 -12.37 -20.35 -1.27
N VAL B 31 -13.60 -20.62 -0.87
CA VAL B 31 -14.02 -21.87 -0.27
C VAL B 31 -14.74 -22.66 -1.35
N ALA B 32 -14.13 -23.78 -1.77
CA ALA B 32 -14.56 -24.61 -2.91
C ALA B 32 -14.63 -23.81 -4.20
N GLY B 33 -13.71 -22.87 -4.38
CA GLY B 33 -13.51 -22.21 -5.64
C GLY B 33 -14.03 -20.78 -5.73
N VAL B 34 -15.06 -20.44 -4.97
CA VAL B 34 -15.64 -19.10 -5.00
C VAL B 34 -15.47 -18.52 -3.61
N PRO B 35 -15.42 -17.19 -3.44
CA PRO B 35 -15.27 -16.59 -2.11
C PRO B 35 -16.37 -16.97 -1.14
N MET B 36 -16.07 -16.75 0.14
CA MET B 36 -16.89 -17.29 1.21
C MET B 36 -18.27 -16.64 1.25
N ILE B 37 -18.38 -15.36 0.89
CA ILE B 37 -19.70 -14.74 0.87
C ILE B 37 -20.41 -14.89 -0.46
N GLN B 38 -19.76 -15.44 -1.47
CA GLN B 38 -20.46 -15.70 -2.71
C GLN B 38 -21.40 -16.88 -2.61
N HIS B 39 -21.18 -17.80 -1.67
CA HIS B 39 -22.16 -18.83 -1.37
C HIS B 39 -23.43 -18.22 -0.79
N HIS B 40 -23.25 -17.20 0.04
CA HIS B 40 -24.38 -16.48 0.62
C HIS B 40 -25.15 -15.70 -0.43
N ILE B 41 -24.43 -15.05 -1.34
CA ILE B 41 -25.08 -14.23 -2.35
C ILE B 41 -25.76 -15.12 -3.39
N GLU B 42 -25.14 -16.26 -3.72
CA GLU B 42 -25.78 -17.34 -4.48
C GLU B 42 -27.10 -17.75 -3.85
N ALA B 43 -27.09 -18.04 -2.56
CA ALA B 43 -28.29 -18.58 -1.93
C ALA B 43 -29.36 -17.51 -1.74
N CYS B 44 -28.97 -16.25 -1.65
CA CYS B 44 -29.95 -15.20 -1.44
C CYS B 44 -30.60 -14.74 -2.74
N ALA B 45 -29.83 -14.62 -3.82
CA ALA B 45 -30.41 -14.27 -5.11
C ALA B 45 -31.26 -15.37 -5.70
N GLN B 46 -31.21 -16.59 -5.16
CA GLN B 46 -32.09 -17.69 -5.53
C GLN B 46 -33.49 -17.56 -4.97
N VAL B 47 -33.73 -16.59 -4.08
CA VAL B 47 -35.02 -16.42 -3.44
C VAL B 47 -35.84 -15.46 -4.28
N PRO B 48 -37.11 -15.77 -4.59
CA PRO B 48 -37.96 -14.83 -5.30
C PRO B 48 -38.35 -13.66 -4.42
N GLY B 49 -38.06 -12.46 -4.89
CA GLY B 49 -38.34 -11.26 -4.14
C GLY B 49 -37.15 -10.59 -3.51
N MET B 50 -35.94 -11.04 -3.80
CA MET B 50 -34.75 -10.45 -3.22
C MET B 50 -34.44 -9.15 -3.96
N GLN B 51 -34.60 -8.02 -3.28
CA GLN B 51 -34.20 -6.76 -3.88
C GLN B 51 -32.71 -6.51 -3.72
N GLU B 52 -32.25 -6.41 -2.48
CA GLU B 52 -30.93 -5.89 -2.18
C GLU B 52 -30.16 -6.87 -1.33
N ILE B 53 -28.85 -6.81 -1.45
CA ILE B 53 -27.95 -7.55 -0.59
C ILE B 53 -27.00 -6.54 0.03
N LEU B 54 -27.02 -6.46 1.35
CA LEU B 54 -26.32 -5.42 2.08
C LEU B 54 -25.27 -6.07 2.97
N LEU B 55 -24.00 -5.91 2.62
CA LEU B 55 -22.93 -6.38 3.48
C LEU B 55 -22.60 -5.31 4.51
N ILE B 56 -22.61 -5.68 5.78
CA ILE B 56 -22.25 -4.77 6.86
C ILE B 56 -20.94 -5.26 7.45
N GLY B 57 -19.95 -4.38 7.54
CA GLY B 57 -18.70 -4.74 8.16
C GLY B 57 -17.88 -3.50 8.42
N PHE B 58 -16.72 -3.68 9.05
CA PHE B 58 -15.81 -2.57 9.27
C PHE B 58 -14.49 -2.79 8.53
N TYR B 59 -14.53 -3.54 7.45
CA TYR B 59 -13.42 -3.57 6.51
C TYR B 59 -13.35 -2.24 5.76
N GLN B 60 -12.17 -1.81 5.46
CA GLN B 60 -12.12 -0.68 4.55
C GLN B 60 -12.31 -1.19 3.12
N PRO B 61 -12.94 -0.41 2.24
CA PRO B 61 -13.08 -0.90 0.87
C PRO B 61 -11.76 -0.76 0.14
N ASP B 62 -11.08 -1.89 0.00
CA ASP B 62 -9.86 -1.96 -0.77
C ASP B 62 -10.22 -2.36 -2.19
N GLU B 63 -9.20 -2.72 -2.97
CA GLU B 63 -9.46 -3.22 -4.31
C GLU B 63 -10.17 -4.58 -4.36
N PRO B 64 -9.77 -5.63 -3.61
CA PRO B 64 -10.49 -6.91 -3.74
C PRO B 64 -11.95 -6.88 -3.34
N LEU B 65 -12.33 -6.11 -2.31
CA LEU B 65 -13.71 -6.08 -1.87
C LEU B 65 -14.60 -5.34 -2.88
N THR B 66 -14.14 -4.20 -3.40
CA THR B 66 -14.97 -3.47 -4.36
C THR B 66 -15.01 -4.15 -5.73
N GLN B 67 -13.95 -4.87 -6.11
CA GLN B 67 -14.01 -5.62 -7.36
C GLN B 67 -14.90 -6.85 -7.22
N PHE B 68 -14.88 -7.47 -6.04
CA PHE B 68 -15.83 -8.54 -5.76
C PHE B 68 -17.27 -8.03 -5.77
N LEU B 69 -17.50 -6.83 -5.24
CA LEU B 69 -18.85 -6.31 -5.16
C LEU B 69 -19.41 -6.01 -6.54
N GLU B 70 -18.61 -5.43 -7.42
CA GLU B 70 -19.05 -5.22 -8.80
C GLU B 70 -19.25 -6.54 -9.54
N ALA B 71 -18.38 -7.52 -9.30
CA ALA B 71 -18.54 -8.82 -9.94
C ALA B 71 -19.79 -9.55 -9.46
N ALA B 72 -20.10 -9.44 -8.17
CA ALA B 72 -21.33 -10.04 -7.62
C ALA B 72 -22.57 -9.33 -8.14
N GLN B 73 -22.48 -8.01 -8.31
CA GLN B 73 -23.60 -7.23 -8.85
C GLN B 73 -23.89 -7.60 -10.30
N GLN B 74 -22.84 -7.88 -11.08
CA GLN B 74 -23.10 -8.34 -12.45
C GLN B 74 -23.56 -9.79 -12.49
N GLU B 75 -22.95 -10.66 -11.68
CA GLU B 75 -23.21 -12.09 -11.79
C GLU B 75 -24.56 -12.49 -11.21
N PHE B 76 -25.11 -11.71 -10.26
CA PHE B 76 -26.29 -12.16 -9.54
C PHE B 76 -27.51 -11.26 -9.73
N ASN B 77 -27.42 -10.27 -10.63
CA ASN B 77 -28.56 -9.48 -11.11
C ASN B 77 -29.27 -8.72 -10.00
N LEU B 78 -28.51 -8.25 -9.02
CA LEU B 78 -29.00 -7.57 -7.84
C LEU B 78 -28.08 -6.43 -7.49
N PRO B 79 -28.56 -5.44 -6.76
CA PRO B 79 -27.66 -4.46 -6.14
C PRO B 79 -27.05 -5.00 -4.86
N VAL B 80 -25.74 -5.22 -4.88
CA VAL B 80 -24.98 -5.69 -3.72
C VAL B 80 -24.19 -4.50 -3.19
N ARG B 81 -24.59 -3.97 -2.04
CA ARG B 81 -23.97 -2.80 -1.45
C ARG B 81 -23.16 -3.18 -0.22
N TYR B 82 -22.21 -2.32 0.12
CA TYR B 82 -21.35 -2.55 1.28
C TYR B 82 -21.47 -1.36 2.21
N LEU B 83 -22.04 -1.60 3.38
CA LEU B 83 -22.24 -0.59 4.41
C LEU B 83 -21.11 -0.67 5.41
N GLN B 84 -20.17 0.27 5.35
CA GLN B 84 -19.03 0.25 6.25
C GLN B 84 -19.39 0.98 7.54
N GLU B 85 -19.45 0.25 8.64
CA GLU B 85 -19.77 0.86 9.91
C GLU B 85 -18.57 1.62 10.43
N PHE B 86 -18.85 2.72 11.13
CA PHE B 86 -17.81 3.66 11.55
C PHE B 86 -16.96 3.12 12.68
N ALA B 87 -17.43 2.07 13.35
CA ALA B 87 -16.74 1.47 14.48
C ALA B 87 -17.14 0.01 14.52
N PRO B 88 -16.36 -0.84 15.18
CA PRO B 88 -16.85 -2.21 15.39
C PRO B 88 -18.01 -2.20 16.35
N LEU B 89 -19.21 -2.46 15.82
CA LEU B 89 -20.44 -2.23 16.54
C LEU B 89 -21.08 -3.50 17.04
N GLY B 90 -20.36 -4.60 17.04
CA GLY B 90 -20.94 -5.84 17.43
C GLY B 90 -21.82 -6.40 16.32
N THR B 91 -22.58 -7.41 16.70
CA THR B 91 -23.39 -8.15 15.73
C THR B 91 -24.69 -7.41 15.42
N GLY B 92 -25.41 -6.99 16.46
CA GLY B 92 -26.69 -6.34 16.25
C GLY B 92 -26.60 -4.83 16.17
N GLY B 93 -25.47 -4.27 16.60
CA GLY B 93 -25.32 -2.83 16.61
C GLY B 93 -25.12 -2.25 15.22
N GLY B 94 -24.57 -3.04 14.31
CA GLY B 94 -24.53 -2.64 12.92
C GLY B 94 -25.84 -2.82 12.19
N LEU B 95 -26.68 -3.72 12.66
CA LEU B 95 -28.03 -3.84 12.11
C LEU B 95 -28.92 -2.73 12.60
N TYR B 96 -28.71 -2.29 13.84
CA TYR B 96 -29.47 -1.16 14.35
C TYR B 96 -28.95 0.15 13.81
N HIS B 97 -27.64 0.26 13.59
CA HIS B 97 -27.09 1.49 13.04
C HIS B 97 -27.51 1.73 11.60
N PHE B 98 -27.79 0.68 10.86
CA PHE B 98 -28.13 0.78 9.45
C PHE B 98 -29.58 0.47 9.18
N ARG B 99 -30.45 0.71 10.17
CA ARG B 99 -31.85 0.35 10.04
C ARG B 99 -32.58 1.20 9.01
N ASP B 100 -32.13 2.44 8.77
CA ASP B 100 -32.76 3.27 7.77
C ASP B 100 -32.50 2.75 6.37
N GLN B 101 -31.33 2.14 6.16
CA GLN B 101 -30.92 1.60 4.88
C GLN B 101 -31.43 0.18 4.70
N ILE B 102 -31.62 -0.54 5.80
CA ILE B 102 -32.18 -1.89 5.78
C ILE B 102 -33.69 -1.84 5.52
N LEU B 103 -34.39 -0.89 6.13
CA LEU B 103 -35.84 -0.80 5.97
C LEU B 103 -36.25 0.13 4.83
N ALA B 104 -35.30 0.68 4.08
CA ALA B 104 -35.60 1.53 2.95
C ALA B 104 -36.32 0.72 1.86
N GLY B 105 -37.51 1.17 1.48
CA GLY B 105 -38.33 0.43 0.57
C GLY B 105 -39.30 -0.52 1.24
N SER B 106 -39.27 -0.60 2.58
CA SER B 106 -40.09 -1.43 3.46
C SER B 106 -40.13 -2.89 3.03
N PRO B 107 -39.08 -3.64 3.29
CA PRO B 107 -39.13 -5.08 3.00
C PRO B 107 -40.07 -5.80 3.94
N GLU B 108 -40.62 -6.91 3.44
CA GLU B 108 -41.52 -7.72 4.26
C GLU B 108 -40.78 -8.33 5.43
N ALA B 109 -39.61 -8.90 5.15
CA ALA B 109 -38.69 -9.37 6.18
C ALA B 109 -37.29 -9.31 5.57
N PHE B 110 -36.29 -9.44 6.41
CA PHE B 110 -34.91 -9.50 5.93
C PHE B 110 -34.17 -10.65 6.58
N PHE B 111 -33.28 -11.26 5.80
CA PHE B 111 -32.37 -12.27 6.32
C PHE B 111 -31.16 -11.61 6.94
N VAL B 112 -30.62 -12.24 7.98
CA VAL B 112 -29.38 -11.83 8.60
C VAL B 112 -28.48 -13.04 8.65
N LEU B 113 -27.37 -13.01 7.90
CA LEU B 113 -26.49 -14.16 7.79
C LEU B 113 -25.10 -13.77 8.29
N ASN B 114 -24.51 -14.62 9.13
CA ASN B 114 -23.10 -14.47 9.46
C ASN B 114 -22.26 -14.91 8.27
N ALA B 115 -21.19 -14.17 7.98
CA ALA B 115 -20.39 -14.49 6.81
C ALA B 115 -19.49 -15.70 7.03
N ASP B 116 -19.28 -16.09 8.27
CA ASP B 116 -18.34 -17.15 8.61
C ASP B 116 -18.98 -18.52 8.65
N VAL B 117 -20.24 -18.67 8.26
CA VAL B 117 -20.88 -19.99 8.29
C VAL B 117 -20.94 -20.56 6.89
N CYS B 118 -20.80 -21.88 6.82
CA CYS B 118 -21.06 -22.67 5.63
C CYS B 118 -22.38 -23.40 5.83
N SER B 119 -23.31 -23.21 4.92
CA SER B 119 -24.62 -23.85 5.05
C SER B 119 -25.15 -24.12 3.67
N ASP B 120 -26.22 -24.91 3.62
CA ASP B 120 -27.01 -25.00 2.40
C ASP B 120 -27.92 -23.80 2.20
N PHE B 121 -28.11 -23.02 3.28
CA PHE B 121 -28.96 -21.85 3.40
C PHE B 121 -30.38 -22.17 2.96
N PRO B 122 -31.17 -22.84 3.78
CA PRO B 122 -32.57 -23.10 3.46
C PRO B 122 -33.44 -21.87 3.65
N LEU B 123 -33.26 -20.88 2.78
CA LEU B 123 -33.91 -19.58 2.96
C LEU B 123 -35.37 -19.63 2.56
N SER B 124 -35.71 -20.47 1.57
CA SER B 124 -37.09 -20.63 1.16
C SER B 124 -37.94 -21.25 2.26
N ALA B 125 -37.43 -22.27 2.94
CA ALA B 125 -38.23 -22.96 3.95
C ALA B 125 -38.37 -22.10 5.21
N MET B 126 -37.30 -21.36 5.55
CA MET B 126 -37.38 -20.34 6.59
C MET B 126 -38.44 -19.31 6.27
N LEU B 127 -38.56 -18.93 4.99
CA LEU B 127 -39.56 -17.97 4.57
C LEU B 127 -40.97 -18.57 4.62
N GLU B 128 -41.11 -19.86 4.32
CA GLU B 128 -42.39 -20.54 4.47
C GLU B 128 -42.85 -20.53 5.92
N ALA B 129 -41.95 -20.85 6.84
CA ALA B 129 -42.29 -20.85 8.27
C ALA B 129 -42.61 -19.45 8.77
N HIS B 130 -41.89 -18.45 8.27
CA HIS B 130 -42.12 -17.08 8.68
C HIS B 130 -43.46 -16.57 8.16
N ARG B 131 -43.77 -16.83 6.89
CA ARG B 131 -45.05 -16.40 6.35
C ARG B 131 -46.21 -17.20 6.92
N ARG B 132 -45.95 -18.37 7.50
CA ARG B 132 -46.98 -19.01 8.28
C ARG B 132 -47.20 -18.31 9.62
N GLN B 133 -46.13 -18.06 10.37
CA GLN B 133 -46.27 -17.64 11.77
C GLN B 133 -46.16 -16.14 12.00
N ARG B 134 -45.26 -15.44 11.29
CA ARG B 134 -45.03 -13.98 11.39
C ARG B 134 -44.63 -13.55 12.80
N HIS B 135 -43.41 -13.95 13.18
CA HIS B 135 -42.82 -13.59 14.46
C HIS B 135 -41.58 -12.72 14.24
N PRO B 136 -41.17 -11.92 15.25
CA PRO B 136 -40.02 -11.03 15.08
C PRO B 136 -38.70 -11.71 14.72
N PHE B 137 -38.33 -12.77 15.43
CA PHE B 137 -37.05 -13.44 15.20
C PHE B 137 -37.31 -14.88 14.81
N LEU B 138 -36.79 -15.29 13.66
CA LEU B 138 -36.71 -16.70 13.30
C LEU B 138 -35.23 -17.06 13.26
N LEU B 139 -34.86 -18.06 14.03
CA LEU B 139 -33.49 -18.53 14.07
C LEU B 139 -33.41 -19.84 13.30
N LEU B 140 -32.26 -20.11 12.70
CA LEU B 140 -31.99 -21.44 12.17
C LEU B 140 -31.21 -22.22 13.21
N GLY B 141 -31.66 -23.43 13.50
CA GLY B 141 -30.99 -24.30 14.44
C GLY B 141 -30.60 -25.61 13.78
N THR B 142 -29.52 -26.20 14.25
CA THR B 142 -29.14 -27.55 13.90
C THR B 142 -29.10 -28.39 15.16
N THR B 143 -29.06 -29.70 14.98
CA THR B 143 -28.81 -30.61 16.09
C THR B 143 -27.32 -30.90 16.16
N ALA B 144 -26.76 -30.83 17.36
CA ALA B 144 -25.37 -31.15 17.58
C ALA B 144 -25.26 -32.34 18.51
N ASN B 145 -24.04 -32.85 18.64
CA ASN B 145 -23.72 -33.80 19.69
C ASN B 145 -23.82 -33.11 21.04
N ARG B 146 -24.14 -33.88 22.09
CA ARG B 146 -24.26 -33.31 23.42
C ARG B 146 -22.93 -32.75 23.93
N THR B 147 -21.82 -33.38 23.55
CA THR B 147 -20.53 -32.87 23.98
C THR B 147 -20.08 -31.70 23.12
N GLN B 148 -20.38 -31.72 21.83
CA GLN B 148 -19.92 -30.64 20.95
C GLN B 148 -20.76 -29.39 21.07
N SER B 149 -22.01 -29.54 21.55
CA SER B 149 -22.92 -28.41 21.67
C SER B 149 -22.45 -27.36 22.66
N LEU B 150 -21.53 -27.69 23.55
CA LEU B 150 -20.99 -26.68 24.46
C LEU B 150 -20.06 -25.70 23.77
N ASN B 151 -19.64 -25.96 22.55
CA ASN B 151 -18.82 -24.98 21.84
C ASN B 151 -19.67 -23.91 21.17
N TYR B 152 -20.98 -24.07 21.15
CA TYR B 152 -21.86 -23.26 20.33
C TYR B 152 -22.91 -22.58 21.20
N GLY B 153 -23.74 -21.77 20.56
CA GLY B 153 -24.87 -21.15 21.24
C GLY B 153 -26.05 -22.09 21.31
N CYS B 154 -26.40 -22.50 22.51
CA CYS B 154 -27.43 -23.49 22.74
C CYS B 154 -28.80 -22.86 22.87
N ILE B 155 -29.80 -23.56 22.34
CA ILE B 155 -31.17 -23.08 22.27
C ILE B 155 -32.07 -24.13 22.90
N VAL B 156 -32.75 -23.77 23.99
CA VAL B 156 -33.82 -24.60 24.52
C VAL B 156 -35.14 -24.07 23.99
N GLU B 157 -35.84 -24.91 23.24
CA GLU B 157 -37.09 -24.56 22.59
C GLU B 157 -38.26 -25.28 23.23
N ASN B 158 -39.44 -25.02 22.69
CA ASN B 158 -40.66 -25.71 23.05
C ASN B 158 -41.15 -26.47 21.84
N PRO B 159 -41.11 -27.80 21.83
CA PRO B 159 -41.17 -28.55 20.57
C PRO B 159 -42.53 -28.54 19.86
N GLN B 160 -43.55 -27.87 20.41
CA GLN B 160 -44.84 -27.78 19.77
C GLN B 160 -45.06 -26.43 19.09
N THR B 161 -44.76 -25.33 19.78
CA THR B 161 -44.83 -24.02 19.15
C THR B 161 -43.51 -23.57 18.53
N HIS B 162 -42.40 -24.25 18.83
CA HIS B 162 -41.05 -23.94 18.34
C HIS B 162 -40.55 -22.59 18.84
N GLU B 163 -40.99 -22.16 20.01
CA GLU B 163 -40.55 -20.91 20.60
C GLU B 163 -39.29 -21.16 21.40
N VAL B 164 -38.27 -20.33 21.17
CA VAL B 164 -37.06 -20.35 22.00
C VAL B 164 -37.44 -19.92 23.40
N LEU B 165 -37.25 -20.81 24.36
CA LEU B 165 -37.43 -20.48 25.76
C LEU B 165 -36.16 -20.08 26.45
N HIS B 166 -35.01 -20.50 25.94
CA HIS B 166 -33.74 -20.24 26.61
C HIS B 166 -32.64 -20.18 25.57
N TYR B 167 -31.68 -19.29 25.78
CA TYR B 167 -30.55 -19.15 24.87
C TYR B 167 -29.30 -18.93 25.72
N VAL B 168 -28.22 -19.66 25.43
CA VAL B 168 -26.95 -19.42 26.12
C VAL B 168 -25.80 -19.51 25.13
N GLU B 169 -24.90 -18.52 25.16
CA GLU B 169 -23.96 -18.31 24.07
C GLU B 169 -22.86 -19.35 24.05
N LYS B 170 -22.38 -19.78 25.20
CA LYS B 170 -21.39 -20.86 25.29
C LYS B 170 -21.43 -21.45 26.67
N PRO B 171 -22.37 -22.35 26.96
CA PRO B 171 -22.56 -22.77 28.35
C PRO B 171 -21.46 -23.72 28.80
N SER B 172 -21.12 -23.61 30.08
CA SER B 172 -20.15 -24.53 30.67
C SER B 172 -20.73 -25.93 30.81
N THR B 173 -22.04 -26.01 30.96
CA THR B 173 -22.75 -27.25 31.23
C THR B 173 -23.74 -27.51 30.12
N PHE B 174 -24.27 -28.72 30.06
CA PHE B 174 -25.19 -29.08 28.99
C PHE B 174 -26.50 -28.30 29.12
N ILE B 175 -26.99 -27.84 27.98
CA ILE B 175 -28.23 -27.08 27.93
C ILE B 175 -29.18 -27.74 26.94
N SER B 176 -28.72 -27.96 25.70
CA SER B 176 -29.59 -28.46 24.65
C SER B 176 -28.75 -28.94 23.48
N ASP B 177 -29.38 -29.78 22.65
CA ASP B 177 -28.78 -30.28 21.43
C ASP B 177 -28.92 -29.33 20.27
N ILE B 178 -29.80 -28.36 20.37
CA ILE B 178 -30.01 -27.38 19.31
C ILE B 178 -28.97 -26.29 19.44
N ILE B 179 -28.23 -26.05 18.37
CA ILE B 179 -27.27 -24.97 18.31
C ILE B 179 -27.72 -23.97 17.26
N ASN B 180 -27.47 -22.70 17.54
CA ASN B 180 -27.70 -21.61 16.58
C ASN B 180 -26.78 -21.76 15.39
N CYS B 181 -27.30 -21.46 14.19
CA CYS B 181 -26.54 -21.58 12.97
C CYS B 181 -26.08 -20.25 12.39
N GLY B 182 -26.44 -19.13 13.01
CA GLY B 182 -26.07 -17.86 12.46
C GLY B 182 -26.85 -17.45 11.23
N ILE B 183 -28.01 -18.05 11.01
CA ILE B 183 -28.92 -17.67 9.95
C ILE B 183 -30.20 -17.21 10.62
N TYR B 184 -30.67 -16.02 10.28
CA TYR B 184 -31.85 -15.47 10.94
C TYR B 184 -32.77 -14.82 9.92
N LEU B 185 -34.02 -14.71 10.31
CA LEU B 185 -35.04 -14.00 9.55
C LEU B 185 -35.68 -13.02 10.51
N PHE B 186 -35.48 -11.73 10.26
CA PHE B 186 -36.04 -10.68 11.08
C PHE B 186 -37.20 -10.06 10.33
N SER B 187 -38.28 -9.78 11.02
CA SER B 187 -39.27 -8.84 10.49
C SER B 187 -38.85 -7.44 10.90
N PRO B 188 -39.45 -6.38 10.32
CA PRO B 188 -39.08 -5.02 10.75
C PRO B 188 -39.30 -4.72 12.23
N GLU B 189 -40.29 -5.36 12.87
CA GLU B 189 -40.53 -5.20 14.29
C GLU B 189 -39.34 -5.62 15.14
N ALA B 190 -38.49 -6.51 14.62
CA ALA B 190 -37.29 -6.94 15.33
C ALA B 190 -36.29 -5.82 15.55
N LEU B 191 -36.39 -4.73 14.80
CA LEU B 191 -35.50 -3.60 15.07
C LEU B 191 -36.00 -2.74 16.22
N LYS B 192 -37.16 -3.03 16.79
CA LYS B 192 -37.63 -2.34 18.00
C LYS B 192 -37.04 -2.86 19.32
N PRO B 193 -36.80 -4.17 19.53
CA PRO B 193 -36.02 -4.54 20.72
C PRO B 193 -34.60 -4.04 20.71
N LEU B 194 -33.94 -4.06 19.54
CA LEU B 194 -32.56 -3.59 19.41
C LEU B 194 -32.42 -2.15 19.84
N ARG B 195 -33.37 -1.31 19.43
CA ARG B 195 -33.47 0.08 19.90
C ARG B 195 -33.48 0.16 21.42
N ASP B 196 -34.32 -0.69 22.05
CA ASP B 196 -34.39 -0.78 23.49
C ASP B 196 -33.03 -1.12 24.08
N VAL B 197 -32.35 -2.10 23.46
CA VAL B 197 -31.03 -2.52 23.91
C VAL B 197 -30.06 -1.36 23.83
N PHE B 198 -30.13 -0.60 22.73
CA PHE B 198 -29.24 0.53 22.52
C PHE B 198 -29.53 1.62 23.53
N GLN B 199 -30.81 1.83 23.87
CA GLN B 199 -31.17 2.83 24.87
C GLN B 199 -30.66 2.42 26.23
N ARG B 200 -30.69 1.11 26.54
CA ARG B 200 -30.15 0.65 27.81
C ARG B 200 -28.64 0.81 27.85
N ASN B 201 -27.99 0.83 26.69
CA ASN B 201 -26.56 1.06 26.68
C ASN B 201 -26.21 2.51 27.01
N GLN B 202 -27.16 3.44 26.89
CA GLN B 202 -26.82 4.84 27.15
C GLN B 202 -26.76 5.16 28.63
N GLN B 203 -27.10 4.23 29.52
CA GLN B 203 -26.99 4.45 30.96
C GLN B 203 -26.05 3.44 31.60
N GLY B 218 -23.77 1.66 21.90
CA GLY B 218 -23.69 1.54 20.45
C GLY B 218 -23.39 0.13 19.98
N THR B 219 -22.53 -0.55 20.72
CA THR B 219 -22.18 -1.94 20.44
C THR B 219 -23.20 -2.87 21.06
N ILE B 220 -23.94 -3.59 20.21
CA ILE B 220 -24.94 -4.56 20.62
C ILE B 220 -24.49 -5.92 20.13
N ARG B 221 -24.34 -6.87 21.06
CA ARG B 221 -24.13 -8.27 20.71
C ARG B 221 -25.49 -8.94 20.59
N LEU B 222 -25.77 -9.49 19.41
CA LEU B 222 -27.11 -9.99 19.12
C LEU B 222 -27.48 -11.20 19.97
N GLU B 223 -26.53 -12.07 20.23
CA GLU B 223 -26.84 -13.27 21.00
C GLU B 223 -26.89 -12.98 22.49
N GLN B 224 -25.99 -12.16 23.00
CA GLN B 224 -25.93 -11.96 24.44
C GLN B 224 -26.95 -10.95 24.95
N ASP B 225 -27.40 -10.02 24.10
CA ASP B 225 -28.26 -8.94 24.54
C ASP B 225 -29.68 -9.01 24.02
N VAL B 226 -29.93 -9.69 22.91
CA VAL B 226 -31.25 -9.76 22.29
C VAL B 226 -31.80 -11.19 22.33
N PHE B 227 -30.97 -12.17 21.99
CA PHE B 227 -31.46 -13.54 21.96
C PHE B 227 -31.58 -14.12 23.35
N SER B 228 -30.66 -13.77 24.24
CA SER B 228 -30.70 -14.28 25.59
C SER B 228 -31.67 -13.52 26.48
N ALA B 229 -32.07 -12.32 26.08
CA ALA B 229 -32.97 -11.52 26.89
C ALA B 229 -34.43 -11.78 26.60
N LEU B 230 -34.79 -11.91 25.33
CA LEU B 230 -36.18 -12.10 24.95
C LEU B 230 -36.55 -13.55 24.79
N ALA B 231 -35.71 -14.47 25.26
CA ALA B 231 -35.98 -15.89 25.10
C ALA B 231 -37.07 -16.31 26.07
N GLY B 232 -38.20 -16.72 25.53
CA GLY B 232 -39.33 -17.16 26.33
C GLY B 232 -40.43 -16.14 26.47
N GLN B 233 -40.26 -14.95 25.89
CA GLN B 233 -41.26 -13.90 25.95
C GLN B 233 -42.16 -13.87 24.73
N GLY B 234 -41.92 -14.73 23.75
CA GLY B 234 -42.79 -14.86 22.60
C GLY B 234 -42.24 -14.30 21.32
N GLN B 235 -41.06 -13.70 21.32
CA GLN B 235 -40.52 -13.07 20.13
C GLN B 235 -39.65 -14.01 19.31
N ILE B 236 -38.84 -14.85 19.94
CA ILE B 236 -37.78 -15.59 19.27
C ILE B 236 -38.22 -17.03 19.06
N TYR B 237 -38.08 -17.52 17.82
CA TYR B 237 -38.52 -18.85 17.43
C TYR B 237 -37.43 -19.55 16.63
N VAL B 238 -37.45 -20.88 16.63
CA VAL B 238 -36.45 -21.69 15.92
C VAL B 238 -37.05 -22.19 14.63
N HIS B 239 -36.19 -22.53 13.69
CA HIS B 239 -36.52 -23.34 12.52
C HIS B 239 -35.39 -24.34 12.35
N LEU B 240 -35.68 -25.63 12.47
CA LEU B 240 -34.65 -26.65 12.51
C LEU B 240 -34.34 -27.22 11.12
N THR B 241 -33.11 -27.69 10.95
CA THR B 241 -32.67 -28.40 9.76
C THR B 241 -31.72 -29.50 10.19
N ASP B 242 -31.35 -30.36 9.24
CA ASP B 242 -30.06 -31.00 9.35
C ASP B 242 -29.40 -31.15 7.98
N GLY B 243 -29.48 -30.13 7.13
CA GLY B 243 -28.55 -29.99 6.04
C GLY B 243 -27.19 -29.57 6.55
N ILE B 244 -26.27 -29.34 5.60
CA ILE B 244 -24.87 -29.11 5.95
C ILE B 244 -24.71 -27.80 6.71
N TRP B 245 -23.85 -27.81 7.72
CA TRP B 245 -23.57 -26.61 8.48
C TRP B 245 -22.18 -26.71 9.07
N SER B 246 -21.44 -25.61 8.98
CA SER B 246 -20.09 -25.51 9.52
C SER B 246 -19.88 -24.04 9.88
N GLN B 247 -18.99 -23.80 10.81
CA GLN B 247 -18.43 -22.47 10.97
C GLN B 247 -17.06 -22.43 10.31
N ILE B 248 -16.63 -21.23 9.97
CA ILE B 248 -15.29 -21.00 9.47
C ILE B 248 -14.67 -19.97 10.40
N LYS B 249 -13.84 -20.42 11.34
CA LYS B 249 -13.19 -19.52 12.27
C LYS B 249 -11.69 -19.47 12.06
N SER B 250 -11.02 -20.59 12.18
CA SER B 250 -9.59 -20.69 11.92
C SER B 250 -9.35 -20.90 10.44
N ALA B 251 -8.08 -20.79 10.06
CA ALA B 251 -7.69 -20.92 8.67
C ALA B 251 -7.91 -22.32 8.11
N GLY B 252 -7.97 -23.35 8.95
CA GLY B 252 -8.16 -24.72 8.53
C GLY B 252 -9.57 -25.28 8.58
N SER B 253 -10.54 -24.55 9.10
CA SER B 253 -11.95 -24.91 8.97
C SER B 253 -12.51 -24.53 7.61
N ALA B 254 -11.76 -23.71 6.86
CA ALA B 254 -12.04 -23.46 5.46
C ALA B 254 -11.97 -24.73 4.63
N LEU B 255 -11.15 -25.70 5.06
CA LEU B 255 -11.04 -26.97 4.35
C LEU B 255 -12.27 -27.84 4.55
N TYR B 256 -12.81 -27.87 5.77
CA TYR B 256 -14.02 -28.61 6.03
C TYR B 256 -15.22 -27.98 5.34
N ALA B 257 -15.26 -26.64 5.33
CA ALA B 257 -16.32 -25.94 4.60
C ALA B 257 -16.23 -26.21 3.11
N SER B 258 -15.01 -26.24 2.57
CA SER B 258 -14.80 -26.58 1.17
C SER B 258 -15.25 -27.99 0.84
N ARG B 259 -15.03 -28.94 1.76
CA ARG B 259 -15.45 -30.31 1.52
C ARG B 259 -16.97 -30.45 1.52
N LEU B 260 -17.64 -29.77 2.45
CA LEU B 260 -19.11 -29.80 2.49
C LEU B 260 -19.72 -29.17 1.25
N TYR B 261 -19.16 -28.05 0.80
CA TYR B 261 -19.65 -27.38 -0.39
C TYR B 261 -19.39 -28.21 -1.64
N LEU B 262 -18.23 -28.88 -1.73
CA LEU B 262 -17.96 -29.75 -2.86
C LEU B 262 -18.87 -30.97 -2.85
N SER B 263 -19.37 -31.36 -1.68
CA SER B 263 -20.35 -32.43 -1.64
C SER B 263 -21.73 -31.96 -2.06
N ARG B 264 -22.08 -30.70 -1.83
CA ARG B 264 -23.41 -30.23 -2.24
C ARG B 264 -23.44 -29.68 -3.66
N TYR B 265 -22.27 -29.49 -4.28
CA TYR B 265 -22.22 -29.24 -5.72
C TYR B 265 -22.80 -30.38 -6.54
N GLN B 266 -22.87 -31.59 -5.99
CA GLN B 266 -23.56 -32.70 -6.64
C GLN B 266 -25.05 -32.44 -6.87
N ASP B 267 -25.63 -31.48 -6.16
CA ASP B 267 -26.98 -31.01 -6.43
C ASP B 267 -27.03 -29.62 -7.04
N THR B 268 -26.26 -28.67 -6.55
CA THR B 268 -26.55 -27.30 -7.00
C THR B 268 -25.75 -26.90 -8.24
N HIS B 269 -24.50 -27.29 -8.36
CA HIS B 269 -23.68 -26.99 -9.53
C HIS B 269 -22.84 -28.20 -9.89
N PRO B 270 -23.41 -29.16 -10.64
CA PRO B 270 -22.63 -30.35 -11.00
C PRO B 270 -21.65 -30.11 -12.14
N GLU B 271 -21.67 -28.96 -12.79
CA GLU B 271 -20.66 -28.64 -13.78
C GLU B 271 -19.41 -28.04 -13.15
N ARG B 272 -19.46 -27.73 -11.85
CA ARG B 272 -18.25 -27.31 -11.15
C ARG B 272 -17.37 -28.52 -10.86
N LEU B 273 -17.99 -29.62 -10.52
CA LEU B 273 -17.27 -30.84 -10.24
C LEU B 273 -16.65 -31.41 -11.51
N ALA B 274 -15.41 -31.85 -11.39
CA ALA B 274 -14.68 -32.35 -12.54
C ALA B 274 -14.87 -33.86 -12.65
N LYS B 275 -14.93 -34.35 -13.88
CA LYS B 275 -15.09 -35.75 -14.20
C LYS B 275 -13.78 -36.32 -14.71
N HIS B 276 -13.71 -37.64 -14.80
CA HIS B 276 -12.44 -38.33 -14.95
C HIS B 276 -11.82 -38.09 -16.33
N THR B 277 -12.56 -38.43 -17.41
CA THR B 277 -12.19 -38.21 -18.82
C THR B 277 -10.82 -38.78 -19.17
N PRO B 278 -10.71 -40.11 -19.42
CA PRO B 278 -9.44 -40.88 -19.33
C PRO B 278 -8.13 -40.31 -19.87
N GLY B 279 -8.20 -39.35 -20.80
CA GLY B 279 -7.02 -38.65 -21.23
C GLY B 279 -6.58 -37.50 -20.36
N GLY B 280 -7.24 -37.26 -19.23
CA GLY B 280 -6.91 -36.16 -18.36
C GLY B 280 -6.37 -36.63 -17.01
N PRO B 281 -6.30 -35.72 -16.03
CA PRO B 281 -5.90 -36.13 -14.68
C PRO B 281 -6.92 -37.05 -14.03
N TRP B 282 -6.42 -37.94 -13.19
CA TRP B 282 -7.26 -38.97 -12.60
C TRP B 282 -7.96 -38.39 -11.39
N ILE B 283 -9.28 -38.47 -11.35
CA ILE B 283 -10.06 -37.74 -10.37
C ILE B 283 -10.79 -38.74 -9.49
N ARG B 284 -10.54 -38.66 -8.18
CA ARG B 284 -11.32 -39.35 -7.17
C ARG B 284 -12.14 -38.32 -6.42
N GLY B 285 -13.28 -38.76 -5.89
CA GLY B 285 -14.18 -37.95 -5.08
C GLY B 285 -14.68 -36.72 -5.80
N ASN B 286 -15.00 -35.69 -5.00
CA ASN B 286 -15.41 -34.39 -5.50
C ASN B 286 -14.18 -33.51 -5.68
N VAL B 287 -13.96 -32.99 -6.88
CA VAL B 287 -12.82 -32.14 -7.18
C VAL B 287 -13.31 -30.94 -7.97
N TYR B 288 -13.00 -29.74 -7.51
CA TYR B 288 -13.16 -28.54 -8.30
C TYR B 288 -11.84 -28.19 -8.96
N ILE B 289 -11.84 -28.00 -10.27
CA ILE B 289 -10.68 -27.46 -10.97
C ILE B 289 -11.14 -26.25 -11.77
N HIS B 290 -10.45 -25.14 -11.55
CA HIS B 290 -10.66 -23.97 -12.36
C HIS B 290 -10.16 -24.22 -13.79
N PRO B 291 -10.81 -23.62 -14.79
CA PRO B 291 -10.36 -23.85 -16.18
C PRO B 291 -8.98 -23.31 -16.51
N THR B 292 -8.52 -22.25 -15.83
CA THR B 292 -7.22 -21.66 -16.15
C THR B 292 -6.08 -22.55 -15.65
N ALA B 293 -6.36 -23.46 -14.72
CA ALA B 293 -5.34 -24.33 -14.17
C ALA B 293 -4.95 -25.43 -15.16
N LYS B 294 -3.66 -25.73 -15.20
CA LYS B 294 -3.13 -26.79 -16.05
C LYS B 294 -2.73 -27.99 -15.18
N VAL B 295 -3.47 -29.08 -15.28
CA VAL B 295 -3.24 -30.27 -14.47
C VAL B 295 -2.72 -31.38 -15.37
N ALA B 296 -1.58 -31.94 -15.00
CA ALA B 296 -0.97 -32.99 -15.81
C ALA B 296 -1.75 -34.30 -15.68
N PRO B 297 -1.81 -35.11 -16.74
CA PRO B 297 -2.70 -36.29 -16.72
C PRO B 297 -2.28 -37.40 -15.77
N SER B 298 -1.06 -37.42 -15.28
CA SER B 298 -0.68 -38.39 -14.27
C SER B 298 -0.91 -37.89 -12.85
N ALA B 299 -1.36 -36.65 -12.69
CA ALA B 299 -1.60 -36.08 -11.37
C ALA B 299 -2.98 -36.50 -10.91
N VAL B 300 -3.04 -37.42 -9.95
CA VAL B 300 -4.32 -37.86 -9.42
C VAL B 300 -4.77 -36.92 -8.31
N LEU B 301 -5.96 -36.35 -8.48
CA LEU B 301 -6.50 -35.37 -7.55
C LEU B 301 -7.58 -36.05 -6.72
N GLY B 302 -7.26 -36.32 -5.46
CA GLY B 302 -8.09 -37.15 -4.62
C GLY B 302 -9.29 -36.40 -4.12
N PRO B 303 -10.00 -37.00 -3.17
CA PRO B 303 -11.28 -36.44 -2.72
C PRO B 303 -11.11 -35.08 -2.06
N ASN B 304 -12.07 -34.19 -2.33
CA ASN B 304 -12.24 -32.90 -1.67
C ASN B 304 -11.06 -31.97 -1.92
N VAL B 305 -10.70 -31.84 -3.19
CA VAL B 305 -9.64 -30.95 -3.64
C VAL B 305 -10.29 -29.82 -4.45
N SER B 306 -9.82 -28.60 -4.27
CA SER B 306 -10.22 -27.49 -5.12
C SER B 306 -8.99 -26.74 -5.61
N ILE B 307 -8.95 -26.47 -6.91
CA ILE B 307 -7.80 -25.89 -7.58
C ILE B 307 -8.16 -24.48 -8.01
N GLY B 308 -7.32 -23.52 -7.65
CA GLY B 308 -7.55 -22.15 -8.02
C GLY B 308 -7.18 -21.89 -9.45
N LYS B 309 -7.22 -20.62 -9.84
CA LYS B 309 -6.90 -20.26 -11.20
C LYS B 309 -5.40 -20.09 -11.35
N GLY B 310 -4.89 -20.40 -12.53
CA GLY B 310 -3.47 -20.22 -12.79
C GLY B 310 -2.57 -21.21 -12.08
N VAL B 311 -3.12 -22.34 -11.64
CA VAL B 311 -2.37 -23.31 -10.86
C VAL B 311 -1.79 -24.35 -11.80
N THR B 312 -0.47 -24.44 -11.84
CA THR B 312 0.21 -25.45 -12.64
C THR B 312 0.55 -26.63 -11.75
N VAL B 313 -0.17 -27.73 -11.94
CA VAL B 313 0.05 -28.96 -11.20
C VAL B 313 0.83 -29.91 -12.10
N GLY B 314 2.02 -30.31 -11.66
CA GLY B 314 2.90 -31.14 -12.48
C GLY B 314 2.47 -32.59 -12.52
N GLU B 315 3.32 -33.41 -13.13
CA GLU B 315 3.02 -34.82 -13.30
C GLU B 315 3.27 -35.59 -12.01
N GLY B 316 2.44 -36.62 -11.80
CA GLY B 316 2.55 -37.45 -10.62
C GLY B 316 2.20 -36.80 -9.32
N VAL B 317 1.64 -35.59 -9.34
CA VAL B 317 1.28 -34.88 -8.12
C VAL B 317 0.06 -35.53 -7.52
N ARG B 318 0.15 -35.93 -6.27
CA ARG B 318 -1.00 -36.41 -5.52
C ARG B 318 -1.54 -35.26 -4.68
N LEU B 319 -2.81 -34.93 -4.88
CA LEU B 319 -3.47 -33.85 -4.17
C LEU B 319 -4.70 -34.43 -3.50
N ARG B 320 -4.72 -34.46 -2.19
CA ARG B 320 -5.90 -34.96 -1.49
C ARG B 320 -6.29 -34.02 -0.37
N GLU B 321 -7.58 -33.68 -0.32
CA GLU B 321 -8.22 -32.93 0.77
C GLU B 321 -7.58 -31.56 0.97
N SER B 322 -7.30 -30.86 -0.12
CA SER B 322 -6.54 -29.64 -0.05
C SER B 322 -7.24 -28.51 -0.80
N ILE B 323 -6.80 -27.31 -0.50
CA ILE B 323 -7.10 -26.12 -1.28
C ILE B 323 -5.78 -25.64 -1.84
N VAL B 324 -5.67 -25.56 -3.16
CA VAL B 324 -4.54 -24.90 -3.80
C VAL B 324 -5.07 -23.59 -4.36
N LEU B 325 -4.53 -22.49 -3.87
CA LEU B 325 -5.05 -21.17 -4.19
C LEU B 325 -4.43 -20.67 -5.48
N HIS B 326 -4.84 -19.46 -5.88
CA HIS B 326 -4.55 -18.90 -7.18
C HIS B 326 -3.05 -18.71 -7.40
N GLY B 327 -2.57 -19.11 -8.56
CA GLY B 327 -1.19 -18.89 -8.92
C GLY B 327 -0.16 -19.79 -8.26
N ALA B 328 -0.56 -20.89 -7.63
CA ALA B 328 0.42 -21.75 -6.99
C ALA B 328 0.92 -22.80 -7.98
N THR B 329 2.05 -23.42 -7.63
CA THR B 329 2.71 -24.35 -8.53
C THR B 329 3.21 -25.55 -7.75
N LEU B 330 2.72 -26.72 -8.10
CA LEU B 330 3.18 -27.98 -7.50
C LEU B 330 4.01 -28.69 -8.53
N GLN B 331 5.33 -28.75 -8.31
CA GLN B 331 6.21 -29.45 -9.24
C GLN B 331 6.04 -30.95 -9.11
N GLU B 332 6.85 -31.70 -9.84
CA GLU B 332 6.59 -33.11 -10.10
C GLU B 332 6.66 -33.98 -8.86
N HIS B 333 5.81 -35.00 -8.81
CA HIS B 333 5.80 -36.08 -7.83
C HIS B 333 5.53 -35.63 -6.40
N THR B 334 4.90 -34.47 -6.20
CA THR B 334 4.60 -34.01 -4.85
C THR B 334 3.36 -34.68 -4.29
N CYS B 335 3.31 -34.80 -2.98
CA CYS B 335 2.14 -35.25 -2.25
C CYS B 335 1.70 -34.11 -1.34
N VAL B 336 0.48 -33.63 -1.54
CA VAL B 336 -0.10 -32.56 -0.73
C VAL B 336 -1.38 -33.11 -0.12
N LEU B 337 -1.39 -33.29 1.20
CA LEU B 337 -2.54 -33.86 1.91
C LEU B 337 -2.94 -32.93 3.05
N HIS B 338 -4.23 -32.62 3.13
CA HIS B 338 -4.86 -31.85 4.20
C HIS B 338 -4.16 -30.53 4.45
N SER B 339 -3.85 -29.84 3.36
CA SER B 339 -3.09 -28.61 3.40
C SER B 339 -3.86 -27.52 2.69
N ILE B 340 -3.40 -26.30 2.87
CA ILE B 340 -3.88 -25.16 2.10
C ILE B 340 -2.66 -24.49 1.51
N VAL B 341 -2.46 -24.66 0.22
CA VAL B 341 -1.32 -24.04 -0.46
C VAL B 341 -1.70 -22.62 -0.85
N GLY B 342 -0.97 -21.65 -0.33
CA GLY B 342 -1.30 -20.26 -0.50
C GLY B 342 -1.09 -19.75 -1.91
N TRP B 343 -1.36 -18.47 -2.10
CA TRP B 343 -1.29 -17.84 -3.41
C TRP B 343 0.16 -17.70 -3.85
N GLY B 344 0.51 -18.30 -4.97
CA GLY B 344 1.84 -18.16 -5.49
C GLY B 344 2.88 -19.02 -4.84
N SER B 345 2.47 -19.91 -3.94
CA SER B 345 3.41 -20.81 -3.30
C SER B 345 3.89 -21.86 -4.29
N THR B 346 5.17 -22.20 -4.20
CA THR B 346 5.78 -23.18 -5.08
C THR B 346 6.34 -24.30 -4.24
N VAL B 347 5.94 -25.53 -4.57
CA VAL B 347 6.32 -26.72 -3.85
C VAL B 347 7.15 -27.57 -4.79
N GLY B 348 8.47 -27.61 -4.57
CA GLY B 348 9.40 -28.27 -5.48
C GLY B 348 9.22 -29.78 -5.52
N ARG B 349 9.95 -30.44 -6.40
CA ARG B 349 9.72 -31.86 -6.67
C ARG B 349 10.04 -32.76 -5.50
N TRP B 350 9.21 -33.81 -5.36
CA TRP B 350 9.22 -34.79 -4.28
C TRP B 350 9.10 -34.15 -2.90
N ALA B 351 8.45 -33.01 -2.81
CA ALA B 351 8.17 -32.41 -1.52
C ALA B 351 6.81 -32.84 -1.04
N ARG B 352 6.70 -33.07 0.25
CA ARG B 352 5.47 -33.59 0.84
C ARG B 352 4.94 -32.59 1.85
N VAL B 353 3.78 -32.02 1.57
CA VAL B 353 3.11 -31.09 2.47
C VAL B 353 1.92 -31.83 3.06
N GLU B 354 2.06 -32.29 4.30
CA GLU B 354 1.06 -33.16 4.92
C GLU B 354 0.50 -32.52 6.18
N GLY B 355 -0.81 -32.62 6.34
CA GLY B 355 -1.45 -32.14 7.54
C GLY B 355 -2.29 -33.21 8.17
N THR B 356 -3.08 -32.84 9.16
CA THR B 356 -3.95 -33.80 9.83
C THR B 356 -5.37 -33.27 9.82
N PRO B 357 -6.32 -34.11 9.39
CA PRO B 357 -7.73 -33.71 9.32
C PRO B 357 -8.27 -33.33 10.69
N SER B 358 -8.83 -32.13 10.80
CA SER B 358 -9.40 -31.66 12.05
C SER B 358 -10.60 -30.79 11.75
N ASP B 359 -11.77 -31.41 11.61
CA ASP B 359 -12.99 -30.68 11.30
C ASP B 359 -13.76 -30.25 12.53
N PRO B 360 -14.47 -29.12 12.43
CA PRO B 360 -15.35 -28.60 13.48
C PRO B 360 -16.40 -29.69 13.67
N ASN B 361 -17.32 -29.82 12.72
CA ASN B 361 -18.25 -30.97 12.78
C ASN B 361 -19.01 -31.11 14.10
N PRO B 362 -20.08 -30.35 14.34
CA PRO B 362 -20.74 -30.40 15.65
C PRO B 362 -21.44 -31.71 15.98
N ASN B 363 -21.52 -32.66 15.05
CA ASN B 363 -22.04 -33.99 15.30
C ASN B 363 -20.94 -35.03 15.48
N ASP B 364 -19.68 -34.63 15.42
CA ASP B 364 -18.56 -35.52 15.67
C ASP B 364 -18.21 -35.47 17.15
N PRO B 365 -18.26 -36.59 17.87
CA PRO B 365 -17.97 -36.52 19.32
C PRO B 365 -16.50 -36.45 19.66
N ARG B 366 -15.61 -36.55 18.68
CA ARG B 366 -14.17 -36.47 18.91
C ARG B 366 -13.58 -35.16 18.43
N ALA B 367 -14.38 -34.27 17.87
CA ALA B 367 -13.90 -33.03 17.29
C ALA B 367 -13.47 -32.06 18.38
N ARG B 368 -12.43 -31.29 18.08
CA ARG B 368 -11.92 -30.32 19.03
C ARG B 368 -12.81 -29.07 19.08
N MET B 369 -12.59 -28.27 20.12
CA MET B 369 -13.40 -27.08 20.41
C MET B 369 -13.22 -25.95 19.40
N ASP B 370 -12.21 -26.03 18.53
CA ASP B 370 -11.73 -24.93 17.69
C ASP B 370 -11.46 -23.70 18.56
N SER B 371 -10.48 -23.85 19.43
CA SER B 371 -10.08 -22.76 20.30
C SER B 371 -9.08 -21.89 19.59
N GLU B 372 -8.76 -20.76 20.20
CA GLU B 372 -7.77 -19.88 19.61
C GLU B 372 -6.35 -20.29 19.95
N SER B 373 -6.18 -21.14 20.95
CA SER B 373 -4.87 -21.66 21.31
C SER B 373 -4.59 -22.92 20.49
N LEU B 374 -3.60 -22.83 19.62
CA LEU B 374 -3.16 -23.91 18.74
C LEU B 374 -2.23 -24.90 19.44
N PHE B 375 -1.85 -24.66 20.68
CA PHE B 375 -0.85 -25.45 21.39
C PHE B 375 -1.48 -26.03 22.62
N LYS B 376 -1.04 -27.22 23.01
CA LYS B 376 -1.57 -27.80 24.25
C LYS B 376 -0.66 -27.49 25.43
N ASP B 377 0.57 -28.00 25.41
CA ASP B 377 1.58 -27.52 26.33
C ASP B 377 2.91 -27.51 25.59
N GLY B 378 3.15 -26.44 24.84
CA GLY B 378 4.30 -26.36 23.97
C GLY B 378 4.20 -27.11 22.67
N LYS B 379 3.33 -28.11 22.57
CA LYS B 379 3.20 -28.91 21.38
C LYS B 379 2.07 -28.36 20.51
N LEU B 380 2.40 -28.03 19.27
CA LEU B 380 1.38 -27.63 18.30
C LEU B 380 0.47 -28.80 18.01
N LEU B 381 -0.83 -28.60 18.23
CA LEU B 381 -1.80 -29.66 18.03
C LEU B 381 -1.90 -29.98 16.54
N PRO B 382 -2.05 -31.27 16.18
CA PRO B 382 -1.99 -31.65 14.76
C PRO B 382 -3.22 -31.17 14.02
N ALA B 383 -3.01 -30.32 13.02
CA ALA B 383 -4.10 -29.73 12.30
C ALA B 383 -3.70 -29.64 10.84
N ILE B 384 -4.48 -28.85 10.09
CA ILE B 384 -4.20 -28.59 8.69
C ILE B 384 -2.90 -27.83 8.56
N THR B 385 -2.11 -28.17 7.54
CA THR B 385 -0.86 -27.48 7.24
C THR B 385 -1.15 -26.28 6.35
N ILE B 386 -0.98 -25.08 6.89
CA ILE B 386 -1.25 -23.86 6.13
C ILE B 386 0.05 -23.32 5.60
N LEU B 387 0.12 -23.08 4.30
CA LEU B 387 1.18 -22.29 3.70
C LEU B 387 0.62 -20.93 3.33
N GLY B 388 1.33 -19.87 3.71
CA GLY B 388 0.94 -18.54 3.33
C GLY B 388 1.24 -18.26 1.88
N CYS B 389 1.01 -17.03 1.47
CA CYS B 389 1.28 -16.68 0.09
C CYS B 389 2.77 -16.53 -0.13
N ARG B 390 3.22 -16.88 -1.34
CA ARG B 390 4.60 -16.77 -1.81
C ARG B 390 5.59 -17.62 -1.02
N VAL B 391 5.17 -18.75 -0.50
CA VAL B 391 6.07 -19.63 0.25
C VAL B 391 6.72 -20.62 -0.71
N ARG B 392 8.03 -20.64 -0.73
CA ARG B 392 8.77 -21.56 -1.58
C ARG B 392 9.17 -22.77 -0.76
N ILE B 393 8.53 -23.90 -0.98
CA ILE B 393 8.90 -25.16 -0.35
C ILE B 393 9.93 -25.83 -1.24
N PRO B 394 11.15 -26.06 -0.76
CA PRO B 394 12.19 -26.64 -1.62
C PRO B 394 11.95 -28.08 -2.04
N ALA B 395 12.84 -28.61 -2.85
CA ALA B 395 12.69 -29.99 -3.32
C ALA B 395 13.00 -30.97 -2.20
N GLU B 396 12.28 -32.10 -2.23
CA GLU B 396 12.55 -33.29 -1.43
C GLU B 396 12.43 -33.04 0.06
N VAL B 397 11.45 -32.24 0.46
CA VAL B 397 11.36 -31.75 1.81
C VAL B 397 9.96 -31.97 2.34
N LEU B 398 9.84 -32.20 3.64
CA LEU B 398 8.56 -32.47 4.26
C LEU B 398 8.14 -31.33 5.17
N ILE B 399 6.93 -30.83 4.95
CA ILE B 399 6.27 -29.91 5.85
C ILE B 399 5.12 -30.68 6.49
N LEU B 400 5.24 -31.01 7.76
CA LEU B 400 4.27 -31.86 8.44
C LEU B 400 3.63 -31.11 9.59
N ASN B 401 2.31 -30.91 9.50
CA ASN B 401 1.48 -30.31 10.55
C ASN B 401 1.97 -28.92 10.95
N SER B 402 2.39 -28.14 9.98
CA SER B 402 3.06 -26.90 10.24
C SER B 402 2.23 -25.74 9.74
N ILE B 403 2.48 -24.54 10.24
CA ILE B 403 1.94 -23.33 9.65
C ILE B 403 3.11 -22.48 9.22
N VAL B 404 3.17 -22.18 7.94
CA VAL B 404 4.20 -21.30 7.39
C VAL B 404 3.57 -19.94 7.13
N LEU B 405 4.21 -18.90 7.63
CA LEU B 405 3.78 -17.54 7.42
C LEU B 405 4.22 -17.10 6.01
N PRO B 406 3.59 -16.07 5.45
CA PRO B 406 3.88 -15.71 4.04
C PRO B 406 5.31 -15.29 3.75
N HIS B 407 5.67 -15.44 2.47
CA HIS B 407 6.91 -14.94 1.87
C HIS B 407 8.15 -15.56 2.49
N LYS B 408 8.06 -16.84 2.84
CA LYS B 408 9.15 -17.55 3.51
C LYS B 408 9.70 -18.59 2.57
N GLU B 409 10.95 -18.44 2.17
CA GLU B 409 11.63 -19.44 1.37
C GLU B 409 12.33 -20.40 2.32
N LEU B 410 11.95 -21.65 2.28
CA LEU B 410 12.44 -22.63 3.24
C LEU B 410 13.56 -23.44 2.60
N SER B 411 14.32 -24.13 3.45
CA SER B 411 15.43 -24.94 2.98
C SER B 411 15.53 -26.27 3.72
N ARG B 412 14.51 -26.62 4.50
CA ARG B 412 14.64 -27.58 5.58
C ARG B 412 13.30 -28.23 5.81
N SER B 413 13.32 -29.40 6.43
CA SER B 413 12.10 -30.10 6.77
C SER B 413 11.59 -29.59 8.11
N PHE B 414 10.28 -29.39 8.19
CA PHE B 414 9.66 -28.82 9.38
C PHE B 414 8.51 -29.70 9.80
N THR B 415 8.38 -29.89 11.10
CA THR B 415 7.39 -30.81 11.62
C THR B 415 6.84 -30.25 12.92
N ASN B 416 5.53 -30.01 12.95
CA ASN B 416 4.78 -29.53 14.12
C ASN B 416 5.31 -28.18 14.61
N GLN B 417 5.46 -27.24 13.69
CA GLN B 417 6.07 -25.96 14.00
C GLN B 417 5.31 -24.87 13.31
N ILE B 418 5.25 -23.70 13.93
CA ILE B 418 4.83 -22.49 13.25
C ILE B 418 6.10 -21.79 12.77
N ILE B 419 6.26 -21.68 11.47
CA ILE B 419 7.46 -21.10 10.87
C ILE B 419 7.16 -19.63 10.63
N LEU B 420 7.65 -18.77 11.50
CA LEU B 420 7.39 -17.35 11.42
C LEU B 420 8.35 -16.69 10.45
N MET C 1 -17.61 -86.66 10.81
CA MET C 1 -17.63 -85.54 9.86
C MET C 1 -16.19 -85.07 9.63
N LYS C 2 -16.03 -83.82 9.22
CA LYS C 2 -14.73 -83.26 8.88
C LYS C 2 -14.60 -81.86 9.49
N ALA C 3 -13.36 -81.39 9.55
CA ALA C 3 -13.10 -80.09 10.15
C ALA C 3 -11.87 -79.44 9.55
N LEU C 4 -11.99 -78.17 9.18
CA LEU C 4 -10.88 -77.39 8.65
C LEU C 4 -10.47 -76.33 9.66
N ILE C 5 -9.18 -76.25 9.95
CA ILE C 5 -8.62 -75.27 10.87
C ILE C 5 -7.57 -74.45 10.12
N LEU C 6 -7.66 -73.13 10.22
CA LEU C 6 -6.79 -72.22 9.48
C LEU C 6 -5.60 -71.85 10.35
N VAL C 7 -4.46 -72.50 10.12
CA VAL C 7 -3.36 -72.50 11.09
C VAL C 7 -2.04 -71.99 10.51
N GLY C 8 -2.10 -71.11 9.51
CA GLY C 8 -0.87 -70.57 8.96
C GLY C 8 -0.79 -69.06 8.74
N GLY C 9 -1.32 -68.26 9.66
CA GLY C 9 -1.55 -66.86 9.34
C GLY C 9 -0.53 -65.81 9.77
N TYR C 10 0.66 -66.23 10.20
CA TYR C 10 1.85 -65.51 10.67
C TYR C 10 1.76 -64.98 12.09
N GLY C 11 0.58 -64.90 12.70
CA GLY C 11 0.39 -64.32 14.03
C GLY C 11 1.08 -63.01 14.35
N THR C 12 0.73 -61.91 13.66
CA THR C 12 1.50 -60.68 13.84
C THR C 12 1.10 -59.92 15.10
N ARG C 13 -0.17 -59.97 15.50
CA ARG C 13 -0.48 -59.74 16.90
C ARG C 13 -0.12 -61.00 17.67
N LEU C 14 0.08 -60.85 18.98
CA LEU C 14 0.83 -61.81 19.82
C LEU C 14 2.22 -62.03 19.25
N ARG C 15 2.93 -60.94 19.01
CA ARG C 15 4.18 -61.08 18.25
C ARG C 15 5.42 -61.63 18.98
N PRO C 16 5.79 -61.25 20.22
CA PRO C 16 7.03 -61.82 20.79
C PRO C 16 6.93 -63.30 21.06
N LEU C 17 5.73 -63.85 21.21
CA LEU C 17 5.59 -65.28 21.31
C LEU C 17 5.62 -65.94 19.94
N THR C 18 4.85 -65.40 18.99
CA THR C 18 4.75 -66.02 17.67
C THR C 18 5.96 -65.76 16.78
N LEU C 19 6.95 -65.00 17.25
CA LEU C 19 8.20 -64.87 16.52
C LEU C 19 9.07 -66.13 16.63
N SER C 20 8.76 -67.04 17.55
CA SER C 20 9.55 -68.26 17.72
C SER C 20 8.75 -69.50 17.37
N THR C 21 7.64 -69.74 18.04
CA THR C 21 6.67 -70.81 18.00
C THR C 21 5.42 -70.32 17.29
N PRO C 22 4.83 -71.10 16.37
CA PRO C 22 3.64 -70.61 15.65
C PRO C 22 2.45 -70.36 16.57
N LYS C 23 1.48 -69.61 16.04
CA LYS C 23 0.36 -69.14 16.85
C LYS C 23 -0.50 -70.21 17.51
N PRO C 24 -0.88 -71.33 16.87
CA PRO C 24 -1.66 -72.32 17.61
C PRO C 24 -0.80 -73.26 18.44
N LEU C 25 0.50 -73.35 18.19
CA LEU C 25 1.39 -74.13 19.03
C LEU C 25 1.85 -73.39 20.26
N VAL C 26 1.46 -72.12 20.42
CA VAL C 26 1.78 -71.40 21.64
C VAL C 26 1.01 -72.04 22.79
N ASP C 27 1.73 -72.37 23.85
CA ASP C 27 1.17 -73.07 25.00
C ASP C 27 0.13 -72.19 25.69
N PHE C 28 -1.08 -72.69 25.81
CA PHE C 28 -2.20 -71.98 26.41
C PHE C 28 -2.74 -72.87 27.51
N CYS C 29 -2.36 -72.54 28.76
CA CYS C 29 -2.69 -73.33 29.96
C CYS C 29 -2.18 -74.77 29.84
N ASN C 30 -0.85 -74.90 29.73
CA ASN C 30 -0.12 -76.17 29.70
C ASN C 30 -0.53 -77.06 28.54
N LYS C 31 -0.93 -76.44 27.42
CA LYS C 31 -1.37 -77.15 26.23
C LYS C 31 -1.36 -76.16 25.09
N PRO C 32 -1.01 -76.56 23.88
CA PRO C 32 -1.26 -75.69 22.73
C PRO C 32 -2.75 -75.54 22.50
N ILE C 33 -3.14 -74.37 21.96
CA ILE C 33 -4.56 -74.07 21.80
C ILE C 33 -5.17 -74.92 20.68
N LEU C 34 -4.37 -75.28 19.69
CA LEU C 34 -4.80 -76.20 18.66
C LEU C 34 -5.10 -77.57 19.25
N LEU C 35 -4.38 -77.99 20.29
CA LEU C 35 -4.65 -79.27 20.91
C LEU C 35 -5.97 -79.27 21.65
N HIS C 36 -6.33 -78.12 22.25
CA HIS C 36 -7.67 -77.93 22.81
C HIS C 36 -8.74 -78.12 21.74
N GLN C 37 -8.56 -77.45 20.59
CA GLN C 37 -9.57 -77.55 19.54
C GLN C 37 -9.67 -78.95 18.95
N VAL C 38 -8.53 -79.58 18.65
CA VAL C 38 -8.59 -80.90 18.04
C VAL C 38 -8.95 -81.98 19.05
N GLU C 39 -8.76 -81.74 20.35
CA GLU C 39 -9.27 -82.69 21.33
C GLU C 39 -10.78 -82.55 21.48
N ALA C 40 -11.30 -81.31 21.40
CA ALA C 40 -12.73 -81.09 21.51
C ALA C 40 -13.46 -81.70 20.32
N LEU C 41 -12.97 -81.51 19.11
CA LEU C 41 -13.58 -82.20 17.99
C LEU C 41 -12.94 -83.55 17.66
N ALA C 42 -12.08 -84.06 18.53
CA ALA C 42 -11.81 -85.48 18.53
C ALA C 42 -12.87 -86.21 19.34
N ALA C 43 -13.21 -85.67 20.52
CA ALA C 43 -14.28 -86.21 21.33
C ALA C 43 -15.67 -85.85 20.82
N ALA C 44 -15.77 -84.96 19.83
CA ALA C 44 -17.10 -84.54 19.38
C ALA C 44 -17.70 -85.48 18.34
N GLY C 45 -16.92 -85.83 17.33
CA GLY C 45 -17.47 -86.70 16.31
C GLY C 45 -17.03 -86.46 14.89
N VAL C 46 -16.20 -85.44 14.64
CA VAL C 46 -15.48 -85.41 13.37
C VAL C 46 -14.25 -86.30 13.52
N ASP C 47 -14.09 -87.24 12.60
CA ASP C 47 -13.08 -88.28 12.74
C ASP C 47 -11.86 -88.03 11.87
N HIS C 48 -11.88 -86.96 11.08
CA HIS C 48 -10.78 -86.66 10.18
C HIS C 48 -10.73 -85.15 10.02
N VAL C 49 -9.61 -84.56 10.44
CA VAL C 49 -9.48 -83.10 10.55
C VAL C 49 -8.33 -82.65 9.66
N ILE C 50 -8.60 -81.64 8.83
CA ILE C 50 -7.61 -81.01 7.99
C ILE C 50 -7.21 -79.70 8.65
N LEU C 51 -5.92 -79.40 8.69
CA LEU C 51 -5.46 -78.09 9.11
C LEU C 51 -4.49 -77.57 8.06
N ALA C 52 -4.72 -76.34 7.62
CA ALA C 52 -4.07 -75.77 6.45
C ALA C 52 -3.00 -74.79 6.87
N VAL C 53 -1.76 -75.07 6.48
CA VAL C 53 -0.58 -74.45 7.09
C VAL C 53 0.21 -73.70 6.02
N SER C 54 0.54 -72.44 6.31
CA SER C 54 1.34 -71.60 5.44
C SER C 54 2.55 -70.97 6.09
N TYR C 55 2.81 -71.25 7.38
CA TYR C 55 3.79 -70.49 8.16
C TYR C 55 4.36 -71.40 9.23
N MET C 56 5.68 -71.65 9.16
CA MET C 56 6.40 -72.60 9.99
C MET C 56 5.74 -73.98 9.94
N SER C 57 5.82 -74.58 8.75
CA SER C 57 5.15 -75.85 8.51
C SER C 57 5.85 -77.03 9.18
N GLN C 58 7.14 -76.93 9.46
CA GLN C 58 7.91 -78.11 9.81
C GLN C 58 7.68 -78.56 11.24
N VAL C 59 7.59 -77.62 12.18
CA VAL C 59 7.35 -78.02 13.56
C VAL C 59 5.87 -78.33 13.79
N LEU C 60 4.97 -77.66 13.06
CA LEU C 60 3.57 -78.09 13.04
C LEU C 60 3.45 -79.52 12.52
N GLU C 61 4.28 -79.87 11.53
CA GLU C 61 4.33 -81.24 11.03
C GLU C 61 4.87 -82.21 12.07
N LYS C 62 5.91 -81.78 12.80
CA LYS C 62 6.47 -82.55 13.93
C LYS C 62 5.40 -82.95 14.94
N GLU C 63 4.77 -81.96 15.57
CA GLU C 63 3.78 -82.29 16.59
C GLU C 63 2.47 -82.83 16.02
N MET C 64 2.18 -82.60 14.73
CA MET C 64 0.98 -83.22 14.16
C MET C 64 1.19 -84.70 13.88
N LYS C 65 2.39 -85.07 13.41
CA LYS C 65 2.72 -86.47 13.24
C LYS C 65 2.80 -87.18 14.58
N ALA C 66 3.31 -86.48 15.60
CA ALA C 66 3.30 -87.04 16.95
C ALA C 66 1.92 -87.03 17.58
N GLN C 67 0.96 -86.29 17.02
CA GLN C 67 -0.32 -86.05 17.64
C GLN C 67 -1.47 -86.87 17.08
N GLU C 68 -1.45 -87.19 15.78
CA GLU C 68 -2.59 -87.95 15.25
C GLU C 68 -2.55 -89.42 15.67
N GLN C 69 -1.37 -89.96 16.02
CA GLN C 69 -1.35 -91.26 16.69
C GLN C 69 -1.90 -91.13 18.09
N ARG C 70 -1.68 -89.97 18.72
CA ARG C 70 -2.06 -89.75 20.11
C ARG C 70 -3.55 -89.49 20.27
N LEU C 71 -4.23 -89.04 19.22
CA LEU C 71 -5.66 -88.84 19.34
C LEU C 71 -6.47 -90.06 18.92
N GLY C 72 -6.10 -90.68 17.81
CA GLY C 72 -6.88 -91.75 17.21
C GLY C 72 -7.59 -91.36 15.93
N ILE C 73 -7.75 -90.07 15.70
CA ILE C 73 -8.37 -89.59 14.48
C ILE C 73 -7.29 -89.16 13.50
N ARG C 74 -7.69 -88.95 12.25
CA ARG C 74 -6.74 -88.53 11.21
C ARG C 74 -6.47 -87.03 11.18
N ILE C 75 -5.20 -86.67 11.07
CA ILE C 75 -4.78 -85.27 10.99
C ILE C 75 -4.21 -85.01 9.60
N SER C 76 -5.08 -84.64 8.66
CA SER C 76 -4.62 -84.42 7.31
C SER C 76 -4.13 -82.99 7.19
N MET C 77 -3.25 -82.74 6.23
CA MET C 77 -2.62 -81.43 6.17
C MET C 77 -2.73 -80.84 4.77
N SER C 78 -3.28 -79.63 4.70
CA SER C 78 -3.35 -78.86 3.46
C SER C 78 -2.14 -77.94 3.42
N HIS C 79 -1.08 -78.37 2.74
CA HIS C 79 0.13 -77.58 2.62
C HIS C 79 0.07 -76.67 1.41
N GLU C 80 0.72 -75.52 1.51
CA GLU C 80 0.76 -74.55 0.43
C GLU C 80 2.17 -74.00 0.28
N GLU C 81 2.40 -73.36 -0.86
CA GLU C 81 3.66 -72.71 -1.20
C GLU C 81 3.60 -71.19 -1.12
N GLU C 82 2.41 -70.63 -0.90
CA GLU C 82 2.15 -69.21 -0.84
C GLU C 82 0.98 -69.06 0.13
N PRO C 83 0.99 -68.07 1.01
CA PRO C 83 -0.17 -67.84 1.88
C PRO C 83 -1.41 -67.48 1.06
N LEU C 84 -2.46 -68.28 1.26
CA LEU C 84 -3.71 -68.18 0.51
C LEU C 84 -4.81 -67.49 1.31
N GLY C 85 -4.45 -66.66 2.28
CA GLY C 85 -5.46 -65.91 3.00
C GLY C 85 -6.32 -66.76 3.92
N THR C 86 -7.48 -66.21 4.27
CA THR C 86 -8.39 -66.87 5.20
C THR C 86 -9.28 -67.90 4.52
N ALA C 87 -9.48 -67.79 3.20
CA ALA C 87 -10.41 -68.63 2.48
C ALA C 87 -9.74 -69.67 1.59
N GLY C 88 -8.51 -69.44 1.16
CA GLY C 88 -7.77 -70.34 0.30
C GLY C 88 -7.52 -71.74 0.81
N PRO C 89 -7.42 -71.94 2.12
CA PRO C 89 -7.58 -73.30 2.68
C PRO C 89 -8.78 -74.08 2.18
N LEU C 90 -9.94 -73.45 2.01
CA LEU C 90 -11.08 -74.15 1.43
C LEU C 90 -10.89 -74.49 -0.05
N ALA C 91 -10.12 -73.67 -0.77
CA ALA C 91 -10.01 -73.86 -2.21
C ALA C 91 -8.87 -74.81 -2.57
N LEU C 92 -7.80 -74.83 -1.80
CA LEU C 92 -6.71 -75.76 -2.09
C LEU C 92 -7.07 -77.19 -1.72
N ALA C 93 -7.76 -77.37 -0.59
CA ALA C 93 -8.32 -78.67 -0.24
C ALA C 93 -9.75 -78.83 -0.70
N ARG C 94 -10.15 -78.10 -1.76
CA ARG C 94 -11.48 -78.28 -2.35
C ARG C 94 -11.65 -79.70 -2.87
N ASP C 95 -10.58 -80.31 -3.39
CA ASP C 95 -10.65 -81.68 -3.85
C ASP C 95 -10.87 -82.69 -2.73
N LEU C 96 -10.56 -82.35 -1.48
CA LEU C 96 -10.72 -83.32 -0.40
C LEU C 96 -12.01 -83.14 0.36
N LEU C 97 -12.50 -81.92 0.51
CA LEU C 97 -13.75 -81.68 1.22
C LEU C 97 -14.99 -81.83 0.35
N SER C 98 -14.85 -81.79 -0.98
CA SER C 98 -16.00 -81.96 -1.87
C SER C 98 -16.34 -83.41 -2.14
N GLU C 99 -15.52 -84.36 -1.68
CA GLU C 99 -15.76 -85.77 -1.99
C GLU C 99 -17.04 -86.27 -1.34
N THR C 100 -17.30 -85.83 -0.12
CA THR C 100 -18.61 -85.98 0.49
C THR C 100 -19.44 -84.72 0.23
N ALA C 101 -20.74 -84.91 0.04
CA ALA C 101 -21.65 -83.79 -0.14
C ALA C 101 -22.30 -83.40 1.18
N ASP C 102 -21.45 -83.22 2.18
CA ASP C 102 -21.90 -82.87 3.52
C ASP C 102 -21.20 -81.60 3.97
N PRO C 103 -21.85 -80.78 4.80
CA PRO C 103 -21.18 -79.62 5.39
C PRO C 103 -20.04 -80.02 6.32
N PHE C 104 -19.24 -79.01 6.67
CA PHE C 104 -18.01 -79.21 7.42
C PHE C 104 -17.78 -78.04 8.36
N PHE C 105 -16.92 -78.28 9.35
CA PHE C 105 -16.50 -77.26 10.29
C PHE C 105 -15.32 -76.48 9.75
N VAL C 106 -15.43 -75.16 9.80
CA VAL C 106 -14.32 -74.25 9.54
C VAL C 106 -13.99 -73.58 10.87
N LEU C 107 -12.86 -73.97 11.45
CA LEU C 107 -12.43 -73.48 12.75
C LEU C 107 -11.24 -72.54 12.60
N ASN C 108 -11.10 -71.67 13.60
CA ASN C 108 -10.01 -70.70 13.67
C ASN C 108 -9.21 -71.01 14.93
N SER C 109 -7.89 -71.03 14.82
CA SER C 109 -7.08 -71.52 15.92
C SER C 109 -6.84 -70.50 17.02
N ASP C 110 -7.10 -69.22 16.78
CA ASP C 110 -6.94 -68.24 17.85
C ASP C 110 -8.09 -68.26 18.86
N VAL C 111 -9.19 -68.91 18.52
CA VAL C 111 -10.35 -68.93 19.41
C VAL C 111 -10.09 -69.91 20.56
N ILE C 112 -10.46 -69.49 21.77
CA ILE C 112 -10.71 -70.39 22.89
C ILE C 112 -12.16 -70.24 23.32
N CYS C 113 -12.79 -71.36 23.64
CA CYS C 113 -14.22 -71.47 23.81
C CYS C 113 -14.53 -72.80 24.49
N ASP C 114 -15.82 -73.04 24.63
CA ASP C 114 -16.38 -74.30 25.07
C ASP C 114 -17.05 -74.61 23.73
N PHE C 115 -16.68 -75.70 23.08
CA PHE C 115 -17.21 -75.95 21.74
C PHE C 115 -18.49 -76.78 21.61
N PRO C 116 -19.50 -76.19 20.93
CA PRO C 116 -20.80 -76.80 20.65
C PRO C 116 -20.86 -77.57 19.32
N PHE C 117 -20.11 -78.66 19.18
CA PHE C 117 -20.19 -79.43 17.95
C PHE C 117 -21.62 -79.96 17.89
N GLN C 118 -22.06 -80.44 19.03
CA GLN C 118 -23.43 -80.94 19.24
C GLN C 118 -24.51 -80.04 18.67
N ALA C 119 -24.63 -78.87 19.30
CA ALA C 119 -25.64 -77.91 18.91
C ALA C 119 -25.32 -77.28 17.56
N MET C 120 -24.05 -77.30 17.15
CA MET C 120 -23.68 -76.80 15.83
C MET C 120 -24.29 -77.64 14.72
N VAL C 121 -24.09 -78.96 14.77
CA VAL C 121 -24.60 -79.75 13.66
C VAL C 121 -26.12 -79.96 13.78
N GLN C 122 -26.68 -79.94 14.99
CA GLN C 122 -28.15 -80.02 15.07
C GLN C 122 -28.82 -78.72 14.62
N PHE C 123 -28.25 -77.57 14.98
CA PHE C 123 -28.72 -76.29 14.50
C PHE C 123 -28.56 -76.16 12.99
N HIS C 124 -27.47 -76.72 12.45
CA HIS C 124 -27.23 -76.63 11.02
C HIS C 124 -28.17 -77.54 10.24
N ARG C 125 -28.52 -78.70 10.82
CA ARG C 125 -29.55 -79.52 10.19
C ARG C 125 -30.95 -78.93 10.39
N HIS C 126 -31.12 -78.04 11.36
CA HIS C 126 -32.39 -77.33 11.51
C HIS C 126 -32.57 -76.27 10.43
N HIS C 127 -31.60 -75.35 10.30
CA HIS C 127 -31.90 -74.10 9.59
C HIS C 127 -32.07 -74.26 8.08
N GLY C 128 -31.51 -75.29 7.48
CA GLY C 128 -31.85 -75.67 6.12
C GLY C 128 -31.18 -74.88 5.02
N GLN C 129 -30.54 -73.75 5.32
CA GLN C 129 -29.80 -72.98 4.34
C GLN C 129 -28.34 -73.44 4.35
N GLU C 130 -27.44 -72.63 3.79
CA GLU C 130 -26.05 -73.05 3.58
C GLU C 130 -25.14 -72.80 4.79
N GLY C 131 -25.05 -71.55 5.25
CA GLY C 131 -24.00 -71.14 6.18
C GLY C 131 -24.49 -70.99 7.61
N SER C 132 -23.66 -71.41 8.56
CA SER C 132 -24.01 -71.29 9.97
C SER C 132 -22.82 -70.80 10.78
N ILE C 133 -23.05 -69.76 11.58
CA ILE C 133 -22.01 -69.04 12.30
C ILE C 133 -22.26 -69.18 13.79
N LEU C 134 -21.20 -69.25 14.58
CA LEU C 134 -21.27 -68.93 15.99
C LEU C 134 -21.07 -67.45 16.20
N VAL C 135 -21.84 -66.89 17.14
CA VAL C 135 -21.79 -65.47 17.42
C VAL C 135 -21.89 -65.31 18.94
N THR C 136 -21.09 -64.39 19.50
CA THR C 136 -20.99 -64.18 20.93
C THR C 136 -21.39 -62.75 21.26
N LYS C 137 -22.17 -62.58 22.33
CA LYS C 137 -22.54 -61.26 22.82
C LYS C 137 -21.36 -60.60 23.53
N VAL C 138 -21.13 -59.33 23.21
CA VAL C 138 -19.96 -58.59 23.67
C VAL C 138 -20.38 -57.18 24.08
N GLU C 139 -19.44 -56.49 24.72
CA GLU C 139 -19.60 -55.07 25.03
C GLU C 139 -18.62 -54.23 24.20
N GLU C 140 -17.33 -54.45 24.40
CA GLU C 140 -16.32 -53.68 23.68
C GLU C 140 -15.72 -54.47 22.52
N PRO C 141 -15.66 -55.80 22.63
CA PRO C 141 -15.10 -56.62 21.54
C PRO C 141 -15.87 -56.43 20.24
N SER C 142 -15.47 -55.45 19.45
CA SER C 142 -16.14 -55.15 18.20
C SER C 142 -15.24 -55.45 17.03
N LYS C 143 -13.94 -55.35 17.24
CA LYS C 143 -13.03 -55.62 16.12
C LYS C 143 -13.57 -56.68 15.17
N TYR C 144 -14.56 -57.45 15.60
CA TYR C 144 -15.09 -58.54 14.80
C TYR C 144 -16.25 -58.08 13.93
N GLY C 145 -16.95 -59.04 13.34
CA GLY C 145 -18.02 -58.74 12.42
C GLY C 145 -19.34 -58.44 13.11
N VAL C 146 -19.87 -57.25 12.87
CA VAL C 146 -21.20 -56.89 13.38
C VAL C 146 -22.25 -57.66 12.59
N VAL C 147 -23.15 -58.32 13.31
CA VAL C 147 -24.25 -59.08 12.72
C VAL C 147 -25.56 -58.49 13.21
N VAL C 148 -26.48 -58.21 12.28
CA VAL C 148 -27.83 -57.84 12.65
C VAL C 148 -28.71 -59.06 12.42
N CYS C 149 -29.27 -59.57 13.51
CA CYS C 149 -30.11 -60.77 13.46
C CYS C 149 -31.33 -60.57 14.34
N GLU C 150 -32.37 -61.37 14.12
CA GLU C 150 -33.58 -61.19 14.91
C GLU C 150 -33.65 -62.11 16.13
N ALA C 151 -34.60 -63.02 16.11
CA ALA C 151 -34.82 -63.95 17.21
C ALA C 151 -34.23 -65.32 16.93
N ASP C 152 -35.02 -66.35 17.23
CA ASP C 152 -34.67 -67.76 17.04
C ASP C 152 -34.48 -68.16 15.58
N THR C 153 -35.14 -67.45 14.67
CA THR C 153 -35.04 -67.70 13.25
C THR C 153 -33.56 -67.53 12.96
N GLY C 154 -32.94 -66.56 13.62
CA GLY C 154 -31.51 -66.38 13.46
C GLY C 154 -31.03 -66.19 12.04
N ARG C 155 -31.92 -65.95 11.09
CA ARG C 155 -31.49 -65.70 9.73
C ARG C 155 -30.85 -64.32 9.64
N ILE C 156 -29.56 -64.30 9.31
CA ILE C 156 -28.79 -63.06 9.25
C ILE C 156 -29.24 -62.28 8.02
N HIS C 157 -29.68 -61.04 8.23
CA HIS C 157 -30.12 -60.17 7.14
C HIS C 157 -29.20 -58.98 6.90
N ARG C 158 -28.33 -58.65 7.85
CA ARG C 158 -27.34 -57.60 7.65
C ARG C 158 -26.05 -58.05 8.31
N PHE C 159 -24.94 -57.53 7.81
CA PHE C 159 -23.66 -58.04 8.29
C PHE C 159 -22.59 -57.11 8.84
N VAL C 160 -21.36 -57.42 8.47
CA VAL C 160 -20.16 -56.77 8.96
C VAL C 160 -19.77 -55.33 8.65
N GLU C 161 -19.57 -54.63 9.76
CA GLU C 161 -19.00 -53.30 9.85
C GLU C 161 -18.14 -53.31 11.09
N LYS C 162 -16.88 -52.94 10.97
CA LYS C 162 -16.04 -53.09 12.16
C LYS C 162 -16.29 -51.99 13.20
N PRO C 163 -16.20 -50.68 12.93
CA PRO C 163 -16.37 -49.73 14.03
C PRO C 163 -17.79 -49.17 14.17
N GLN C 164 -18.06 -48.65 15.37
CA GLN C 164 -19.25 -47.87 15.73
C GLN C 164 -20.54 -48.67 15.50
N VAL C 165 -20.73 -49.57 16.45
CA VAL C 165 -21.44 -50.83 16.41
C VAL C 165 -22.86 -50.73 16.98
N PHE C 166 -23.50 -49.57 16.79
CA PHE C 166 -24.79 -49.21 17.41
C PHE C 166 -25.95 -50.19 17.15
N VAL C 167 -25.82 -51.18 16.28
CA VAL C 167 -26.96 -51.97 15.84
C VAL C 167 -27.02 -53.35 16.51
N SER C 168 -25.88 -53.90 16.95
CA SER C 168 -25.78 -55.34 17.19
C SER C 168 -25.43 -55.73 18.62
N ASN C 169 -24.30 -55.24 19.15
CA ASN C 169 -23.57 -55.72 20.32
C ASN C 169 -23.46 -57.24 20.47
N LYS C 170 -23.35 -57.94 19.33
CA LYS C 170 -22.89 -59.31 19.31
C LYS C 170 -22.13 -59.49 18.00
N ILE C 171 -21.04 -60.27 18.04
CA ILE C 171 -20.13 -60.36 16.92
C ILE C 171 -19.77 -61.82 16.66
N ASN C 172 -18.97 -62.02 15.61
CA ASN C 172 -18.56 -63.34 15.13
C ASN C 172 -17.74 -64.09 16.17
N ALA C 173 -17.79 -65.42 16.11
CA ALA C 173 -17.03 -66.25 17.04
C ALA C 173 -16.06 -67.20 16.34
N GLY C 174 -15.82 -67.01 15.04
CA GLY C 174 -14.72 -67.68 14.36
C GLY C 174 -14.86 -69.18 14.22
N MET C 175 -16.10 -69.69 14.14
CA MET C 175 -16.31 -71.13 14.03
C MET C 175 -17.60 -71.35 13.26
N TYR C 176 -17.50 -71.88 12.05
CA TYR C 176 -18.62 -71.96 11.13
C TYR C 176 -18.84 -73.39 10.65
N ILE C 177 -20.03 -73.64 10.13
CA ILE C 177 -20.33 -74.85 9.34
C ILE C 177 -20.82 -74.42 7.96
N LEU C 178 -20.19 -74.99 6.94
CA LEU C 178 -20.43 -74.65 5.55
C LEU C 178 -20.61 -75.90 4.70
N SER C 179 -21.59 -75.86 3.79
CA SER C 179 -21.94 -76.92 2.85
C SER C 179 -21.03 -76.86 1.62
N PRO C 180 -20.91 -77.95 0.84
CA PRO C 180 -19.91 -77.95 -0.27
C PRO C 180 -20.18 -76.99 -1.43
N ALA C 181 -21.39 -76.41 -1.51
CA ALA C 181 -21.71 -75.54 -2.63
C ALA C 181 -20.93 -74.22 -2.57
N VAL C 182 -20.75 -73.67 -1.37
CA VAL C 182 -19.87 -72.50 -1.25
C VAL C 182 -18.42 -72.94 -1.37
N LEU C 183 -18.11 -74.18 -0.95
CA LEU C 183 -16.76 -74.72 -1.00
C LEU C 183 -16.22 -74.82 -2.43
N GLN C 184 -17.10 -74.97 -3.42
CA GLN C 184 -16.70 -74.67 -4.79
C GLN C 184 -17.56 -73.57 -5.41
N ARG C 185 -17.83 -72.51 -4.65
CA ARG C 185 -18.32 -71.27 -5.25
C ARG C 185 -17.24 -70.21 -5.40
N ILE C 186 -16.11 -70.39 -4.73
CA ILE C 186 -15.12 -69.33 -4.54
C ILE C 186 -13.77 -69.76 -5.09
N GLN C 187 -12.99 -68.76 -5.53
CA GLN C 187 -11.75 -68.97 -6.24
C GLN C 187 -10.64 -69.42 -5.31
N LEU C 188 -9.50 -69.78 -5.89
CA LEU C 188 -8.27 -69.98 -5.13
C LEU C 188 -7.45 -68.71 -5.03
N GLN C 189 -8.04 -67.57 -5.41
CA GLN C 189 -7.41 -66.28 -5.21
C GLN C 189 -7.21 -66.02 -3.73
N PRO C 190 -6.14 -65.32 -3.35
CA PRO C 190 -5.97 -64.94 -1.95
C PRO C 190 -7.02 -63.95 -1.51
N THR C 191 -7.90 -64.37 -0.60
CA THR C 191 -8.95 -63.52 -0.08
C THR C 191 -9.33 -64.01 1.30
N SER C 192 -10.08 -63.16 2.00
CA SER C 192 -10.58 -63.44 3.34
C SER C 192 -11.91 -64.16 3.26
N ILE C 193 -12.18 -65.04 4.22
CA ILE C 193 -13.44 -65.76 4.20
C ILE C 193 -14.58 -64.90 4.76
N GLU C 194 -14.28 -63.95 5.63
CA GLU C 194 -15.33 -63.21 6.32
C GLU C 194 -15.51 -61.77 5.85
N LYS C 195 -14.68 -61.27 4.94
CA LYS C 195 -14.89 -59.93 4.42
C LYS C 195 -15.49 -59.94 3.02
N GLU C 196 -14.90 -60.69 2.09
CA GLU C 196 -15.38 -60.73 0.72
C GLU C 196 -16.57 -61.68 0.55
N VAL C 197 -16.40 -62.95 0.90
CA VAL C 197 -17.37 -63.96 0.49
C VAL C 197 -18.44 -64.28 1.54
N PHE C 198 -18.22 -63.96 2.81
CA PHE C 198 -19.27 -64.13 3.79
C PHE C 198 -20.32 -63.04 3.59
N PRO C 199 -19.92 -61.84 3.13
CA PRO C 199 -20.92 -60.79 2.82
C PRO C 199 -21.87 -61.18 1.72
N ILE C 200 -21.40 -61.94 0.72
CA ILE C 200 -22.27 -62.44 -0.33
C ILE C 200 -23.26 -63.45 0.25
N MET C 201 -22.81 -64.27 1.21
CA MET C 201 -23.69 -65.28 1.78
C MET C 201 -24.70 -64.69 2.76
N ALA C 202 -24.37 -63.55 3.36
CA ALA C 202 -25.35 -62.82 4.14
C ALA C 202 -26.34 -62.07 3.26
N LYS C 203 -25.89 -61.59 2.10
CA LYS C 203 -26.83 -61.04 1.13
C LYS C 203 -27.76 -62.12 0.57
N GLU C 204 -27.25 -63.33 0.41
CA GLU C 204 -28.03 -64.40 -0.21
C GLU C 204 -29.02 -65.05 0.75
N GLY C 205 -28.96 -64.72 2.04
CA GLY C 205 -29.85 -65.35 3.00
C GLY C 205 -29.45 -66.75 3.40
N GLN C 206 -28.21 -67.14 3.16
CA GLN C 206 -27.73 -68.45 3.58
C GLN C 206 -27.24 -68.45 5.01
N LEU C 207 -26.99 -67.27 5.60
CA LEU C 207 -26.21 -67.20 6.82
C LEU C 207 -27.12 -67.20 8.05
N TYR C 208 -26.81 -68.09 8.99
CA TYR C 208 -27.55 -68.17 10.24
C TYR C 208 -26.60 -67.93 11.41
N ALA C 209 -27.18 -67.52 12.54
CA ALA C 209 -26.44 -67.21 13.74
C ALA C 209 -26.88 -68.14 14.85
N MET C 210 -25.91 -68.71 15.57
CA MET C 210 -26.17 -69.42 16.82
C MET C 210 -25.42 -68.69 17.92
N GLU C 211 -26.15 -68.22 18.92
CA GLU C 211 -25.54 -67.50 20.02
C GLU C 211 -24.81 -68.48 20.93
N LEU C 212 -23.54 -68.20 21.18
CA LEU C 212 -22.71 -69.06 22.02
C LEU C 212 -23.12 -68.93 23.49
N GLN C 213 -22.85 -69.99 24.26
CA GLN C 213 -23.40 -70.13 25.60
C GLN C 213 -22.66 -69.31 26.66
N GLY C 214 -21.42 -68.92 26.41
CA GLY C 214 -20.60 -68.19 27.36
C GLY C 214 -19.18 -68.69 27.31
N PHE C 215 -18.26 -67.90 27.91
CA PHE C 215 -16.81 -68.14 27.85
C PHE C 215 -16.35 -68.16 26.41
N TRP C 216 -16.21 -66.97 25.81
CA TRP C 216 -15.52 -66.84 24.54
C TRP C 216 -14.36 -65.87 24.64
N MET C 217 -13.23 -66.21 24.02
CA MET C 217 -12.16 -65.25 23.81
C MET C 217 -11.34 -65.71 22.60
N ASP C 218 -10.78 -64.76 21.87
CA ASP C 218 -9.76 -65.08 20.89
C ASP C 218 -8.44 -64.50 21.36
N ILE C 219 -7.36 -65.25 21.21
CA ILE C 219 -6.11 -64.91 21.87
C ILE C 219 -5.12 -64.35 20.87
N GLY C 220 -5.66 -63.67 19.84
CA GLY C 220 -4.81 -63.01 18.86
C GLY C 220 -3.89 -61.97 19.47
N GLN C 221 -4.37 -61.23 20.52
CA GLN C 221 -3.57 -60.28 21.26
C GLN C 221 -3.12 -60.86 22.60
N PRO C 222 -2.02 -60.38 23.18
CA PRO C 222 -1.59 -60.92 24.49
C PRO C 222 -2.46 -60.46 25.66
N LYS C 223 -3.05 -59.26 25.59
CA LYS C 223 -4.05 -58.86 26.57
C LYS C 223 -5.25 -59.82 26.53
N ASP C 224 -5.69 -60.17 25.32
CA ASP C 224 -6.78 -61.12 25.17
C ASP C 224 -6.34 -62.53 25.52
N PHE C 225 -5.05 -62.84 25.35
CA PHE C 225 -4.49 -64.10 25.84
C PHE C 225 -4.67 -64.22 27.34
N LEU C 226 -4.38 -63.15 28.09
CA LEU C 226 -4.47 -63.25 29.54
C LEU C 226 -5.91 -63.26 30.02
N THR C 227 -6.78 -62.47 29.38
CA THR C 227 -8.20 -62.51 29.74
C THR C 227 -8.85 -63.85 29.41
N GLY C 228 -8.52 -64.43 28.26
CA GLY C 228 -8.97 -65.77 27.96
C GLY C 228 -8.40 -66.82 28.88
N MET C 229 -7.20 -66.59 29.41
CA MET C 229 -6.63 -67.51 30.39
C MET C 229 -7.40 -67.49 31.70
N CYS C 230 -7.75 -66.29 32.18
CA CYS C 230 -8.57 -66.19 33.40
C CYS C 230 -9.96 -66.77 33.20
N LEU C 231 -10.54 -66.55 32.02
CA LEU C 231 -11.87 -67.10 31.73
C LEU C 231 -11.84 -68.62 31.62
N PHE C 232 -10.80 -69.17 31.00
CA PHE C 232 -10.64 -70.62 30.93
C PHE C 232 -10.42 -71.23 32.29
N LEU C 233 -9.74 -70.51 33.19
CA LEU C 233 -9.53 -71.06 34.53
C LEU C 233 -10.82 -71.03 35.36
N GLN C 234 -11.65 -69.97 35.24
CA GLN C 234 -12.88 -70.07 36.04
C GLN C 234 -13.91 -70.99 35.40
N SER C 235 -13.80 -71.28 34.10
CA SER C 235 -14.67 -72.30 33.53
C SER C 235 -14.12 -73.70 33.73
N LEU C 236 -12.83 -73.83 34.06
CA LEU C 236 -12.28 -75.13 34.44
C LEU C 236 -12.55 -75.42 35.91
N ARG C 237 -12.74 -74.37 36.73
CA ARG C 237 -13.06 -74.59 38.14
C ARG C 237 -14.43 -75.25 38.31
N GLN C 238 -15.43 -74.81 37.56
CA GLN C 238 -16.79 -75.32 37.75
C GLN C 238 -16.91 -76.77 37.31
N LYS C 239 -16.33 -77.10 36.15
CA LYS C 239 -16.49 -78.43 35.57
C LYS C 239 -15.70 -79.47 36.35
N GLN C 240 -14.38 -79.33 36.41
CA GLN C 240 -13.54 -80.25 37.18
C GLN C 240 -12.61 -79.46 38.09
N PRO C 241 -12.94 -79.36 39.39
CA PRO C 241 -11.97 -78.84 40.37
C PRO C 241 -10.75 -79.73 40.60
N GLU C 242 -10.72 -80.94 40.05
CA GLU C 242 -9.67 -81.89 40.36
C GLU C 242 -8.33 -81.54 39.71
N ARG C 243 -8.32 -80.68 38.69
CA ARG C 243 -7.07 -80.39 37.99
C ARG C 243 -6.35 -79.16 38.53
N LEU C 244 -7.09 -78.18 39.06
CA LEU C 244 -6.49 -76.97 39.62
C LEU C 244 -5.68 -77.30 40.87
N CYS C 245 -4.44 -76.83 40.91
CA CYS C 245 -3.58 -77.13 42.04
C CYS C 245 -4.03 -76.35 43.27
N SER C 246 -3.84 -76.98 44.43
CA SER C 246 -4.23 -76.45 45.73
C SER C 246 -2.99 -76.29 46.59
N GLY C 247 -3.10 -75.45 47.61
CA GLY C 247 -1.98 -75.16 48.48
C GLY C 247 -2.19 -73.97 49.38
N PRO C 248 -1.36 -73.85 50.42
CA PRO C 248 -1.45 -72.70 51.31
C PRO C 248 -0.80 -71.47 50.71
N GLY C 249 0.23 -71.68 49.91
CA GLY C 249 0.92 -70.62 49.20
C GLY C 249 0.30 -70.25 47.87
N ILE C 250 -0.86 -70.80 47.52
CA ILE C 250 -1.52 -70.46 46.27
C ILE C 250 -2.85 -69.78 46.60
N VAL C 251 -3.38 -69.05 45.62
CA VAL C 251 -4.62 -68.30 45.73
C VAL C 251 -5.49 -68.61 44.52
N GLY C 252 -6.70 -69.05 44.76
CA GLY C 252 -7.70 -69.05 43.69
C GLY C 252 -7.45 -70.16 42.68
N ASN C 253 -7.42 -69.77 41.41
CA ASN C 253 -7.29 -70.71 40.30
C ASN C 253 -5.86 -70.67 39.77
N VAL C 254 -5.17 -71.81 39.84
CA VAL C 254 -3.82 -71.94 39.32
C VAL C 254 -3.72 -73.27 38.59
N LEU C 255 -2.87 -73.31 37.56
CA LEU C 255 -2.67 -74.50 36.76
C LEU C 255 -1.16 -74.71 36.64
N VAL C 256 -0.59 -75.42 37.60
CA VAL C 256 0.83 -75.73 37.62
C VAL C 256 1.04 -77.10 36.99
N ASP C 257 2.04 -77.21 36.14
CA ASP C 257 2.37 -78.51 35.56
C ASP C 257 3.04 -79.38 36.62
N PRO C 258 2.86 -80.71 36.55
CA PRO C 258 3.53 -81.59 37.51
C PRO C 258 5.05 -81.56 37.43
N SER C 259 5.61 -81.20 36.27
CA SER C 259 7.05 -80.98 36.18
C SER C 259 7.47 -79.74 36.94
N ALA C 260 6.60 -78.75 37.02
CA ALA C 260 6.94 -77.46 37.60
C ALA C 260 6.88 -77.50 39.11
N ARG C 261 7.88 -76.89 39.75
CA ARG C 261 7.97 -76.81 41.20
C ARG C 261 7.94 -75.37 41.66
N ILE C 262 7.31 -75.14 42.80
CA ILE C 262 7.20 -73.82 43.41
C ILE C 262 7.97 -73.82 44.71
N GLY C 263 8.86 -72.83 44.89
CA GLY C 263 9.55 -72.68 46.15
C GLY C 263 8.63 -72.16 47.23
N GLN C 264 9.09 -72.30 48.47
CA GLN C 264 8.28 -71.90 49.60
C GLN C 264 8.29 -70.37 49.76
N ASN C 265 7.40 -69.89 50.63
CA ASN C 265 7.11 -68.48 50.90
C ASN C 265 6.60 -67.73 49.68
N CYS C 266 6.05 -68.44 48.70
CA CYS C 266 5.50 -67.83 47.51
C CYS C 266 4.00 -67.60 47.68
N SER C 267 3.51 -66.54 47.07
CA SER C 267 2.07 -66.28 47.02
C SER C 267 1.68 -66.29 45.55
N ILE C 268 1.45 -67.49 45.03
CA ILE C 268 1.01 -67.64 43.65
C ILE C 268 -0.46 -67.24 43.60
N GLY C 269 -0.73 -66.06 43.06
CA GLY C 269 -2.05 -65.47 43.12
C GLY C 269 -3.07 -66.12 42.22
N PRO C 270 -4.16 -65.41 41.97
CA PRO C 270 -5.20 -65.95 41.09
C PRO C 270 -4.78 -65.95 39.63
N ASN C 271 -5.31 -66.93 38.89
CA ASN C 271 -5.29 -66.99 37.42
C ASN C 271 -3.87 -67.10 36.86
N VAL C 272 -3.15 -68.14 37.29
CA VAL C 272 -1.75 -68.30 36.92
C VAL C 272 -1.56 -69.68 36.29
N SER C 273 -1.02 -69.71 35.07
CA SER C 273 -0.71 -70.94 34.37
C SER C 273 0.80 -71.12 34.33
N LEU C 274 1.31 -72.03 35.15
CA LEU C 274 2.75 -72.31 35.20
C LEU C 274 3.06 -73.51 34.31
N GLY C 275 3.95 -73.33 33.34
CA GLY C 275 4.19 -74.30 32.31
C GLY C 275 5.03 -75.49 32.74
N PRO C 276 5.47 -76.31 31.78
CA PRO C 276 6.33 -77.46 32.12
C PRO C 276 7.72 -77.05 32.56
N GLY C 277 8.15 -77.60 33.69
CA GLY C 277 9.51 -77.45 34.15
C GLY C 277 9.89 -76.08 34.64
N VAL C 278 8.92 -75.18 34.83
CA VAL C 278 9.26 -73.84 35.29
C VAL C 278 9.69 -73.91 36.74
N VAL C 279 10.60 -73.00 37.10
CA VAL C 279 11.29 -73.03 38.38
C VAL C 279 11.03 -71.69 39.04
N VAL C 280 10.35 -71.71 40.17
CA VAL C 280 10.05 -70.50 40.91
C VAL C 280 10.81 -70.58 42.23
N GLU C 281 11.66 -69.60 42.48
CA GLU C 281 12.48 -69.60 43.69
C GLU C 281 11.66 -69.11 44.87
N ASP C 282 12.31 -68.77 45.98
CA ASP C 282 11.60 -68.55 47.23
C ASP C 282 11.12 -67.11 47.37
N GLY C 283 9.81 -66.93 47.44
CA GLY C 283 9.26 -65.62 47.76
C GLY C 283 8.81 -64.83 46.56
N VAL C 284 8.10 -65.49 45.66
CA VAL C 284 7.71 -64.92 44.38
C VAL C 284 6.20 -64.79 44.36
N CYS C 285 5.72 -63.56 44.24
CA CYS C 285 4.30 -63.32 44.03
C CYS C 285 4.05 -63.25 42.54
N ILE C 286 3.15 -64.10 42.06
CA ILE C 286 2.83 -64.20 40.64
C ILE C 286 1.32 -64.21 40.54
N ARG C 287 0.75 -63.17 39.94
CA ARG C 287 -0.70 -63.06 39.76
C ARG C 287 -0.99 -62.82 38.29
N ARG C 288 -2.08 -63.42 37.81
CA ARG C 288 -2.63 -63.21 36.46
C ARG C 288 -1.62 -63.45 35.34
N CYS C 289 -0.66 -64.33 35.57
CA CYS C 289 0.44 -64.55 34.65
C CYS C 289 0.25 -65.85 33.90
N THR C 290 1.08 -66.04 32.89
CA THR C 290 1.22 -67.35 32.26
C THR C 290 2.71 -67.53 31.96
N VAL C 291 3.37 -68.32 32.80
CA VAL C 291 4.75 -68.69 32.58
C VAL C 291 4.75 -69.94 31.71
N LEU C 292 5.39 -69.84 30.54
CA LEU C 292 5.47 -70.94 29.59
C LEU C 292 6.72 -71.77 29.90
N ARG C 293 6.97 -72.79 29.08
CA ARG C 293 7.82 -73.92 29.42
C ARG C 293 9.27 -73.52 29.73
N ASP C 294 9.78 -74.06 30.84
CA ASP C 294 11.20 -74.08 31.21
C ASP C 294 11.72 -72.69 31.57
N ALA C 295 10.85 -71.73 31.86
CA ALA C 295 11.28 -70.40 32.25
C ALA C 295 11.54 -70.34 33.75
N ARG C 296 12.61 -69.66 34.13
CA ARG C 296 13.00 -69.53 35.52
C ARG C 296 12.69 -68.13 36.02
N ILE C 297 12.03 -68.05 37.18
CA ILE C 297 11.85 -66.81 37.90
C ILE C 297 12.62 -66.94 39.22
N ARG C 298 13.54 -66.02 39.46
CA ARG C 298 14.35 -66.06 40.67
C ARG C 298 13.56 -65.48 41.84
N SER C 299 14.23 -65.27 42.96
CA SER C 299 13.54 -65.03 44.21
C SER C 299 13.25 -63.54 44.41
N HIS C 300 12.29 -63.27 45.30
CA HIS C 300 11.86 -61.93 45.73
C HIS C 300 11.32 -61.09 44.58
N SER C 301 10.74 -61.72 43.57
CA SER C 301 10.29 -61.04 42.37
C SER C 301 8.77 -60.96 42.32
N TRP C 302 8.27 -59.86 41.78
CA TRP C 302 6.84 -59.62 41.68
C TRP C 302 6.44 -59.64 40.22
N LEU C 303 5.35 -60.35 39.93
CA LEU C 303 4.87 -60.51 38.56
C LEU C 303 3.37 -60.39 38.55
N GLU C 304 2.82 -59.47 37.77
CA GLU C 304 1.38 -59.38 37.62
C GLU C 304 1.03 -59.15 36.17
N SER C 305 0.11 -59.97 35.67
CA SER C 305 -0.54 -59.78 34.38
C SER C 305 0.47 -59.73 33.24
N CYS C 306 1.32 -60.75 33.15
CA CYS C 306 2.39 -60.69 32.18
C CYS C 306 2.73 -62.09 31.71
N ILE C 307 3.14 -62.20 30.45
CA ILE C 307 3.43 -63.49 29.83
C ILE C 307 4.94 -63.70 29.83
N VAL C 308 5.39 -64.78 30.47
CA VAL C 308 6.79 -65.16 30.46
C VAL C 308 6.95 -66.28 29.44
N GLY C 309 7.85 -66.09 28.48
CA GLY C 309 7.96 -67.00 27.35
C GLY C 309 8.69 -68.28 27.68
N TRP C 310 9.35 -68.84 26.68
CA TRP C 310 10.00 -70.13 26.82
C TRP C 310 11.46 -69.94 27.22
N ARG C 311 11.82 -70.47 28.39
CA ARG C 311 13.19 -70.49 28.93
C ARG C 311 13.72 -69.09 29.21
N CYS C 312 12.86 -68.19 29.66
CA CYS C 312 13.32 -66.89 30.11
C CYS C 312 13.77 -66.95 31.56
N ARG C 313 14.85 -66.24 31.86
CA ARG C 313 15.40 -66.15 33.20
C ARG C 313 15.15 -64.74 33.73
N VAL C 314 14.34 -64.63 34.76
CA VAL C 314 13.99 -63.36 35.38
C VAL C 314 14.75 -63.24 36.69
N GLY C 315 15.47 -62.14 36.87
CA GLY C 315 16.39 -61.99 37.98
C GLY C 315 15.71 -61.72 39.31
N GLN C 316 16.52 -61.26 40.27
CA GLN C 316 16.06 -61.08 41.64
C GLN C 316 15.55 -59.66 41.85
N TRP C 317 14.45 -59.55 42.60
CA TRP C 317 13.74 -58.30 42.86
C TRP C 317 13.26 -57.63 41.57
N VAL C 318 12.71 -58.42 40.67
CA VAL C 318 12.16 -57.89 39.43
C VAL C 318 10.67 -57.65 39.62
N ARG C 319 10.17 -56.53 39.11
CA ARG C 319 8.76 -56.20 39.14
C ARG C 319 8.24 -56.09 37.72
N MET C 320 7.35 -56.99 37.33
CA MET C 320 6.76 -56.98 35.99
C MET C 320 5.25 -56.75 36.03
N GLU C 321 4.76 -55.84 35.20
CA GLU C 321 3.35 -55.47 35.17
C GLU C 321 2.93 -54.87 33.84
N ASN C 322 1.64 -54.55 33.73
CA ASN C 322 1.04 -53.95 32.53
C ASN C 322 1.19 -54.76 31.25
N VAL C 323 0.92 -56.07 31.38
CA VAL C 323 0.99 -57.03 30.28
C VAL C 323 2.32 -57.11 29.57
N THR C 324 3.42 -57.10 30.32
CA THR C 324 4.72 -57.23 29.70
C THR C 324 4.85 -58.64 29.15
N VAL C 325 5.30 -58.78 27.91
CA VAL C 325 5.51 -60.11 27.34
C VAL C 325 6.99 -60.28 27.04
N LEU C 326 7.57 -61.37 27.52
CA LEU C 326 8.92 -61.74 27.13
C LEU C 326 8.87 -62.85 26.08
N GLY C 327 9.68 -62.71 25.04
CA GLY C 327 9.81 -63.73 24.00
C GLY C 327 10.60 -64.93 24.46
N GLU C 328 11.22 -65.67 23.55
CA GLU C 328 11.93 -66.88 23.94
C GLU C 328 13.33 -66.57 24.46
N ASP C 329 13.65 -67.10 25.64
CA ASP C 329 14.98 -67.08 26.26
C ASP C 329 15.50 -65.66 26.44
N VAL C 330 14.79 -64.90 27.26
CA VAL C 330 15.12 -63.52 27.59
C VAL C 330 15.68 -63.50 29.01
N ILE C 331 16.70 -62.69 29.24
CA ILE C 331 17.29 -62.56 30.57
C ILE C 331 16.97 -61.18 31.11
N VAL C 332 16.35 -61.13 32.28
CA VAL C 332 16.04 -59.90 32.97
C VAL C 332 17.04 -59.74 34.10
N ASN C 333 17.83 -58.66 34.08
CA ASN C 333 18.82 -58.46 35.10
C ASN C 333 18.15 -58.09 36.43
N ASP C 334 18.92 -58.18 37.50
CA ASP C 334 18.35 -58.10 38.83
C ASP C 334 17.96 -56.66 39.17
N GLU C 335 16.87 -56.54 39.94
CA GLU C 335 16.38 -55.28 40.52
C GLU C 335 15.93 -54.28 39.44
N LEU C 336 15.19 -54.77 38.46
CA LEU C 336 14.66 -53.95 37.38
C LEU C 336 13.14 -53.99 37.41
N TYR C 337 12.54 -53.02 36.71
CA TYR C 337 11.11 -52.81 36.71
C TYR C 337 10.64 -52.72 35.27
N LEU C 338 9.78 -53.65 34.86
CA LEU C 338 9.24 -53.68 33.51
C LEU C 338 7.74 -53.43 33.58
N ASN C 339 7.31 -52.32 32.97
CA ASN C 339 5.90 -51.94 32.89
C ASN C 339 5.58 -51.74 31.42
N GLY C 340 5.01 -52.73 30.77
CA GLY C 340 4.60 -52.56 29.39
C GLY C 340 5.55 -53.14 28.36
N ALA C 341 6.69 -53.67 28.78
CA ALA C 341 7.74 -54.06 27.84
C ALA C 341 7.36 -55.32 27.06
N SER C 342 7.42 -55.23 25.74
CA SER C 342 7.41 -56.40 24.87
C SER C 342 8.84 -56.64 24.44
N VAL C 343 9.43 -57.76 24.88
CA VAL C 343 10.84 -58.02 24.64
C VAL C 343 10.96 -59.14 23.62
N LEU C 344 11.55 -58.81 22.47
CA LEU C 344 11.77 -59.77 21.41
C LEU C 344 12.77 -60.83 21.86
N PRO C 345 12.74 -62.04 21.29
CA PRO C 345 13.51 -63.15 21.87
C PRO C 345 15.02 -62.97 21.78
N HIS C 346 15.70 -63.61 22.74
CA HIS C 346 17.15 -63.56 22.93
C HIS C 346 17.64 -62.13 23.16
N LYS C 347 17.09 -61.49 24.18
CA LYS C 347 17.56 -60.21 24.64
C LYS C 347 17.94 -60.32 26.12
N SER C 348 18.78 -59.41 26.56
CA SER C 348 19.21 -59.36 27.96
C SER C 348 19.00 -57.93 28.46
N ILE C 349 17.87 -57.69 29.11
CA ILE C 349 17.48 -56.34 29.52
C ILE C 349 18.35 -55.89 30.68
N GLY C 350 18.92 -54.69 30.55
CA GLY C 350 19.86 -54.21 31.53
C GLY C 350 19.40 -53.03 32.36
N GLU C 351 18.36 -52.34 31.89
CA GLU C 351 17.80 -51.22 32.63
C GLU C 351 16.28 -51.37 32.72
N SER C 352 15.70 -50.68 33.70
CA SER C 352 14.28 -50.80 33.98
C SER C 352 13.47 -50.00 32.99
N VAL C 353 12.38 -50.59 32.52
CA VAL C 353 11.52 -50.02 31.49
C VAL C 353 10.18 -49.65 32.12
N PRO C 354 9.93 -48.39 32.44
CA PRO C 354 8.74 -48.01 33.21
C PRO C 354 7.52 -47.66 32.37
N GLU C 355 7.56 -47.80 31.07
CA GLU C 355 6.47 -47.40 30.19
C GLU C 355 6.42 -48.36 29.02
N PRO C 356 5.25 -48.58 28.42
CA PRO C 356 5.11 -49.59 27.36
C PRO C 356 5.96 -49.29 26.13
N ARG C 357 6.83 -50.23 25.80
CA ARG C 357 7.84 -50.02 24.78
C ARG C 357 8.36 -51.36 24.29
N ILE C 358 8.46 -51.50 22.98
CA ILE C 358 8.96 -52.71 22.37
C ILE C 358 10.49 -52.66 22.39
N ILE C 359 11.10 -53.67 22.99
CA ILE C 359 12.55 -53.71 23.16
C ILE C 359 13.10 -54.82 22.28
N MET C 360 13.67 -54.45 21.15
CA MET C 360 14.25 -55.43 20.24
C MET C 360 15.73 -55.16 19.98
N MET D 1 -24.73 22.18 28.37
CA MET D 1 -24.15 21.06 27.63
C MET D 1 -24.42 21.20 26.14
N LEU D 2 -23.36 21.39 25.38
CA LEU D 2 -23.44 21.45 23.93
C LEU D 2 -22.37 20.56 23.33
N LYS D 3 -22.51 20.29 22.04
CA LYS D 3 -21.45 19.63 21.32
C LYS D 3 -21.37 20.23 19.93
N ALA D 4 -20.34 19.86 19.18
CA ALA D 4 -20.04 20.50 17.90
C ALA D 4 -19.81 19.44 16.85
N VAL D 5 -20.62 19.48 15.81
CA VAL D 5 -20.38 18.73 14.60
C VAL D 5 -19.60 19.62 13.65
N ILE D 6 -18.46 19.13 13.17
CA ILE D 6 -17.75 19.74 12.06
C ILE D 6 -17.91 18.82 10.87
N LEU D 7 -18.41 19.35 9.77
CA LEU D 7 -18.69 18.57 8.57
C LEU D 7 -17.46 18.61 7.67
N ILE D 8 -16.52 17.72 7.94
CA ILE D 8 -15.42 17.57 7.01
C ILE D 8 -15.93 16.82 5.79
N GLY D 9 -15.21 16.94 4.69
CA GLY D 9 -15.77 16.37 3.49
C GLY D 9 -15.40 14.93 3.30
N GLY D 10 -15.08 14.59 2.06
CA GLY D 10 -14.40 13.36 1.77
C GLY D 10 -13.47 13.63 0.63
N PRO D 11 -12.88 12.59 0.05
CA PRO D 11 -11.84 12.80 -0.97
C PRO D 11 -12.37 13.39 -2.27
N GLN D 12 -13.60 13.08 -2.67
CA GLN D 12 -14.12 13.65 -3.91
C GLN D 12 -14.53 15.10 -3.70
N LYS D 13 -15.13 15.41 -2.56
CA LYS D 13 -15.50 16.78 -2.24
C LYS D 13 -14.26 17.61 -1.98
N GLY D 14 -14.24 18.82 -2.52
CA GLY D 14 -13.21 19.75 -2.13
C GLY D 14 -11.87 19.58 -2.80
N THR D 15 -11.77 18.82 -3.89
CA THR D 15 -10.48 18.79 -4.58
C THR D 15 -10.55 19.59 -5.88
N ARG D 16 -11.78 19.88 -6.30
CA ARG D 16 -12.07 20.57 -7.56
C ARG D 16 -11.66 22.04 -7.84
N PHE D 17 -11.81 22.97 -6.90
CA PHE D 17 -11.47 24.36 -7.24
C PHE D 17 -10.01 24.56 -7.60
N ARG D 18 -9.15 24.06 -6.74
CA ARG D 18 -7.70 24.09 -6.91
C ARG D 18 -7.11 23.13 -5.90
N PRO D 19 -5.87 22.65 -6.16
CA PRO D 19 -5.33 21.79 -5.11
C PRO D 19 -4.44 22.56 -4.17
N LEU D 20 -4.85 22.66 -2.90
CA LEU D 20 -4.01 23.29 -1.91
C LEU D 20 -2.83 22.38 -1.64
N SER D 21 -3.13 21.08 -1.58
CA SER D 21 -2.12 20.06 -1.29
C SER D 21 -2.71 18.71 -1.66
N PHE D 22 -1.93 17.89 -2.35
CA PHE D 22 -2.45 16.73 -3.05
C PHE D 22 -2.61 15.51 -2.14
N GLU D 23 -1.84 15.43 -1.06
CA GLU D 23 -1.74 14.18 -0.30
C GLU D 23 -2.51 14.21 1.01
N VAL D 24 -2.29 15.22 1.85
CA VAL D 24 -3.03 15.28 3.11
C VAL D 24 -4.44 15.76 2.80
N PRO D 25 -5.44 15.34 3.58
CA PRO D 25 -6.82 15.82 3.39
C PRO D 25 -6.93 17.33 3.52
N LYS D 26 -7.89 17.89 2.79
CA LYS D 26 -8.21 19.31 2.87
C LYS D 26 -8.46 19.85 4.28
N PRO D 27 -9.20 19.19 5.19
CA PRO D 27 -9.33 19.75 6.55
C PRO D 27 -8.04 19.76 7.35
N LEU D 28 -7.04 18.97 7.00
CA LEU D 28 -5.78 18.94 7.73
C LEU D 28 -4.71 19.86 7.14
N PHE D 29 -5.06 20.72 6.22
CA PHE D 29 -4.08 21.62 5.62
C PHE D 29 -3.79 22.76 6.58
N PRO D 30 -2.54 23.12 6.79
CA PRO D 30 -2.24 24.19 7.73
C PRO D 30 -2.51 25.59 7.22
N VAL D 31 -3.62 26.16 7.67
CA VAL D 31 -3.94 27.56 7.41
C VAL D 31 -3.42 28.37 8.59
N ALA D 32 -2.47 29.27 8.30
CA ALA D 32 -1.78 30.10 9.30
C ALA D 32 -1.12 29.27 10.39
N GLY D 33 -0.59 28.11 10.02
CA GLY D 33 0.32 27.38 10.84
C GLY D 33 -0.26 26.16 11.51
N VAL D 34 -1.56 26.17 11.79
CA VAL D 34 -2.26 25.04 12.39
C VAL D 34 -3.24 24.52 11.36
N PRO D 35 -3.66 23.25 11.46
CA PRO D 35 -4.61 22.70 10.49
C PRO D 35 -5.93 23.47 10.45
N MET D 36 -6.65 23.28 9.35
CA MET D 36 -7.77 24.13 9.03
C MET D 36 -8.92 23.96 10.01
N ILE D 37 -9.10 22.75 10.54
CA ILE D 37 -10.17 22.50 11.49
C ILE D 37 -9.72 22.61 12.93
N GLN D 38 -8.43 22.84 13.17
CA GLN D 38 -7.99 23.19 14.51
C GLN D 38 -8.48 24.56 14.91
N HIS D 39 -8.75 25.46 13.96
CA HIS D 39 -9.36 26.74 14.31
C HIS D 39 -10.78 26.55 14.80
N HIS D 40 -11.51 25.61 14.18
CA HIS D 40 -12.85 25.25 14.64
C HIS D 40 -12.80 24.62 16.01
N ILE D 41 -11.88 23.67 16.22
CA ILE D 41 -11.80 22.99 17.51
C ILE D 41 -11.33 23.94 18.60
N GLU D 42 -10.47 24.90 18.27
CA GLU D 42 -10.09 25.96 19.19
C GLU D 42 -11.29 26.78 19.62
N ALA D 43 -12.07 27.26 18.65
CA ALA D 43 -13.22 28.08 18.95
C ALA D 43 -14.33 27.30 19.64
N CYS D 44 -14.38 25.99 19.45
CA CYS D 44 -15.44 25.18 20.03
C CYS D 44 -15.11 24.75 21.45
N ALA D 45 -13.88 24.32 21.70
CA ALA D 45 -13.46 23.98 23.05
C ALA D 45 -13.32 25.19 23.93
N GLN D 46 -13.20 26.40 23.35
CA GLN D 46 -13.25 27.61 24.16
C GLN D 46 -14.66 28.02 24.59
N VAL D 47 -15.69 27.22 24.37
CA VAL D 47 -17.08 27.59 24.72
C VAL D 47 -17.49 26.80 25.95
N PRO D 48 -18.01 27.45 27.00
CA PRO D 48 -18.28 26.75 28.27
C PRO D 48 -19.48 25.81 28.17
N GLY D 49 -19.24 24.54 28.44
CA GLY D 49 -20.24 23.49 28.31
C GLY D 49 -19.96 22.48 27.23
N MET D 50 -19.01 22.78 26.34
CA MET D 50 -18.74 21.96 25.17
C MET D 50 -18.16 20.61 25.59
N GLN D 51 -18.94 19.56 25.36
CA GLN D 51 -18.64 18.23 25.88
C GLN D 51 -17.96 17.34 24.85
N GLU D 52 -18.34 17.42 23.58
CA GLU D 52 -17.75 16.57 22.55
C GLU D 52 -17.65 17.36 21.25
N ILE D 53 -16.74 16.94 20.39
CA ILE D 53 -16.64 17.46 19.03
C ILE D 53 -16.63 16.27 18.09
N LEU D 54 -17.57 16.22 17.16
CA LEU D 54 -17.68 15.15 16.20
C LEU D 54 -17.29 15.64 14.82
N LEU D 55 -16.61 14.80 14.07
CA LEU D 55 -16.19 15.11 12.70
C LEU D 55 -16.91 14.14 11.79
N ILE D 56 -17.87 14.64 11.05
CA ILE D 56 -18.64 13.81 10.13
C ILE D 56 -18.08 14.00 8.75
N GLY D 57 -17.60 12.93 8.14
CA GLY D 57 -17.07 12.98 6.80
C GLY D 57 -17.04 11.58 6.23
N PHE D 58 -16.48 11.44 5.04
CA PHE D 58 -16.34 10.12 4.44
C PHE D 58 -14.92 9.87 3.97
N TYR D 59 -13.95 10.50 4.62
CA TYR D 59 -12.56 10.08 4.49
C TYR D 59 -12.37 8.75 5.18
N GLN D 60 -11.59 7.87 4.57
CA GLN D 60 -11.17 6.67 5.27
C GLN D 60 -10.15 7.05 6.34
N PRO D 61 -10.17 6.39 7.49
CA PRO D 61 -9.28 6.79 8.58
C PRO D 61 -7.87 6.29 8.34
N ASP D 62 -6.97 7.21 8.02
CA ASP D 62 -5.57 6.90 7.87
C ASP D 62 -4.79 7.53 9.01
N GLU D 63 -3.48 7.33 9.02
CA GLU D 63 -2.64 7.88 10.08
C GLU D 63 -2.64 9.42 10.21
N PRO D 64 -2.74 10.25 9.15
CA PRO D 64 -2.87 11.71 9.39
C PRO D 64 -4.08 12.11 10.20
N LEU D 65 -5.28 11.63 9.81
CA LEU D 65 -6.49 12.07 10.49
C LEU D 65 -6.58 11.48 11.90
N THR D 66 -6.17 10.22 12.07
CA THR D 66 -6.15 9.58 13.38
C THR D 66 -5.15 10.24 14.32
N GLN D 67 -3.96 10.53 13.81
CA GLN D 67 -2.92 11.18 14.61
C GLN D 67 -3.30 12.61 14.97
N PHE D 68 -3.97 13.32 14.05
CA PHE D 68 -4.48 14.65 14.37
C PHE D 68 -5.56 14.57 15.45
N LEU D 69 -6.43 13.57 15.39
CA LEU D 69 -7.47 13.42 16.40
C LEU D 69 -6.88 13.17 17.77
N GLU D 70 -5.85 12.32 17.84
CA GLU D 70 -5.14 12.07 19.09
C GLU D 70 -4.50 13.34 19.63
N ALA D 71 -3.83 14.10 18.75
CA ALA D 71 -3.18 15.33 19.15
C ALA D 71 -4.18 16.37 19.65
N ALA D 72 -5.33 16.49 18.98
CA ALA D 72 -6.31 17.49 19.37
C ALA D 72 -7.02 17.11 20.65
N GLN D 73 -7.30 15.81 20.83
CA GLN D 73 -7.85 15.32 22.09
C GLN D 73 -6.89 15.59 23.25
N GLN D 74 -5.59 15.41 23.02
CA GLN D 74 -4.62 15.65 24.07
C GLN D 74 -4.50 17.13 24.38
N GLU D 75 -4.57 17.97 23.35
CA GLU D 75 -4.32 19.40 23.53
C GLU D 75 -5.51 20.11 24.16
N PHE D 76 -6.72 19.84 23.68
CA PHE D 76 -7.87 20.66 24.06
C PHE D 76 -8.70 20.09 25.18
N ASN D 77 -8.39 18.88 25.65
CA ASN D 77 -9.06 18.21 26.77
C ASN D 77 -10.56 18.03 26.50
N LEU D 78 -10.90 17.69 25.27
CA LEU D 78 -12.21 17.24 24.85
C LEU D 78 -12.07 15.86 24.23
N PRO D 79 -13.17 15.11 24.10
CA PRO D 79 -13.17 13.97 23.19
C PRO D 79 -13.52 14.36 21.77
N VAL D 80 -12.60 14.11 20.83
CA VAL D 80 -12.75 14.51 19.44
C VAL D 80 -12.84 13.25 18.60
N ARG D 81 -13.99 13.04 17.97
CA ARG D 81 -14.36 11.75 17.40
C ARG D 81 -14.65 11.89 15.92
N TYR D 82 -14.10 11.00 15.11
CA TYR D 82 -14.36 10.99 13.69
C TYR D 82 -15.44 9.97 13.37
N LEU D 83 -16.52 10.42 12.78
CA LEU D 83 -17.66 9.58 12.43
C LEU D 83 -17.68 9.42 10.92
N GLN D 84 -17.28 8.26 10.42
CA GLN D 84 -17.18 8.06 8.99
C GLN D 84 -18.53 7.66 8.41
N GLU D 85 -19.03 8.45 7.47
CA GLU D 85 -20.21 8.06 6.72
C GLU D 85 -19.88 6.91 5.79
N PHE D 86 -20.84 6.00 5.63
CA PHE D 86 -20.64 4.85 4.75
C PHE D 86 -20.62 5.23 3.28
N ALA D 87 -21.19 6.38 2.95
CA ALA D 87 -21.26 6.90 1.60
C ALA D 87 -21.27 8.42 1.69
N PRO D 88 -20.98 9.12 0.60
CA PRO D 88 -21.27 10.56 0.58
C PRO D 88 -22.76 10.81 0.74
N LEU D 89 -23.11 11.51 1.81
CA LEU D 89 -24.49 11.58 2.28
C LEU D 89 -25.04 13.00 2.28
N GLY D 90 -24.34 13.97 1.71
CA GLY D 90 -24.79 15.34 1.77
C GLY D 90 -24.48 15.98 3.10
N THR D 91 -24.80 17.26 3.20
CA THR D 91 -24.52 18.01 4.41
C THR D 91 -25.58 17.85 5.48
N GLY D 92 -26.65 17.11 5.22
CA GLY D 92 -27.65 16.88 6.23
C GLY D 92 -27.82 15.40 6.50
N GLY D 93 -27.44 14.58 5.51
CA GLY D 93 -27.60 13.16 5.64
C GLY D 93 -26.67 12.55 6.66
N GLY D 94 -25.46 13.11 6.81
CA GLY D 94 -24.58 12.66 7.87
C GLY D 94 -25.06 13.07 9.24
N LEU D 95 -25.71 14.23 9.32
CA LEU D 95 -26.28 14.68 10.59
C LEU D 95 -27.46 13.83 11.00
N TYR D 96 -28.25 13.39 10.04
CA TYR D 96 -29.39 12.55 10.35
C TYR D 96 -28.96 11.12 10.60
N HIS D 97 -27.96 10.64 9.87
CA HIS D 97 -27.50 9.26 9.99
C HIS D 97 -26.82 9.01 11.33
N PHE D 98 -26.08 9.99 11.81
CA PHE D 98 -25.43 9.91 13.12
C PHE D 98 -26.21 10.67 14.16
N ARG D 99 -27.55 10.66 14.08
CA ARG D 99 -28.35 11.39 15.05
C ARG D 99 -28.36 10.71 16.42
N ASP D 100 -28.10 9.41 16.49
CA ASP D 100 -28.09 8.75 17.78
C ASP D 100 -26.78 8.97 18.52
N GLN D 101 -25.73 9.35 17.79
CA GLN D 101 -24.46 9.74 18.41
C GLN D 101 -24.43 11.22 18.72
N ILE D 102 -25.08 12.04 17.88
CA ILE D 102 -25.11 13.48 18.10
C ILE D 102 -26.01 13.82 19.28
N LEU D 103 -27.18 13.21 19.35
CA LEU D 103 -28.12 13.50 20.43
C LEU D 103 -27.89 12.65 21.67
N ALA D 104 -26.82 11.89 21.73
CA ALA D 104 -26.54 11.09 22.91
C ALA D 104 -25.96 11.97 24.00
N GLY D 105 -26.51 11.84 25.21
CA GLY D 105 -26.11 12.67 26.33
C GLY D 105 -26.97 13.88 26.57
N SER D 106 -28.03 14.07 25.77
CA SER D 106 -28.94 15.21 25.75
C SER D 106 -28.20 16.54 25.63
N PRO D 107 -27.67 16.89 24.47
CA PRO D 107 -27.18 18.25 24.29
C PRO D 107 -28.35 19.19 24.14
N GLU D 108 -28.24 20.39 24.71
CA GLU D 108 -29.35 21.32 24.58
C GLU D 108 -29.33 22.05 23.26
N ALA D 109 -28.21 22.00 22.56
CA ALA D 109 -27.95 22.65 21.29
C ALA D 109 -26.65 22.09 20.79
N PHE D 110 -26.51 21.97 19.48
CA PHE D 110 -25.24 21.55 18.93
C PHE D 110 -24.90 22.43 17.73
N PHE D 111 -23.64 22.80 17.64
CA PHE D 111 -23.16 23.58 16.51
C PHE D 111 -22.91 22.68 15.33
N VAL D 112 -23.22 23.15 14.13
CA VAL D 112 -22.84 22.48 12.89
C VAL D 112 -21.97 23.45 12.10
N LEU D 113 -20.74 23.06 11.83
CA LEU D 113 -19.78 23.94 11.20
C LEU D 113 -19.29 23.31 9.91
N ASN D 114 -19.30 24.07 8.83
CA ASN D 114 -18.59 23.64 7.62
C ASN D 114 -17.10 23.67 7.88
N ALA D 115 -16.38 22.64 7.43
CA ALA D 115 -14.98 22.54 7.76
C ALA D 115 -14.12 23.55 7.00
N ASP D 116 -14.56 23.99 5.83
CA ASP D 116 -13.77 24.87 4.98
C ASP D 116 -14.20 26.33 5.10
N VAL D 117 -14.20 26.87 6.31
CA VAL D 117 -14.48 28.30 6.48
C VAL D 117 -13.41 28.91 7.37
N CYS D 118 -13.05 30.15 7.07
CA CYS D 118 -12.29 30.99 7.96
C CYS D 118 -13.26 31.91 8.67
N SER D 119 -13.22 31.91 10.00
CA SER D 119 -14.11 32.75 10.78
C SER D 119 -13.45 33.01 12.12
N ASP D 120 -13.98 34.00 12.83
CA ASP D 120 -13.67 34.12 14.23
C ASP D 120 -14.54 33.22 15.09
N PHE D 121 -15.60 32.65 14.51
CA PHE D 121 -16.60 31.78 15.11
C PHE D 121 -17.19 32.41 16.36
N PRO D 122 -18.09 33.38 16.24
CA PRO D 122 -18.80 33.88 17.43
C PRO D 122 -19.78 32.86 17.98
N LEU D 123 -19.26 31.81 18.62
CA LEU D 123 -20.14 30.74 19.06
C LEU D 123 -20.85 31.09 20.35
N SER D 124 -20.19 31.86 21.22
CA SER D 124 -20.86 32.36 22.42
C SER D 124 -21.90 33.42 22.08
N ALA D 125 -21.68 34.20 21.02
CA ALA D 125 -22.67 35.18 20.62
C ALA D 125 -23.90 34.51 20.02
N MET D 126 -23.70 33.49 19.18
CA MET D 126 -24.82 32.73 18.65
C MET D 126 -25.54 31.98 19.76
N LEU D 127 -24.78 31.48 20.74
CA LEU D 127 -25.38 30.79 21.87
C LEU D 127 -26.19 31.72 22.75
N GLU D 128 -25.77 32.97 22.88
CA GLU D 128 -26.55 33.97 23.59
C GLU D 128 -27.81 34.33 22.82
N ALA D 129 -27.73 34.38 21.50
CA ALA D 129 -28.93 34.66 20.71
C ALA D 129 -29.91 33.48 20.73
N HIS D 130 -29.40 32.27 20.91
CA HIS D 130 -30.24 31.09 20.93
C HIS D 130 -30.83 30.83 22.31
N ARG D 131 -30.09 31.10 23.38
CA ARG D 131 -30.62 30.93 24.72
C ARG D 131 -31.66 31.98 25.09
N ARG D 132 -31.88 32.98 24.23
CA ARG D 132 -32.92 33.96 24.42
C ARG D 132 -34.19 33.68 23.62
N GLN D 133 -34.15 32.83 22.59
CA GLN D 133 -35.37 32.50 21.88
C GLN D 133 -35.59 31.02 21.57
N ARG D 134 -34.54 30.19 21.52
CA ARG D 134 -34.61 28.72 21.42
C ARG D 134 -35.38 28.26 20.18
N HIS D 135 -34.81 28.55 19.04
CA HIS D 135 -35.38 28.18 17.75
C HIS D 135 -34.69 26.96 17.18
N PRO D 136 -35.32 26.25 16.23
CA PRO D 136 -34.70 25.02 15.70
C PRO D 136 -33.43 25.23 14.90
N PHE D 137 -33.33 26.30 14.13
CA PHE D 137 -32.14 26.57 13.33
C PHE D 137 -31.70 28.01 13.57
N LEU D 138 -30.43 28.20 13.88
CA LEU D 138 -29.81 29.52 13.87
C LEU D 138 -28.67 29.50 12.88
N LEU D 139 -28.69 30.41 11.92
CA LEU D 139 -27.66 30.51 10.91
C LEU D 139 -26.80 31.72 11.19
N LEU D 140 -25.52 31.65 10.87
CA LEU D 140 -24.68 32.83 10.87
C LEU D 140 -24.78 33.46 9.48
N GLY D 141 -25.00 34.74 9.44
CA GLY D 141 -25.06 35.48 8.19
C GLY D 141 -23.95 36.51 8.15
N THR D 142 -23.35 36.67 6.98
CA THR D 142 -22.53 37.84 6.73
C THR D 142 -23.14 38.62 5.59
N THR D 143 -22.54 39.75 5.26
CA THR D 143 -22.98 40.53 4.13
C THR D 143 -21.96 40.36 3.01
N ALA D 144 -22.45 40.24 1.78
CA ALA D 144 -21.60 40.13 0.61
C ALA D 144 -22.04 41.15 -0.42
N ASN D 145 -21.27 41.22 -1.50
CA ASN D 145 -21.55 42.11 -2.62
C ASN D 145 -22.79 41.61 -3.37
N ARG D 146 -23.30 42.46 -4.25
CA ARG D 146 -24.45 42.09 -5.07
C ARG D 146 -24.05 41.44 -6.37
N THR D 147 -22.79 41.01 -6.50
CA THR D 147 -22.40 40.06 -7.51
C THR D 147 -21.67 38.86 -6.96
N GLN D 148 -21.16 38.94 -5.72
CA GLN D 148 -20.53 37.80 -5.10
C GLN D 148 -21.54 36.91 -4.39
N SER D 149 -22.68 37.47 -4.01
CA SER D 149 -23.70 36.68 -3.31
C SER D 149 -24.30 35.59 -4.18
N LEU D 150 -24.20 35.70 -5.50
CA LEU D 150 -24.62 34.60 -6.37
C LEU D 150 -23.80 33.34 -6.17
N ASN D 151 -22.59 33.46 -5.64
CA ASN D 151 -21.75 32.31 -5.38
C ASN D 151 -21.98 31.69 -4.01
N TYR D 152 -22.84 32.28 -3.18
CA TYR D 152 -23.13 31.78 -1.85
C TYR D 152 -24.61 31.57 -1.68
N GLY D 153 -24.99 31.02 -0.53
CA GLY D 153 -26.38 30.87 -0.16
C GLY D 153 -26.97 32.13 0.43
N CYS D 154 -27.97 32.68 -0.24
CA CYS D 154 -28.56 33.98 0.06
C CYS D 154 -29.79 33.86 0.93
N ILE D 155 -29.92 34.79 1.85
CA ILE D 155 -30.86 34.74 2.97
C ILE D 155 -31.65 36.04 2.97
N VAL D 156 -32.94 35.96 2.65
CA VAL D 156 -33.83 37.10 2.81
C VAL D 156 -34.43 37.00 4.20
N GLU D 157 -34.08 37.96 5.05
CA GLU D 157 -34.41 37.99 6.46
C GLU D 157 -35.39 39.13 6.77
N ASN D 158 -35.97 39.05 7.94
CA ASN D 158 -36.76 40.11 8.55
C ASN D 158 -35.83 41.03 9.34
N PRO D 159 -35.92 42.35 9.16
CA PRO D 159 -35.01 43.25 9.89
C PRO D 159 -35.18 43.27 11.40
N GLN D 160 -36.36 42.96 11.94
CA GLN D 160 -36.55 43.03 13.38
C GLN D 160 -36.41 41.68 14.08
N THR D 161 -37.17 40.67 13.67
CA THR D 161 -37.15 39.39 14.35
C THR D 161 -36.09 38.44 13.84
N HIS D 162 -35.39 38.82 12.77
CA HIS D 162 -34.25 38.08 12.21
C HIS D 162 -34.61 36.67 11.80
N GLU D 163 -35.69 36.53 11.04
CA GLU D 163 -36.15 35.23 10.58
C GLU D 163 -35.93 35.13 9.09
N VAL D 164 -35.41 34.01 8.63
CA VAL D 164 -35.24 33.78 7.20
C VAL D 164 -36.60 33.63 6.55
N LEU D 165 -36.92 34.57 5.66
CA LEU D 165 -38.12 34.46 4.86
C LEU D 165 -37.85 33.79 3.53
N HIS D 166 -36.58 33.69 3.12
CA HIS D 166 -36.26 33.04 1.86
C HIS D 166 -34.82 32.58 1.88
N TYR D 167 -34.56 31.38 1.36
CA TYR D 167 -33.21 30.88 1.19
C TYR D 167 -33.04 30.39 -0.24
N VAL D 168 -32.01 30.86 -0.93
CA VAL D 168 -31.66 30.34 -2.25
C VAL D 168 -30.17 30.03 -2.25
N GLU D 169 -29.80 28.84 -2.73
CA GLU D 169 -28.45 28.35 -2.47
C GLU D 169 -27.42 28.87 -3.46
N LYS D 170 -27.69 28.82 -4.75
CA LYS D 170 -26.82 29.46 -5.74
C LYS D 170 -27.74 30.18 -6.70
N PRO D 171 -28.08 31.43 -6.41
CA PRO D 171 -29.01 32.16 -7.26
C PRO D 171 -28.37 32.54 -8.58
N SER D 172 -29.23 32.91 -9.54
CA SER D 172 -28.79 33.35 -10.84
C SER D 172 -28.81 34.85 -11.00
N THR D 173 -29.77 35.53 -10.39
CA THR D 173 -29.79 36.98 -10.25
C THR D 173 -30.03 37.34 -8.78
N PHE D 174 -29.74 38.60 -8.46
CA PHE D 174 -29.49 39.00 -7.08
C PHE D 174 -30.73 38.89 -6.23
N ILE D 175 -30.57 38.29 -5.04
CA ILE D 175 -31.67 37.96 -4.16
C ILE D 175 -31.54 38.67 -2.82
N SER D 176 -30.36 38.61 -2.19
CA SER D 176 -30.13 39.29 -0.92
C SER D 176 -28.64 39.45 -0.68
N ASP D 177 -28.29 40.51 0.05
CA ASP D 177 -26.89 40.73 0.39
C ASP D 177 -26.43 39.87 1.56
N ILE D 178 -27.36 39.33 2.35
CA ILE D 178 -27.00 38.45 3.46
C ILE D 178 -26.72 37.07 2.91
N ILE D 179 -25.53 36.56 3.18
CA ILE D 179 -25.11 35.24 2.73
C ILE D 179 -24.92 34.34 3.93
N ASN D 180 -25.13 33.05 3.69
CA ASN D 180 -24.94 32.02 4.69
C ASN D 180 -23.46 31.77 4.95
N CYS D 181 -23.10 31.58 6.22
CA CYS D 181 -21.71 31.48 6.62
C CYS D 181 -21.21 30.05 6.80
N GLY D 182 -22.08 29.07 6.86
CA GLY D 182 -21.64 27.74 7.20
C GLY D 182 -21.45 27.50 8.67
N ILE D 183 -21.95 28.39 9.52
CA ILE D 183 -21.99 28.19 10.95
C ILE D 183 -23.45 28.13 11.36
N TYR D 184 -23.85 27.02 11.95
CA TYR D 184 -25.23 26.86 12.38
C TYR D 184 -25.26 26.41 13.82
N LEU D 185 -26.39 26.67 14.46
CA LEU D 185 -26.67 26.25 15.82
C LEU D 185 -28.03 25.55 15.77
N PHE D 186 -28.01 24.24 15.94
CA PHE D 186 -29.19 23.42 15.87
C PHE D 186 -29.71 23.16 17.28
N SER D 187 -30.98 23.18 17.42
CA SER D 187 -31.61 22.64 18.60
C SER D 187 -31.85 21.15 18.40
N PRO D 188 -32.12 20.37 19.45
CA PRO D 188 -32.40 18.94 19.23
C PRO D 188 -33.67 18.64 18.47
N GLU D 189 -34.57 19.60 18.32
CA GLU D 189 -35.74 19.37 17.49
C GLU D 189 -35.43 19.49 16.00
N ALA D 190 -34.28 20.08 15.64
CA ALA D 190 -33.88 20.27 14.25
C ALA D 190 -33.58 18.96 13.52
N LEU D 191 -33.43 17.86 14.23
CA LEU D 191 -33.30 16.58 13.55
C LEU D 191 -34.64 15.95 13.23
N LYS D 192 -35.74 16.61 13.60
CA LYS D 192 -37.09 16.22 13.19
C LYS D 192 -37.47 16.68 11.79
N PRO D 193 -37.14 17.91 11.31
CA PRO D 193 -37.37 18.17 9.88
C PRO D 193 -36.47 17.37 8.96
N LEU D 194 -35.27 17.02 9.42
CA LEU D 194 -34.36 16.20 8.61
C LEU D 194 -34.96 14.84 8.32
N ARG D 195 -35.57 14.22 9.35
CA ARG D 195 -36.34 13.01 9.16
C ARG D 195 -37.47 13.21 8.16
N ASP D 196 -38.11 14.38 8.19
CA ASP D 196 -39.17 14.68 7.23
C ASP D 196 -38.63 14.78 5.82
N VAL D 197 -37.37 15.17 5.66
CA VAL D 197 -36.77 15.13 4.33
C VAL D 197 -36.53 13.69 3.92
N PHE D 198 -36.09 12.86 4.88
CA PHE D 198 -35.59 11.52 4.58
C PHE D 198 -36.70 10.62 4.04
N GLN D 199 -37.86 10.63 4.70
CA GLN D 199 -39.03 9.92 4.22
C GLN D 199 -39.47 10.42 2.84
N ARG D 200 -39.29 11.71 2.57
CA ARG D 200 -39.68 12.22 1.26
C ARG D 200 -38.72 11.82 0.15
N ASN D 201 -37.56 11.25 0.48
CA ASN D 201 -36.75 10.62 -0.54
C ASN D 201 -37.01 9.12 -0.63
N GLN D 202 -37.79 8.58 0.32
CA GLN D 202 -38.12 7.16 0.31
C GLN D 202 -39.05 6.82 -0.85
N GLN D 203 -39.89 7.76 -1.25
CA GLN D 203 -40.76 7.62 -2.39
C GLN D 203 -40.05 8.02 -3.67
N GLY D 218 -31.17 8.65 1.55
CA GLY D 218 -30.18 8.87 2.59
C GLY D 218 -29.47 10.19 2.45
N THR D 219 -29.16 10.56 1.21
CA THR D 219 -28.45 11.81 0.95
C THR D 219 -29.39 13.00 1.11
N ILE D 220 -29.09 13.86 2.08
CA ILE D 220 -29.89 15.03 2.38
C ILE D 220 -29.00 16.25 2.24
N ARG D 221 -29.40 17.18 1.37
CA ARG D 221 -28.75 18.47 1.33
C ARG D 221 -29.39 19.39 2.36
N LEU D 222 -28.56 20.02 3.18
CA LEU D 222 -29.10 20.85 4.26
C LEU D 222 -29.67 22.14 3.74
N GLU D 223 -28.98 22.76 2.78
CA GLU D 223 -29.37 24.07 2.30
C GLU D 223 -30.48 24.01 1.27
N GLN D 224 -30.53 22.94 0.48
CA GLN D 224 -31.51 22.86 -0.59
C GLN D 224 -32.78 22.12 -0.20
N ASP D 225 -32.73 21.22 0.78
CA ASP D 225 -33.93 20.49 1.18
C ASP D 225 -34.51 20.98 2.49
N VAL D 226 -33.69 21.47 3.40
CA VAL D 226 -34.14 21.83 4.74
C VAL D 226 -34.24 23.33 4.91
N PHE D 227 -33.22 24.07 4.47
CA PHE D 227 -33.27 25.51 4.68
C PHE D 227 -34.15 26.19 3.64
N SER D 228 -34.07 25.76 2.39
CA SER D 228 -34.79 26.45 1.34
C SER D 228 -36.27 26.13 1.35
N ALA D 229 -36.69 25.07 2.03
CA ALA D 229 -38.08 24.67 2.04
C ALA D 229 -38.79 24.93 3.36
N LEU D 230 -38.06 25.18 4.43
CA LEU D 230 -38.64 25.61 5.69
C LEU D 230 -38.57 27.11 5.90
N ALA D 231 -38.12 27.85 4.90
CA ALA D 231 -37.92 29.29 5.06
C ALA D 231 -39.26 30.01 5.05
N GLY D 232 -39.56 30.71 6.13
CA GLY D 232 -40.80 31.43 6.28
C GLY D 232 -41.81 30.80 7.20
N GLN D 233 -41.48 29.68 7.83
CA GLN D 233 -42.41 28.97 8.68
C GLN D 233 -42.13 29.11 10.17
N GLY D 234 -41.00 29.69 10.55
CA GLY D 234 -40.70 29.96 11.94
C GLY D 234 -39.62 29.10 12.54
N GLN D 235 -38.70 28.58 11.72
CA GLN D 235 -37.68 27.66 12.19
C GLN D 235 -36.26 28.12 11.92
N ILE D 236 -36.04 28.88 10.86
CA ILE D 236 -34.70 29.29 10.44
C ILE D 236 -34.56 30.77 10.71
N TYR D 237 -33.59 31.12 11.53
CA TYR D 237 -33.32 32.50 11.92
C TYR D 237 -31.91 32.88 11.52
N VAL D 238 -31.58 34.17 11.64
CA VAL D 238 -30.25 34.66 11.30
C VAL D 238 -29.66 35.34 12.53
N HIS D 239 -28.33 35.27 12.63
CA HIS D 239 -27.53 36.04 13.56
C HIS D 239 -26.45 36.69 12.73
N LEU D 240 -26.54 38.00 12.52
CA LEU D 240 -25.63 38.74 11.67
C LEU D 240 -24.35 39.10 12.42
N THR D 241 -23.25 39.16 11.68
CA THR D 241 -21.94 39.51 12.23
C THR D 241 -21.13 40.23 11.16
N ASP D 242 -19.96 40.74 11.56
CA ASP D 242 -18.99 41.26 10.61
C ASP D 242 -17.55 40.91 11.03
N GLY D 243 -17.32 39.69 11.46
CA GLY D 243 -15.97 39.27 11.77
C GLY D 243 -15.20 38.95 10.52
N ILE D 244 -14.05 38.31 10.71
CA ILE D 244 -13.35 37.75 9.56
C ILE D 244 -14.19 36.62 9.01
N TRP D 245 -14.28 36.55 7.69
CA TRP D 245 -14.97 35.42 7.09
C TRP D 245 -14.40 35.15 5.71
N SER D 246 -14.25 33.88 5.39
CA SER D 246 -13.81 33.46 4.08
C SER D 246 -14.22 32.01 3.85
N GLN D 247 -14.40 31.66 2.59
CA GLN D 247 -14.46 30.27 2.16
C GLN D 247 -13.03 29.82 1.89
N ILE D 248 -12.74 28.57 2.21
CA ILE D 248 -11.46 28.01 1.80
C ILE D 248 -11.73 26.92 0.79
N LYS D 249 -11.67 27.26 -0.50
CA LYS D 249 -11.94 26.32 -1.57
C LYS D 249 -10.74 26.09 -2.46
N SER D 250 -10.10 27.16 -2.91
CA SER D 250 -8.91 27.10 -3.71
C SER D 250 -7.70 27.42 -2.85
N ALA D 251 -6.55 27.56 -3.51
CA ALA D 251 -5.32 27.87 -2.82
C ALA D 251 -5.16 29.36 -2.55
N GLY D 252 -5.71 30.20 -3.41
CA GLY D 252 -5.79 31.62 -3.09
C GLY D 252 -6.68 31.88 -1.92
N SER D 253 -7.74 31.08 -1.79
CA SER D 253 -8.61 31.12 -0.62
C SER D 253 -7.86 30.74 0.64
N ALA D 254 -6.95 29.77 0.54
CA ALA D 254 -6.16 29.37 1.70
C ALA D 254 -5.14 30.42 2.08
N LEU D 255 -4.48 31.05 1.10
CA LEU D 255 -3.51 32.10 1.41
C LEU D 255 -4.19 33.31 2.02
N TYR D 256 -5.38 33.65 1.54
CA TYR D 256 -6.13 34.76 2.11
C TYR D 256 -6.67 34.44 3.50
N ALA D 257 -7.09 33.19 3.72
CA ALA D 257 -7.56 32.80 5.05
C ALA D 257 -6.42 32.73 6.05
N SER D 258 -5.23 32.35 5.59
CA SER D 258 -4.02 32.49 6.39
C SER D 258 -3.77 33.94 6.76
N ARG D 259 -4.01 34.88 5.84
CA ARG D 259 -3.84 36.28 6.18
C ARG D 259 -4.83 36.74 7.23
N LEU D 260 -6.09 36.30 7.13
CA LEU D 260 -7.11 36.71 8.10
C LEU D 260 -6.83 36.13 9.48
N TYR D 261 -6.42 34.87 9.53
CA TYR D 261 -6.07 34.27 10.80
C TYR D 261 -4.80 34.88 11.39
N LEU D 262 -3.85 35.30 10.56
CA LEU D 262 -2.66 35.94 11.10
C LEU D 262 -2.95 37.35 11.58
N SER D 263 -3.94 38.01 11.00
CA SER D 263 -4.37 39.29 11.56
C SER D 263 -5.07 39.10 12.89
N ARG D 264 -5.90 38.05 13.01
CA ARG D 264 -6.60 37.80 14.25
C ARG D 264 -5.68 37.24 15.34
N TYR D 265 -4.53 36.70 14.97
CA TYR D 265 -3.57 36.22 15.97
C TYR D 265 -3.01 37.34 16.83
N GLN D 266 -3.05 38.59 16.34
CA GLN D 266 -2.65 39.71 17.18
C GLN D 266 -3.57 39.84 18.38
N ASP D 267 -4.87 39.78 18.15
CA ASP D 267 -5.83 39.90 19.23
C ASP D 267 -5.98 38.64 20.06
N THR D 268 -5.66 37.45 19.51
CA THR D 268 -5.94 36.21 20.25
C THR D 268 -4.71 35.42 20.67
N HIS D 269 -3.84 35.00 19.76
CA HIS D 269 -2.66 34.19 20.08
C HIS D 269 -1.40 34.96 19.70
N PRO D 270 -1.01 35.97 20.48
CA PRO D 270 0.09 36.84 20.03
C PRO D 270 1.46 36.20 20.12
N GLU D 271 1.60 35.10 20.86
CA GLU D 271 2.83 34.34 20.91
C GLU D 271 3.05 33.49 19.67
N ARG D 272 2.08 33.43 18.77
CA ARG D 272 2.23 32.67 17.54
C ARG D 272 2.92 33.50 16.47
N LEU D 273 2.62 34.80 16.41
CA LEU D 273 3.29 35.69 15.49
C LEU D 273 4.76 35.84 15.88
N ALA D 274 5.58 36.13 14.89
CA ALA D 274 7.02 36.24 15.07
C ALA D 274 7.37 37.71 15.21
N LYS D 275 8.07 38.04 16.28
CA LYS D 275 8.58 39.39 16.50
C LYS D 275 9.92 39.49 15.79
N HIS D 276 10.71 40.53 16.08
CA HIS D 276 11.97 40.69 15.34
C HIS D 276 12.99 39.63 15.74
N THR D 277 13.42 39.66 17.03
CA THR D 277 14.58 38.94 17.57
C THR D 277 15.80 39.27 16.71
N PRO D 278 16.47 40.44 16.94
CA PRO D 278 17.65 40.84 16.14
C PRO D 278 18.79 39.83 15.96
N GLY D 279 18.82 38.77 16.75
CA GLY D 279 19.60 37.60 16.41
C GLY D 279 18.96 36.63 15.45
N GLY D 280 17.90 37.03 14.74
CA GLY D 280 17.19 36.15 13.84
C GLY D 280 16.79 36.85 12.55
N PRO D 281 15.81 36.29 11.85
CA PRO D 281 15.43 36.83 10.53
C PRO D 281 14.69 38.16 10.63
N TRP D 282 14.64 38.85 9.49
CA TRP D 282 13.90 40.09 9.38
C TRP D 282 12.45 39.78 9.06
N ILE D 283 11.53 40.36 9.80
CA ILE D 283 10.13 39.92 9.76
C ILE D 283 9.25 41.13 9.51
N ARG D 284 8.55 41.11 8.38
CA ARG D 284 7.57 42.12 8.03
C ARG D 284 6.18 41.55 8.18
N GLY D 285 5.23 42.38 8.56
CA GLY D 285 3.84 41.98 8.71
C GLY D 285 3.65 40.92 9.77
N ASN D 286 2.61 40.11 9.58
CA ASN D 286 2.34 38.99 10.45
C ASN D 286 2.97 37.74 9.85
N VAL D 287 3.83 37.08 10.62
CA VAL D 287 4.57 35.90 10.18
C VAL D 287 4.47 34.88 11.28
N TYR D 288 4.00 33.69 10.97
CA TYR D 288 4.06 32.57 11.88
C TYR D 288 5.28 31.75 11.50
N ILE D 289 6.15 31.50 12.45
CA ILE D 289 7.24 30.54 12.28
C ILE D 289 7.11 29.50 13.36
N HIS D 290 7.17 28.23 12.98
CA HIS D 290 7.20 27.15 13.93
C HIS D 290 8.51 27.20 14.71
N PRO D 291 8.50 26.77 15.98
CA PRO D 291 9.75 26.70 16.73
C PRO D 291 10.76 25.71 16.20
N THR D 292 10.30 24.61 15.57
CA THR D 292 11.20 23.59 15.06
C THR D 292 11.85 24.01 13.75
N ALA D 293 11.31 25.02 13.07
CA ALA D 293 11.90 25.52 11.85
C ALA D 293 13.22 26.22 12.13
N LYS D 294 14.08 26.26 11.11
CA LYS D 294 15.42 26.82 11.18
C LYS D 294 15.52 27.94 10.15
N VAL D 295 15.42 29.19 10.59
CA VAL D 295 15.41 30.35 9.70
C VAL D 295 16.67 31.15 9.92
N ALA D 296 17.41 31.39 8.85
CA ALA D 296 18.66 32.12 8.92
C ALA D 296 18.41 33.60 9.20
N PRO D 297 19.35 34.28 9.87
CA PRO D 297 19.15 35.71 10.17
C PRO D 297 19.06 36.62 8.96
N SER D 298 19.57 36.20 7.81
CA SER D 298 19.50 37.03 6.62
C SER D 298 18.20 36.85 5.84
N ALA D 299 17.36 35.90 6.23
CA ALA D 299 16.07 35.71 5.58
C ALA D 299 15.12 36.83 5.93
N VAL D 300 14.45 37.39 4.92
CA VAL D 300 13.45 38.43 5.11
C VAL D 300 12.10 37.79 4.87
N LEU D 301 11.30 37.66 5.92
CA LEU D 301 10.02 36.97 5.88
C LEU D 301 8.93 38.01 5.87
N GLY D 302 8.33 38.22 4.71
CA GLY D 302 7.43 39.34 4.48
C GLY D 302 6.08 39.04 5.04
N PRO D 303 5.11 39.90 4.73
CA PRO D 303 3.80 39.77 5.37
C PRO D 303 3.05 38.53 4.93
N ASN D 304 2.34 37.93 5.89
CA ASN D 304 1.41 36.81 5.70
C ASN D 304 2.12 35.56 5.21
N VAL D 305 3.20 35.22 5.89
CA VAL D 305 3.96 34.00 5.66
C VAL D 305 3.74 33.09 6.86
N SER D 306 3.61 31.79 6.63
CA SER D 306 3.59 30.85 7.74
C SER D 306 4.52 29.69 7.43
N ILE D 307 5.42 29.39 8.36
CA ILE D 307 6.44 28.37 8.20
C ILE D 307 6.00 27.14 8.98
N GLY D 308 6.16 25.97 8.38
CA GLY D 308 5.86 24.72 9.07
C GLY D 308 7.04 24.24 9.88
N LYS D 309 6.97 22.99 10.32
CA LYS D 309 7.98 22.47 11.23
C LYS D 309 9.09 21.74 10.51
N GLY D 310 10.31 21.90 11.02
CA GLY D 310 11.44 21.29 10.38
C GLY D 310 11.83 21.92 9.08
N VAL D 311 11.35 23.13 8.81
CA VAL D 311 11.67 23.85 7.59
C VAL D 311 13.02 24.54 7.78
N THR D 312 13.97 24.23 6.93
CA THR D 312 15.20 25.00 6.86
C THR D 312 14.98 26.12 5.86
N VAL D 313 15.30 27.34 6.27
CA VAL D 313 15.27 28.51 5.40
C VAL D 313 16.68 29.06 5.38
N GLY D 314 17.25 29.18 4.18
CA GLY D 314 18.63 29.57 4.01
C GLY D 314 18.85 31.06 4.15
N GLU D 315 20.05 31.48 3.76
CA GLU D 315 20.50 32.85 3.95
C GLU D 315 20.08 33.70 2.77
N GLY D 316 19.26 34.71 3.03
CA GLY D 316 18.86 35.61 1.99
C GLY D 316 17.59 35.26 1.29
N VAL D 317 16.79 34.35 1.87
CA VAL D 317 15.51 33.97 1.30
C VAL D 317 14.52 35.11 1.44
N ARG D 318 13.75 35.35 0.40
CA ARG D 318 12.58 36.21 0.49
C ARG D 318 11.35 35.31 0.51
N LEU D 319 10.53 35.45 1.54
CA LEU D 319 9.27 34.73 1.66
C LEU D 319 8.18 35.75 1.83
N ARG D 320 7.22 35.79 0.90
CA ARG D 320 6.15 36.76 0.97
C ARG D 320 4.83 36.14 0.53
N GLU D 321 3.83 36.22 1.41
CA GLU D 321 2.46 35.75 1.18
C GLU D 321 2.40 34.26 0.82
N SER D 322 3.02 33.43 1.64
CA SER D 322 3.32 32.07 1.25
C SER D 322 3.14 31.11 2.41
N ILE D 323 2.95 29.84 2.09
CA ILE D 323 2.91 28.77 3.06
C ILE D 323 4.00 27.78 2.72
N VAL D 324 4.78 27.37 3.71
CA VAL D 324 5.86 26.41 3.53
C VAL D 324 5.61 25.24 4.46
N LEU D 325 5.22 24.09 3.91
CA LEU D 325 4.80 22.98 4.75
C LEU D 325 5.99 22.22 5.34
N HIS D 326 5.69 21.20 6.14
CA HIS D 326 6.66 20.64 7.07
C HIS D 326 7.75 19.86 6.35
N GLY D 327 8.99 20.27 6.55
CA GLY D 327 10.12 19.56 6.00
C GLY D 327 10.72 20.18 4.77
N ALA D 328 10.13 21.27 4.27
CA ALA D 328 10.60 21.87 3.05
C ALA D 328 11.87 22.66 3.30
N THR D 329 12.81 22.62 2.37
CA THR D 329 14.06 23.36 2.50
C THR D 329 14.14 24.36 1.36
N LEU D 330 14.22 25.64 1.70
CA LEU D 330 14.54 26.67 0.73
C LEU D 330 16.00 27.07 0.93
N GLN D 331 16.79 26.97 -0.12
CA GLN D 331 18.23 27.25 -0.03
C GLN D 331 18.44 28.76 -0.11
N GLU D 332 19.68 29.19 -0.33
CA GLU D 332 20.00 30.61 -0.27
C GLU D 332 19.47 31.38 -1.48
N HIS D 333 19.15 32.65 -1.25
CA HIS D 333 18.82 33.67 -2.24
C HIS D 333 17.55 33.40 -3.03
N THR D 334 16.63 32.59 -2.52
CA THR D 334 15.42 32.29 -3.26
C THR D 334 14.31 33.28 -2.94
N CYS D 335 13.47 33.53 -3.93
CA CYS D 335 12.32 34.40 -3.77
C CYS D 335 11.05 33.59 -3.96
N VAL D 336 10.35 33.30 -2.86
CA VAL D 336 9.10 32.57 -2.89
C VAL D 336 7.98 33.55 -2.57
N LEU D 337 7.21 33.90 -3.60
CA LEU D 337 6.12 34.86 -3.47
C LEU D 337 4.84 34.21 -3.94
N HIS D 338 3.81 34.28 -3.09
CA HIS D 338 2.43 33.86 -3.39
C HIS D 338 2.33 32.39 -3.77
N SER D 339 2.99 31.55 -3.00
CA SER D 339 3.10 30.15 -3.34
C SER D 339 2.75 29.29 -2.14
N ILE D 340 2.52 28.01 -2.39
CA ILE D 340 2.45 27.00 -1.35
C ILE D 340 3.53 26.00 -1.68
N VAL D 341 4.58 25.97 -0.87
CA VAL D 341 5.63 24.98 -0.98
C VAL D 341 5.19 23.77 -0.16
N GLY D 342 4.95 22.65 -0.84
CA GLY D 342 4.49 21.46 -0.17
C GLY D 342 5.56 20.81 0.66
N TRP D 343 5.15 19.78 1.40
CA TRP D 343 6.01 19.22 2.42
C TRP D 343 7.13 18.39 1.80
N GLY D 344 8.33 18.55 2.32
CA GLY D 344 9.46 17.82 1.81
C GLY D 344 10.07 18.37 0.55
N SER D 345 9.58 19.51 0.07
CA SER D 345 10.05 20.10 -1.16
C SER D 345 11.40 20.75 -0.96
N THR D 346 12.06 21.06 -2.07
CA THR D 346 13.39 21.65 -2.03
C THR D 346 13.49 22.65 -3.17
N VAL D 347 13.75 23.90 -2.82
CA VAL D 347 14.01 24.95 -3.79
C VAL D 347 15.51 25.24 -3.75
N GLY D 348 16.17 25.20 -4.91
CA GLY D 348 17.60 25.40 -5.00
C GLY D 348 17.98 26.86 -4.91
N ARG D 349 19.29 27.12 -4.95
CA ARG D 349 19.84 28.47 -4.85
C ARG D 349 19.33 29.34 -5.98
N TRP D 350 19.07 30.62 -5.68
CA TRP D 350 18.73 31.66 -6.63
C TRP D 350 17.50 31.33 -7.48
N ALA D 351 16.61 30.50 -6.95
CA ALA D 351 15.44 30.06 -7.67
C ALA D 351 14.25 30.92 -7.27
N ARG D 352 13.42 31.24 -8.23
CA ARG D 352 12.24 32.04 -7.98
C ARG D 352 11.02 31.15 -8.10
N VAL D 353 10.14 31.22 -7.13
CA VAL D 353 8.86 30.51 -7.17
C VAL D 353 7.78 31.56 -6.97
N GLU D 354 7.07 31.91 -8.02
CA GLU D 354 6.19 33.05 -7.98
C GLU D 354 4.77 32.68 -8.36
N GLY D 355 3.81 33.37 -7.75
CA GLY D 355 2.43 33.24 -8.12
C GLY D 355 1.81 34.63 -8.27
N THR D 356 0.61 34.69 -8.79
CA THR D 356 -0.08 35.97 -8.94
C THR D 356 -1.35 35.91 -8.13
N PRO D 357 -1.52 36.87 -7.21
CA PRO D 357 -2.72 36.87 -6.39
C PRO D 357 -3.88 37.61 -7.02
N SER D 358 -5.05 36.99 -7.03
CA SER D 358 -6.25 37.62 -7.55
C SER D 358 -7.12 37.85 -6.31
N ASP D 359 -6.68 38.79 -5.49
CA ASP D 359 -7.32 39.13 -4.22
C ASP D 359 -8.66 39.84 -4.27
N PRO D 360 -9.17 40.21 -3.08
CA PRO D 360 -10.43 40.93 -2.88
C PRO D 360 -10.36 42.28 -3.55
N ASN D 361 -11.50 42.75 -4.04
CA ASN D 361 -11.55 44.02 -4.76
C ASN D 361 -11.09 45.17 -3.88
N PRO D 362 -10.19 46.03 -4.35
CA PRO D 362 -9.78 47.19 -3.55
C PRO D 362 -10.82 48.31 -3.58
N ASN D 363 -11.71 48.27 -4.55
CA ASN D 363 -12.70 49.33 -4.70
C ASN D 363 -14.07 49.07 -4.11
N ASP D 364 -14.26 47.90 -3.50
CA ASP D 364 -15.53 47.59 -2.87
C ASP D 364 -15.33 47.15 -1.42
N PRO D 365 -16.00 47.83 -0.48
CA PRO D 365 -15.92 47.48 0.95
C PRO D 365 -16.52 46.12 1.24
N ARG D 366 -17.65 45.86 0.61
CA ARG D 366 -18.42 44.63 0.74
C ARG D 366 -17.75 43.35 0.28
N ALA D 367 -16.96 43.46 -0.78
CA ALA D 367 -16.39 42.30 -1.43
C ALA D 367 -15.58 41.27 -0.63
N ARG D 368 -15.95 40.03 -0.91
CA ARG D 368 -15.37 38.78 -0.42
C ARG D 368 -14.26 38.35 -1.37
N MET D 369 -13.74 37.14 -1.18
CA MET D 369 -12.81 36.57 -2.14
C MET D 369 -13.53 35.63 -3.10
N ASP D 370 -13.37 35.88 -4.38
CA ASP D 370 -13.86 34.99 -5.42
C ASP D 370 -12.91 33.82 -5.56
N SER D 371 -13.46 32.61 -5.56
CA SER D 371 -12.67 31.40 -5.77
C SER D 371 -12.56 31.13 -7.26
N GLU D 372 -11.34 31.06 -7.76
CA GLU D 372 -11.11 30.71 -9.15
C GLU D 372 -11.13 29.19 -9.32
N SER D 373 -11.45 28.73 -10.53
CA SER D 373 -11.76 27.33 -10.76
C SER D 373 -10.75 26.64 -11.67
N LEU D 374 -9.48 27.05 -11.61
CA LEU D 374 -8.30 26.44 -12.24
C LEU D 374 -8.24 26.62 -13.75
N PHE D 375 -9.33 27.04 -14.35
CA PHE D 375 -9.47 27.06 -15.81
C PHE D 375 -10.64 27.97 -16.11
N LYS D 376 -10.39 29.05 -16.83
CA LYS D 376 -11.43 30.01 -17.19
C LYS D 376 -11.24 30.40 -18.64
N ASP D 377 -12.32 30.32 -19.41
CA ASP D 377 -12.38 30.67 -20.83
C ASP D 377 -11.45 29.79 -21.67
N GLY D 378 -11.36 28.51 -21.31
CA GLY D 378 -10.46 27.59 -21.99
C GLY D 378 -9.00 27.80 -21.69
N LYS D 379 -8.68 28.63 -20.71
CA LYS D 379 -7.33 29.08 -20.45
C LYS D 379 -7.02 28.84 -18.98
N LEU D 380 -5.79 28.44 -18.72
CA LEU D 380 -5.30 28.29 -17.36
C LEU D 380 -5.02 29.67 -16.76
N LEU D 381 -5.65 29.95 -15.63
CA LEU D 381 -5.61 31.26 -14.97
C LEU D 381 -4.31 31.44 -14.19
N PRO D 382 -3.70 32.62 -14.26
CA PRO D 382 -2.56 32.93 -13.39
C PRO D 382 -3.01 33.02 -11.94
N ALA D 383 -2.50 32.12 -11.11
CA ALA D 383 -2.92 32.04 -9.73
C ALA D 383 -1.74 31.56 -8.90
N ILE D 384 -2.04 31.02 -7.72
CA ILE D 384 -1.03 30.66 -6.74
C ILE D 384 -0.22 29.49 -7.29
N THR D 385 1.10 29.55 -7.10
CA THR D 385 1.97 28.46 -7.50
C THR D 385 1.95 27.38 -6.43
N ILE D 386 1.58 26.17 -6.82
CA ILE D 386 1.54 25.03 -5.93
C ILE D 386 2.68 24.11 -6.30
N LEU D 387 3.63 23.96 -5.40
CA LEU D 387 4.61 22.89 -5.48
C LEU D 387 4.12 21.75 -4.60
N GLY D 388 4.00 20.56 -5.16
CA GLY D 388 3.51 19.44 -4.40
C GLY D 388 4.51 18.85 -3.45
N CYS D 389 4.32 17.60 -3.09
CA CYS D 389 5.13 16.95 -2.08
C CYS D 389 6.40 16.42 -2.71
N ARG D 390 7.54 16.73 -2.10
CA ARG D 390 8.87 16.27 -2.52
C ARG D 390 9.19 16.71 -3.94
N VAL D 391 8.76 17.91 -4.27
CA VAL D 391 9.09 18.52 -5.55
C VAL D 391 10.45 19.18 -5.41
N ARG D 392 11.37 18.85 -6.31
CA ARG D 392 12.73 19.38 -6.27
C ARG D 392 12.88 20.44 -7.34
N ILE D 393 12.99 21.69 -6.91
CA ILE D 393 13.20 22.81 -7.83
C ILE D 393 14.71 23.03 -7.93
N PRO D 394 15.28 23.03 -9.12
CA PRO D 394 16.74 23.16 -9.24
C PRO D 394 17.21 24.57 -8.98
N ALA D 395 18.52 24.75 -8.98
CA ALA D 395 19.09 26.06 -8.76
C ALA D 395 18.85 26.94 -9.98
N GLU D 396 18.59 28.22 -9.72
CA GLU D 396 18.49 29.29 -10.72
C GLU D 396 17.34 29.08 -11.70
N VAL D 397 16.25 28.48 -11.25
CA VAL D 397 15.12 28.15 -12.09
C VAL D 397 13.89 28.90 -11.58
N LEU D 398 13.10 29.45 -12.50
CA LEU D 398 11.89 30.19 -12.19
C LEU D 398 10.66 29.32 -12.42
N ILE D 399 9.81 29.23 -11.41
CA ILE D 399 8.56 28.49 -11.47
C ILE D 399 7.44 29.52 -11.33
N LEU D 400 6.82 29.88 -12.44
CA LEU D 400 5.88 30.98 -12.48
C LEU D 400 4.49 30.43 -12.76
N ASN D 401 3.57 30.69 -11.83
CA ASN D 401 2.14 30.41 -11.98
C ASN D 401 1.83 28.95 -12.27
N SER D 402 2.67 28.04 -11.81
CA SER D 402 2.59 26.66 -12.20
C SER D 402 2.03 25.82 -11.07
N ILE D 403 1.69 24.58 -11.39
CA ILE D 403 1.28 23.58 -10.41
C ILE D 403 2.15 22.38 -10.64
N VAL D 404 3.03 22.08 -9.71
CA VAL D 404 3.95 20.96 -9.84
C VAL D 404 3.42 19.83 -9.01
N LEU D 405 3.00 18.77 -9.68
CA LEU D 405 2.42 17.61 -9.05
C LEU D 405 3.49 16.86 -8.25
N PRO D 406 3.11 16.14 -7.20
CA PRO D 406 4.09 15.67 -6.20
C PRO D 406 5.10 14.67 -6.74
N HIS D 407 6.27 14.65 -6.08
CA HIS D 407 7.41 13.77 -6.37
C HIS D 407 8.03 14.04 -7.73
N LYS D 408 8.24 15.30 -8.05
CA LYS D 408 8.77 15.72 -9.35
C LYS D 408 10.06 16.49 -9.15
N GLU D 409 11.14 16.03 -9.76
CA GLU D 409 12.32 16.86 -9.92
C GLU D 409 12.20 17.59 -11.26
N LEU D 410 12.24 18.91 -11.21
CA LEU D 410 12.28 19.69 -12.42
C LEU D 410 13.72 19.96 -12.80
N SER D 411 13.92 20.48 -14.01
CA SER D 411 15.26 20.79 -14.45
C SER D 411 15.36 22.10 -15.22
N ARG D 412 14.26 22.79 -15.47
CA ARG D 412 14.30 24.04 -16.20
C ARG D 412 13.16 24.92 -15.71
N SER D 413 13.08 26.12 -16.28
CA SER D 413 12.05 27.07 -15.92
C SER D 413 10.72 26.73 -16.55
N PHE D 414 9.65 27.06 -15.84
CA PHE D 414 8.30 26.80 -16.30
C PHE D 414 7.45 28.02 -16.01
N THR D 415 6.47 28.26 -16.87
CA THR D 415 5.63 29.45 -16.74
C THR D 415 4.23 29.11 -17.21
N ASN D 416 3.26 29.25 -16.31
CA ASN D 416 1.83 29.01 -16.55
C ASN D 416 1.55 27.58 -17.00
N GLN D 417 1.93 26.63 -16.16
CA GLN D 417 1.85 25.21 -16.49
C GLN D 417 1.10 24.44 -15.42
N ILE D 418 0.79 23.20 -15.76
CA ILE D 418 0.51 22.16 -14.78
C ILE D 418 1.52 21.08 -15.11
N ILE D 419 2.52 20.91 -14.26
CA ILE D 419 3.64 20.06 -14.58
C ILE D 419 3.36 18.69 -13.97
N LEU D 420 3.11 17.72 -14.83
CA LEU D 420 2.64 16.41 -14.45
C LEU D 420 3.80 15.45 -14.17
N MET E 1 28.37 -16.07 -27.44
CA MET E 1 27.59 -15.79 -26.24
C MET E 1 27.34 -14.31 -26.05
N LEU E 2 26.07 -13.92 -26.11
CA LEU E 2 25.66 -12.53 -25.98
C LEU E 2 24.75 -12.36 -24.78
N LYS E 3 24.65 -11.14 -24.30
CA LYS E 3 23.54 -10.85 -23.41
C LYS E 3 23.00 -9.44 -23.67
N ALA E 4 21.94 -9.08 -22.94
CA ALA E 4 21.24 -7.84 -23.18
C ALA E 4 20.96 -7.14 -21.87
N VAL E 5 21.29 -5.85 -21.83
CA VAL E 5 20.99 -4.98 -20.70
C VAL E 5 19.89 -4.02 -21.13
N ILE E 6 18.74 -4.10 -20.50
CA ILE E 6 17.64 -3.19 -20.80
C ILE E 6 17.55 -2.18 -19.67
N LEU E 7 17.83 -0.93 -19.98
CA LEU E 7 17.82 0.16 -19.01
C LEU E 7 16.39 0.64 -18.82
N ILE E 8 15.70 0.09 -17.86
CA ILE E 8 14.44 0.68 -17.46
C ILE E 8 14.75 1.78 -16.46
N GLY E 9 13.87 2.74 -16.33
CA GLY E 9 14.28 3.88 -15.54
C GLY E 9 14.02 3.70 -14.08
N GLY E 10 13.36 4.69 -13.49
CA GLY E 10 12.80 4.57 -12.19
C GLY E 10 11.57 5.44 -12.13
N PRO E 11 11.03 5.66 -10.94
CA PRO E 11 9.81 6.47 -10.82
C PRO E 11 9.98 7.91 -11.25
N GLN E 12 11.16 8.48 -11.01
CA GLN E 12 11.45 9.84 -11.45
C GLN E 12 11.57 9.93 -12.96
N LYS E 13 11.97 8.84 -13.60
CA LYS E 13 11.98 8.77 -15.06
C LYS E 13 10.55 8.71 -15.63
N GLY E 14 9.69 7.94 -14.95
CA GLY E 14 8.32 7.76 -15.34
C GLY E 14 7.35 8.82 -14.86
N THR E 15 7.82 9.89 -14.21
CA THR E 15 6.88 10.97 -13.88
C THR E 15 6.42 11.76 -15.09
N ARG E 16 7.07 11.60 -16.23
CA ARG E 16 6.70 12.32 -17.45
C ARG E 16 5.52 11.65 -18.16
N PHE E 17 5.19 10.47 -17.67
CA PHE E 17 4.14 9.59 -18.15
C PHE E 17 3.10 9.59 -17.03
N ARG E 18 2.91 10.74 -16.38
CA ARG E 18 2.15 10.85 -15.14
C ARG E 18 0.70 10.39 -15.01
N PRO E 19 -0.15 10.64 -16.02
CA PRO E 19 -1.51 10.13 -15.80
C PRO E 19 -1.51 8.59 -15.71
N LEU E 20 -0.75 7.93 -16.58
CA LEU E 20 -0.68 6.47 -16.63
C LEU E 20 0.35 5.76 -15.74
N SER E 21 1.29 6.49 -15.18
CA SER E 21 2.31 5.93 -14.31
C SER E 21 1.92 5.95 -12.85
N PHE E 22 0.73 6.44 -12.52
CA PHE E 22 0.22 6.29 -11.15
C PHE E 22 -0.11 4.83 -10.88
N GLU E 23 -0.63 4.12 -11.88
CA GLU E 23 -1.01 2.72 -11.69
C GLU E 23 0.18 1.79 -11.87
N VAL E 24 0.72 1.70 -13.08
CA VAL E 24 1.78 0.75 -13.36
C VAL E 24 3.07 1.52 -13.55
N PRO E 25 4.24 0.90 -13.39
CA PRO E 25 5.47 1.54 -13.87
C PRO E 25 5.43 1.70 -15.38
N LYS E 26 6.06 2.75 -15.85
CA LYS E 26 6.20 3.01 -17.29
C LYS E 26 6.70 1.85 -18.15
N PRO E 27 7.70 1.04 -17.76
CA PRO E 27 8.11 -0.05 -18.67
C PRO E 27 7.10 -1.17 -18.79
N LEU E 28 6.15 -1.27 -17.86
CA LEU E 28 5.11 -2.27 -17.91
C LEU E 28 3.81 -1.75 -18.52
N PHE E 29 3.84 -0.59 -19.16
CA PHE E 29 2.64 -0.08 -19.79
C PHE E 29 2.37 -0.86 -21.07
N PRO E 30 1.16 -1.35 -21.28
CA PRO E 30 0.88 -2.20 -22.44
C PRO E 30 0.77 -1.41 -23.73
N VAL E 31 1.78 -1.55 -24.58
CA VAL E 31 1.84 -0.87 -25.88
C VAL E 31 1.59 -1.91 -26.95
N ALA E 32 0.50 -1.73 -27.71
CA ALA E 32 -0.02 -2.68 -28.71
C ALA E 32 -0.24 -4.06 -28.09
N GLY E 33 -0.76 -4.09 -26.88
CA GLY E 33 -1.19 -5.33 -26.29
C GLY E 33 -0.32 -5.87 -25.18
N VAL E 34 0.99 -5.76 -25.33
CA VAL E 34 1.94 -6.30 -24.37
C VAL E 34 2.68 -5.13 -23.77
N PRO E 35 3.26 -5.30 -22.55
CA PRO E 35 4.10 -4.24 -21.95
C PRO E 35 5.20 -3.67 -22.82
N MET E 36 5.70 -2.50 -22.42
CA MET E 36 6.62 -1.74 -23.26
C MET E 36 7.93 -2.49 -23.46
N ILE E 37 8.44 -3.14 -22.42
CA ILE E 37 9.74 -3.79 -22.53
C ILE E 37 9.66 -5.23 -22.97
N GLN E 38 8.45 -5.81 -23.06
CA GLN E 38 8.34 -7.14 -23.63
C GLN E 38 8.61 -7.16 -25.11
N HIS E 39 8.44 -6.03 -25.80
CA HIS E 39 8.93 -5.90 -27.16
C HIS E 39 10.45 -6.07 -27.23
N HIS E 40 11.17 -5.43 -26.32
CA HIS E 40 12.63 -5.53 -26.28
C HIS E 40 13.07 -6.95 -25.92
N ILE E 41 12.36 -7.56 -24.98
CA ILE E 41 12.72 -8.88 -24.48
C ILE E 41 12.46 -9.94 -25.55
N GLU E 42 11.31 -9.86 -26.21
CA GLU E 42 10.98 -10.76 -27.32
C GLU E 42 11.92 -10.58 -28.50
N ALA E 43 12.33 -9.35 -28.78
CA ALA E 43 13.25 -9.13 -29.88
C ALA E 43 14.67 -9.55 -29.56
N CYS E 44 15.03 -9.61 -28.28
CA CYS E 44 16.35 -10.14 -27.92
C CYS E 44 16.34 -11.66 -27.87
N ALA E 45 15.23 -12.26 -27.49
CA ALA E 45 15.15 -13.71 -27.36
C ALA E 45 15.03 -14.42 -28.70
N GLN E 46 15.05 -13.71 -29.81
CA GLN E 46 15.22 -14.30 -31.13
C GLN E 46 16.64 -14.13 -31.66
N VAL E 47 17.55 -13.61 -30.85
CA VAL E 47 18.94 -13.48 -31.28
C VAL E 47 19.67 -14.78 -30.94
N PRO E 48 20.22 -15.48 -31.92
CA PRO E 48 20.98 -16.71 -31.64
C PRO E 48 22.25 -16.41 -30.85
N GLY E 49 22.35 -17.00 -29.66
CA GLY E 49 23.42 -16.73 -28.74
C GLY E 49 23.05 -15.88 -27.54
N MET E 50 21.81 -15.43 -27.45
CA MET E 50 21.38 -14.58 -26.34
C MET E 50 21.12 -15.44 -25.11
N GLN E 51 21.84 -15.19 -24.02
CA GLN E 51 21.79 -16.10 -22.89
C GLN E 51 21.21 -15.49 -21.62
N GLU E 52 21.25 -14.17 -21.46
CA GLU E 52 20.77 -13.52 -20.25
C GLU E 52 20.19 -12.17 -20.62
N ILE E 53 19.12 -11.78 -19.93
CA ILE E 53 18.54 -10.45 -20.07
C ILE E 53 18.57 -9.80 -18.69
N LEU E 54 19.28 -8.69 -18.57
CA LEU E 54 19.38 -7.96 -17.32
C LEU E 54 18.63 -6.64 -17.43
N LEU E 55 17.71 -6.40 -16.50
CA LEU E 55 17.01 -5.13 -16.41
C LEU E 55 17.65 -4.31 -15.31
N ILE E 56 18.11 -3.12 -15.64
CA ILE E 56 18.78 -2.24 -14.68
C ILE E 56 17.90 -1.01 -14.51
N GLY E 57 17.41 -0.80 -13.30
CA GLY E 57 16.62 0.38 -13.01
C GLY E 57 16.63 0.64 -11.52
N PHE E 58 15.95 1.71 -11.12
CA PHE E 58 15.80 1.97 -9.69
C PHE E 58 14.34 1.91 -9.27
N TYR E 59 13.54 1.14 -10.00
CA TYR E 59 12.20 0.78 -9.54
C TYR E 59 12.31 -0.24 -8.42
N GLN E 60 11.56 -0.04 -7.35
CA GLN E 60 11.51 -1.04 -6.31
C GLN E 60 10.68 -2.24 -6.79
N PRO E 61 11.11 -3.45 -6.49
CA PRO E 61 10.44 -4.62 -7.10
C PRO E 61 9.13 -5.00 -6.41
N ASP E 62 8.06 -4.29 -6.77
CA ASP E 62 6.75 -4.61 -6.22
C ASP E 62 6.15 -5.78 -7.00
N GLU E 63 4.88 -6.07 -6.74
CA GLU E 63 4.20 -7.22 -7.32
C GLU E 63 4.12 -7.23 -8.86
N PRO E 64 3.78 -6.13 -9.57
CA PRO E 64 3.69 -6.25 -11.03
C PRO E 64 5.02 -6.50 -11.73
N LEU E 65 6.11 -5.94 -11.21
CA LEU E 65 7.40 -6.10 -11.86
C LEU E 65 7.91 -7.54 -11.71
N THR E 66 7.76 -8.14 -10.55
CA THR E 66 8.21 -9.52 -10.41
C THR E 66 7.24 -10.50 -11.07
N GLN E 67 5.95 -10.15 -11.17
CA GLN E 67 5.04 -10.94 -12.00
C GLN E 67 5.45 -10.91 -13.46
N PHE E 68 5.85 -9.74 -13.95
CA PHE E 68 6.35 -9.62 -15.31
C PHE E 68 7.63 -10.40 -15.49
N LEU E 69 8.51 -10.37 -14.49
CA LEU E 69 9.80 -11.04 -14.57
C LEU E 69 9.63 -12.54 -14.68
N GLU E 70 8.83 -13.12 -13.78
CA GLU E 70 8.56 -14.56 -13.81
C GLU E 70 7.80 -14.98 -15.06
N ALA E 71 6.86 -14.14 -15.51
CA ALA E 71 6.11 -14.45 -16.71
C ALA E 71 7.00 -14.44 -17.95
N ALA E 72 7.94 -13.50 -18.03
CA ALA E 72 8.84 -13.46 -19.16
C ALA E 72 9.87 -14.58 -19.10
N GLN E 73 10.28 -14.93 -17.88
CA GLN E 73 11.19 -16.06 -17.69
C GLN E 73 10.56 -17.37 -18.14
N GLN E 74 9.25 -17.51 -17.96
CA GLN E 74 8.59 -18.70 -18.46
C GLN E 74 8.25 -18.59 -19.95
N GLU E 75 7.92 -17.40 -20.43
CA GLU E 75 7.44 -17.29 -21.81
C GLU E 75 8.58 -17.34 -22.82
N PHE E 76 9.74 -16.81 -22.48
CA PHE E 76 10.84 -16.76 -23.44
C PHE E 76 11.96 -17.72 -23.11
N ASN E 77 11.83 -18.50 -22.03
CA ASN E 77 12.75 -19.57 -21.63
C ASN E 77 14.18 -19.05 -21.44
N LEU E 78 14.29 -17.81 -20.97
CA LEU E 78 15.53 -17.10 -20.75
C LEU E 78 15.56 -16.61 -19.31
N PRO E 79 16.74 -16.46 -18.71
CA PRO E 79 16.80 -15.79 -17.41
C PRO E 79 16.65 -14.29 -17.59
N VAL E 80 15.59 -13.74 -17.04
CA VAL E 80 15.34 -12.30 -17.03
C VAL E 80 15.59 -11.83 -15.60
N ARG E 81 16.72 -11.18 -15.38
CA ARG E 81 17.13 -10.75 -14.05
C ARG E 81 16.93 -9.24 -13.92
N TYR E 82 16.52 -8.81 -12.74
CA TYR E 82 16.33 -7.40 -12.45
C TYR E 82 17.41 -6.93 -11.48
N LEU E 83 18.17 -5.92 -11.89
CA LEU E 83 19.27 -5.37 -11.10
C LEU E 83 18.89 -4.00 -10.59
N GLN E 84 18.38 -3.91 -9.37
CA GLN E 84 17.97 -2.63 -8.82
C GLN E 84 19.18 -1.90 -8.27
N GLU E 85 19.35 -0.65 -8.67
CA GLU E 85 20.50 0.11 -8.24
C GLU E 85 20.20 0.88 -6.97
N PHE E 86 21.25 1.07 -6.16
CA PHE E 86 21.11 1.70 -4.86
C PHE E 86 20.78 3.18 -4.97
N ALA E 87 21.24 3.84 -6.03
CA ALA E 87 20.97 5.24 -6.31
C ALA E 87 20.69 5.33 -7.80
N PRO E 88 19.95 6.35 -8.24
CA PRO E 88 19.84 6.58 -9.69
C PRO E 88 21.16 7.06 -10.28
N LEU E 89 21.80 6.18 -11.04
CA LEU E 89 23.20 6.35 -11.44
C LEU E 89 23.34 6.85 -12.87
N GLY E 90 22.29 7.41 -13.45
CA GLY E 90 22.38 7.82 -14.82
C GLY E 90 22.31 6.66 -15.79
N THR E 91 22.48 7.00 -17.06
CA THR E 91 22.32 6.04 -18.14
C THR E 91 23.45 5.03 -18.16
N GLY E 92 24.69 5.49 -18.01
CA GLY E 92 25.83 4.62 -18.12
C GLY E 92 26.43 4.20 -16.80
N GLY E 93 26.12 4.94 -15.73
CA GLY E 93 26.68 4.62 -14.43
C GLY E 93 26.10 3.37 -13.81
N GLY E 94 24.90 2.97 -14.21
CA GLY E 94 24.37 1.71 -13.77
C GLY E 94 24.92 0.53 -14.53
N LEU E 95 25.33 0.75 -15.79
CA LEU E 95 26.10 -0.27 -16.49
C LEU E 95 27.46 -0.42 -15.87
N TYR E 96 28.07 0.68 -15.45
CA TYR E 96 29.37 0.58 -14.83
C TYR E 96 29.27 -0.05 -13.44
N HIS E 97 28.20 0.22 -12.71
CA HIS E 97 28.03 -0.36 -11.39
C HIS E 97 27.78 -1.86 -11.43
N PHE E 98 27.07 -2.34 -12.45
CA PHE E 98 26.75 -3.75 -12.57
C PHE E 98 27.65 -4.47 -13.56
N ARG E 99 28.92 -4.07 -13.63
CA ARG E 99 29.82 -4.60 -14.65
C ARG E 99 30.17 -6.06 -14.40
N ASP E 100 30.28 -6.46 -13.13
CA ASP E 100 30.62 -7.83 -12.82
C ASP E 100 29.48 -8.78 -13.09
N GLN E 101 28.25 -8.27 -13.08
CA GLN E 101 27.06 -9.06 -13.38
C GLN E 101 26.78 -9.12 -14.87
N ILE E 102 27.18 -8.09 -15.61
CA ILE E 102 27.09 -8.11 -17.06
C ILE E 102 28.20 -8.97 -17.65
N LEU E 103 29.43 -8.76 -17.19
CA LEU E 103 30.56 -9.46 -17.77
C LEU E 103 30.72 -10.88 -17.27
N ALA E 104 29.80 -11.37 -16.44
CA ALA E 104 29.80 -12.76 -16.03
C ALA E 104 29.54 -13.67 -17.22
N GLY E 105 30.22 -14.82 -17.23
CA GLY E 105 30.08 -15.78 -18.30
C GLY E 105 30.91 -15.49 -19.53
N SER E 106 31.73 -14.43 -19.50
CA SER E 106 32.53 -13.84 -20.56
C SER E 106 31.76 -13.66 -21.86
N PRO E 107 30.77 -12.76 -21.92
CA PRO E 107 29.98 -12.61 -23.13
C PRO E 107 30.76 -11.92 -24.24
N GLU E 108 30.45 -12.31 -25.47
CA GLU E 108 31.09 -11.70 -26.64
C GLU E 108 30.70 -10.25 -26.79
N ALA E 109 29.42 -9.94 -26.55
CA ALA E 109 28.90 -8.60 -26.65
C ALA E 109 27.60 -8.53 -25.87
N PHE E 110 27.17 -7.30 -25.60
CA PHE E 110 25.88 -7.13 -24.97
C PHE E 110 25.17 -5.92 -25.56
N PHE E 111 23.89 -6.10 -25.82
CA PHE E 111 23.05 -5.04 -26.33
C PHE E 111 22.56 -4.18 -25.18
N VAL E 112 22.81 -2.88 -25.24
CA VAL E 112 22.17 -1.96 -24.32
C VAL E 112 20.93 -1.38 -24.99
N LEU E 113 19.78 -1.46 -24.34
CA LEU E 113 18.53 -1.00 -24.91
C LEU E 113 17.83 -0.09 -23.93
N ASN E 114 17.57 1.16 -24.33
CA ASN E 114 16.70 2.02 -23.55
C ASN E 114 15.28 1.49 -23.58
N ALA E 115 14.62 1.50 -22.44
CA ALA E 115 13.27 0.98 -22.34
C ALA E 115 12.22 1.83 -23.06
N ASP E 116 12.47 3.14 -23.24
CA ASP E 116 11.44 3.99 -23.78
C ASP E 116 11.28 3.89 -25.28
N VAL E 117 12.21 3.29 -25.99
CA VAL E 117 12.15 3.30 -27.45
C VAL E 117 11.17 2.25 -27.94
N CYS E 118 10.55 2.55 -29.07
CA CYS E 118 9.80 1.60 -29.88
C CYS E 118 10.62 1.36 -31.14
N SER E 119 10.89 0.09 -31.44
CA SER E 119 11.76 -0.19 -32.56
C SER E 119 11.38 -1.52 -33.18
N ASP E 120 11.85 -1.72 -34.41
CA ASP E 120 11.92 -3.04 -34.99
C ASP E 120 12.97 -3.91 -34.31
N PHE E 121 13.93 -3.28 -33.62
CA PHE E 121 15.10 -3.87 -32.97
C PHE E 121 15.87 -4.72 -33.96
N PRO E 122 16.66 -4.10 -34.85
CA PRO E 122 17.47 -4.84 -35.82
C PRO E 122 18.76 -5.35 -35.18
N LEU E 123 18.62 -6.31 -34.28
CA LEU E 123 19.74 -6.72 -33.45
C LEU E 123 20.72 -7.62 -34.20
N SER E 124 20.22 -8.45 -35.12
CA SER E 124 21.12 -9.31 -35.88
C SER E 124 21.96 -8.50 -36.86
N ALA E 125 21.43 -7.41 -37.40
CA ALA E 125 22.19 -6.60 -38.35
C ALA E 125 23.31 -5.84 -37.66
N MET E 126 23.02 -5.29 -36.48
CA MET E 126 24.06 -4.70 -35.63
C MET E 126 25.08 -5.75 -35.24
N LEU E 127 24.63 -6.99 -35.03
CA LEU E 127 25.53 -8.07 -34.64
C LEU E 127 26.51 -8.41 -35.75
N GLU E 128 26.02 -8.50 -36.99
CA GLU E 128 26.89 -8.77 -38.13
C GLU E 128 27.85 -7.61 -38.38
N ALA E 129 27.37 -6.38 -38.29
CA ALA E 129 28.26 -5.23 -38.46
C ALA E 129 29.28 -5.13 -37.33
N HIS E 130 28.96 -5.67 -36.15
CA HIS E 130 29.95 -5.73 -35.09
C HIS E 130 30.98 -6.81 -35.36
N ARG E 131 30.54 -7.99 -35.79
CA ARG E 131 31.45 -9.09 -36.08
C ARG E 131 32.35 -8.81 -37.27
N ARG E 132 31.99 -7.88 -38.13
CA ARG E 132 32.91 -7.50 -39.20
C ARG E 132 34.05 -6.59 -38.73
N GLN E 133 33.87 -5.81 -37.67
CA GLN E 133 34.92 -4.85 -37.33
C GLN E 133 35.33 -4.82 -35.86
N ARG E 134 34.42 -5.18 -34.94
CA ARG E 134 34.68 -5.36 -33.49
C ARG E 134 35.21 -4.07 -32.85
N HIS E 135 34.32 -3.09 -32.74
CA HIS E 135 34.64 -1.82 -32.10
C HIS E 135 34.00 -1.73 -30.71
N PRO E 136 34.46 -0.80 -29.85
CA PRO E 136 33.87 -0.70 -28.51
C PRO E 136 32.39 -0.32 -28.47
N PHE E 137 31.95 0.58 -29.33
CA PHE E 137 30.57 1.04 -29.32
C PHE E 137 30.02 0.95 -30.73
N LEU E 138 28.89 0.28 -30.88
CA LEU E 138 28.06 0.41 -32.06
C LEU E 138 26.77 1.09 -31.64
N LEU E 139 26.41 2.15 -32.34
CA LEU E 139 25.18 2.87 -32.09
C LEU E 139 24.21 2.56 -33.20
N LEU E 140 22.93 2.52 -32.88
CA LEU E 140 21.90 2.42 -33.90
C LEU E 140 21.42 3.83 -34.22
N GLY E 141 21.30 4.12 -35.50
CA GLY E 141 20.96 5.46 -35.93
C GLY E 141 19.83 5.45 -36.95
N THR E 142 19.06 6.51 -36.93
CA THR E 142 18.09 6.72 -37.98
C THR E 142 18.30 8.09 -38.62
N THR E 143 17.72 8.27 -39.79
CA THR E 143 17.70 9.58 -40.42
C THR E 143 16.43 10.28 -40.00
N ALA E 144 16.57 11.47 -39.44
CA ALA E 144 15.44 12.31 -39.11
C ALA E 144 15.25 13.40 -40.14
N ASN E 145 14.17 14.15 -39.99
CA ASN E 145 14.02 15.42 -40.69
C ASN E 145 14.99 16.44 -40.10
N ARG E 146 15.45 17.37 -40.94
CA ARG E 146 16.42 18.39 -40.55
C ARG E 146 15.90 19.29 -39.43
N THR E 147 14.60 19.56 -39.41
CA THR E 147 14.03 20.40 -38.34
C THR E 147 13.88 19.62 -37.04
N GLN E 148 13.41 18.37 -37.12
CA GLN E 148 13.14 17.58 -35.94
C GLN E 148 14.40 17.07 -35.26
N SER E 149 15.51 17.00 -35.99
CA SER E 149 16.72 16.39 -35.45
C SER E 149 17.31 17.18 -34.30
N LEU E 150 16.97 18.47 -34.19
CA LEU E 150 17.43 19.26 -33.05
C LEU E 150 16.84 18.81 -31.72
N ASN E 151 15.79 17.99 -31.75
CA ASN E 151 15.18 17.50 -30.52
C ASN E 151 15.81 16.21 -30.01
N TYR E 152 16.82 15.67 -30.69
CA TYR E 152 17.35 14.35 -30.40
C TYR E 152 18.87 14.41 -30.33
N GLY E 153 19.47 13.26 -30.05
CA GLY E 153 20.91 13.14 -30.03
C GLY E 153 21.50 12.93 -31.40
N CYS E 154 22.26 13.90 -31.90
CA CYS E 154 22.75 13.89 -33.27
C CYS E 154 24.16 13.36 -33.37
N ILE E 155 24.35 12.53 -34.39
CA ILE E 155 25.56 11.79 -34.66
C ILE E 155 26.10 12.29 -36.00
N VAL E 156 27.25 12.95 -35.97
CA VAL E 156 27.97 13.35 -37.17
C VAL E 156 28.97 12.25 -37.47
N GLU E 157 28.74 11.53 -38.57
CA GLU E 157 29.51 10.36 -38.94
C GLU E 157 30.34 10.61 -40.18
N ASN E 158 31.20 9.65 -40.49
CA ASN E 158 31.93 9.57 -41.73
C ASN E 158 31.25 8.55 -42.62
N PRO E 159 30.79 8.90 -43.83
CA PRO E 159 29.89 8.01 -44.57
C PRO E 159 30.53 6.73 -45.12
N GLN E 160 31.83 6.51 -44.97
CA GLN E 160 32.44 5.33 -45.57
C GLN E 160 32.51 4.18 -44.58
N THR E 161 33.25 4.36 -43.49
CA THR E 161 33.38 3.34 -42.47
C THR E 161 32.25 3.37 -41.45
N HIS E 162 31.42 4.41 -41.50
CA HIS E 162 30.35 4.71 -40.54
C HIS E 162 30.90 4.86 -39.13
N GLU E 163 31.78 5.84 -38.96
CA GLU E 163 32.42 6.12 -37.68
C GLU E 163 32.00 7.49 -37.20
N VAL E 164 31.57 7.58 -35.94
CA VAL E 164 31.16 8.85 -35.36
C VAL E 164 32.35 9.80 -35.26
N LEU E 165 32.21 10.98 -35.83
CA LEU E 165 33.17 12.04 -35.59
C LEU E 165 32.69 13.03 -34.55
N HIS E 166 31.38 13.10 -34.30
CA HIS E 166 30.87 14.08 -33.35
C HIS E 166 29.52 13.64 -32.81
N TYR E 167 29.24 14.02 -31.57
CA TYR E 167 27.97 13.72 -30.94
C TYR E 167 27.51 14.94 -30.17
N VAL E 168 26.26 15.33 -30.37
CA VAL E 168 25.68 16.45 -29.62
C VAL E 168 24.30 16.05 -29.14
N GLU E 169 24.05 16.21 -27.83
CA GLU E 169 22.90 15.55 -27.23
C GLU E 169 21.59 16.24 -27.60
N LYS E 170 21.55 17.57 -27.51
CA LYS E 170 20.41 18.33 -28.03
C LYS E 170 21.00 19.55 -28.71
N PRO E 171 21.10 19.53 -30.03
CA PRO E 171 21.69 20.65 -30.77
C PRO E 171 20.83 21.90 -30.68
N SER E 172 21.49 23.02 -30.95
CA SER E 172 20.80 24.29 -31.10
C SER E 172 20.48 24.59 -32.55
N THR E 173 21.42 24.29 -33.44
CA THR E 173 21.28 24.41 -34.88
C THR E 173 21.42 23.05 -35.51
N PHE E 174 21.38 22.98 -36.83
CA PHE E 174 21.51 21.70 -37.52
C PHE E 174 22.95 21.24 -37.47
N ILE E 175 23.21 20.12 -36.79
CA ILE E 175 24.53 19.51 -36.75
C ILE E 175 24.60 18.31 -37.66
N SER E 176 23.63 17.41 -37.57
CA SER E 176 23.48 16.31 -38.51
C SER E 176 22.02 15.88 -38.49
N ASP E 177 21.65 15.07 -39.48
CA ASP E 177 20.28 14.56 -39.57
C ASP E 177 20.19 13.09 -39.19
N ILE E 178 21.27 12.52 -38.65
CA ILE E 178 21.27 11.17 -38.08
C ILE E 178 21.07 11.30 -36.58
N ILE E 179 20.08 10.62 -36.06
CA ILE E 179 19.73 10.70 -34.65
C ILE E 179 19.97 9.35 -33.99
N ASN E 180 20.20 9.42 -32.68
CA ASN E 180 20.54 8.29 -31.83
C ASN E 180 19.29 7.54 -31.43
N CYS E 181 19.30 6.22 -31.64
CA CYS E 181 18.10 5.41 -31.46
C CYS E 181 17.96 4.81 -30.07
N GLY E 182 18.95 4.92 -29.21
CA GLY E 182 18.83 4.29 -27.91
C GLY E 182 19.10 2.80 -27.91
N ILE E 183 19.48 2.23 -29.05
CA ILE E 183 19.91 0.85 -29.17
C ILE E 183 21.41 0.85 -29.39
N TYR E 184 22.14 0.12 -28.56
CA TYR E 184 23.59 0.11 -28.60
C TYR E 184 24.07 -1.33 -28.55
N LEU E 185 25.23 -1.56 -29.14
CA LEU E 185 25.98 -2.80 -29.00
C LEU E 185 27.29 -2.46 -28.34
N PHE E 186 27.56 -3.07 -27.20
CA PHE E 186 28.77 -2.81 -26.45
C PHE E 186 29.64 -4.05 -26.48
N SER E 187 30.92 -3.87 -26.78
CA SER E 187 31.93 -4.88 -26.56
C SER E 187 32.30 -4.89 -25.09
N PRO E 188 33.01 -5.92 -24.59
CA PRO E 188 33.49 -5.86 -23.20
C PRO E 188 34.56 -4.81 -22.95
N GLU E 189 35.12 -4.21 -23.99
CA GLU E 189 36.12 -3.15 -23.85
C GLU E 189 35.48 -1.80 -23.55
N ALA E 190 34.18 -1.67 -23.83
CA ALA E 190 33.44 -0.44 -23.64
C ALA E 190 33.34 0.01 -22.18
N LEU E 191 33.57 -0.90 -21.24
CA LEU E 191 33.58 -0.52 -19.84
C LEU E 191 34.92 0.03 -19.38
N LYS E 192 35.94 -0.02 -20.23
CA LYS E 192 37.19 0.66 -19.94
C LYS E 192 37.13 2.18 -20.11
N PRO E 193 36.38 2.76 -21.07
CA PRO E 193 36.15 4.21 -21.00
C PRO E 193 35.27 4.64 -19.84
N LEU E 194 34.20 3.89 -19.57
CA LEU E 194 33.25 4.22 -18.49
C LEU E 194 33.94 4.34 -17.15
N ARG E 195 34.86 3.41 -16.86
CA ARG E 195 35.67 3.45 -15.65
C ARG E 195 36.42 4.76 -15.53
N ASP E 196 37.01 5.21 -16.64
CA ASP E 196 37.72 6.49 -16.69
C ASP E 196 36.79 7.63 -16.29
N VAL E 197 35.56 7.63 -16.83
CA VAL E 197 34.58 8.64 -16.51
C VAL E 197 34.26 8.61 -15.03
N PHE E 198 34.12 7.41 -14.46
CA PHE E 198 33.82 7.25 -13.06
C PHE E 198 34.95 7.80 -12.22
N GLN E 199 36.20 7.53 -12.63
CA GLN E 199 37.33 8.00 -11.86
C GLN E 199 37.45 9.51 -11.96
N ARG E 200 37.02 10.08 -13.09
CA ARG E 200 37.06 11.52 -13.24
C ARG E 200 36.02 12.20 -12.37
N ASN E 201 35.02 11.47 -11.91
CA ASN E 201 34.06 12.04 -10.97
C ASN E 201 34.54 11.90 -9.54
N GLN E 202 35.52 11.05 -9.27
CA GLN E 202 35.97 10.91 -7.90
C GLN E 202 37.08 11.89 -7.57
N GLN E 203 38.06 12.03 -8.43
CA GLN E 203 39.10 13.02 -8.25
C GLN E 203 38.74 14.29 -9.02
N GLY E 218 30.09 8.47 -9.85
CA GLY E 218 29.03 7.48 -9.70
C GLY E 218 27.97 7.59 -10.77
N THR E 219 27.30 8.75 -10.80
CA THR E 219 26.39 9.08 -11.89
C THR E 219 27.17 9.35 -13.18
N ILE E 220 26.80 8.64 -14.24
CA ILE E 220 27.46 8.77 -15.54
C ILE E 220 26.37 8.87 -16.58
N ARG E 221 26.39 9.95 -17.36
CA ARG E 221 25.52 10.09 -18.50
C ARG E 221 26.20 9.45 -19.69
N LEU E 222 25.59 8.41 -20.26
CA LEU E 222 26.22 7.69 -21.37
C LEU E 222 26.34 8.56 -22.61
N GLU E 223 25.36 9.45 -22.83
CA GLU E 223 25.38 10.31 -24.00
C GLU E 223 26.35 11.47 -23.83
N GLN E 224 26.30 12.13 -22.69
CA GLN E 224 27.08 13.35 -22.49
C GLN E 224 28.48 13.11 -21.94
N ASP E 225 28.70 12.03 -21.20
CA ASP E 225 30.03 11.82 -20.63
C ASP E 225 30.85 10.76 -21.36
N VAL E 226 30.23 9.91 -22.17
CA VAL E 226 30.94 8.85 -22.86
C VAL E 226 30.91 9.04 -24.37
N PHE E 227 29.76 9.44 -24.94
CA PHE E 227 29.67 9.55 -26.39
C PHE E 227 30.22 10.88 -26.88
N SER E 228 30.00 11.95 -26.13
CA SER E 228 30.52 13.26 -26.50
C SER E 228 32.03 13.33 -26.45
N ALA E 229 32.68 12.46 -25.68
CA ALA E 229 34.12 12.54 -25.49
C ALA E 229 34.89 11.62 -26.42
N LEU E 230 34.39 10.41 -26.66
CA LEU E 230 35.09 9.48 -27.55
C LEU E 230 34.61 9.55 -28.99
N ALA E 231 33.81 10.56 -29.33
CA ALA E 231 33.46 10.75 -30.72
C ALA E 231 34.60 11.45 -31.43
N GLY E 232 35.10 10.83 -32.50
CA GLY E 232 36.25 11.32 -33.21
C GLY E 232 37.55 10.66 -32.81
N GLN E 233 37.53 9.83 -31.77
CA GLN E 233 38.72 9.13 -31.27
C GLN E 233 38.75 7.66 -31.66
N GLY E 234 37.92 7.24 -32.61
CA GLY E 234 38.04 5.91 -33.16
C GLY E 234 37.33 4.81 -32.43
N GLN E 235 36.39 5.14 -31.54
CA GLN E 235 35.70 4.15 -30.71
C GLN E 235 34.27 3.88 -31.16
N ILE E 236 33.46 4.94 -31.35
CA ILE E 236 32.04 4.79 -31.63
C ILE E 236 31.80 4.69 -33.12
N TYR E 237 30.95 3.75 -33.52
CA TYR E 237 30.58 3.58 -34.91
C TYR E 237 29.06 3.58 -35.01
N VAL E 238 28.54 3.87 -36.19
CA VAL E 238 27.10 3.98 -36.39
C VAL E 238 26.65 2.82 -37.25
N HIS E 239 25.39 2.44 -37.06
CA HIS E 239 24.72 1.47 -37.92
C HIS E 239 23.38 2.08 -38.30
N LEU E 240 23.31 2.58 -39.53
CA LEU E 240 22.10 3.24 -40.01
C LEU E 240 21.00 2.24 -40.28
N THR E 241 19.78 2.57 -39.86
CA THR E 241 18.65 1.69 -40.11
C THR E 241 17.48 2.46 -40.68
N ASP E 242 16.49 1.71 -41.14
CA ASP E 242 15.30 2.24 -41.80
C ASP E 242 14.02 1.78 -41.13
N GLY E 243 14.10 1.03 -40.03
CA GLY E 243 12.92 0.48 -39.41
C GLY E 243 12.12 1.52 -38.66
N ILE E 244 11.00 1.05 -38.11
CA ILE E 244 10.15 1.91 -37.31
C ILE E 244 10.88 2.31 -36.05
N TRP E 245 10.83 3.59 -35.70
CA TRP E 245 11.49 4.03 -34.50
C TRP E 245 10.68 5.13 -33.85
N SER E 246 10.55 5.04 -32.54
CA SER E 246 9.84 6.04 -31.77
C SER E 246 10.44 6.10 -30.39
N GLN E 247 10.17 7.19 -29.68
CA GLN E 247 10.43 7.29 -28.27
C GLN E 247 9.11 7.41 -27.55
N ILE E 248 9.01 6.77 -26.39
CA ILE E 248 7.82 6.94 -25.57
C ILE E 248 8.21 7.73 -24.34
N LYS E 249 8.12 9.05 -24.40
CA LYS E 249 8.38 9.92 -23.26
C LYS E 249 7.08 10.35 -22.59
N SER E 250 6.21 10.99 -23.33
CA SER E 250 4.92 11.47 -22.86
C SER E 250 3.93 10.33 -22.75
N ALA E 251 2.79 10.61 -22.11
CA ALA E 251 1.78 9.59 -21.90
C ALA E 251 1.02 9.24 -23.17
N GLY E 252 1.09 10.09 -24.19
CA GLY E 252 0.38 9.86 -25.43
C GLY E 252 1.26 9.52 -26.61
N SER E 253 2.57 9.46 -26.39
CA SER E 253 3.46 8.87 -27.38
C SER E 253 3.41 7.35 -27.35
N ALA E 254 2.79 6.78 -26.32
CA ALA E 254 2.46 5.36 -26.31
C ALA E 254 1.43 5.02 -27.39
N LEU E 255 0.61 6.00 -27.78
CA LEU E 255 -0.36 5.79 -28.84
C LEU E 255 0.29 5.66 -30.21
N TYR E 256 1.25 6.53 -30.52
CA TYR E 256 1.99 6.42 -31.76
C TYR E 256 2.88 5.18 -31.78
N ALA E 257 3.40 4.80 -30.61
CA ALA E 257 4.17 3.56 -30.52
C ALA E 257 3.30 2.36 -30.79
N SER E 258 2.07 2.36 -30.29
CA SER E 258 1.20 1.20 -30.50
C SER E 258 0.72 1.16 -31.94
N ARG E 259 0.62 2.31 -32.61
CA ARG E 259 0.35 2.30 -34.04
C ARG E 259 1.50 1.66 -34.83
N LEU E 260 2.75 2.03 -34.51
CA LEU E 260 3.90 1.46 -35.21
C LEU E 260 4.05 -0.03 -34.94
N TYR E 261 3.80 -0.45 -33.69
CA TYR E 261 3.89 -1.86 -33.36
C TYR E 261 2.75 -2.66 -33.98
N LEU E 262 1.53 -2.11 -34.04
CA LEU E 262 0.45 -2.82 -34.71
C LEU E 262 0.67 -2.92 -36.20
N SER E 263 1.45 -2.01 -36.77
CA SER E 263 1.86 -2.16 -38.16
C SER E 263 2.92 -3.23 -38.33
N ARG E 264 3.83 -3.36 -37.35
CA ARG E 264 4.85 -4.42 -37.41
C ARG E 264 4.26 -5.80 -37.20
N TYR E 265 3.13 -5.87 -36.47
CA TYR E 265 2.47 -7.14 -36.18
C TYR E 265 1.96 -7.87 -37.42
N GLN E 266 1.84 -7.20 -38.56
CA GLN E 266 1.45 -7.92 -39.78
C GLN E 266 2.52 -8.89 -40.22
N ASP E 267 3.79 -8.56 -39.97
CA ASP E 267 4.90 -9.42 -40.33
C ASP E 267 5.40 -10.26 -39.17
N THR E 268 5.39 -9.73 -37.96
CA THR E 268 6.07 -10.46 -36.88
C THR E 268 5.15 -11.35 -36.06
N HIS E 269 3.91 -10.96 -35.79
CA HIS E 269 2.92 -11.84 -35.15
C HIS E 269 1.55 -11.62 -35.76
N PRO E 270 1.28 -12.20 -36.93
CA PRO E 270 0.00 -11.93 -37.62
C PRO E 270 -1.23 -12.47 -36.91
N GLU E 271 -1.10 -13.32 -35.90
CA GLU E 271 -2.25 -13.80 -35.16
C GLU E 271 -2.70 -12.84 -34.07
N ARG E 272 -1.93 -11.80 -33.79
CA ARG E 272 -2.33 -10.81 -32.80
C ARG E 272 -3.36 -9.84 -33.36
N LEU E 273 -3.36 -9.63 -34.66
CA LEU E 273 -4.33 -8.76 -35.29
C LEU E 273 -5.69 -9.44 -35.40
N ALA E 274 -6.73 -8.62 -35.45
CA ALA E 274 -8.08 -9.12 -35.54
C ALA E 274 -8.54 -9.18 -37.00
N LYS E 275 -9.40 -10.17 -37.27
CA LYS E 275 -9.91 -10.43 -38.60
C LYS E 275 -11.38 -10.10 -38.72
N HIS E 276 -11.74 -9.50 -39.86
CA HIS E 276 -13.12 -9.16 -40.11
C HIS E 276 -13.87 -10.49 -40.13
N THR E 277 -14.97 -10.57 -39.40
CA THR E 277 -15.77 -11.79 -39.35
C THR E 277 -17.23 -11.41 -39.20
N PRO E 278 -18.12 -12.29 -39.66
CA PRO E 278 -19.57 -12.02 -39.54
C PRO E 278 -20.00 -12.00 -38.07
N GLY E 279 -19.46 -12.91 -37.28
CA GLY E 279 -19.81 -13.04 -35.88
C GLY E 279 -19.51 -11.91 -34.90
N GLY E 280 -18.34 -11.29 -35.01
CA GLY E 280 -18.01 -10.24 -34.07
C GLY E 280 -18.03 -8.86 -34.70
N PRO E 281 -17.24 -7.95 -34.14
CA PRO E 281 -17.23 -6.56 -34.63
C PRO E 281 -16.57 -6.46 -35.99
N TRP E 282 -16.79 -5.35 -36.66
CA TRP E 282 -16.11 -5.16 -37.93
C TRP E 282 -15.03 -4.10 -37.79
N ILE E 283 -13.90 -4.52 -38.34
CA ILE E 283 -12.62 -3.85 -38.20
C ILE E 283 -12.00 -3.26 -39.43
N ARG E 284 -11.45 -2.06 -39.24
CA ARG E 284 -10.69 -1.38 -40.28
C ARG E 284 -9.29 -1.17 -39.76
N GLY E 285 -8.29 -1.51 -40.57
CA GLY E 285 -6.91 -1.38 -40.12
C GLY E 285 -6.54 -2.42 -39.06
N ASN E 286 -5.36 -2.23 -38.48
CA ASN E 286 -4.81 -3.17 -37.52
C ASN E 286 -5.42 -2.94 -36.14
N VAL E 287 -6.08 -3.96 -35.61
CA VAL E 287 -6.74 -3.90 -34.31
C VAL E 287 -6.31 -5.11 -33.51
N TYR E 288 -5.78 -4.90 -32.33
CA TYR E 288 -5.54 -5.96 -31.36
C TYR E 288 -6.72 -6.02 -30.41
N ILE E 289 -7.38 -7.17 -30.34
CA ILE E 289 -8.42 -7.42 -29.34
C ILE E 289 -7.96 -8.59 -28.50
N HIS E 290 -7.97 -8.42 -27.20
CA HIS E 290 -7.63 -9.51 -26.31
C HIS E 290 -8.71 -10.59 -26.36
N PRO E 291 -8.35 -11.86 -26.21
CA PRO E 291 -9.36 -12.92 -26.25
C PRO E 291 -10.38 -12.86 -25.12
N THR E 292 -9.97 -12.44 -23.93
CA THR E 292 -10.91 -12.31 -22.82
C THR E 292 -11.70 -11.00 -22.84
N ALA E 293 -11.68 -10.28 -23.96
CA ALA E 293 -12.42 -9.04 -24.10
C ALA E 293 -13.73 -9.30 -24.82
N LYS E 294 -14.83 -8.86 -24.21
CA LYS E 294 -16.16 -9.02 -24.77
C LYS E 294 -16.47 -7.79 -25.63
N VAL E 295 -16.45 -7.97 -26.94
CA VAL E 295 -16.79 -6.92 -27.89
C VAL E 295 -18.09 -7.29 -28.59
N ALA E 296 -18.99 -6.34 -28.69
CA ALA E 296 -20.27 -6.43 -29.37
C ALA E 296 -20.07 -6.39 -30.89
N PRO E 297 -20.98 -7.01 -31.67
CA PRO E 297 -20.74 -7.06 -33.12
C PRO E 297 -21.00 -5.75 -33.84
N SER E 298 -21.79 -4.84 -33.27
CA SER E 298 -22.03 -3.53 -33.84
C SER E 298 -20.98 -2.50 -33.42
N ALA E 299 -19.91 -2.94 -32.77
CA ALA E 299 -18.77 -2.09 -32.54
C ALA E 299 -17.95 -2.00 -33.80
N VAL E 300 -17.51 -0.81 -34.15
CA VAL E 300 -16.65 -0.60 -35.30
C VAL E 300 -15.31 -0.12 -34.81
N LEU E 301 -14.31 -0.99 -34.83
CA LEU E 301 -13.03 -0.75 -34.20
C LEU E 301 -12.07 -0.33 -35.29
N GLY E 302 -11.82 0.98 -35.38
CA GLY E 302 -11.14 1.56 -36.50
C GLY E 302 -9.66 1.35 -36.42
N PRO E 303 -8.91 2.10 -37.22
CA PRO E 303 -7.47 1.84 -37.35
C PRO E 303 -6.72 2.08 -36.05
N ASN E 304 -5.76 1.19 -35.79
CA ASN E 304 -4.77 1.30 -34.72
C ASN E 304 -5.40 1.32 -33.33
N VAL E 305 -6.07 0.23 -32.99
CA VAL E 305 -6.85 0.12 -31.77
C VAL E 305 -6.36 -1.09 -30.97
N SER E 306 -6.07 -0.89 -29.69
CA SER E 306 -5.69 -1.97 -28.78
C SER E 306 -6.74 -2.11 -27.69
N ILE E 307 -7.19 -3.34 -27.46
CA ILE E 307 -8.20 -3.66 -26.47
C ILE E 307 -7.59 -4.64 -25.47
N GLY E 308 -7.74 -4.36 -24.19
CA GLY E 308 -7.12 -5.15 -23.14
C GLY E 308 -7.99 -6.30 -22.67
N LYS E 309 -7.52 -6.97 -21.62
CA LYS E 309 -8.22 -8.13 -21.09
C LYS E 309 -9.31 -7.71 -20.13
N GLY E 310 -10.52 -8.20 -20.35
CA GLY E 310 -11.63 -7.82 -19.52
C GLY E 310 -12.37 -6.59 -19.96
N VAL E 311 -12.10 -6.09 -21.16
CA VAL E 311 -12.73 -4.88 -21.64
C VAL E 311 -14.07 -5.24 -22.27
N THR E 312 -15.13 -4.59 -21.82
CA THR E 312 -16.42 -4.70 -22.46
C THR E 312 -16.64 -3.51 -23.39
N VAL E 313 -16.91 -3.79 -24.66
CA VAL E 313 -17.15 -2.77 -25.66
C VAL E 313 -18.58 -2.94 -26.14
N GLY E 314 -19.43 -1.97 -25.83
CA GLY E 314 -20.87 -2.09 -26.05
C GLY E 314 -21.27 -2.02 -27.50
N GLU E 315 -22.58 -2.13 -27.72
CA GLU E 315 -23.14 -2.19 -29.06
C GLU E 315 -23.23 -0.79 -29.68
N GLY E 316 -22.40 -0.54 -30.68
CA GLY E 316 -22.41 0.73 -31.39
C GLY E 316 -21.18 1.57 -31.17
N VAL E 317 -20.20 1.05 -30.43
CA VAL E 317 -19.03 1.84 -30.06
C VAL E 317 -18.14 2.05 -31.26
N ARG E 318 -17.80 3.30 -31.53
CA ARG E 318 -16.76 3.64 -32.48
C ARG E 318 -15.46 3.81 -31.72
N LEU E 319 -14.44 3.07 -32.13
CA LEU E 319 -13.13 3.13 -31.49
C LEU E 319 -12.10 3.36 -32.58
N ARG E 320 -11.33 4.42 -32.47
CA ARG E 320 -10.39 4.70 -33.54
C ARG E 320 -9.15 5.34 -32.98
N GLU E 321 -7.98 4.76 -33.31
CA GLU E 321 -6.66 5.23 -32.89
C GLU E 321 -6.56 5.35 -31.37
N SER E 322 -7.05 4.34 -30.67
CA SER E 322 -7.12 4.41 -29.24
C SER E 322 -6.37 3.27 -28.60
N ILE E 323 -6.32 3.33 -27.28
CA ILE E 323 -5.82 2.28 -26.42
C ILE E 323 -6.83 2.15 -25.30
N VAL E 324 -7.43 0.96 -25.15
CA VAL E 324 -8.31 0.67 -24.03
C VAL E 324 -7.60 -0.36 -23.16
N LEU E 325 -7.64 -0.15 -21.85
CA LEU E 325 -6.84 -0.95 -20.93
C LEU E 325 -7.73 -1.83 -20.07
N HIS E 326 -7.07 -2.66 -19.28
CA HIS E 326 -7.67 -3.84 -18.65
C HIS E 326 -8.79 -3.48 -17.69
N GLY E 327 -9.98 -4.00 -17.96
CA GLY E 327 -11.12 -3.77 -17.13
C GLY E 327 -12.01 -2.62 -17.52
N ALA E 328 -11.74 -1.95 -18.63
CA ALA E 328 -12.46 -0.73 -18.95
C ALA E 328 -13.77 -1.04 -19.63
N THR E 329 -14.74 -0.17 -19.40
CA THR E 329 -16.11 -0.36 -19.88
C THR E 329 -16.46 0.80 -20.78
N LEU E 330 -16.84 0.50 -22.01
CA LEU E 330 -17.41 1.47 -22.93
C LEU E 330 -18.86 1.07 -23.19
N GLN E 331 -19.80 1.91 -22.76
CA GLN E 331 -21.19 1.57 -22.98
C GLN E 331 -21.57 1.89 -24.41
N GLU E 332 -22.84 1.68 -24.75
CA GLU E 332 -23.27 1.69 -26.14
C GLU E 332 -23.22 3.09 -26.74
N HIS E 333 -22.95 3.14 -28.05
CA HIS E 333 -23.01 4.31 -28.92
C HIS E 333 -21.95 5.36 -28.60
N THR E 334 -20.83 4.98 -28.01
CA THR E 334 -19.77 5.92 -27.68
C THR E 334 -18.81 6.06 -28.84
N CYS E 335 -18.17 7.22 -28.92
CA CYS E 335 -17.14 7.49 -29.92
C CYS E 335 -15.86 7.86 -29.18
N VAL E 336 -14.89 6.95 -29.18
CA VAL E 336 -13.58 7.18 -28.58
C VAL E 336 -12.57 7.29 -29.71
N LEU E 337 -11.92 8.44 -29.80
CA LEU E 337 -10.95 8.72 -30.85
C LEU E 337 -9.70 9.35 -30.25
N HIS E 338 -8.53 8.82 -30.62
CA HIS E 338 -7.21 9.34 -30.23
C HIS E 338 -7.05 9.47 -28.73
N SER E 339 -7.47 8.44 -28.02
CA SER E 339 -7.57 8.49 -26.58
C SER E 339 -6.91 7.28 -25.95
N ILE E 340 -6.60 7.39 -24.67
CA ILE E 340 -6.13 6.27 -23.86
C ILE E 340 -7.06 6.16 -22.68
N VAL E 341 -7.73 5.03 -22.57
CA VAL E 341 -8.72 4.80 -21.53
C VAL E 341 -8.10 3.90 -20.48
N GLY E 342 -7.89 4.44 -19.29
CA GLY E 342 -7.19 3.75 -18.23
C GLY E 342 -7.95 2.57 -17.67
N TRP E 343 -7.31 1.93 -16.69
CA TRP E 343 -7.73 0.64 -16.17
C TRP E 343 -9.04 0.76 -15.42
N GLY E 344 -10.06 0.04 -15.88
CA GLY E 344 -11.32 0.01 -15.17
C GLY E 344 -12.18 1.23 -15.35
N SER E 345 -11.88 2.05 -16.35
CA SER E 345 -12.63 3.27 -16.58
C SER E 345 -13.95 2.96 -17.25
N THR E 346 -14.94 3.80 -16.99
CA THR E 346 -16.28 3.60 -17.51
C THR E 346 -16.69 4.83 -18.30
N VAL E 347 -17.03 4.64 -19.57
CA VAL E 347 -17.58 5.68 -20.42
C VAL E 347 -19.05 5.34 -20.64
N GLY E 348 -19.94 6.20 -20.13
CA GLY E 348 -21.36 5.97 -20.27
C GLY E 348 -21.83 6.21 -21.69
N ARG E 349 -23.10 5.93 -21.93
CA ARG E 349 -23.61 5.86 -23.30
C ARG E 349 -23.72 7.24 -23.95
N TRP E 350 -23.45 7.27 -25.25
CA TRP E 350 -23.35 8.47 -26.09
C TRP E 350 -22.30 9.46 -25.60
N ALA E 351 -21.35 9.04 -24.78
CA ALA E 351 -20.28 9.92 -24.36
C ALA E 351 -19.12 9.79 -25.32
N ARG E 352 -18.52 10.92 -25.64
CA ARG E 352 -17.51 11.01 -26.68
C ARG E 352 -16.20 11.43 -26.05
N VAL E 353 -15.17 10.62 -26.25
CA VAL E 353 -13.85 10.87 -25.68
C VAL E 353 -12.90 11.08 -26.84
N GLU E 354 -12.55 12.33 -27.11
CA GLU E 354 -11.83 12.66 -28.32
C GLU E 354 -10.52 13.35 -28.02
N GLY E 355 -9.50 13.05 -28.82
CA GLY E 355 -8.24 13.76 -28.75
C GLY E 355 -7.75 14.12 -30.14
N THR E 356 -6.65 14.87 -30.18
CA THR E 356 -6.03 15.25 -31.43
C THR E 356 -4.74 14.48 -31.58
N PRO E 357 -4.46 13.97 -32.78
CA PRO E 357 -3.21 13.23 -32.98
C PRO E 357 -2.00 14.14 -32.75
N SER E 358 -0.99 13.62 -32.05
CA SER E 358 0.21 14.40 -31.76
C SER E 358 1.43 13.49 -31.77
N ASP E 359 1.65 12.78 -32.87
CA ASP E 359 2.76 11.83 -32.99
C ASP E 359 4.13 12.44 -32.87
N PRO E 360 5.04 11.77 -32.14
CA PRO E 360 6.38 12.36 -32.04
C PRO E 360 7.01 12.45 -33.42
N ASN E 361 6.97 11.38 -34.21
CA ASN E 361 7.39 11.46 -35.61
C ASN E 361 8.64 12.25 -36.03
N PRO E 362 9.85 11.77 -35.74
CA PRO E 362 11.01 12.59 -36.11
C PRO E 362 11.10 12.91 -37.60
N ASN E 363 10.75 11.98 -38.47
CA ASN E 363 10.77 12.22 -39.91
C ASN E 363 9.80 13.33 -40.32
N ASP E 364 8.62 13.37 -39.71
CA ASP E 364 7.62 14.40 -40.03
C ASP E 364 8.11 15.79 -39.67
N PRO E 365 7.83 16.79 -40.53
CA PRO E 365 8.35 18.13 -40.22
C PRO E 365 7.40 18.98 -39.38
N ARG E 366 6.19 18.49 -39.11
CA ARG E 366 5.10 19.27 -38.55
C ARG E 366 5.01 19.06 -37.06
N ALA E 367 5.72 18.04 -36.57
CA ALA E 367 5.48 17.47 -35.26
C ALA E 367 5.93 18.42 -34.18
N ARG E 368 5.27 18.31 -33.03
CA ARG E 368 5.58 19.16 -31.89
C ARG E 368 6.92 18.75 -31.28
N MET E 369 7.46 19.63 -30.45
CA MET E 369 8.78 19.46 -29.89
C MET E 369 8.83 18.51 -28.68
N ASP E 370 7.68 18.01 -28.24
CA ASP E 370 7.53 17.07 -27.11
C ASP E 370 8.18 17.60 -25.83
N SER E 371 7.74 18.78 -25.41
CA SER E 371 8.24 19.34 -24.18
C SER E 371 7.62 18.64 -22.98
N GLU E 372 8.09 19.01 -21.80
CA GLU E 372 7.42 18.68 -20.56
C GLU E 372 6.42 19.73 -20.16
N SER E 373 6.08 20.66 -21.05
CA SER E 373 5.24 21.78 -20.68
C SER E 373 3.75 21.43 -20.71
N LEU E 374 3.21 21.13 -21.90
CA LEU E 374 1.84 20.85 -22.31
C LEU E 374 0.96 22.08 -22.43
N PHE E 375 1.41 23.25 -22.01
CA PHE E 375 0.63 24.48 -22.11
C PHE E 375 1.44 25.46 -22.93
N LYS E 376 0.79 26.16 -23.85
CA LYS E 376 1.56 27.06 -24.70
C LYS E 376 1.57 28.50 -24.19
N ASP E 377 0.41 29.12 -24.13
CA ASP E 377 0.26 30.45 -23.55
C ASP E 377 -0.94 30.48 -22.63
N GLY E 378 -1.01 29.48 -21.75
CA GLY E 378 -2.14 29.30 -20.88
C GLY E 378 -3.19 28.35 -21.40
N LYS E 379 -3.04 27.87 -22.63
CA LYS E 379 -3.96 26.92 -23.24
C LYS E 379 -3.27 25.58 -23.40
N LEU E 380 -3.94 24.53 -22.94
CA LEU E 380 -3.46 23.17 -23.13
C LEU E 380 -3.39 22.83 -24.61
N LEU E 381 -2.21 22.44 -25.06
CA LEU E 381 -2.00 22.10 -26.46
C LEU E 381 -2.74 20.81 -26.80
N PRO E 382 -3.43 20.76 -27.95
CA PRO E 382 -4.33 19.63 -28.23
C PRO E 382 -3.54 18.35 -28.50
N ALA E 383 -3.80 17.34 -27.69
CA ALA E 383 -3.06 16.09 -27.75
C ALA E 383 -4.02 14.98 -27.40
N ILE E 384 -3.46 13.83 -27.04
CA ILE E 384 -4.24 12.63 -26.72
C ILE E 384 -5.02 12.85 -25.42
N THR E 385 -6.29 12.50 -25.44
CA THR E 385 -7.12 12.53 -24.24
C THR E 385 -6.81 11.29 -23.41
N ILE E 386 -6.21 11.47 -22.24
CA ILE E 386 -5.88 10.36 -21.37
C ILE E 386 -6.83 10.39 -20.20
N LEU E 387 -7.53 9.28 -19.98
CA LEU E 387 -8.25 9.04 -18.74
C LEU E 387 -7.38 8.18 -17.86
N GLY E 388 -7.31 8.52 -16.57
CA GLY E 388 -6.52 7.76 -15.63
C GLY E 388 -7.16 6.44 -15.24
N CYS E 389 -6.68 5.84 -14.16
CA CYS E 389 -7.26 4.61 -13.67
C CYS E 389 -8.64 4.87 -13.06
N ARG E 390 -9.62 4.05 -13.44
CA ARG E 390 -10.98 4.02 -12.86
C ARG E 390 -11.69 5.37 -12.92
N VAL E 391 -11.47 6.11 -14.00
CA VAL E 391 -12.20 7.35 -14.23
C VAL E 391 -13.56 7.02 -14.78
N ARG E 392 -14.61 7.51 -14.14
CA ARG E 392 -15.97 7.23 -14.55
C ARG E 392 -16.47 8.42 -15.37
N ILE E 393 -16.86 8.17 -16.62
CA ILE E 393 -17.33 9.18 -17.55
C ILE E 393 -18.84 9.02 -17.69
N PRO E 394 -19.64 10.04 -17.38
CA PRO E 394 -21.09 9.90 -17.46
C PRO E 394 -21.62 9.76 -18.88
N ALA E 395 -22.93 9.61 -19.00
CA ALA E 395 -23.54 9.46 -20.31
C ALA E 395 -23.69 10.82 -20.96
N GLU E 396 -23.65 10.82 -22.30
CA GLU E 396 -23.96 11.97 -23.15
C GLU E 396 -23.06 13.17 -22.88
N VAL E 397 -21.78 12.92 -22.65
CA VAL E 397 -20.85 13.96 -22.22
C VAL E 397 -19.62 13.92 -23.12
N LEU E 398 -18.94 15.06 -23.26
CA LEU E 398 -17.80 15.16 -24.16
C LEU E 398 -16.53 15.45 -23.38
N ILE E 399 -15.52 14.60 -23.54
CA ILE E 399 -14.18 14.84 -23.00
C ILE E 399 -13.26 15.09 -24.19
N LEU E 400 -12.86 16.33 -24.41
CA LEU E 400 -12.16 16.70 -25.63
C LEU E 400 -10.82 17.30 -25.29
N ASN E 401 -9.73 16.64 -25.73
CA ASN E 401 -8.34 17.06 -25.50
C ASN E 401 -8.01 17.28 -24.04
N SER E 402 -8.42 16.36 -23.18
CA SER E 402 -8.31 16.58 -21.75
C SER E 402 -7.40 15.54 -21.12
N ILE E 403 -7.08 15.73 -19.85
CA ILE E 403 -6.33 14.75 -19.08
C ILE E 403 -7.04 14.62 -17.75
N VAL E 404 -7.58 13.44 -17.47
CA VAL E 404 -8.33 13.19 -16.25
C VAL E 404 -7.46 12.34 -15.35
N LEU E 405 -7.13 12.89 -14.18
CA LEU E 405 -6.33 12.18 -13.20
C LEU E 405 -7.19 11.07 -12.60
N PRO E 406 -6.58 9.99 -12.10
CA PRO E 406 -7.35 8.79 -11.78
C PRO E 406 -8.33 8.96 -10.63
N HIS E 407 -9.29 8.03 -10.60
CA HIS E 407 -10.40 8.00 -9.64
C HIS E 407 -11.18 9.31 -9.65
N LYS E 408 -11.65 9.69 -10.82
CA LYS E 408 -12.46 10.88 -11.02
C LYS E 408 -13.79 10.47 -11.63
N GLU E 409 -14.87 10.92 -11.04
CA GLU E 409 -16.20 10.70 -11.59
C GLU E 409 -16.71 12.05 -12.06
N LEU E 410 -16.62 12.29 -13.37
CA LEU E 410 -17.02 13.55 -13.93
C LEU E 410 -18.54 13.65 -14.00
N SER E 411 -19.01 14.87 -14.27
CA SER E 411 -20.44 15.11 -14.43
C SER E 411 -20.71 16.10 -15.56
N ARG E 412 -19.69 16.47 -16.32
CA ARG E 412 -19.70 17.65 -17.16
C ARG E 412 -18.94 17.34 -18.42
N SER E 413 -19.10 18.21 -19.42
CA SER E 413 -18.26 18.18 -20.60
C SER E 413 -17.00 18.99 -20.33
N PHE E 414 -15.87 18.48 -20.77
CA PHE E 414 -14.60 19.15 -20.55
C PHE E 414 -13.88 19.32 -21.87
N THR E 415 -13.23 20.45 -22.04
CA THR E 415 -12.61 20.80 -23.32
C THR E 415 -11.29 21.49 -23.03
N ASN E 416 -10.19 20.84 -23.39
CA ASN E 416 -8.82 21.37 -23.31
C ASN E 416 -8.41 21.70 -21.89
N GLN E 417 -8.62 20.74 -20.99
CA GLN E 417 -8.36 20.95 -19.58
C GLN E 417 -7.48 19.83 -19.03
N ILE E 418 -7.08 19.99 -17.78
CA ILE E 418 -6.56 18.90 -16.97
C ILE E 418 -7.41 18.85 -15.71
N ILE E 419 -7.94 17.68 -15.40
CA ILE E 419 -8.91 17.51 -14.33
C ILE E 419 -8.21 16.83 -13.17
N LEU E 420 -7.87 17.61 -12.15
CA LEU E 420 -7.02 17.13 -11.08
C LEU E 420 -7.85 16.43 -10.01
N MET F 1 47.59 -72.18 6.05
CA MET F 1 46.94 -71.41 7.10
C MET F 1 45.43 -71.62 7.08
N LYS F 2 44.84 -71.89 8.24
CA LYS F 2 43.40 -72.01 8.35
C LYS F 2 42.79 -70.68 8.78
N ALA F 3 41.46 -70.64 8.82
CA ALA F 3 40.77 -69.45 9.30
C ALA F 3 39.50 -69.85 10.04
N LEU F 4 39.06 -68.96 10.91
CA LEU F 4 37.84 -69.13 11.69
C LEU F 4 36.95 -67.94 11.41
N ILE F 5 35.67 -68.19 11.20
CA ILE F 5 34.66 -67.14 11.16
C ILE F 5 33.70 -67.39 12.30
N LEU F 6 33.38 -66.32 13.04
CA LEU F 6 32.34 -66.41 14.04
C LEU F 6 31.00 -66.05 13.41
N VAL F 7 30.02 -66.95 13.55
CA VAL F 7 28.70 -66.72 12.97
C VAL F 7 27.63 -67.52 13.71
N GLY F 8 26.40 -67.02 13.66
CA GLY F 8 25.29 -67.68 14.32
C GLY F 8 24.68 -66.85 15.45
N GLY F 9 25.50 -66.09 16.15
CA GLY F 9 25.00 -65.27 17.24
C GLY F 9 23.83 -64.46 16.76
N TYR F 10 22.72 -64.50 17.50
CA TYR F 10 21.54 -63.78 17.07
C TYR F 10 21.92 -62.35 16.72
N GLY F 11 21.42 -61.86 15.59
CA GLY F 11 21.67 -60.47 15.24
C GLY F 11 20.69 -59.56 15.93
N THR F 12 20.91 -59.29 17.22
CA THR F 12 19.91 -58.54 17.98
C THR F 12 20.00 -57.04 17.71
N ARG F 13 21.16 -56.54 17.35
CA ARG F 13 21.19 -55.36 16.51
C ARG F 13 21.14 -55.84 15.07
N LEU F 14 20.62 -54.97 14.18
CA LEU F 14 20.06 -55.34 12.86
C LEU F 14 18.86 -56.26 13.02
N ARG F 15 18.00 -55.95 13.98
CA ARG F 15 16.94 -56.84 14.43
C ARG F 15 15.74 -57.10 13.52
N PRO F 16 15.21 -56.16 12.71
CA PRO F 16 14.14 -56.59 11.80
C PRO F 16 14.65 -57.52 10.72
N LEU F 17 15.86 -57.26 10.22
CA LEU F 17 16.40 -58.07 9.14
C LEU F 17 16.83 -59.45 9.65
N THR F 18 17.35 -59.53 10.86
CA THR F 18 17.90 -60.78 11.37
C THR F 18 16.87 -61.65 12.08
N LEU F 19 15.58 -61.38 11.91
CA LEU F 19 14.57 -62.39 12.18
C LEU F 19 14.26 -63.22 10.95
N SER F 20 14.77 -62.82 9.79
CA SER F 20 14.40 -63.45 8.52
C SER F 20 15.50 -64.35 8.00
N THR F 21 16.68 -63.78 7.75
CA THR F 21 17.91 -64.46 7.40
C THR F 21 18.90 -64.15 8.50
N PRO F 22 19.94 -64.97 8.70
CA PRO F 22 20.93 -64.64 9.72
C PRO F 22 21.76 -63.45 9.29
N LYS F 23 22.38 -62.82 10.28
CA LYS F 23 23.31 -61.72 10.04
C LYS F 23 24.42 -61.98 9.02
N PRO F 24 25.03 -63.18 8.89
CA PRO F 24 25.93 -63.39 7.75
C PRO F 24 25.26 -63.36 6.39
N LEU F 25 23.97 -63.70 6.30
CA LEU F 25 23.31 -63.87 5.02
C LEU F 25 22.48 -62.66 4.60
N VAL F 26 22.63 -61.53 5.28
CA VAL F 26 22.00 -60.29 4.81
C VAL F 26 22.88 -59.74 3.70
N ASP F 27 22.30 -59.60 2.51
CA ASP F 27 23.09 -59.29 1.33
C ASP F 27 23.54 -57.83 1.37
N PHE F 28 24.81 -57.64 1.69
CA PHE F 28 25.43 -56.33 1.81
C PHE F 28 26.08 -55.99 0.47
N CYS F 29 25.47 -55.04 -0.25
CA CYS F 29 25.85 -54.65 -1.61
C CYS F 29 25.88 -55.86 -2.55
N ASN F 30 24.70 -56.45 -2.73
CA ASN F 30 24.39 -57.56 -3.63
C ASN F 30 25.17 -58.84 -3.33
N LYS F 31 25.77 -58.96 -2.15
CA LYS F 31 26.57 -60.10 -1.82
C LYS F 31 26.48 -60.27 -0.31
N PRO F 32 26.23 -61.49 0.19
CA PRO F 32 26.23 -61.72 1.64
C PRO F 32 27.57 -61.37 2.27
N ILE F 33 27.52 -60.96 3.52
CA ILE F 33 28.73 -60.46 4.16
C ILE F 33 29.68 -61.60 4.50
N LEU F 34 29.14 -62.79 4.78
CA LEU F 34 29.97 -63.97 4.90
C LEU F 34 30.58 -64.35 3.56
N LEU F 35 29.86 -64.12 2.46
CA LEU F 35 30.44 -64.31 1.14
C LEU F 35 31.55 -63.30 0.86
N HIS F 36 31.40 -62.06 1.33
CA HIS F 36 32.46 -61.06 1.23
C HIS F 36 33.73 -61.54 1.92
N GLN F 37 33.59 -62.00 3.17
CA GLN F 37 34.74 -62.41 3.95
C GLN F 37 35.38 -63.68 3.41
N VAL F 38 34.59 -64.67 2.98
CA VAL F 38 35.23 -65.90 2.51
C VAL F 38 35.78 -65.75 1.09
N GLU F 39 35.25 -64.85 0.26
CA GLU F 39 35.89 -64.62 -1.04
C GLU F 39 37.22 -63.90 -0.85
N ALA F 40 37.27 -62.91 0.07
CA ALA F 40 38.56 -62.27 0.36
C ALA F 40 39.53 -63.23 1.03
N LEU F 41 39.04 -64.18 1.83
CA LEU F 41 39.92 -65.16 2.46
C LEU F 41 40.48 -66.15 1.45
N ALA F 42 39.60 -66.67 0.57
CA ALA F 42 40.01 -67.61 -0.45
C ALA F 42 40.92 -66.97 -1.49
N ALA F 43 40.79 -65.65 -1.69
CA ALA F 43 41.75 -64.96 -2.52
C ALA F 43 43.04 -64.67 -1.75
N ALA F 44 42.97 -64.59 -0.42
CA ALA F 44 44.16 -64.30 0.37
C ALA F 44 45.10 -65.48 0.49
N GLY F 45 44.64 -66.69 0.15
CA GLY F 45 45.48 -67.86 0.16
C GLY F 45 45.17 -68.87 1.24
N VAL F 46 44.11 -68.69 2.01
CA VAL F 46 43.70 -69.67 3.00
C VAL F 46 43.00 -70.82 2.28
N ASP F 47 43.40 -72.06 2.61
CA ASP F 47 42.81 -73.23 2.00
C ASP F 47 41.57 -73.71 2.74
N HIS F 48 41.46 -73.41 4.03
CA HIS F 48 40.44 -74.04 4.85
C HIS F 48 39.92 -73.06 5.88
N VAL F 49 38.60 -72.93 5.92
CA VAL F 49 37.92 -72.05 6.85
C VAL F 49 36.92 -72.88 7.63
N ILE F 50 36.70 -72.48 8.88
CA ILE F 50 35.72 -73.10 9.76
C ILE F 50 34.71 -72.02 10.13
N LEU F 51 33.44 -72.28 9.87
CA LEU F 51 32.39 -71.38 10.29
C LEU F 51 31.82 -71.91 11.58
N ALA F 52 32.10 -71.21 12.68
CA ALA F 52 31.26 -71.40 13.86
C ALA F 52 29.86 -70.94 13.51
N VAL F 53 28.90 -71.84 13.64
CA VAL F 53 27.49 -71.63 13.29
C VAL F 53 26.64 -72.14 14.44
N SER F 54 25.83 -71.28 15.05
CA SER F 54 24.84 -71.73 16.01
C SER F 54 23.41 -71.32 15.68
N TYR F 55 23.17 -70.05 15.37
CA TYR F 55 21.83 -69.54 15.09
C TYR F 55 21.49 -69.74 13.62
N MET F 56 20.29 -70.27 13.36
CA MET F 56 19.74 -70.53 12.03
C MET F 56 20.68 -71.40 11.19
N SER F 57 20.78 -72.66 11.63
CA SER F 57 21.82 -73.55 11.13
C SER F 57 21.56 -74.01 9.71
N GLN F 58 20.29 -74.30 9.37
CA GLN F 58 19.96 -75.01 8.14
C GLN F 58 20.11 -74.13 6.89
N VAL F 59 19.75 -72.86 6.98
CA VAL F 59 19.92 -72.00 5.81
C VAL F 59 21.39 -71.73 5.54
N LEU F 60 22.22 -71.76 6.59
CA LEU F 60 23.66 -71.62 6.36
C LEU F 60 24.27 -72.91 5.85
N GLU F 61 23.70 -74.07 6.23
CA GLU F 61 24.01 -75.34 5.58
C GLU F 61 23.83 -75.22 4.07
N LYS F 62 22.65 -74.74 3.66
CA LYS F 62 22.32 -74.61 2.24
C LYS F 62 23.27 -73.65 1.50
N GLU F 63 23.40 -72.42 1.99
CA GLU F 63 24.25 -71.42 1.32
C GLU F 63 25.71 -71.82 1.26
N MET F 64 26.25 -72.38 2.35
CA MET F 64 27.68 -72.61 2.33
C MET F 64 28.06 -73.91 1.63
N LYS F 65 27.23 -74.96 1.77
CA LYS F 65 27.44 -76.15 0.97
C LYS F 65 27.06 -75.96 -0.50
N ALA F 66 26.46 -74.82 -0.87
CA ALA F 66 26.36 -74.45 -2.28
C ALA F 66 27.43 -73.44 -2.74
N GLN F 67 28.12 -72.76 -1.83
CA GLN F 67 29.16 -71.82 -2.25
C GLN F 67 30.57 -72.40 -2.21
N GLU F 68 30.78 -73.52 -1.49
CA GLU F 68 32.09 -74.18 -1.43
C GLU F 68 32.63 -74.55 -2.81
N GLN F 69 31.74 -74.86 -3.75
CA GLN F 69 32.13 -75.15 -5.11
C GLN F 69 32.45 -73.88 -5.89
N ARG F 70 31.91 -72.74 -5.46
CA ARG F 70 32.19 -71.49 -6.16
C ARG F 70 33.51 -70.88 -5.73
N LEU F 71 33.84 -70.94 -4.44
CA LEU F 71 35.07 -70.30 -3.98
C LEU F 71 36.31 -71.09 -4.40
N GLY F 72 36.24 -72.42 -4.37
CA GLY F 72 37.37 -73.27 -4.66
C GLY F 72 38.11 -73.77 -3.44
N ILE F 73 37.70 -73.36 -2.24
CA ILE F 73 38.36 -73.75 -1.00
C ILE F 73 37.45 -74.68 -0.23
N ARG F 74 37.90 -75.11 0.95
CA ARG F 74 37.14 -76.00 1.81
C ARG F 74 36.55 -75.21 2.98
N ILE F 75 35.34 -75.60 3.38
CA ILE F 75 34.63 -74.99 4.50
C ILE F 75 34.09 -76.09 5.40
N SER F 76 34.47 -76.06 6.67
CA SER F 76 34.00 -77.03 7.64
C SER F 76 33.05 -76.35 8.61
N MET F 77 31.83 -76.86 8.71
CA MET F 77 30.85 -76.29 9.62
C MET F 77 30.97 -76.95 10.99
N SER F 78 30.85 -76.13 12.03
CA SER F 78 30.96 -76.57 13.41
C SER F 78 29.69 -76.12 14.14
N HIS F 79 28.67 -76.98 14.12
CA HIS F 79 27.40 -76.66 14.76
C HIS F 79 27.41 -77.14 16.20
N GLU F 80 26.80 -76.34 17.07
CA GLU F 80 26.73 -76.60 18.51
C GLU F 80 25.27 -76.79 18.92
N GLU F 81 25.07 -77.49 20.05
CA GLU F 81 23.72 -77.58 20.60
C GLU F 81 23.28 -76.26 21.21
N GLU F 82 24.16 -75.62 21.98
CA GLU F 82 23.99 -74.31 22.61
C GLU F 82 24.75 -73.23 21.87
N PRO F 83 24.17 -72.03 21.77
CA PRO F 83 24.98 -70.87 21.38
C PRO F 83 26.00 -70.54 22.44
N LEU F 84 27.27 -70.79 22.14
CA LEU F 84 28.35 -70.78 23.13
C LEU F 84 29.26 -69.58 22.87
N GLY F 85 28.87 -68.41 23.38
CA GLY F 85 29.70 -67.19 23.42
C GLY F 85 30.45 -66.79 22.15
N THR F 86 31.64 -66.22 22.30
CA THR F 86 32.48 -65.93 21.16
C THR F 86 33.77 -66.76 21.15
N ALA F 87 34.00 -67.59 22.17
CA ALA F 87 35.17 -68.45 22.24
C ALA F 87 34.86 -69.93 22.20
N GLY F 88 33.65 -70.34 22.61
CA GLY F 88 33.22 -71.71 22.44
C GLY F 88 33.32 -72.30 21.04
N PRO F 89 33.20 -71.46 19.96
CA PRO F 89 33.77 -71.82 18.65
C PRO F 89 35.13 -72.50 18.65
N LEU F 90 36.12 -71.89 19.29
CA LEU F 90 37.48 -72.42 19.20
C LEU F 90 37.63 -73.68 20.02
N ALA F 91 36.89 -73.78 21.12
CA ALA F 91 37.03 -74.93 22.00
C ALA F 91 36.28 -76.15 21.49
N LEU F 92 35.19 -75.97 20.75
CA LEU F 92 34.66 -77.11 20.02
C LEU F 92 35.58 -77.49 18.86
N ALA F 93 36.06 -76.49 18.11
CA ALA F 93 36.91 -76.71 16.96
C ALA F 93 38.40 -76.75 17.31
N ARG F 94 38.73 -77.17 18.53
CA ARG F 94 40.11 -77.30 18.97
C ARG F 94 40.85 -78.44 18.25
N ASP F 95 40.12 -79.47 17.82
CA ASP F 95 40.77 -80.65 17.24
C ASP F 95 41.20 -80.46 15.81
N LEU F 96 40.67 -79.46 15.11
CA LEU F 96 41.00 -79.22 13.72
C LEU F 96 41.48 -77.80 13.47
N LEU F 97 41.68 -77.01 14.51
CA LEU F 97 42.40 -75.76 14.41
C LEU F 97 43.84 -75.91 14.90
N SER F 98 44.11 -76.98 15.64
CA SER F 98 45.47 -77.40 16.00
C SER F 98 45.95 -78.57 15.16
N GLU F 99 45.41 -78.73 13.95
CA GLU F 99 45.86 -79.77 13.03
C GLU F 99 47.32 -79.57 12.64
N THR F 100 47.60 -78.48 11.95
CA THR F 100 48.95 -77.99 11.75
C THR F 100 49.20 -76.85 12.73
N ALA F 101 50.39 -76.81 13.32
CA ALA F 101 50.73 -75.77 14.28
C ALA F 101 51.06 -74.48 13.54
N ASP F 102 49.99 -73.79 13.11
CA ASP F 102 50.04 -72.58 12.32
C ASP F 102 49.19 -71.50 12.99
N PRO F 103 49.56 -70.22 12.83
CA PRO F 103 48.64 -69.16 13.26
C PRO F 103 47.41 -69.13 12.38
N PHE F 104 46.25 -68.93 12.99
CA PHE F 104 45.01 -68.92 12.23
C PHE F 104 44.26 -67.61 12.45
N PHE F 105 43.65 -67.12 11.37
CA PHE F 105 42.78 -65.97 11.42
C PHE F 105 41.53 -66.25 12.25
N VAL F 106 41.03 -65.21 12.90
CA VAL F 106 39.74 -65.23 13.61
C VAL F 106 39.00 -63.98 13.16
N LEU F 107 37.90 -64.16 12.43
CA LEU F 107 37.16 -63.07 11.82
C LEU F 107 35.81 -62.89 12.50
N ASN F 108 35.46 -61.64 12.77
CA ASN F 108 34.07 -61.28 13.02
C ASN F 108 33.32 -61.28 11.70
N SER F 109 32.04 -61.60 11.72
CA SER F 109 31.25 -61.59 10.49
C SER F 109 30.65 -60.22 10.19
N ASP F 110 30.48 -59.40 11.22
CA ASP F 110 29.83 -58.11 11.04
C ASP F 110 30.80 -57.02 10.62
N VAL F 111 32.02 -57.37 10.27
CA VAL F 111 33.06 -56.42 9.91
C VAL F 111 33.26 -56.47 8.40
N ILE F 112 33.24 -55.31 7.75
CA ILE F 112 33.64 -55.22 6.35
C ILE F 112 34.68 -54.11 6.20
N CYS F 113 35.77 -54.44 5.51
CA CYS F 113 37.00 -53.68 5.52
C CYS F 113 37.70 -53.89 4.19
N ASP F 114 38.83 -53.23 4.02
CA ASP F 114 39.86 -53.72 3.11
C ASP F 114 40.68 -54.75 3.88
N PHE F 115 40.44 -56.04 3.61
CA PHE F 115 40.99 -57.13 4.42
C PHE F 115 42.49 -57.25 4.19
N PRO F 116 43.32 -56.78 5.11
CA PRO F 116 44.75 -56.68 4.87
C PRO F 116 45.50 -57.91 5.37
N PHE F 117 45.05 -59.09 4.93
CA PHE F 117 45.52 -60.35 5.52
C PHE F 117 46.97 -60.62 5.19
N GLN F 118 47.38 -60.28 3.96
CA GLN F 118 48.73 -60.55 3.49
C GLN F 118 49.75 -59.75 4.28
N ALA F 119 49.48 -58.46 4.49
CA ALA F 119 50.37 -57.64 5.32
C ALA F 119 50.30 -58.06 6.78
N MET F 120 49.19 -58.69 7.18
CA MET F 120 48.98 -58.99 8.58
C MET F 120 49.69 -60.26 9.02
N VAL F 121 49.83 -61.27 8.15
CA VAL F 121 50.67 -62.41 8.50
C VAL F 121 52.13 -62.00 8.60
N GLN F 122 52.55 -61.07 7.72
CA GLN F 122 53.87 -60.45 7.81
C GLN F 122 54.05 -59.69 9.12
N PHE F 123 53.01 -58.98 9.57
CA PHE F 123 53.07 -58.32 10.87
C PHE F 123 53.17 -59.33 12.00
N HIS F 124 52.42 -60.43 11.89
CA HIS F 124 52.32 -61.40 12.98
C HIS F 124 53.61 -62.17 13.18
N ARG F 125 54.36 -62.41 12.10
CA ARG F 125 55.61 -63.14 12.21
C ARG F 125 56.80 -62.28 12.65
N HIS F 126 56.59 -61.03 13.05
CA HIS F 126 57.71 -60.17 13.40
C HIS F 126 57.83 -59.88 14.89
N HIS F 127 56.74 -59.93 15.65
CA HIS F 127 56.87 -59.78 17.09
C HIS F 127 56.99 -61.10 17.81
N GLY F 128 56.72 -62.22 17.13
CA GLY F 128 56.87 -63.54 17.71
C GLY F 128 55.85 -63.91 18.77
N GLN F 129 54.95 -63.02 19.13
CA GLN F 129 54.02 -63.22 20.23
C GLN F 129 52.79 -64.00 19.75
N GLU F 130 51.85 -64.23 20.66
CA GLU F 130 50.86 -65.27 20.39
C GLU F 130 49.71 -64.79 19.51
N GLY F 131 49.19 -63.58 19.74
CA GLY F 131 48.05 -63.11 18.98
C GLY F 131 48.22 -61.67 18.52
N SER F 132 47.76 -61.35 17.32
CA SER F 132 47.86 -59.97 16.84
C SER F 132 46.56 -59.54 16.19
N ILE F 133 46.06 -58.36 16.55
CA ILE F 133 44.72 -57.92 16.20
C ILE F 133 44.79 -56.68 15.32
N LEU F 134 43.71 -56.47 14.58
CA LEU F 134 43.52 -55.33 13.71
C LEU F 134 42.86 -54.20 14.49
N VAL F 135 43.44 -53.00 14.41
CA VAL F 135 42.89 -51.84 15.10
C VAL F 135 42.65 -50.73 14.10
N THR F 136 41.72 -49.83 14.44
CA THR F 136 41.28 -48.77 13.54
C THR F 136 41.05 -47.49 14.32
N LYS F 137 41.61 -46.38 13.83
CA LYS F 137 41.39 -45.10 14.47
C LYS F 137 39.97 -44.61 14.22
N VAL F 138 39.30 -44.20 15.30
CA VAL F 138 37.90 -43.79 15.25
C VAL F 138 37.78 -42.45 15.95
N GLU F 139 37.27 -41.44 15.23
CA GLU F 139 37.23 -40.09 15.81
C GLU F 139 36.12 -39.86 16.84
N GLU F 140 35.53 -40.89 17.44
CA GLU F 140 34.65 -40.70 18.60
C GLU F 140 34.74 -41.91 19.53
N PRO F 141 35.48 -41.82 20.62
CA PRO F 141 35.87 -43.01 21.37
C PRO F 141 34.91 -43.49 22.45
N SER F 142 33.85 -42.74 22.75
CA SER F 142 33.00 -43.11 23.88
C SER F 142 32.09 -44.30 23.54
N LYS F 143 31.60 -44.39 22.31
CA LYS F 143 30.81 -45.56 21.97
C LYS F 143 31.65 -46.80 21.71
N TYR F 144 32.97 -46.68 21.58
CA TYR F 144 33.79 -47.73 21.00
C TYR F 144 34.90 -48.18 21.94
N GLY F 145 35.25 -49.46 21.84
CA GLY F 145 36.22 -50.08 22.71
C GLY F 145 37.65 -49.99 22.21
N VAL F 146 38.45 -49.19 22.88
CA VAL F 146 39.78 -48.87 22.43
C VAL F 146 40.78 -49.83 23.08
N VAL F 147 41.98 -49.90 22.50
CA VAL F 147 42.99 -50.85 22.96
C VAL F 147 44.29 -50.18 23.35
N ARG F 158 47.79 -51.90 26.92
CA ARG F 158 46.60 -51.78 27.76
C ARG F 158 45.35 -52.33 27.05
N PHE F 159 44.31 -52.63 27.83
CA PHE F 159 43.06 -53.11 27.28
C PHE F 159 41.92 -52.69 28.19
N VAL F 160 40.86 -52.16 27.57
CA VAL F 160 39.59 -51.90 28.22
C VAL F 160 38.51 -52.27 27.21
N GLU F 161 37.25 -52.26 27.66
CA GLU F 161 36.19 -52.71 26.75
C GLU F 161 35.18 -51.61 26.42
N LYS F 162 34.71 -50.88 27.43
CA LYS F 162 33.90 -49.67 27.24
C LYS F 162 34.49 -48.60 28.14
N PRO F 163 35.57 -47.93 27.70
CA PRO F 163 36.17 -46.88 28.52
C PRO F 163 35.31 -45.64 28.66
N GLN F 164 34.94 -45.05 27.50
CA GLN F 164 34.35 -43.72 27.38
C GLN F 164 35.17 -42.67 28.15
N VAL F 165 36.49 -42.74 28.03
CA VAL F 165 37.39 -41.93 28.86
C VAL F 165 38.42 -41.20 27.98
N PHE F 166 38.67 -41.76 26.79
CA PHE F 166 39.87 -41.54 25.95
C PHE F 166 41.13 -42.02 26.70
N VAL F 167 41.17 -43.33 26.92
CA VAL F 167 42.42 -43.98 27.31
C VAL F 167 43.27 -44.29 26.08
N SER F 168 42.62 -44.69 25.00
CA SER F 168 43.22 -44.79 23.67
C SER F 168 42.22 -44.28 22.65
N ASN F 169 42.64 -44.30 21.39
CA ASN F 169 41.87 -43.73 20.28
C ASN F 169 41.37 -44.77 19.29
N LYS F 170 41.88 -46.00 19.33
CA LYS F 170 41.74 -46.94 18.23
C LYS F 170 40.95 -48.17 18.66
N ILE F 171 39.82 -48.40 18.00
CA ILE F 171 38.94 -49.54 18.27
C ILE F 171 39.58 -50.83 17.80
N ASN F 172 39.11 -51.95 18.34
CA ASN F 172 39.40 -53.26 17.77
C ASN F 172 38.55 -53.48 16.51
N ALA F 173 39.18 -53.99 15.45
CA ALA F 173 38.52 -54.12 14.16
C ALA F 173 37.98 -55.52 13.88
N GLY F 174 37.93 -56.40 14.87
CA GLY F 174 37.30 -57.68 14.67
C GLY F 174 38.10 -58.71 13.91
N MET F 175 39.34 -58.40 13.52
CA MET F 175 40.24 -59.35 12.89
C MET F 175 41.38 -59.70 13.84
N TYR F 176 41.59 -61.00 14.06
CA TYR F 176 42.67 -61.47 14.90
C TYR F 176 43.45 -62.52 14.14
N ILE F 177 44.71 -62.73 14.54
CA ILE F 177 45.40 -63.99 14.29
C ILE F 177 45.81 -64.56 15.64
N LEU F 178 45.51 -65.82 15.86
CA LEU F 178 45.83 -66.55 17.08
C LEU F 178 46.68 -67.76 16.73
N SER F 179 47.84 -67.86 17.37
CA SER F 179 48.64 -69.08 17.31
C SER F 179 47.98 -70.10 18.23
N PRO F 180 48.22 -71.43 18.01
CA PRO F 180 47.46 -72.43 18.76
C PRO F 180 47.81 -72.59 20.24
N ALA F 181 48.62 -71.69 20.81
CA ALA F 181 48.83 -71.75 22.25
C ALA F 181 47.59 -71.26 23.01
N VAL F 182 46.80 -70.35 22.41
CA VAL F 182 45.57 -69.90 23.04
C VAL F 182 44.43 -70.89 22.82
N LEU F 183 44.65 -71.92 22.00
CA LEU F 183 43.56 -72.81 21.59
C LEU F 183 43.15 -73.76 22.71
N GLN F 184 44.11 -74.46 23.28
CA GLN F 184 43.89 -75.26 24.48
C GLN F 184 44.00 -74.44 25.77
N ARG F 185 43.94 -73.10 25.67
CA ARG F 185 43.88 -72.21 26.81
C ARG F 185 42.43 -71.95 27.25
N ILE F 186 41.52 -71.76 26.29
CA ILE F 186 40.13 -71.42 26.55
C ILE F 186 39.34 -72.68 26.87
N GLN F 187 38.21 -72.51 27.54
CA GLN F 187 37.35 -73.58 28.01
C GLN F 187 36.20 -73.81 27.03
N LEU F 188 35.55 -74.96 27.16
CA LEU F 188 34.46 -75.30 26.24
C LEU F 188 33.18 -74.55 26.56
N GLN F 189 32.89 -74.37 27.85
CA GLN F 189 31.68 -73.68 28.26
C GLN F 189 31.76 -72.20 27.89
N PRO F 190 30.62 -71.54 27.63
CA PRO F 190 30.63 -70.28 26.86
C PRO F 190 31.30 -69.12 27.56
N THR F 191 32.35 -68.61 26.94
CA THR F 191 32.92 -67.31 27.26
C THR F 191 33.08 -66.54 25.96
N SER F 192 33.12 -65.23 26.07
CA SER F 192 33.28 -64.36 24.92
C SER F 192 34.72 -63.92 24.82
N ILE F 193 35.38 -64.29 23.71
CA ILE F 193 36.83 -64.16 23.59
C ILE F 193 37.28 -62.69 23.57
N GLU F 194 36.41 -61.77 23.15
CA GLU F 194 36.86 -60.40 23.12
C GLU F 194 36.82 -59.75 24.51
N LYS F 195 35.94 -60.21 25.40
CA LYS F 195 35.82 -59.51 26.68
C LYS F 195 36.91 -59.90 27.67
N GLU F 196 36.93 -61.16 28.11
CA GLU F 196 37.79 -61.52 29.23
C GLU F 196 38.93 -62.44 28.88
N VAL F 197 38.86 -63.14 27.74
CA VAL F 197 40.03 -63.81 27.20
C VAL F 197 41.08 -62.78 26.78
N PHE F 198 40.64 -61.71 26.14
CA PHE F 198 41.52 -60.64 25.70
C PHE F 198 42.08 -59.86 26.90
N PRO F 199 41.38 -59.83 28.03
CA PRO F 199 41.97 -59.16 29.23
C PRO F 199 43.21 -59.86 29.75
N ILE F 200 43.15 -61.19 29.95
CA ILE F 200 44.33 -61.91 30.39
C ILE F 200 45.33 -62.04 29.25
N MET F 201 44.85 -61.98 28.00
CA MET F 201 45.74 -61.88 26.84
C MET F 201 46.58 -60.60 26.91
N ALA F 202 45.99 -59.51 27.41
CA ALA F 202 46.69 -58.24 27.58
C ALA F 202 47.61 -58.25 28.78
N LYS F 203 47.17 -58.85 29.90
CA LYS F 203 48.06 -59.05 31.04
C LYS F 203 49.20 -59.99 30.72
N GLU F 204 49.02 -60.87 29.73
CA GLU F 204 50.11 -61.74 29.30
C GLU F 204 51.13 -60.98 28.48
N GLY F 205 50.68 -60.04 27.66
CA GLY F 205 51.54 -59.35 26.71
C GLY F 205 51.67 -60.04 25.38
N GLN F 206 50.71 -60.87 25.00
CA GLN F 206 50.87 -61.69 23.80
C GLN F 206 50.14 -61.13 22.59
N LEU F 207 49.15 -60.27 22.76
CA LEU F 207 48.44 -59.72 21.60
C LEU F 207 49.03 -58.37 21.23
N TYR F 208 48.98 -58.07 19.93
CA TYR F 208 49.59 -56.87 19.37
C TYR F 208 48.54 -56.09 18.59
N ALA F 209 48.91 -54.87 18.21
CA ALA F 209 48.00 -53.98 17.50
C ALA F 209 48.61 -53.61 16.16
N MET F 210 47.84 -53.81 15.09
CA MET F 210 48.25 -53.38 13.76
C MET F 210 47.14 -52.54 13.17
N GLU F 211 47.45 -51.34 12.72
CA GLU F 211 46.44 -50.44 12.20
C GLU F 211 46.48 -50.39 10.68
N LEU F 212 45.31 -50.28 10.07
CA LEU F 212 45.19 -50.22 8.62
C LEU F 212 44.81 -48.80 8.20
N GLN F 213 44.73 -48.61 6.89
CA GLN F 213 44.79 -47.26 6.32
C GLN F 213 43.43 -46.56 6.33
N GLY F 214 42.36 -47.28 6.03
CA GLY F 214 41.02 -46.69 6.05
C GLY F 214 40.00 -47.65 5.48
N PHE F 215 38.73 -47.21 5.51
CA PHE F 215 37.56 -48.00 5.15
C PHE F 215 37.46 -49.25 6.04
N TRP F 216 37.06 -48.99 7.27
CA TRP F 216 36.51 -50.01 8.15
C TRP F 216 35.05 -49.68 8.45
N MET F 217 34.22 -50.72 8.59
CA MET F 217 32.91 -50.54 9.21
C MET F 217 32.41 -51.83 9.83
N ASP F 218 31.96 -51.75 11.08
CA ASP F 218 31.08 -52.74 11.66
C ASP F 218 29.66 -52.46 11.19
N ILE F 219 28.98 -53.47 10.66
CA ILE F 219 27.67 -53.25 10.08
C ILE F 219 26.58 -54.01 10.86
N GLY F 220 26.76 -54.11 12.18
CA GLY F 220 25.76 -54.73 13.02
C GLY F 220 24.53 -53.88 13.29
N GLN F 221 24.69 -52.54 13.33
CA GLN F 221 23.53 -51.68 13.50
C GLN F 221 23.08 -51.13 12.14
N PRO F 222 21.78 -50.88 11.96
CA PRO F 222 21.27 -50.45 10.63
C PRO F 222 21.80 -49.13 10.12
N LYS F 223 21.98 -48.13 10.99
CA LYS F 223 22.69 -46.92 10.61
C LYS F 223 24.13 -47.19 10.24
N ASP F 224 24.79 -48.10 10.96
CA ASP F 224 26.14 -48.50 10.61
C ASP F 224 26.16 -49.33 9.34
N PHE F 225 25.10 -50.11 9.11
CA PHE F 225 24.94 -50.84 7.85
C PHE F 225 24.90 -49.88 6.67
N LEU F 226 24.18 -48.77 6.81
CA LEU F 226 24.09 -47.81 5.73
C LEU F 226 25.41 -47.06 5.53
N THR F 227 26.10 -46.73 6.63
CA THR F 227 27.38 -46.06 6.47
C THR F 227 28.44 -46.97 5.85
N GLY F 228 28.41 -48.26 6.20
CA GLY F 228 29.25 -49.22 5.53
C GLY F 228 28.93 -49.37 4.06
N MET F 229 27.66 -49.22 3.70
CA MET F 229 27.30 -49.20 2.28
C MET F 229 27.90 -48.00 1.56
N CYS F 230 27.89 -46.81 2.18
CA CYS F 230 28.45 -45.63 1.54
C CYS F 230 29.97 -45.76 1.35
N LEU F 231 30.65 -46.28 2.39
CA LEU F 231 32.10 -46.46 2.30
C LEU F 231 32.47 -47.56 1.30
N PHE F 232 31.70 -48.65 1.27
CA PHE F 232 31.98 -49.73 0.33
C PHE F 232 31.71 -49.31 -1.10
N LEU F 233 30.70 -48.45 -1.31
CA LEU F 233 30.48 -47.96 -2.66
C LEU F 233 31.55 -46.97 -3.09
N GLN F 234 32.17 -46.29 -2.12
CA GLN F 234 33.35 -45.47 -2.46
C GLN F 234 34.52 -46.35 -2.90
N SER F 235 34.81 -47.41 -2.13
CA SER F 235 35.91 -48.29 -2.50
C SER F 235 35.61 -49.08 -3.78
N LEU F 236 34.34 -49.34 -4.06
CA LEU F 236 33.96 -49.95 -5.33
C LEU F 236 34.00 -48.96 -6.47
N ARG F 237 33.83 -47.66 -6.19
CA ARG F 237 34.07 -46.65 -7.22
C ARG F 237 35.54 -46.60 -7.59
N GLN F 238 36.41 -46.65 -6.58
CA GLN F 238 37.84 -46.50 -6.84
C GLN F 238 38.42 -47.75 -7.50
N LYS F 239 38.26 -48.90 -6.85
CA LYS F 239 38.95 -50.11 -7.32
C LYS F 239 38.33 -50.66 -8.61
N GLN F 240 37.01 -50.62 -8.73
CA GLN F 240 36.32 -51.23 -9.87
C GLN F 240 35.20 -50.32 -10.37
N PRO F 241 35.54 -49.26 -11.11
CA PRO F 241 34.49 -48.33 -11.58
C PRO F 241 33.58 -48.90 -12.65
N GLU F 242 33.88 -50.07 -13.20
CA GLU F 242 32.96 -50.72 -14.12
C GLU F 242 31.77 -51.37 -13.39
N ARG F 243 31.87 -51.55 -12.08
CA ARG F 243 30.80 -52.17 -11.30
C ARG F 243 29.61 -51.24 -11.14
N LEU F 244 29.86 -49.96 -10.93
CA LEU F 244 28.80 -49.03 -10.60
C LEU F 244 27.97 -48.71 -11.84
N CYS F 245 26.74 -48.29 -11.61
CA CYS F 245 25.90 -47.90 -12.73
C CYS F 245 26.25 -46.50 -13.18
N SER F 246 25.80 -46.17 -14.38
CA SER F 246 25.98 -44.86 -14.97
C SER F 246 24.73 -44.50 -15.73
N GLY F 247 24.56 -43.19 -15.97
CA GLY F 247 23.40 -42.74 -16.71
C GLY F 247 22.99 -41.32 -16.36
N PRO F 248 21.95 -40.83 -17.02
CA PRO F 248 21.50 -39.47 -16.74
C PRO F 248 20.73 -39.33 -15.45
N GLY F 249 19.81 -40.26 -15.16
CA GLY F 249 19.06 -40.24 -13.92
C GLY F 249 19.77 -40.82 -12.71
N ILE F 250 21.04 -41.15 -12.84
CA ILE F 250 21.85 -41.74 -11.78
C ILE F 250 22.75 -40.65 -11.21
N VAL F 251 22.66 -40.46 -9.90
CA VAL F 251 23.56 -39.56 -9.17
C VAL F 251 24.40 -40.42 -8.26
N GLY F 252 25.66 -40.02 -8.05
CA GLY F 252 26.55 -40.70 -7.11
C GLY F 252 26.87 -42.13 -7.50
N ASN F 253 27.17 -42.95 -6.49
CA ASN F 253 27.62 -44.33 -6.66
C ASN F 253 26.43 -45.27 -6.49
N VAL F 254 25.87 -45.74 -7.60
CA VAL F 254 24.70 -46.61 -7.58
C VAL F 254 25.11 -48.00 -8.06
N LEU F 255 24.82 -49.01 -7.24
CA LEU F 255 25.19 -50.39 -7.51
C LEU F 255 23.93 -51.17 -7.87
N VAL F 256 23.60 -51.21 -9.15
CA VAL F 256 22.43 -51.91 -9.62
C VAL F 256 22.83 -53.33 -10.00
N ASP F 257 22.09 -54.31 -9.53
CA ASP F 257 22.24 -55.65 -10.03
C ASP F 257 21.73 -55.71 -11.47
N PRO F 258 22.25 -56.63 -12.29
CA PRO F 258 21.66 -56.82 -13.63
C PRO F 258 20.22 -57.26 -13.63
N SER F 259 19.77 -57.95 -12.58
CA SER F 259 18.38 -58.37 -12.50
C SER F 259 17.45 -57.22 -12.11
N ALA F 260 17.98 -56.17 -11.49
CA ALA F 260 17.18 -55.06 -11.02
C ALA F 260 16.83 -54.12 -12.16
N ARG F 261 15.61 -53.62 -12.16
CA ARG F 261 15.09 -52.78 -13.23
C ARG F 261 14.58 -51.48 -12.66
N ILE F 262 14.96 -50.37 -13.27
CA ILE F 262 14.62 -49.03 -12.82
C ILE F 262 13.81 -48.35 -13.91
N GLY F 263 12.78 -47.61 -13.52
CA GLY F 263 11.94 -46.89 -14.46
C GLY F 263 12.59 -45.62 -14.96
N GLN F 264 11.78 -44.76 -15.55
CA GLN F 264 12.26 -43.56 -16.20
C GLN F 264 11.81 -42.32 -15.42
N ASN F 265 12.52 -41.21 -15.66
CA ASN F 265 12.56 -39.98 -14.86
C ASN F 265 12.55 -40.25 -13.35
N CYS F 266 13.45 -41.13 -12.93
CA CYS F 266 13.80 -41.30 -11.53
C CYS F 266 15.02 -40.46 -11.20
N SER F 267 15.36 -40.42 -9.92
CA SER F 267 16.63 -39.84 -9.50
C SER F 267 17.23 -40.77 -8.45
N ILE F 268 17.94 -41.79 -8.91
CA ILE F 268 18.49 -42.79 -8.01
C ILE F 268 19.81 -42.26 -7.48
N GLY F 269 19.77 -41.58 -6.35
CA GLY F 269 20.85 -40.73 -5.94
C GLY F 269 22.00 -41.47 -5.36
N PRO F 270 22.86 -40.75 -4.63
CA PRO F 270 24.13 -41.33 -4.20
C PRO F 270 23.95 -42.40 -3.15
N ASN F 271 24.84 -43.39 -3.22
CA ASN F 271 24.96 -44.49 -2.27
C ASN F 271 23.68 -45.35 -2.22
N VAL F 272 23.24 -45.81 -3.37
CA VAL F 272 22.12 -46.72 -3.48
C VAL F 272 22.64 -48.04 -4.01
N SER F 273 22.20 -49.15 -3.42
CA SER F 273 22.59 -50.49 -3.87
C SER F 273 21.34 -51.34 -4.03
N LEU F 274 20.89 -51.52 -5.26
CA LEU F 274 19.68 -52.28 -5.52
C LEU F 274 20.00 -53.76 -5.66
N GLY F 275 19.24 -54.60 -4.96
CA GLY F 275 19.48 -56.02 -4.97
C GLY F 275 19.04 -56.66 -6.27
N PRO F 276 19.23 -57.99 -6.35
CA PRO F 276 18.76 -58.72 -7.53
C PRO F 276 17.24 -58.80 -7.58
N GLY F 277 16.66 -58.28 -8.64
CA GLY F 277 15.24 -58.45 -8.89
C GLY F 277 14.34 -57.31 -8.47
N VAL F 278 14.87 -56.15 -8.09
CA VAL F 278 14.03 -55.07 -7.60
C VAL F 278 13.39 -54.36 -8.77
N VAL F 279 12.17 -53.89 -8.55
CA VAL F 279 11.43 -53.13 -9.55
C VAL F 279 11.21 -51.75 -8.94
N VAL F 280 11.94 -50.77 -9.44
CA VAL F 280 11.72 -49.37 -9.11
C VAL F 280 10.91 -48.77 -10.25
N GLU F 281 9.75 -48.20 -9.93
CA GLU F 281 8.83 -47.74 -10.95
C GLU F 281 9.18 -46.31 -11.37
N ASP F 282 8.31 -45.69 -12.15
CA ASP F 282 8.64 -44.44 -12.82
C ASP F 282 8.54 -43.26 -11.86
N GLY F 283 9.68 -42.69 -11.51
CA GLY F 283 9.71 -41.49 -10.70
C GLY F 283 9.96 -41.69 -9.24
N VAL F 284 10.69 -42.69 -8.87
CA VAL F 284 11.15 -42.86 -7.49
C VAL F 284 12.40 -42.04 -7.31
N CYS F 285 12.58 -41.46 -6.13
CA CYS F 285 13.82 -40.78 -5.79
C CYS F 285 14.43 -41.48 -4.59
N ILE F 286 15.50 -42.21 -4.82
CA ILE F 286 16.20 -42.93 -3.76
C ILE F 286 17.56 -42.29 -3.53
N ARG F 287 17.89 -42.00 -2.29
CA ARG F 287 19.26 -41.68 -1.88
C ARG F 287 19.61 -42.50 -0.66
N ARG F 288 20.87 -42.91 -0.55
CA ARG F 288 21.42 -43.56 0.65
C ARG F 288 20.67 -44.80 1.11
N CYS F 289 20.00 -45.51 0.21
CA CYS F 289 19.22 -46.66 0.63
C CYS F 289 19.83 -47.97 0.16
N THR F 290 19.42 -49.03 0.85
CA THR F 290 19.70 -50.41 0.48
C THR F 290 18.36 -51.07 0.22
N VAL F 291 18.11 -51.44 -1.03
CA VAL F 291 16.91 -52.18 -1.40
C VAL F 291 17.34 -53.62 -1.68
N LEU F 292 16.73 -54.56 -0.97
CA LEU F 292 17.17 -55.95 -1.02
C LEU F 292 16.36 -56.69 -2.09
N ARG F 293 16.51 -58.02 -2.12
CA ARG F 293 16.03 -58.85 -3.22
C ARG F 293 14.50 -58.81 -3.35
N ASP F 294 14.02 -58.70 -4.59
CA ASP F 294 12.61 -58.79 -4.99
C ASP F 294 11.74 -57.66 -4.47
N ALA F 295 12.32 -56.57 -3.99
CA ALA F 295 11.55 -55.51 -3.35
C ALA F 295 11.09 -54.48 -4.37
N ARG F 296 9.79 -54.27 -4.45
CA ARG F 296 9.20 -53.42 -5.48
C ARG F 296 8.82 -52.08 -4.89
N ILE F 297 9.30 -51.00 -5.52
CA ILE F 297 9.09 -49.66 -5.02
C ILE F 297 8.30 -48.89 -6.06
N ARG F 298 7.08 -48.50 -5.71
CA ARG F 298 6.15 -47.97 -6.68
C ARG F 298 6.38 -46.47 -6.89
N SER F 299 5.58 -45.88 -7.76
CA SER F 299 5.95 -44.62 -8.39
C SER F 299 5.75 -43.43 -7.47
N HIS F 300 6.49 -42.34 -7.77
CA HIS F 300 6.47 -41.07 -7.03
C HIS F 300 6.77 -41.23 -5.55
N SER F 301 7.52 -42.25 -5.18
CA SER F 301 7.98 -42.42 -3.82
C SER F 301 9.32 -41.74 -3.65
N TRP F 302 9.65 -41.44 -2.41
CA TRP F 302 10.90 -40.77 -2.08
C TRP F 302 11.48 -41.47 -0.87
N LEU F 303 12.67 -42.02 -1.02
CA LEU F 303 13.31 -42.82 0.00
C LEU F 303 14.68 -42.23 0.30
N GLU F 304 15.02 -42.14 1.57
CA GLU F 304 16.35 -41.68 1.93
C GLU F 304 16.81 -42.33 3.21
N SER F 305 17.99 -42.94 3.17
CA SER F 305 18.67 -43.55 4.31
C SER F 305 17.81 -44.62 4.96
N CYS F 306 17.35 -45.57 4.16
CA CYS F 306 16.43 -46.61 4.63
C CYS F 306 16.84 -47.95 4.06
N ILE F 307 16.42 -49.02 4.71
CA ILE F 307 16.66 -50.37 4.23
C ILE F 307 15.33 -51.01 3.90
N VAL F 308 15.11 -51.33 2.63
CA VAL F 308 13.93 -52.07 2.20
C VAL F 308 14.32 -53.54 2.09
N GLY F 309 13.66 -54.39 2.86
CA GLY F 309 14.02 -55.78 2.94
C GLY F 309 13.57 -56.61 1.77
N TRP F 310 13.55 -57.92 1.98
CA TRP F 310 13.24 -58.88 0.92
C TRP F 310 11.74 -58.99 0.69
N ARG F 311 11.33 -58.81 -0.57
CA ARG F 311 9.95 -58.92 -1.05
C ARG F 311 9.00 -57.90 -0.41
N CYS F 312 9.49 -56.71 -0.10
CA CYS F 312 8.59 -55.64 0.31
C CYS F 312 7.94 -54.99 -0.88
N ARG F 313 6.75 -54.45 -0.67
CA ARG F 313 6.14 -53.50 -1.58
C ARG F 313 6.08 -52.16 -0.86
N VAL F 314 6.68 -51.15 -1.46
CA VAL F 314 6.50 -49.77 -1.05
C VAL F 314 5.48 -49.17 -2.00
N GLY F 315 4.44 -48.54 -1.46
CA GLY F 315 3.40 -47.98 -2.28
C GLY F 315 3.83 -46.70 -2.97
N GLN F 316 2.85 -46.03 -3.53
CA GLN F 316 3.12 -44.79 -4.22
C GLN F 316 2.97 -43.60 -3.29
N TRP F 317 3.70 -42.53 -3.60
CA TRP F 317 3.78 -41.29 -2.81
C TRP F 317 4.20 -41.56 -1.37
N VAL F 318 5.03 -42.57 -1.16
CA VAL F 318 5.51 -42.93 0.16
C VAL F 318 6.83 -42.20 0.42
N ARG F 319 6.87 -41.40 1.48
CA ARG F 319 8.11 -40.78 1.92
C ARG F 319 8.64 -41.58 3.10
N MET F 320 9.74 -42.30 2.87
CA MET F 320 10.41 -43.05 3.92
C MET F 320 11.76 -42.43 4.15
N GLU F 321 12.15 -42.29 5.42
CA GLU F 321 13.45 -41.71 5.73
C GLU F 321 13.93 -41.99 7.13
N ASN F 322 15.04 -41.34 7.50
CA ASN F 322 15.62 -41.43 8.83
C ASN F 322 15.80 -42.85 9.35
N VAL F 323 16.51 -43.68 8.59
CA VAL F 323 16.79 -45.08 8.94
C VAL F 323 15.54 -45.94 9.20
N THR F 324 14.60 -45.91 8.27
CA THR F 324 13.41 -46.73 8.37
C THR F 324 13.86 -48.08 7.88
N VAL F 325 13.59 -49.14 8.62
CA VAL F 325 14.06 -50.45 8.16
C VAL F 325 12.84 -51.35 8.02
N LEU F 326 12.61 -51.86 6.81
CA LEU F 326 11.51 -52.78 6.57
C LEU F 326 12.03 -54.21 6.58
N GLY F 327 11.36 -55.08 7.33
CA GLY F 327 11.72 -56.48 7.34
C GLY F 327 11.26 -57.23 6.11
N GLU F 328 11.15 -58.55 6.18
CA GLU F 328 10.76 -59.32 4.99
C GLU F 328 9.27 -59.22 4.75
N ASP F 329 8.89 -58.89 3.51
CA ASP F 329 7.51 -58.92 3.00
C ASP F 329 6.61 -57.95 3.76
N VAL F 330 6.96 -56.67 3.66
CA VAL F 330 6.24 -55.60 4.33
C VAL F 330 5.57 -54.75 3.27
N ILE F 331 4.26 -54.58 3.37
CA ILE F 331 3.48 -53.80 2.41
C ILE F 331 3.21 -52.43 3.02
N VAL F 332 3.92 -51.43 2.56
CA VAL F 332 3.62 -50.04 2.90
C VAL F 332 2.55 -49.56 1.93
N ASN F 333 1.42 -49.11 2.46
CA ASN F 333 0.36 -48.61 1.60
C ASN F 333 0.74 -47.25 1.03
N ASP F 334 -0.11 -46.76 0.14
CA ASP F 334 0.20 -45.54 -0.58
C ASP F 334 0.07 -44.31 0.31
N GLU F 335 0.72 -43.24 -0.14
CA GLU F 335 0.74 -41.87 0.44
C GLU F 335 0.92 -41.85 1.96
N LEU F 336 1.85 -42.66 2.45
CA LEU F 336 2.21 -42.71 3.86
C LEU F 336 3.59 -42.11 4.08
N TYR F 337 3.95 -41.92 5.33
CA TYR F 337 5.21 -41.31 5.68
C TYR F 337 5.80 -42.03 6.87
N LEU F 338 6.97 -42.62 6.69
CA LEU F 338 7.64 -43.39 7.72
C LEU F 338 8.96 -42.72 8.07
N ASN F 339 9.17 -42.51 9.37
CA ASN F 339 10.35 -41.83 9.88
C ASN F 339 10.87 -42.70 11.02
N GLY F 340 11.83 -43.57 10.75
CA GLY F 340 12.35 -44.40 11.81
C GLY F 340 11.51 -45.61 12.13
N ALA F 341 10.59 -45.99 11.26
CA ALA F 341 9.81 -47.19 11.47
C ALA F 341 10.71 -48.40 11.29
N SER F 342 10.84 -49.21 12.33
CA SER F 342 11.54 -50.48 12.22
C SER F 342 10.46 -51.55 12.19
N VAL F 343 10.05 -51.90 10.99
CA VAL F 343 8.86 -52.71 10.78
C VAL F 343 9.23 -54.18 10.75
N LEU F 344 8.52 -54.96 11.55
CA LEU F 344 8.75 -56.38 11.65
C LEU F 344 8.22 -57.08 10.40
N PRO F 345 8.72 -58.29 10.08
CA PRO F 345 8.27 -58.99 8.88
C PRO F 345 6.80 -59.34 8.89
N HIS F 346 6.23 -59.37 7.67
CA HIS F 346 4.84 -59.73 7.38
C HIS F 346 3.85 -58.76 8.03
N LYS F 347 4.25 -57.51 8.12
CA LYS F 347 3.39 -56.43 8.53
C LYS F 347 2.94 -55.65 7.31
N SER F 348 1.67 -55.29 7.26
CA SER F 348 1.23 -54.25 6.35
C SER F 348 1.01 -52.98 7.15
N ILE F 349 1.25 -51.85 6.51
CA ILE F 349 1.23 -50.55 7.17
C ILE F 349 0.18 -49.68 6.51
N GLY F 350 -0.80 -49.24 7.29
CA GLY F 350 -1.87 -48.45 6.76
C GLY F 350 -1.87 -47.01 7.25
N GLU F 351 -1.09 -46.73 8.29
CA GLU F 351 -1.05 -45.41 8.92
C GLU F 351 0.38 -44.92 8.98
N SER F 352 0.55 -43.60 8.94
CA SER F 352 1.88 -43.00 8.96
C SER F 352 2.57 -43.23 10.30
N VAL F 353 3.89 -43.23 10.25
CA VAL F 353 4.74 -43.35 11.42
C VAL F 353 5.67 -42.14 11.42
N PRO F 354 5.30 -41.04 12.07
CA PRO F 354 6.14 -39.84 12.05
C PRO F 354 7.17 -39.79 13.16
N GLU F 355 7.22 -40.77 13.99
CA GLU F 355 8.05 -40.91 15.15
C GLU F 355 8.93 -42.13 14.98
N PRO F 356 10.18 -42.09 15.41
CA PRO F 356 10.96 -43.34 15.45
C PRO F 356 10.32 -44.34 16.38
N ARG F 357 9.86 -45.45 15.80
CA ARG F 357 8.97 -46.40 16.45
C ARG F 357 9.35 -47.80 16.01
N ILE F 358 8.74 -48.80 16.64
CA ILE F 358 8.91 -50.20 16.27
C ILE F 358 7.54 -50.79 16.05
N ILE F 359 7.26 -51.22 14.82
CA ILE F 359 5.94 -51.70 14.44
C ILE F 359 5.88 -53.20 14.62
N MET F 360 4.88 -53.68 15.34
CA MET F 360 4.81 -55.10 15.71
C MET F 360 3.90 -55.95 14.84
N MET G 1 34.45 -21.51 74.73
CA MET G 1 33.87 -20.42 73.96
C MET G 1 32.38 -20.34 74.17
N LYS G 2 31.75 -19.44 73.42
CA LYS G 2 30.32 -19.47 73.21
C LYS G 2 30.08 -20.02 71.81
N ALA G 3 28.94 -20.66 71.61
CA ALA G 3 28.60 -21.19 70.30
C ALA G 3 27.13 -20.98 70.04
N LEU G 4 26.80 -20.30 68.94
CA LEU G 4 25.43 -19.94 68.58
C LEU G 4 24.99 -20.74 67.37
N ILE G 5 24.04 -21.63 67.57
CA ILE G 5 23.48 -22.45 66.50
C ILE G 5 22.09 -21.91 66.20
N LEU G 6 21.92 -21.19 65.09
CA LEU G 6 20.59 -20.75 64.69
C LEU G 6 19.82 -21.94 64.16
N VAL G 7 18.97 -22.55 64.99
CA VAL G 7 18.27 -23.79 64.64
C VAL G 7 16.91 -23.44 64.02
N GLY G 8 16.69 -23.92 62.79
CA GLY G 8 15.82 -23.24 61.85
C GLY G 8 14.35 -23.03 62.13
N GLY G 9 13.54 -24.06 62.06
CA GLY G 9 12.14 -23.74 62.19
C GLY G 9 11.35 -23.90 60.91
N TYR G 10 10.32 -24.74 61.04
CA TYR G 10 9.28 -25.14 60.09
C TYR G 10 9.81 -26.08 59.02
N GLY G 11 11.15 -26.18 58.89
CA GLY G 11 11.91 -27.11 58.07
C GLY G 11 11.31 -27.47 56.73
N THR G 12 11.08 -26.47 55.88
CA THR G 12 10.19 -26.65 54.74
C THR G 12 10.83 -27.50 53.65
N ARG G 13 12.12 -27.29 53.43
CA ARG G 13 12.87 -28.21 52.59
C ARG G 13 12.98 -29.43 53.53
N LEU G 14 12.75 -30.65 53.06
CA LEU G 14 12.83 -31.77 53.99
C LEU G 14 11.65 -31.64 54.94
N ARG G 15 10.47 -31.58 54.36
CA ARG G 15 9.18 -31.40 55.03
C ARG G 15 8.48 -32.65 55.58
N PRO G 16 8.41 -33.82 54.90
CA PRO G 16 7.71 -34.95 55.52
C PRO G 16 8.32 -35.42 56.83
N LEU G 17 9.62 -35.25 57.01
CA LEU G 17 10.23 -35.60 58.29
C LEU G 17 9.95 -34.53 59.33
N THR G 18 10.15 -33.26 58.98
CA THR G 18 9.99 -32.16 59.93
C THR G 18 8.54 -31.87 60.30
N LEU G 19 7.58 -32.52 59.64
CA LEU G 19 6.19 -32.43 60.08
C LEU G 19 5.90 -33.19 61.36
N SER G 20 6.85 -33.95 61.90
CA SER G 20 6.67 -34.65 63.17
C SER G 20 7.77 -34.37 64.17
N THR G 21 9.02 -34.22 63.71
CA THR G 21 10.16 -34.10 64.57
C THR G 21 11.02 -33.01 63.94
N PRO G 22 11.43 -31.99 64.70
CA PRO G 22 12.10 -30.83 64.11
C PRO G 22 13.44 -31.19 63.47
N LYS G 23 13.88 -30.31 62.56
CA LYS G 23 15.09 -30.57 61.79
C LYS G 23 16.37 -30.72 62.60
N PRO G 24 16.60 -30.04 63.74
CA PRO G 24 17.75 -30.44 64.57
C PRO G 24 17.62 -31.80 65.24
N LEU G 25 16.45 -32.43 65.23
CA LEU G 25 16.26 -33.69 65.95
C LEU G 25 16.05 -34.90 65.05
N VAL G 26 16.07 -34.75 63.73
CA VAL G 26 15.94 -35.91 62.87
C VAL G 26 17.30 -36.57 62.72
N ASP G 27 17.36 -37.87 63.01
CA ASP G 27 18.64 -38.55 63.16
C ASP G 27 19.30 -38.77 61.80
N PHE G 28 20.46 -38.15 61.63
CA PHE G 28 21.30 -38.31 60.46
C PHE G 28 22.42 -39.26 60.83
N CYS G 29 22.39 -40.47 60.26
CA CYS G 29 23.26 -41.60 60.62
C CYS G 29 23.22 -41.88 62.12
N ASN G 30 21.99 -42.11 62.60
CA ASN G 30 21.66 -42.69 63.91
C ASN G 30 21.94 -41.77 65.10
N LYS G 31 22.06 -40.46 64.88
CA LYS G 31 21.96 -39.48 65.94
C LYS G 31 21.69 -38.11 65.31
N PRO G 32 20.93 -37.24 65.99
CA PRO G 32 20.38 -36.04 65.33
C PRO G 32 21.42 -35.04 64.85
N ILE G 33 20.97 -34.16 63.95
CA ILE G 33 21.87 -33.22 63.27
C ILE G 33 22.48 -32.23 64.24
N LEU G 34 21.71 -31.83 65.25
CA LEU G 34 22.27 -30.97 66.29
C LEU G 34 23.27 -31.71 67.15
N LEU G 35 23.11 -33.03 67.30
CA LEU G 35 23.97 -33.78 68.19
C LEU G 35 25.38 -33.91 67.63
N HIS G 36 25.52 -33.99 66.30
CA HIS G 36 26.84 -33.97 65.67
C HIS G 36 27.55 -32.66 65.94
N GLN G 37 26.81 -31.56 65.80
CA GLN G 37 27.32 -30.22 66.08
C GLN G 37 27.76 -30.10 67.53
N VAL G 38 26.93 -30.55 68.46
CA VAL G 38 27.24 -30.26 69.86
C VAL G 38 28.24 -31.25 70.45
N GLU G 39 28.38 -32.47 69.90
CA GLU G 39 29.48 -33.31 70.35
C GLU G 39 30.80 -32.80 69.79
N ALA G 40 30.79 -32.23 68.58
CA ALA G 40 32.03 -31.65 68.08
C ALA G 40 32.36 -30.34 68.79
N LEU G 41 31.34 -29.65 69.30
CA LEU G 41 31.59 -28.46 70.12
C LEU G 41 32.11 -28.83 71.50
N ALA G 42 31.63 -29.95 72.06
CA ALA G 42 32.14 -30.42 73.34
C ALA G 42 33.55 -30.97 73.20
N ALA G 43 33.91 -31.50 72.04
CA ALA G 43 35.30 -31.87 71.80
C ALA G 43 36.17 -30.66 71.47
N ALA G 44 35.57 -29.59 70.95
CA ALA G 44 36.33 -28.40 70.58
C ALA G 44 36.86 -27.63 71.76
N GLY G 45 36.28 -27.79 72.94
CA GLY G 45 36.62 -26.95 74.07
C GLY G 45 35.74 -25.74 74.25
N VAL G 46 34.54 -25.76 73.66
CA VAL G 46 33.55 -24.71 73.92
C VAL G 46 32.94 -24.93 75.28
N ASP G 47 32.81 -23.86 76.07
CA ASP G 47 32.41 -24.01 77.47
C ASP G 47 30.91 -24.16 77.64
N HIS G 48 30.12 -23.40 76.90
CA HIS G 48 28.66 -23.62 76.86
C HIS G 48 28.14 -23.02 75.56
N VAL G 49 27.20 -23.72 74.93
CA VAL G 49 26.66 -23.32 73.64
C VAL G 49 25.21 -22.88 73.85
N ILE G 50 24.72 -22.05 72.93
CA ILE G 50 23.34 -21.59 72.98
C ILE G 50 22.75 -21.79 71.59
N LEU G 51 21.51 -22.29 71.55
CA LEU G 51 20.84 -22.55 70.29
C LEU G 51 19.59 -21.69 70.16
N ALA G 52 19.39 -21.12 68.98
CA ALA G 52 18.42 -20.04 68.77
C ALA G 52 17.12 -20.58 68.17
N VAL G 53 16.28 -21.15 69.06
CA VAL G 53 15.09 -21.89 68.66
C VAL G 53 13.95 -20.91 68.41
N SER G 54 13.04 -21.32 67.53
CA SER G 54 11.79 -20.61 67.33
C SER G 54 10.59 -21.51 67.10
N TYR G 55 10.79 -22.80 66.81
CA TYR G 55 9.71 -23.70 66.42
C TYR G 55 9.93 -25.04 67.09
N MET G 56 8.86 -25.54 67.72
CA MET G 56 8.83 -26.84 68.40
C MET G 56 9.93 -26.95 69.46
N SER G 57 9.87 -26.03 70.41
CA SER G 57 10.88 -26.02 71.47
C SER G 57 10.54 -26.97 72.60
N GLN G 58 9.34 -27.59 72.57
CA GLN G 58 8.99 -28.60 73.55
C GLN G 58 9.92 -29.81 73.48
N VAL G 59 9.88 -30.53 72.35
CA VAL G 59 10.69 -31.73 72.18
C VAL G 59 12.18 -31.38 72.08
N LEU G 60 12.49 -30.23 71.47
CA LEU G 60 13.88 -29.79 71.32
C LEU G 60 14.49 -29.46 72.66
N GLU G 61 13.82 -28.62 73.45
CA GLU G 61 14.34 -28.21 74.73
C GLU G 61 14.38 -29.35 75.73
N LYS G 62 13.42 -30.30 75.64
CA LYS G 62 13.48 -31.45 76.52
C LYS G 62 14.68 -32.34 76.15
N GLU G 63 15.03 -32.43 74.87
CA GLU G 63 16.25 -33.15 74.49
C GLU G 63 17.50 -32.42 74.97
N MET G 64 17.54 -31.09 74.84
CA MET G 64 18.73 -30.35 75.26
C MET G 64 18.93 -30.40 76.77
N LYS G 65 17.85 -30.38 77.54
CA LYS G 65 18.03 -30.48 78.98
C LYS G 65 18.22 -31.93 79.41
N ALA G 66 17.93 -32.89 78.53
CA ALA G 66 18.43 -34.25 78.75
C ALA G 66 19.95 -34.31 78.59
N GLN G 67 20.48 -33.89 77.44
CA GLN G 67 21.90 -34.11 77.18
C GLN G 67 22.81 -32.98 77.66
N GLU G 68 22.26 -31.98 78.36
CA GLU G 68 23.10 -30.99 79.02
C GLU G 68 23.98 -31.65 80.08
N GLN G 69 23.43 -32.63 80.80
CA GLN G 69 24.16 -33.35 81.83
C GLN G 69 24.95 -34.52 81.29
N ARG G 70 24.81 -34.84 80.00
CA ARG G 70 25.55 -35.91 79.36
C ARG G 70 26.77 -35.42 78.58
N LEU G 71 26.65 -34.28 77.90
CA LEU G 71 27.85 -33.69 77.31
C LEU G 71 28.70 -32.98 78.36
N GLY G 72 28.08 -32.50 79.43
CA GLY G 72 28.81 -31.73 80.41
C GLY G 72 29.06 -30.30 80.00
N ILE G 73 28.17 -29.71 79.21
CA ILE G 73 28.22 -28.30 78.86
C ILE G 73 26.79 -27.77 78.90
N ARG G 74 26.64 -26.53 79.35
CA ARG G 74 25.32 -25.94 79.57
C ARG G 74 24.70 -25.58 78.23
N ILE G 75 23.75 -26.40 77.78
CA ILE G 75 23.15 -26.23 76.44
C ILE G 75 22.04 -25.20 76.62
N SER G 76 22.45 -23.92 76.61
CA SER G 76 21.52 -22.82 76.82
C SER G 76 20.73 -22.54 75.54
N MET G 77 19.59 -21.89 75.72
CA MET G 77 18.60 -21.80 74.66
C MET G 77 18.11 -20.36 74.54
N SER G 78 17.99 -19.88 73.30
CA SER G 78 17.36 -18.60 73.00
C SER G 78 15.99 -18.91 72.43
N HIS G 79 14.96 -18.69 73.22
CA HIS G 79 13.60 -18.89 72.72
C HIS G 79 13.17 -17.65 71.96
N GLU G 80 12.39 -17.86 70.92
CA GLU G 80 11.72 -16.76 70.25
C GLU G 80 10.25 -17.09 70.08
N GLU G 81 9.42 -16.05 70.15
CA GLU G 81 7.98 -16.23 70.00
C GLU G 81 7.52 -16.01 68.57
N GLU G 82 8.32 -15.32 67.77
CA GLU G 82 8.24 -15.20 66.34
C GLU G 82 9.61 -15.47 65.74
N PRO G 83 9.68 -16.02 64.53
CA PRO G 83 10.99 -16.28 63.92
C PRO G 83 11.73 -15.00 63.53
N LEU G 84 13.01 -14.95 63.92
CA LEU G 84 13.87 -13.82 63.61
C LEU G 84 14.87 -14.12 62.51
N GLY G 85 14.86 -15.32 61.94
CA GLY G 85 15.64 -15.59 60.74
C GLY G 85 17.09 -15.91 61.04
N THR G 86 18.00 -15.18 60.39
CA THR G 86 19.41 -15.54 60.35
C THR G 86 20.35 -14.49 60.94
N ALA G 87 19.88 -13.25 61.17
CA ALA G 87 20.66 -12.26 61.91
C ALA G 87 19.90 -11.65 63.09
N GLY G 88 18.66 -12.01 63.31
CA GLY G 88 17.89 -11.60 64.47
C GLY G 88 18.38 -12.11 65.82
N PRO G 89 18.59 -13.43 65.96
CA PRO G 89 19.15 -13.93 67.23
C PRO G 89 20.59 -13.54 67.48
N LEU G 90 21.30 -12.97 66.48
CA LEU G 90 22.56 -12.32 66.78
C LEU G 90 22.36 -11.15 67.71
N ALA G 91 21.26 -10.42 67.53
CA ALA G 91 20.94 -9.25 68.31
C ALA G 91 20.08 -9.54 69.52
N LEU G 92 19.35 -10.66 69.54
CA LEU G 92 18.66 -11.05 70.77
C LEU G 92 19.65 -11.51 71.83
N ALA G 93 20.68 -12.25 71.42
CA ALA G 93 21.69 -12.77 72.33
C ALA G 93 22.85 -11.80 72.48
N ARG G 94 22.58 -10.49 72.32
CA ARG G 94 23.60 -9.45 72.39
C ARG G 94 24.27 -9.43 73.76
N ASP G 95 23.47 -9.49 74.82
CA ASP G 95 24.05 -9.55 76.16
C ASP G 95 24.66 -10.91 76.44
N LEU G 96 23.98 -12.00 76.06
CA LEU G 96 24.46 -13.34 76.42
C LEU G 96 25.66 -13.78 75.59
N LEU G 97 26.06 -13.00 74.58
CA LEU G 97 27.31 -13.20 73.88
C LEU G 97 28.28 -12.04 74.05
N SER G 98 27.83 -10.91 74.59
CA SER G 98 28.66 -9.74 74.84
C SER G 98 29.33 -9.76 76.21
N GLU G 99 29.16 -10.84 76.98
CA GLU G 99 29.70 -10.88 78.33
C GLU G 99 31.21 -11.06 78.33
N THR G 100 31.73 -11.86 77.41
CA THR G 100 33.15 -12.11 77.30
C THR G 100 33.68 -11.42 76.04
N ALA G 101 34.93 -10.98 76.12
CA ALA G 101 35.61 -10.37 74.96
C ALA G 101 36.40 -11.43 74.20
N ASP G 102 35.67 -12.47 73.83
CA ASP G 102 36.17 -13.71 73.26
C ASP G 102 35.29 -14.05 72.06
N PRO G 103 35.86 -14.67 71.03
CA PRO G 103 35.07 -14.98 69.83
C PRO G 103 34.09 -16.11 70.07
N PHE G 104 33.16 -16.26 69.15
CA PHE G 104 32.11 -17.26 69.29
C PHE G 104 31.81 -17.92 67.95
N PHE G 105 31.50 -19.21 68.03
CA PHE G 105 31.11 -20.00 66.87
C PHE G 105 29.67 -19.69 66.50
N VAL G 106 29.44 -19.46 65.21
CA VAL G 106 28.09 -19.32 64.67
C VAL G 106 27.94 -20.43 63.64
N LEU G 107 27.06 -21.39 63.93
CA LEU G 107 26.97 -22.61 63.13
C LEU G 107 25.57 -22.76 62.56
N ASN G 108 25.50 -23.08 61.27
CA ASN G 108 24.24 -23.52 60.69
C ASN G 108 23.84 -24.84 61.29
N SER G 109 22.54 -25.01 61.54
CA SER G 109 22.07 -26.22 62.19
C SER G 109 22.04 -27.42 61.26
N ASP G 110 22.15 -27.21 59.95
CA ASP G 110 21.94 -28.27 58.96
C ASP G 110 23.22 -28.71 58.24
N VAL G 111 24.35 -28.06 58.45
CA VAL G 111 25.58 -28.47 57.79
C VAL G 111 26.19 -29.63 58.57
N ILE G 112 26.58 -30.69 57.85
CA ILE G 112 27.28 -31.82 58.44
C ILE G 112 28.64 -31.95 57.77
N CYS G 113 29.69 -31.96 58.58
CA CYS G 113 31.05 -31.78 58.12
C CYS G 113 31.97 -32.69 58.92
N ASP G 114 33.25 -32.39 58.75
CA ASP G 114 34.34 -33.00 59.48
C ASP G 114 34.92 -31.66 59.93
N PHE G 115 34.31 -31.10 60.96
CA PHE G 115 34.65 -29.77 61.46
C PHE G 115 36.07 -29.59 61.96
N PRO G 116 36.59 -28.37 61.78
CA PRO G 116 37.93 -27.98 62.21
C PRO G 116 37.81 -26.74 63.07
N PHE G 117 37.29 -26.91 64.28
CA PHE G 117 37.14 -25.81 65.21
C PHE G 117 38.48 -25.24 65.65
N GLN G 118 39.45 -26.12 65.91
CA GLN G 118 40.78 -25.64 66.31
C GLN G 118 41.39 -24.84 65.17
N ALA G 119 41.25 -25.36 63.95
CA ALA G 119 41.80 -24.69 62.79
C ALA G 119 41.11 -23.35 62.58
N MET G 120 39.79 -23.34 62.72
CA MET G 120 39.04 -22.10 62.55
C MET G 120 39.31 -20.99 63.56
N VAL G 121 39.42 -21.32 64.86
CA VAL G 121 39.64 -20.25 65.83
C VAL G 121 41.12 -19.86 65.90
N GLN G 122 42.01 -20.79 65.58
CA GLN G 122 43.40 -20.45 65.70
C GLN G 122 43.99 -20.10 64.33
N PHE G 123 43.17 -20.20 63.28
CA PHE G 123 43.33 -19.35 62.11
C PHE G 123 42.78 -17.94 62.36
N HIS G 124 41.75 -17.82 63.19
CA HIS G 124 41.08 -16.54 63.40
C HIS G 124 41.97 -15.56 64.13
N ARG G 125 42.61 -16.00 65.23
CA ARG G 125 43.44 -15.09 65.98
C ARG G 125 44.73 -14.70 65.26
N HIS G 126 45.06 -15.34 64.14
CA HIS G 126 46.22 -14.97 63.34
C HIS G 126 46.00 -13.65 62.60
N HIS G 127 44.76 -13.30 62.30
CA HIS G 127 44.45 -12.01 61.70
C HIS G 127 43.63 -11.11 62.61
N GLY G 128 42.87 -11.69 63.53
CA GLY G 128 42.19 -10.94 64.58
C GLY G 128 41.10 -10.01 64.12
N GLN G 129 40.52 -10.24 62.94
CA GLN G 129 39.51 -9.32 62.42
C GLN G 129 38.13 -9.68 62.98
N GLU G 130 37.09 -9.04 62.44
CA GLU G 130 35.76 -9.16 63.03
C GLU G 130 35.11 -10.51 62.76
N GLY G 131 35.46 -11.16 61.65
CA GLY G 131 34.82 -12.42 61.31
C GLY G 131 35.64 -13.33 60.42
N SER G 132 35.63 -14.62 60.72
CA SER G 132 36.40 -15.60 59.95
C SER G 132 35.50 -16.80 59.67
N ILE G 133 35.15 -17.00 58.40
CA ILE G 133 34.19 -18.01 58.01
C ILE G 133 34.90 -19.18 57.37
N LEU G 134 34.18 -20.30 57.28
CA LEU G 134 34.67 -21.50 56.64
C LEU G 134 34.12 -21.55 55.22
N VAL G 135 34.98 -21.87 54.25
CA VAL G 135 34.54 -21.95 52.85
C VAL G 135 34.87 -23.33 52.31
N THR G 136 34.08 -23.74 51.32
CA THR G 136 34.30 -25.03 50.66
C THR G 136 34.08 -24.88 49.17
N LYS G 137 34.73 -25.73 48.37
CA LYS G 137 34.55 -25.71 46.92
C LYS G 137 33.38 -26.60 46.50
N VAL G 138 32.68 -26.19 45.45
CA VAL G 138 31.44 -26.85 45.05
C VAL G 138 31.24 -26.61 43.55
N GLU G 139 30.42 -27.45 42.91
CA GLU G 139 30.26 -27.42 41.47
C GLU G 139 29.15 -26.50 40.98
N GLU G 140 28.14 -26.20 41.80
CA GLU G 140 27.09 -25.26 41.41
C GLU G 140 26.98 -24.12 42.41
N PRO G 141 27.83 -23.10 42.27
CA PRO G 141 27.91 -22.05 43.29
C PRO G 141 26.78 -21.03 43.23
N SER G 142 25.82 -21.18 42.33
CA SER G 142 24.70 -20.25 42.24
C SER G 142 23.61 -20.54 43.25
N LYS G 143 23.72 -21.60 44.04
CA LYS G 143 22.76 -21.87 45.11
C LYS G 143 23.24 -21.39 46.46
N TYR G 144 24.53 -21.13 46.63
CA TYR G 144 25.09 -20.84 47.94
C TYR G 144 25.88 -19.54 47.87
N GLY G 145 26.03 -18.90 49.03
CA GLY G 145 26.75 -17.64 49.13
C GLY G 145 28.23 -17.75 48.81
N VAL G 146 28.64 -17.19 47.68
CA VAL G 146 30.02 -17.32 47.25
C VAL G 146 30.89 -16.23 47.87
N VAL G 147 32.21 -16.40 47.76
CA VAL G 147 33.20 -15.48 48.28
C VAL G 147 34.29 -15.33 47.22
N VAL G 148 35.11 -14.29 47.36
CA VAL G 148 36.32 -14.15 46.57
C VAL G 148 37.50 -14.17 47.54
N CYS G 149 38.23 -15.28 47.56
CA CYS G 149 39.32 -15.51 48.49
C CYS G 149 40.66 -15.23 47.82
N GLU G 150 41.49 -14.39 48.45
CA GLU G 150 42.77 -14.07 47.85
C GLU G 150 43.81 -15.11 48.26
N ALA G 151 45.05 -14.88 47.82
CA ALA G 151 46.10 -15.88 47.93
C ALA G 151 46.78 -15.82 49.29
N ASP G 152 46.82 -16.99 49.95
CA ASP G 152 47.59 -17.36 51.14
C ASP G 152 47.09 -16.75 52.45
N THR G 153 46.24 -15.74 52.38
CA THR G 153 45.68 -15.13 53.58
C THR G 153 44.17 -15.29 53.64
N GLY G 154 43.46 -14.93 52.59
CA GLY G 154 42.07 -15.30 52.46
C GLY G 154 41.09 -14.20 52.78
N ARG G 155 41.45 -12.97 52.48
CA ARG G 155 40.54 -11.85 52.70
C ARG G 155 39.35 -11.94 51.76
N ILE G 156 38.15 -11.73 52.30
CA ILE G 156 36.95 -11.75 51.49
C ILE G 156 36.88 -10.44 50.71
N HIS G 157 37.15 -10.52 49.41
CA HIS G 157 37.09 -9.32 48.58
C HIS G 157 35.64 -8.93 48.34
N ARG G 158 34.83 -9.87 47.86
CA ARG G 158 33.39 -9.66 47.69
C ARG G 158 32.63 -10.84 48.30
N PHE G 159 31.36 -10.59 48.57
CA PHE G 159 30.45 -11.60 49.11
C PHE G 159 29.08 -11.33 48.49
N VAL G 160 28.56 -12.30 47.74
CA VAL G 160 27.18 -12.25 47.26
C VAL G 160 26.52 -13.59 47.55
N GLU G 161 25.24 -13.54 47.91
CA GLU G 161 24.52 -14.76 48.28
C GLU G 161 24.20 -15.61 47.05
N LYS G 162 23.70 -14.98 46.00
CA LYS G 162 23.55 -15.66 44.71
C LYS G 162 24.38 -14.90 43.69
N PRO G 163 25.47 -15.47 43.19
CA PRO G 163 26.35 -14.74 42.27
C PRO G 163 25.69 -14.33 40.96
N GLN G 164 25.06 -15.27 40.25
CA GLN G 164 24.23 -15.08 39.05
C GLN G 164 25.00 -14.58 37.82
N VAL G 165 26.29 -14.28 37.98
CA VAL G 165 27.14 -13.79 36.90
C VAL G 165 28.37 -14.68 36.90
N PHE G 166 28.47 -15.58 37.88
CA PHE G 166 29.66 -16.37 38.21
C PHE G 166 30.84 -15.47 38.53
N VAL G 167 30.78 -14.86 39.71
CA VAL G 167 31.97 -14.20 40.23
C VAL G 167 33.04 -15.22 40.59
N SER G 168 32.71 -16.22 41.43
CA SER G 168 33.72 -17.18 41.87
C SER G 168 33.07 -18.51 42.22
N ASN G 169 33.85 -19.38 42.87
CA ASN G 169 33.57 -20.81 43.02
C ASN G 169 33.46 -21.28 44.45
N LYS G 170 34.20 -20.69 45.39
CA LYS G 170 34.12 -21.08 46.79
C LYS G 170 32.81 -20.57 47.38
N ILE G 171 32.31 -21.27 48.40
CA ILE G 171 31.03 -20.93 49.01
C ILE G 171 31.12 -21.00 50.52
N ASN G 172 30.09 -20.45 51.15
CA ASN G 172 29.91 -20.53 52.59
C ASN G 172 29.73 -21.98 53.04
N ALA G 173 30.60 -22.44 53.94
CA ALA G 173 30.41 -23.75 54.52
C ALA G 173 29.36 -23.75 55.63
N GLY G 174 28.91 -22.59 56.07
CA GLY G 174 27.90 -22.53 57.10
C GLY G 174 28.42 -22.49 58.52
N MET G 175 29.69 -22.17 58.71
CA MET G 175 30.29 -22.03 60.04
C MET G 175 31.15 -20.78 60.06
N TYR G 176 31.01 -20.00 61.13
CA TYR G 176 31.70 -18.72 61.26
C TYR G 176 32.28 -18.59 62.65
N ILE G 177 33.30 -17.75 62.76
CA ILE G 177 33.85 -17.30 64.02
C ILE G 177 33.63 -15.80 64.03
N LEU G 178 32.82 -15.31 64.95
CA LEU G 178 32.56 -13.89 65.00
C LEU G 178 33.11 -13.31 66.31
N SER G 179 33.59 -12.10 66.21
CA SER G 179 34.11 -11.28 67.28
C SER G 179 32.96 -10.52 67.93
N PRO G 180 33.05 -10.18 69.22
CA PRO G 180 31.90 -9.53 69.90
C PRO G 180 31.60 -8.11 69.43
N ALA G 181 32.48 -7.48 68.64
CA ALA G 181 32.20 -6.13 68.20
C ALA G 181 31.17 -6.06 67.10
N VAL G 182 30.99 -7.17 66.35
CA VAL G 182 29.93 -7.24 65.35
C VAL G 182 28.55 -7.44 65.96
N LEU G 183 28.47 -7.69 67.28
CA LEU G 183 27.19 -7.97 67.92
C LEU G 183 26.27 -6.76 67.94
N GLN G 184 26.74 -5.67 68.53
CA GLN G 184 25.96 -4.45 68.71
C GLN G 184 25.71 -3.70 67.41
N ARG G 185 26.33 -4.10 66.30
CA ARG G 185 26.19 -3.37 65.05
C ARG G 185 24.78 -3.50 64.48
N ILE G 186 24.24 -4.71 64.44
CA ILE G 186 22.97 -4.97 63.82
C ILE G 186 21.89 -4.94 64.89
N GLN G 187 20.64 -4.82 64.46
CA GLN G 187 19.51 -4.54 65.32
C GLN G 187 18.61 -5.75 65.43
N LEU G 188 17.62 -5.67 66.32
CA LEU G 188 16.75 -6.81 66.60
C LEU G 188 15.78 -7.09 65.46
N GLN G 189 15.56 -6.12 64.58
CA GLN G 189 14.69 -6.30 63.41
C GLN G 189 15.22 -7.44 62.54
N PRO G 190 14.38 -8.41 62.18
CA PRO G 190 14.87 -9.59 61.46
C PRO G 190 15.24 -9.27 60.02
N THR G 191 16.34 -9.87 59.57
CA THR G 191 16.98 -9.69 58.27
C THR G 191 17.86 -10.91 58.03
N SER G 192 18.81 -10.80 57.10
CA SER G 192 19.74 -11.87 56.77
C SER G 192 21.15 -11.50 57.18
N ILE G 193 21.86 -12.45 57.77
CA ILE G 193 23.27 -12.28 58.13
C ILE G 193 24.15 -12.20 56.89
N GLU G 194 23.69 -12.74 55.76
CA GLU G 194 24.53 -12.81 54.58
C GLU G 194 24.35 -11.62 53.66
N LYS G 195 23.14 -11.09 53.55
CA LYS G 195 22.87 -10.01 52.62
C LYS G 195 23.48 -8.69 53.05
N GLU G 196 23.53 -8.43 54.36
CA GLU G 196 23.84 -7.09 54.87
C GLU G 196 25.01 -7.06 55.83
N VAL G 197 25.16 -8.05 56.70
CA VAL G 197 26.23 -8.03 57.68
C VAL G 197 27.57 -8.32 57.01
N PHE G 198 27.64 -9.42 56.26
CA PHE G 198 28.86 -9.87 55.62
C PHE G 198 29.21 -9.00 54.41
N PRO G 199 28.21 -8.47 53.69
CA PRO G 199 28.53 -7.62 52.54
C PRO G 199 29.04 -6.25 52.93
N ILE G 200 28.76 -5.79 54.15
CA ILE G 200 29.39 -4.57 54.65
C ILE G 200 30.70 -4.92 55.35
N MET G 201 30.82 -6.15 55.89
CA MET G 201 32.09 -6.66 56.40
C MET G 201 33.18 -6.70 55.35
N ALA G 202 32.84 -7.14 54.14
CA ALA G 202 33.83 -7.32 53.08
C ALA G 202 34.33 -6.00 52.51
N LYS G 203 33.60 -4.92 52.76
CA LYS G 203 33.99 -3.59 52.32
C LYS G 203 35.17 -3.07 53.14
N GLU G 204 35.33 -3.58 54.37
CA GLU G 204 36.40 -3.20 55.27
C GLU G 204 37.64 -4.07 55.11
N GLY G 205 37.46 -5.37 54.90
CA GLY G 205 38.57 -6.30 54.98
C GLY G 205 38.61 -6.92 56.36
N GLN G 206 37.44 -7.13 56.96
CA GLN G 206 37.34 -7.81 58.25
C GLN G 206 36.77 -9.21 58.14
N LEU G 207 36.19 -9.58 57.00
CA LEU G 207 35.83 -10.97 56.76
C LEU G 207 37.03 -11.75 56.27
N TYR G 208 37.14 -12.99 56.72
CA TYR G 208 38.20 -13.89 56.27
C TYR G 208 37.61 -15.23 55.89
N ALA G 209 38.36 -15.99 55.10
CA ALA G 209 37.97 -17.34 54.72
C ALA G 209 39.06 -18.32 55.11
N MET G 210 38.63 -19.44 55.66
CA MET G 210 39.50 -20.60 55.83
C MET G 210 39.01 -21.70 54.91
N GLU G 211 39.90 -22.17 54.06
CA GLU G 211 39.59 -23.28 53.16
C GLU G 211 39.42 -24.55 53.97
N LEU G 212 38.35 -25.28 53.70
CA LEU G 212 38.12 -26.54 54.39
C LEU G 212 39.05 -27.64 53.89
N GLN G 213 38.96 -28.79 54.57
CA GLN G 213 39.64 -29.98 54.11
C GLN G 213 38.78 -30.76 53.13
N GLY G 214 37.47 -30.82 53.36
CA GLY G 214 36.57 -31.57 52.51
C GLY G 214 35.45 -32.25 53.27
N PHE G 215 34.52 -32.90 52.55
CA PHE G 215 33.27 -33.46 53.09
C PHE G 215 32.45 -32.34 53.75
N TRP G 216 31.91 -31.51 52.89
CA TRP G 216 30.87 -30.57 53.26
C TRP G 216 29.60 -30.89 52.50
N MET G 217 28.46 -30.79 53.20
CA MET G 217 27.14 -30.87 52.60
C MET G 217 26.17 -30.26 53.60
N ASP G 218 25.20 -29.50 53.12
CA ASP G 218 24.10 -29.04 53.96
C ASP G 218 22.86 -29.86 53.61
N ILE G 219 22.27 -30.48 54.64
CA ILE G 219 21.17 -31.42 54.41
C ILE G 219 19.87 -30.65 54.61
N GLY G 220 19.47 -29.92 53.59
CA GLY G 220 18.20 -29.22 53.63
C GLY G 220 17.15 -30.03 52.92
N GLN G 221 17.49 -30.53 51.75
CA GLN G 221 16.61 -31.35 50.94
C GLN G 221 16.87 -32.83 51.24
N PRO G 222 15.91 -33.70 50.95
CA PRO G 222 16.18 -35.14 51.09
C PRO G 222 17.21 -35.67 50.10
N LYS G 223 17.35 -35.06 48.92
CA LYS G 223 18.44 -35.43 48.02
C LYS G 223 19.79 -35.09 48.63
N ASP G 224 19.90 -33.89 49.22
CA ASP G 224 21.12 -33.50 49.92
C ASP G 224 21.33 -34.32 51.17
N PHE G 225 20.24 -34.76 51.81
CA PHE G 225 20.31 -35.65 52.96
C PHE G 225 20.92 -36.98 52.59
N LEU G 226 20.50 -37.56 51.46
CA LEU G 226 21.05 -38.86 51.10
C LEU G 226 22.45 -38.75 50.52
N THR G 227 22.77 -37.67 49.82
CA THR G 227 24.16 -37.45 49.39
C THR G 227 25.07 -37.23 50.60
N GLY G 228 24.55 -36.57 51.64
CA GLY G 228 25.34 -36.34 52.82
C GLY G 228 25.58 -37.61 53.63
N MET G 229 24.59 -38.50 53.67
CA MET G 229 24.85 -39.75 54.40
C MET G 229 25.78 -40.67 53.60
N CYS G 230 25.75 -40.59 52.26
CA CYS G 230 26.79 -41.22 51.46
C CYS G 230 28.18 -40.73 51.84
N LEU G 231 28.35 -39.41 51.93
CA LEU G 231 29.67 -38.86 52.24
C LEU G 231 30.07 -39.11 53.70
N PHE G 232 29.10 -39.18 54.62
CA PHE G 232 29.41 -39.45 56.01
C PHE G 232 29.83 -40.90 56.21
N LEU G 233 29.17 -41.84 55.53
CA LEU G 233 29.62 -43.22 55.60
C LEU G 233 30.97 -43.41 54.90
N GLN G 234 31.27 -42.60 53.89
CA GLN G 234 32.62 -42.59 53.33
C GLN G 234 33.65 -42.12 54.35
N SER G 235 33.33 -41.07 55.10
CA SER G 235 34.24 -40.59 56.14
C SER G 235 34.46 -41.62 57.24
N LEU G 236 33.41 -42.39 57.56
CA LEU G 236 33.55 -43.49 58.51
C LEU G 236 34.38 -44.63 57.94
N ARG G 237 34.30 -44.86 56.62
CA ARG G 237 35.16 -45.88 56.01
C ARG G 237 36.62 -45.48 56.06
N GLN G 238 36.88 -44.19 55.86
CA GLN G 238 38.26 -43.69 55.95
C GLN G 238 38.78 -43.76 57.38
N LYS G 239 38.00 -43.28 58.35
CA LYS G 239 38.56 -42.98 59.65
C LYS G 239 38.29 -44.02 60.73
N GLN G 240 37.03 -44.39 60.97
CA GLN G 240 36.69 -45.39 61.99
C GLN G 240 36.01 -46.59 61.34
N PRO G 241 36.78 -47.55 60.84
CA PRO G 241 36.18 -48.63 60.04
C PRO G 241 35.35 -49.63 60.83
N GLU G 242 35.54 -49.77 62.15
CA GLU G 242 34.79 -50.79 62.86
C GLU G 242 33.36 -50.37 63.16
N ARG G 243 33.06 -49.07 63.05
CA ARG G 243 31.71 -48.58 63.29
C ARG G 243 30.73 -49.12 62.26
N LEU G 244 31.19 -49.24 61.01
CA LEU G 244 30.37 -49.80 59.96
C LEU G 244 30.19 -51.29 60.17
N CYS G 245 28.95 -51.76 60.13
CA CYS G 245 28.67 -53.18 60.20
C CYS G 245 28.88 -53.78 58.82
N SER G 246 29.92 -54.58 58.66
CA SER G 246 30.06 -55.40 57.46
C SER G 246 30.08 -56.87 57.87
N GLY G 247 29.38 -57.68 57.11
CA GLY G 247 29.26 -59.08 57.36
C GLY G 247 29.19 -59.87 56.07
N PRO G 248 28.56 -61.04 56.10
CA PRO G 248 28.52 -61.86 54.88
C PRO G 248 27.63 -61.30 53.77
N GLY G 249 26.38 -60.98 54.09
CA GLY G 249 25.42 -60.47 53.13
C GLY G 249 25.36 -58.96 53.05
N ILE G 250 26.34 -58.28 53.62
CA ILE G 250 26.40 -56.83 53.63
C ILE G 250 27.20 -56.38 52.41
N VAL G 251 26.66 -55.45 51.65
CA VAL G 251 27.34 -54.88 50.50
C VAL G 251 27.65 -53.43 50.80
N GLY G 252 28.93 -53.07 50.71
CA GLY G 252 29.32 -51.69 50.87
C GLY G 252 29.35 -51.23 52.31
N ASN G 253 29.15 -49.93 52.50
CA ASN G 253 29.18 -49.32 53.82
C ASN G 253 27.76 -49.31 54.39
N VAL G 254 27.58 -49.98 55.53
CA VAL G 254 26.30 -49.99 56.23
C VAL G 254 26.55 -49.59 57.68
N LEU G 255 25.77 -48.64 58.19
CA LEU G 255 25.82 -48.26 59.59
C LEU G 255 24.51 -48.71 60.23
N VAL G 256 24.61 -49.73 61.09
CA VAL G 256 23.46 -50.31 61.76
C VAL G 256 23.55 -49.96 63.25
N ASP G 257 22.42 -49.56 63.83
CA ASP G 257 22.29 -49.52 65.27
C ASP G 257 22.35 -50.95 65.81
N PRO G 258 22.86 -51.15 67.03
CA PRO G 258 22.81 -52.50 67.63
C PRO G 258 21.41 -53.05 67.83
N SER G 259 20.43 -52.18 68.14
CA SER G 259 19.06 -52.64 68.35
C SER G 259 18.39 -53.11 67.07
N ALA G 260 18.85 -52.64 65.91
CA ALA G 260 18.27 -53.04 64.65
C ALA G 260 18.67 -54.45 64.28
N ARG G 261 17.71 -55.22 63.75
CA ARG G 261 17.99 -56.54 63.24
C ARG G 261 17.73 -56.59 61.74
N ILE G 262 18.26 -57.63 61.11
CA ILE G 262 18.18 -57.84 59.67
C ILE G 262 18.06 -59.34 59.44
N GLY G 263 17.12 -59.73 58.58
CA GLY G 263 16.89 -61.13 58.30
C GLY G 263 17.93 -61.76 57.40
N GLN G 264 17.66 -63.01 57.04
CA GLN G 264 18.51 -63.73 56.11
C GLN G 264 18.05 -63.45 54.69
N ASN G 265 18.90 -63.83 53.73
CA ASN G 265 18.67 -63.71 52.29
C ASN G 265 18.41 -62.28 51.84
N CYS G 266 18.90 -61.30 52.59
CA CYS G 266 18.70 -59.90 52.29
C CYS G 266 20.03 -59.26 51.89
N SER G 267 19.95 -58.12 51.23
CA SER G 267 21.12 -57.46 50.65
C SER G 267 21.07 -55.98 50.97
N ILE G 268 21.84 -55.56 51.96
CA ILE G 268 21.74 -54.21 52.50
C ILE G 268 22.82 -53.38 51.81
N GLY G 269 22.43 -52.76 50.69
CA GLY G 269 23.36 -52.27 49.72
C GLY G 269 24.09 -51.02 50.17
N PRO G 270 24.94 -50.50 49.28
CA PRO G 270 25.96 -49.54 49.72
C PRO G 270 25.38 -48.17 50.07
N ASN G 271 25.98 -47.58 51.11
CA ASN G 271 25.59 -46.32 51.74
C ASN G 271 24.17 -46.40 52.31
N VAL G 272 23.98 -47.32 53.23
CA VAL G 272 22.73 -47.46 53.97
C VAL G 272 23.00 -47.20 55.46
N SER G 273 22.13 -46.44 56.11
CA SER G 273 22.16 -46.33 57.55
C SER G 273 20.81 -46.73 58.12
N LEU G 274 20.82 -47.66 59.08
CA LEU G 274 19.61 -48.11 59.76
C LEU G 274 19.59 -47.50 61.14
N GLY G 275 18.49 -46.82 61.48
CA GLY G 275 18.37 -46.20 62.76
C GLY G 275 18.05 -47.20 63.86
N PRO G 276 17.79 -46.69 65.05
CA PRO G 276 17.59 -47.57 66.20
C PRO G 276 16.22 -48.25 66.20
N GLY G 277 16.23 -49.51 66.64
CA GLY G 277 14.99 -50.22 66.89
C GLY G 277 14.25 -50.69 65.66
N VAL G 278 14.84 -50.57 64.46
CA VAL G 278 14.13 -51.03 63.28
C VAL G 278 14.22 -52.55 63.22
N VAL G 279 13.32 -53.14 62.44
CA VAL G 279 13.24 -54.58 62.29
C VAL G 279 13.06 -54.87 60.80
N VAL G 280 14.02 -55.54 60.20
CA VAL G 280 14.11 -55.72 58.77
C VAL G 280 13.86 -57.20 58.48
N GLU G 281 12.87 -57.49 57.65
CA GLU G 281 12.50 -58.87 57.41
C GLU G 281 13.36 -59.47 56.31
N ASP G 282 13.05 -60.71 55.95
CA ASP G 282 13.93 -61.50 55.11
C ASP G 282 13.60 -61.33 53.63
N GLY G 283 14.64 -61.16 52.83
CA GLY G 283 14.49 -61.06 51.40
C GLY G 283 14.44 -59.66 50.83
N VAL G 284 14.87 -58.65 51.57
CA VAL G 284 14.81 -57.28 51.09
C VAL G 284 16.12 -56.93 50.41
N CYS G 285 16.09 -55.84 49.65
CA CYS G 285 17.29 -55.25 49.08
C CYS G 285 17.20 -53.76 49.30
N ILE G 286 18.01 -53.24 50.22
CA ILE G 286 17.97 -51.86 50.66
C ILE G 286 19.29 -51.22 50.29
N ARG G 287 19.29 -50.32 49.32
CA ARG G 287 20.50 -49.62 48.90
C ARG G 287 20.25 -48.12 48.95
N ARG G 288 21.22 -47.35 49.43
CA ARG G 288 21.16 -45.89 49.53
C ARG G 288 19.98 -45.37 50.36
N CYS G 289 19.45 -46.16 51.28
CA CYS G 289 18.33 -45.72 52.09
C CYS G 289 18.74 -45.44 53.53
N THR G 290 18.02 -44.50 54.14
CA THR G 290 18.01 -44.31 55.58
C THR G 290 16.68 -44.80 56.13
N VAL G 291 16.74 -45.61 57.18
CA VAL G 291 15.54 -46.09 57.84
C VAL G 291 15.55 -45.62 59.27
N LEU G 292 14.65 -44.71 59.62
CA LEU G 292 14.67 -44.05 60.91
C LEU G 292 14.02 -44.95 61.97
N ARG G 293 13.74 -44.40 63.15
CA ARG G 293 13.59 -45.19 64.38
C ARG G 293 12.36 -46.10 64.37
N ASP G 294 12.58 -47.37 64.71
CA ASP G 294 11.58 -48.40 64.96
C ASP G 294 10.73 -48.74 63.75
N ALA G 295 11.16 -48.36 62.55
CA ALA G 295 10.39 -48.63 61.35
C ALA G 295 10.50 -50.09 60.95
N ARG G 296 9.51 -50.56 60.20
CA ARG G 296 9.45 -51.95 59.77
C ARG G 296 9.40 -52.03 58.25
N ILE G 297 10.23 -52.90 57.69
CA ILE G 297 10.24 -53.16 56.26
C ILE G 297 10.00 -54.66 56.09
N ARG G 298 8.81 -55.02 55.61
CA ARG G 298 8.41 -56.41 55.53
C ARG G 298 9.12 -57.11 54.36
N SER G 299 8.79 -58.38 54.17
CA SER G 299 9.62 -59.28 53.36
C SER G 299 9.51 -58.97 51.87
N HIS G 300 10.58 -59.31 51.14
CA HIS G 300 10.67 -59.24 49.68
C HIS G 300 10.46 -57.84 49.13
N SER G 301 10.91 -56.81 49.84
CA SER G 301 10.81 -55.46 49.33
C SER G 301 12.09 -55.06 48.61
N TRP G 302 12.01 -53.97 47.83
CA TRP G 302 13.17 -53.40 47.18
C TRP G 302 13.14 -51.89 47.40
N LEU G 303 14.06 -51.38 48.20
CA LEU G 303 14.09 -49.98 48.56
C LEU G 303 15.41 -49.40 48.07
N GLU G 304 15.34 -48.31 47.31
CA GLU G 304 16.55 -47.64 46.87
C GLU G 304 16.40 -46.15 46.91
N SER G 305 17.37 -45.48 47.53
CA SER G 305 17.48 -44.03 47.64
C SER G 305 16.21 -43.44 48.26
N CYS G 306 15.89 -43.88 49.46
CA CYS G 306 14.62 -43.52 50.07
C CYS G 306 14.79 -43.31 51.56
N ILE G 307 13.85 -42.58 52.14
CA ILE G 307 13.86 -42.30 53.57
C ILE G 307 12.60 -42.89 54.15
N VAL G 308 12.74 -43.76 55.12
CA VAL G 308 11.62 -44.38 55.81
C VAL G 308 11.62 -43.87 57.23
N GLY G 309 10.68 -42.99 57.55
CA GLY G 309 10.62 -42.35 58.85
C GLY G 309 10.20 -43.24 60.01
N TRP G 310 9.81 -42.62 61.11
CA TRP G 310 9.60 -43.33 62.35
C TRP G 310 8.29 -44.10 62.33
N ARG G 311 8.38 -45.38 62.67
CA ARG G 311 7.25 -46.29 62.86
C ARG G 311 6.45 -46.50 61.58
N CYS G 312 7.15 -46.47 60.44
CA CYS G 312 6.54 -46.83 59.17
C CYS G 312 6.54 -48.35 58.99
N ARG G 313 5.56 -48.83 58.25
CA ARG G 313 5.38 -50.25 57.97
C ARG G 313 5.33 -50.41 56.46
N VAL G 314 6.50 -50.58 55.85
CA VAL G 314 6.60 -50.84 54.42
C VAL G 314 6.26 -52.30 54.18
N GLY G 315 5.22 -52.55 53.40
CA GLY G 315 4.69 -53.89 53.23
C GLY G 315 5.56 -54.76 52.34
N GLN G 316 4.98 -55.89 51.95
CA GLN G 316 5.69 -56.88 51.17
C GLN G 316 5.62 -56.58 49.68
N TRP G 317 6.67 -57.00 48.97
CA TRP G 317 6.82 -56.86 47.51
C TRP G 317 6.71 -55.40 47.08
N VAL G 318 7.24 -54.50 47.90
CA VAL G 318 7.07 -53.08 47.71
C VAL G 318 8.33 -52.52 47.11
N ARG G 319 8.18 -51.83 45.98
CA ARG G 319 9.27 -51.14 45.32
C ARG G 319 9.21 -49.67 45.68
N MET G 320 10.35 -49.09 46.04
CA MET G 320 10.45 -47.67 46.32
C MET G 320 11.77 -47.18 45.76
N GLU G 321 11.72 -46.14 44.95
CA GLU G 321 12.94 -45.62 44.33
C GLU G 321 12.74 -44.14 44.13
N ASN G 322 13.79 -43.45 43.71
CA ASN G 322 13.72 -42.03 43.39
C ASN G 322 13.40 -41.06 44.51
N VAL G 323 14.20 -41.11 45.58
CA VAL G 323 14.04 -40.23 46.74
C VAL G 323 12.61 -40.16 47.24
N THR G 324 12.05 -41.31 47.59
CA THR G 324 10.71 -41.38 48.09
C THR G 324 10.81 -41.20 49.59
N VAL G 325 10.28 -40.10 50.11
CA VAL G 325 10.39 -39.91 51.55
C VAL G 325 9.07 -40.31 52.17
N LEU G 326 9.11 -41.11 53.22
CA LEU G 326 7.93 -41.41 54.01
C LEU G 326 7.98 -40.60 55.29
N GLY G 327 6.86 -39.96 55.65
CA GLY G 327 6.72 -39.28 56.91
C GLY G 327 6.43 -40.26 58.03
N GLU G 328 6.32 -39.73 59.24
CA GLU G 328 6.20 -40.55 60.44
C GLU G 328 4.91 -41.37 60.44
N ASP G 329 5.07 -42.68 60.62
CA ASP G 329 3.99 -43.66 60.79
C ASP G 329 3.12 -43.73 59.53
N VAL G 330 3.76 -44.13 58.44
CA VAL G 330 3.09 -44.34 57.15
C VAL G 330 3.05 -45.84 56.89
N ILE G 331 1.87 -46.35 56.54
CA ILE G 331 1.71 -47.77 56.24
C ILE G 331 1.57 -47.90 54.73
N VAL G 332 2.50 -48.61 54.11
CA VAL G 332 2.43 -48.93 52.70
C VAL G 332 1.87 -50.34 52.57
N ASN G 333 0.83 -50.48 51.75
CA ASN G 333 0.21 -51.77 51.54
C ASN G 333 1.11 -52.68 50.72
N ASP G 334 0.67 -53.92 50.53
CA ASP G 334 1.47 -54.90 49.81
C ASP G 334 1.50 -54.58 48.32
N GLU G 335 2.62 -54.96 47.69
CA GLU G 335 2.94 -54.82 46.25
C GLU G 335 2.54 -53.48 45.65
N LEU G 336 3.17 -52.42 46.15
CA LEU G 336 2.98 -51.08 45.63
C LEU G 336 4.32 -50.52 45.14
N TYR G 337 4.26 -49.69 44.11
CA TYR G 337 5.43 -49.08 43.53
C TYR G 337 5.39 -47.58 43.78
N LEU G 338 6.38 -47.06 44.49
CA LEU G 338 6.44 -45.64 44.82
C LEU G 338 7.71 -45.07 44.22
N ASN G 339 7.54 -44.21 43.23
CA ASN G 339 8.62 -43.50 42.57
C ASN G 339 8.45 -42.03 42.90
N GLY G 340 9.23 -41.51 43.83
CA GLY G 340 9.17 -40.10 44.11
C GLY G 340 8.16 -39.65 45.14
N ALA G 341 7.51 -40.59 45.82
CA ALA G 341 6.37 -40.26 46.67
C ALA G 341 6.85 -39.61 47.96
N SER G 342 6.60 -38.31 48.11
CA SER G 342 6.64 -37.67 49.42
C SER G 342 5.31 -37.93 50.10
N VAL G 343 5.31 -38.65 51.20
CA VAL G 343 4.08 -39.12 51.82
C VAL G 343 3.91 -38.44 53.17
N LEU G 344 2.77 -37.77 53.34
CA LEU G 344 2.49 -37.02 54.55
C LEU G 344 2.35 -37.93 55.77
N PRO G 345 2.58 -37.41 56.98
CA PRO G 345 2.51 -38.23 58.19
C PRO G 345 1.12 -38.79 58.44
N HIS G 346 1.10 -40.05 58.89
CA HIS G 346 -0.10 -40.82 59.19
C HIS G 346 -0.99 -40.91 57.97
N LYS G 347 -0.44 -41.55 56.95
CA LYS G 347 -1.13 -41.89 55.72
C LYS G 347 -1.00 -43.38 55.50
N SER G 348 -2.03 -43.98 54.93
CA SER G 348 -1.97 -45.35 54.46
C SER G 348 -2.12 -45.35 52.95
N ILE G 349 -1.10 -45.86 52.27
CA ILE G 349 -1.04 -45.86 50.82
C ILE G 349 -1.66 -47.14 50.32
N GLY G 350 -2.57 -47.03 49.35
CA GLY G 350 -3.22 -48.20 48.79
C GLY G 350 -3.12 -48.30 47.29
N GLU G 351 -2.40 -47.38 46.67
CA GLU G 351 -2.25 -47.35 45.22
C GLU G 351 -0.79 -47.10 44.87
N SER G 352 -0.41 -47.50 43.66
CA SER G 352 0.94 -47.25 43.20
C SER G 352 1.10 -45.77 42.87
N VAL G 353 2.32 -45.28 43.04
CA VAL G 353 2.65 -43.88 42.74
C VAL G 353 3.68 -43.89 41.63
N PRO G 354 3.27 -43.85 40.37
CA PRO G 354 4.23 -44.03 39.27
C PRO G 354 5.05 -42.80 38.95
N GLU G 355 4.67 -41.62 39.42
CA GLU G 355 5.47 -40.43 39.21
C GLU G 355 5.68 -39.71 40.53
N PRO G 356 6.78 -38.93 40.66
CA PRO G 356 7.00 -38.14 41.88
C PRO G 356 5.90 -37.16 42.24
N ARG G 357 5.23 -37.44 43.36
CA ARG G 357 4.09 -36.67 43.83
C ARG G 357 4.18 -36.52 45.33
N ILE G 358 3.43 -35.57 45.86
CA ILE G 358 3.16 -35.47 47.29
C ILE G 358 1.82 -36.13 47.58
N ILE G 359 1.79 -37.04 48.54
CA ILE G 359 0.58 -37.78 48.88
C ILE G 359 0.02 -37.25 50.19
N MET G 360 -1.16 -36.65 50.12
CA MET G 360 -1.84 -36.19 51.32
C MET G 360 -3.33 -36.44 51.27
N MET H 1 47.47 54.75 -43.86
CA MET H 1 46.66 55.14 -45.01
C MET H 1 45.43 55.91 -44.60
N LYS H 2 44.37 55.75 -45.37
CA LYS H 2 43.07 56.33 -45.08
C LYS H 2 42.12 55.22 -44.64
N ALA H 3 41.17 55.56 -43.78
CA ALA H 3 40.19 54.58 -43.34
C ALA H 3 38.88 55.28 -43.07
N LEU H 4 37.79 54.63 -43.45
CA LEU H 4 36.44 55.20 -43.32
C LEU H 4 35.61 54.27 -42.46
N ILE H 5 35.49 54.59 -41.18
CA ILE H 5 34.55 53.89 -40.31
C ILE H 5 33.17 54.52 -40.50
N LEU H 6 32.21 53.72 -40.94
CA LEU H 6 30.92 54.21 -41.41
C LEU H 6 29.93 54.20 -40.25
N VAL H 7 30.08 55.20 -39.38
CA VAL H 7 29.26 55.31 -38.17
C VAL H 7 27.86 55.80 -38.50
N GLY H 8 27.75 56.95 -39.17
CA GLY H 8 26.45 57.52 -39.51
C GLY H 8 25.63 57.95 -38.31
N GLY H 9 24.52 57.28 -38.10
CA GLY H 9 23.68 57.55 -36.94
C GLY H 9 22.21 57.32 -37.23
N TYR H 10 21.42 57.33 -36.16
CA TYR H 10 19.96 57.15 -36.18
C TYR H 10 19.57 55.82 -36.84
N GLY H 11 20.36 54.78 -36.59
CA GLY H 11 19.98 53.46 -37.03
C GLY H 11 18.83 52.88 -36.22
N THR H 12 18.69 53.33 -34.97
CA THR H 12 17.60 52.95 -34.04
C THR H 12 17.54 51.44 -33.78
N ARG H 13 18.67 50.78 -33.81
CA ARG H 13 18.89 49.51 -33.13
C ARG H 13 19.85 49.78 -31.98
N LEU H 14 19.86 48.87 -31.00
CA LEU H 14 20.47 49.08 -29.66
C LEU H 14 19.86 50.28 -28.93
N ARG H 15 18.60 50.58 -29.23
CA ARG H 15 17.96 51.85 -28.92
C ARG H 15 17.75 52.23 -27.44
N PRO H 16 17.39 51.34 -26.50
CA PRO H 16 17.27 51.82 -25.10
C PRO H 16 18.58 52.25 -24.49
N LEU H 17 19.70 51.67 -24.93
CA LEU H 17 21.00 52.20 -24.54
C LEU H 17 21.28 53.52 -25.25
N THR H 18 21.10 53.54 -26.58
CA THR H 18 21.46 54.70 -27.37
C THR H 18 20.39 55.78 -27.40
N LEU H 19 19.49 55.78 -26.43
CA LEU H 19 18.69 56.96 -26.17
C LEU H 19 19.45 57.99 -25.36
N SER H 20 20.37 57.52 -24.53
CA SER H 20 21.12 58.36 -23.59
C SER H 20 22.42 58.90 -24.16
N THR H 21 23.07 58.15 -25.05
CA THR H 21 24.37 58.52 -25.58
C THR H 21 24.58 57.73 -26.86
N PRO H 22 25.34 58.25 -27.84
CA PRO H 22 25.49 57.58 -29.13
C PRO H 22 26.03 56.15 -29.07
N LYS H 23 25.78 55.42 -30.14
CA LYS H 23 26.12 54.01 -30.24
C LYS H 23 27.63 53.74 -30.26
N PRO H 24 28.47 54.55 -30.92
CA PRO H 24 29.92 54.40 -30.67
C PRO H 24 30.35 54.70 -29.27
N LEU H 25 29.64 55.59 -28.58
CA LEU H 25 29.93 55.88 -27.19
C LEU H 25 29.46 54.79 -26.23
N VAL H 26 28.77 53.77 -26.72
CA VAL H 26 28.36 52.67 -25.85
C VAL H 26 29.56 51.78 -25.59
N ASP H 27 29.82 51.54 -24.31
CA ASP H 27 30.90 50.65 -23.88
C ASP H 27 30.66 49.23 -24.40
N PHE H 28 31.71 48.62 -24.93
CA PHE H 28 31.74 47.20 -25.27
C PHE H 28 32.96 46.61 -24.60
N CYS H 29 32.74 45.89 -23.49
CA CYS H 29 33.78 45.19 -22.73
C CYS H 29 34.86 46.15 -22.23
N ASN H 30 34.43 47.09 -21.39
CA ASN H 30 35.22 48.14 -20.75
C ASN H 30 35.85 49.12 -21.75
N LYS H 31 35.38 49.17 -22.98
CA LYS H 31 35.92 50.12 -23.95
C LYS H 31 34.81 50.49 -24.92
N PRO H 32 34.72 51.75 -25.34
CA PRO H 32 33.76 52.11 -26.40
C PRO H 32 34.03 51.37 -27.69
N ILE H 33 32.97 51.10 -28.43
CA ILE H 33 33.07 50.18 -29.56
C ILE H 33 33.79 50.84 -30.72
N LEU H 34 33.71 52.17 -30.83
CA LEU H 34 34.53 52.85 -31.82
C LEU H 34 35.99 52.81 -31.44
N LEU H 35 36.31 52.79 -30.15
CA LEU H 35 37.71 52.78 -29.75
C LEU H 35 38.39 51.46 -30.08
N HIS H 36 37.62 50.37 -30.20
CA HIS H 36 38.17 49.09 -30.66
C HIS H 36 38.68 49.21 -32.09
N GLN H 37 37.83 49.71 -32.99
CA GLN H 37 38.19 49.83 -34.40
C GLN H 37 39.26 50.90 -34.61
N VAL H 38 39.22 51.98 -33.82
CA VAL H 38 40.20 53.05 -33.97
C VAL H 38 41.56 52.62 -33.42
N GLU H 39 41.58 51.88 -32.30
CA GLU H 39 42.83 51.36 -31.76
C GLU H 39 43.44 50.31 -32.68
N ALA H 40 42.62 49.46 -33.29
CA ALA H 40 43.14 48.50 -34.27
C ALA H 40 43.62 49.19 -35.54
N LEU H 41 42.97 50.28 -35.95
CA LEU H 41 43.43 51.03 -37.10
C LEU H 41 44.72 51.77 -36.80
N ALA H 42 44.93 52.17 -35.54
CA ALA H 42 46.21 52.74 -35.15
C ALA H 42 47.29 51.67 -35.14
N ALA H 43 46.93 50.45 -34.75
CA ALA H 43 47.90 49.35 -34.78
C ALA H 43 48.23 48.94 -36.21
N ALA H 44 47.30 49.14 -37.16
CA ALA H 44 47.54 48.76 -38.54
C ALA H 44 48.57 49.63 -39.24
N GLY H 45 48.84 50.81 -38.71
CA GLY H 45 49.63 51.79 -39.42
C GLY H 45 48.82 52.71 -40.29
N VAL H 46 47.53 52.87 -40.01
CA VAL H 46 46.70 53.85 -40.70
C VAL H 46 46.92 55.21 -40.07
N ASP H 47 47.27 56.19 -40.91
CA ASP H 47 47.68 57.49 -40.41
C ASP H 47 46.48 58.31 -39.93
N HIS H 48 45.45 58.43 -40.76
CA HIS H 48 44.31 59.28 -40.47
C HIS H 48 43.01 58.53 -40.77
N VAL H 49 42.03 58.67 -39.87
CA VAL H 49 40.75 57.96 -39.96
C VAL H 49 39.63 58.97 -40.13
N ILE H 50 39.02 59.01 -41.32
CA ILE H 50 37.78 59.75 -41.49
C ILE H 50 36.64 58.98 -40.81
N LEU H 51 35.54 59.69 -40.55
CA LEU H 51 34.46 59.16 -39.73
C LEU H 51 33.14 59.65 -40.31
N ALA H 52 32.37 58.75 -40.92
CA ALA H 52 31.05 59.11 -41.46
C ALA H 52 30.04 59.20 -40.33
N VAL H 53 29.53 60.40 -40.08
CA VAL H 53 28.60 60.66 -38.97
C VAL H 53 27.45 61.50 -39.49
N SER H 54 26.22 61.12 -39.13
CA SER H 54 25.01 61.78 -39.60
C SER H 54 24.30 62.59 -38.50
N TYR H 55 25.06 63.29 -37.65
CA TYR H 55 24.50 64.23 -36.69
C TYR H 55 25.59 65.20 -36.24
N MET H 56 25.22 66.12 -35.36
CA MET H 56 26.14 67.04 -34.70
C MET H 56 26.06 66.73 -33.21
N SER H 57 26.81 65.72 -32.76
CA SER H 57 26.80 65.30 -31.36
C SER H 57 28.00 65.88 -30.65
N GLN H 58 27.75 66.50 -29.49
CA GLN H 58 28.84 67.09 -28.71
C GLN H 58 29.75 66.04 -28.10
N VAL H 59 29.19 64.89 -27.72
CA VAL H 59 29.92 63.90 -26.92
C VAL H 59 30.87 63.05 -27.78
N LEU H 60 30.52 62.82 -29.05
CA LEU H 60 31.42 62.10 -29.95
C LEU H 60 32.68 62.91 -30.22
N GLU H 61 32.51 64.20 -30.52
CA GLU H 61 33.65 65.10 -30.68
C GLU H 61 34.42 65.27 -29.37
N LYS H 62 33.70 65.32 -28.23
CA LYS H 62 34.29 65.33 -26.89
C LYS H 62 35.28 64.19 -26.70
N GLU H 63 34.88 62.97 -27.06
CA GLU H 63 35.78 61.84 -26.93
C GLU H 63 36.97 61.95 -27.88
N MET H 64 36.73 62.29 -29.15
CA MET H 64 37.82 62.07 -30.10
C MET H 64 38.79 63.24 -30.24
N LYS H 65 38.42 64.44 -29.77
CA LYS H 65 39.38 65.54 -29.63
C LYS H 65 40.49 65.23 -28.64
N ALA H 66 40.29 64.28 -27.72
CA ALA H 66 41.33 63.76 -26.85
C ALA H 66 41.80 62.36 -27.26
N GLN H 67 40.96 61.63 -28.00
CA GLN H 67 41.35 60.29 -28.40
C GLN H 67 42.41 60.30 -29.48
N GLU H 68 42.47 61.37 -30.29
CA GLU H 68 43.60 61.56 -31.19
C GLU H 68 44.91 61.61 -30.41
N GLN H 69 44.96 62.42 -29.36
CA GLN H 69 46.17 62.58 -28.56
C GLN H 69 46.47 61.37 -27.70
N ARG H 70 45.46 60.57 -27.35
CA ARG H 70 45.78 59.32 -26.67
C ARG H 70 46.39 58.31 -27.64
N LEU H 71 45.73 58.06 -28.77
CA LEU H 71 46.18 57.00 -29.66
C LEU H 71 47.22 57.46 -30.69
N GLY H 72 47.49 58.77 -30.78
CA GLY H 72 48.56 59.25 -31.62
C GLY H 72 48.27 59.33 -33.10
N ILE H 73 47.05 59.04 -33.53
CA ILE H 73 46.65 59.13 -34.93
C ILE H 73 45.59 60.21 -35.07
N ARG H 74 45.69 60.98 -36.16
CA ARG H 74 44.67 61.96 -36.49
C ARG H 74 43.36 61.27 -36.86
N ILE H 75 42.24 61.81 -36.38
CA ILE H 75 40.93 61.47 -36.92
C ILE H 75 40.30 62.75 -37.46
N SER H 76 39.25 62.56 -38.26
CA SER H 76 38.45 63.66 -38.75
C SER H 76 37.07 63.10 -39.05
N MET H 77 36.07 63.97 -39.07
CA MET H 77 34.74 63.52 -39.44
C MET H 77 34.08 64.54 -40.35
N SER H 78 33.48 64.03 -41.43
CA SER H 78 32.75 64.82 -42.40
C SER H 78 31.26 64.56 -42.21
N HIS H 79 30.56 65.53 -41.62
CA HIS H 79 29.18 65.36 -41.24
C HIS H 79 28.26 65.30 -42.44
N GLU H 80 27.43 64.27 -42.53
CA GLU H 80 26.50 64.16 -43.64
C GLU H 80 25.12 63.95 -43.04
N GLU H 81 24.57 65.01 -42.45
CA GLU H 81 23.27 64.87 -41.79
C GLU H 81 22.12 65.02 -42.78
N GLU H 82 22.34 65.75 -43.87
CA GLU H 82 21.35 65.78 -44.94
C GLU H 82 21.30 64.50 -45.78
N PRO H 83 22.40 64.00 -46.38
CA PRO H 83 22.26 62.84 -47.26
C PRO H 83 22.10 61.55 -46.47
N LEU H 84 21.84 60.47 -47.20
CA LEU H 84 21.51 59.20 -46.58
C LEU H 84 22.26 58.04 -47.23
N GLY H 85 21.89 56.82 -46.87
CA GLY H 85 22.52 55.64 -47.40
C GLY H 85 23.91 55.37 -46.86
N THR H 86 24.50 54.26 -47.27
CA THR H 86 25.84 53.90 -46.84
C THR H 86 26.89 54.08 -47.94
N ALA H 87 26.51 53.90 -49.21
CA ALA H 87 27.41 54.22 -50.30
C ALA H 87 27.61 55.72 -50.45
N GLY H 88 26.56 56.49 -50.18
CA GLY H 88 26.57 57.94 -50.15
C GLY H 88 27.73 58.63 -49.42
N PRO H 89 27.96 58.29 -48.14
CA PRO H 89 29.03 58.98 -47.39
C PRO H 89 30.43 58.69 -47.85
N LEU H 90 30.71 57.53 -48.44
CA LEU H 90 32.10 57.26 -48.79
C LEU H 90 32.49 58.06 -50.02
N ALA H 91 31.51 58.40 -50.86
CA ALA H 91 31.72 59.35 -51.93
C ALA H 91 31.43 60.80 -51.53
N LEU H 92 30.80 61.02 -50.37
CA LEU H 92 30.67 62.38 -49.85
C LEU H 92 32.02 62.91 -49.39
N ALA H 93 32.82 62.06 -48.75
CA ALA H 93 34.13 62.43 -48.23
C ALA H 93 35.23 62.19 -49.25
N ARG H 94 34.91 62.38 -50.54
CA ARG H 94 35.75 61.97 -51.65
C ARG H 94 37.10 62.66 -51.69
N ASP H 95 37.21 63.91 -51.19
CA ASP H 95 38.42 64.67 -51.46
C ASP H 95 39.62 64.15 -50.68
N LEU H 96 39.45 63.87 -49.39
CA LEU H 96 40.57 63.32 -48.63
C LEU H 96 40.75 61.81 -48.85
N LEU H 97 39.77 61.13 -49.43
CA LEU H 97 39.95 59.76 -49.88
C LEU H 97 40.43 59.69 -51.32
N SER H 98 40.56 60.83 -51.99
CA SER H 98 40.84 60.91 -53.41
C SER H 98 42.08 61.70 -53.74
N GLU H 99 42.67 62.42 -52.77
CA GLU H 99 43.91 63.15 -53.02
C GLU H 99 45.07 62.20 -53.28
N THR H 100 45.03 60.99 -52.71
CA THR H 100 46.13 60.05 -52.78
C THR H 100 45.79 58.85 -53.66
N ALA H 101 46.83 58.19 -54.15
CA ALA H 101 46.72 56.88 -54.79
C ALA H 101 47.01 55.75 -53.80
N ASP H 102 46.33 55.75 -52.67
CA ASP H 102 46.44 54.70 -51.68
C ASP H 102 45.06 54.17 -51.34
N PRO H 103 44.88 52.84 -51.27
CA PRO H 103 43.54 52.28 -51.09
C PRO H 103 43.09 52.43 -49.65
N PHE H 104 41.87 52.91 -49.47
CA PHE H 104 41.37 53.18 -48.13
C PHE H 104 40.51 52.03 -47.62
N PHE H 105 40.58 51.80 -46.31
CA PHE H 105 39.62 50.93 -45.64
C PHE H 105 38.27 51.63 -45.57
N VAL H 106 37.21 50.90 -45.90
CA VAL H 106 35.87 51.30 -45.53
C VAL H 106 35.30 50.22 -44.63
N LEU H 107 34.97 50.62 -43.40
CA LEU H 107 34.67 49.73 -42.31
C LEU H 107 33.22 49.90 -41.90
N ASN H 108 32.73 48.96 -41.13
CA ASN H 108 31.46 49.08 -40.45
C ASN H 108 31.73 49.34 -38.97
N SER H 109 30.92 50.21 -38.38
CA SER H 109 31.08 50.54 -36.96
C SER H 109 30.48 49.47 -36.06
N ASP H 110 29.54 48.70 -36.59
CA ASP H 110 28.79 47.71 -35.83
C ASP H 110 29.50 46.37 -35.72
N VAL H 111 30.60 46.18 -36.39
CA VAL H 111 31.21 44.86 -36.43
C VAL H 111 32.43 44.85 -35.54
N ILE H 112 32.76 43.67 -35.01
CA ILE H 112 33.96 43.52 -34.18
C ILE H 112 34.53 42.13 -34.41
N CYS H 113 35.84 42.07 -34.68
CA CYS H 113 36.48 40.82 -35.10
C CYS H 113 37.98 40.94 -34.91
N ASP H 114 38.67 39.81 -35.12
CA ASP H 114 40.12 39.77 -35.17
C ASP H 114 40.58 40.41 -36.48
N PHE H 115 40.89 41.70 -36.43
CA PHE H 115 41.07 42.53 -37.61
C PHE H 115 42.30 42.12 -38.44
N PRO H 116 42.12 41.55 -39.63
CA PRO H 116 43.26 41.09 -40.44
C PRO H 116 43.76 42.21 -41.36
N PHE H 117 44.34 43.25 -40.74
CA PHE H 117 44.65 44.44 -41.51
C PHE H 117 45.87 44.24 -42.40
N GLN H 118 46.91 43.60 -41.86
CA GLN H 118 48.14 43.36 -42.64
C GLN H 118 47.90 42.38 -43.77
N ALA H 119 47.24 41.26 -43.47
CA ALA H 119 47.07 40.20 -44.44
C ALA H 119 46.08 40.61 -45.53
N MET H 120 45.09 41.43 -45.20
CA MET H 120 44.21 41.93 -46.24
C MET H 120 44.86 43.03 -47.06
N VAL H 121 45.78 43.81 -46.47
CA VAL H 121 46.55 44.78 -47.24
C VAL H 121 47.41 44.07 -48.30
N GLN H 122 48.10 43.00 -47.90
CA GLN H 122 48.92 42.33 -48.88
C GLN H 122 48.13 41.36 -49.76
N PHE H 123 46.91 41.01 -49.36
CA PHE H 123 45.94 40.42 -50.29
C PHE H 123 45.54 41.40 -51.38
N HIS H 124 45.30 42.66 -50.99
CA HIS H 124 44.87 43.68 -51.95
C HIS H 124 46.01 44.05 -52.90
N ARG H 125 47.26 43.97 -52.46
CA ARG H 125 48.32 44.14 -53.44
C ARG H 125 48.77 42.82 -54.07
N HIS H 126 48.18 41.69 -53.67
CA HIS H 126 48.31 40.47 -54.47
C HIS H 126 47.36 40.46 -55.67
N HIS H 127 46.11 40.92 -55.50
CA HIS H 127 45.22 40.86 -56.66
C HIS H 127 45.30 42.12 -57.52
N GLY H 128 45.70 43.26 -56.95
CA GLY H 128 45.87 44.51 -57.67
C GLY H 128 44.60 45.23 -58.08
N GLN H 129 43.43 44.60 -58.00
CA GLN H 129 42.22 45.15 -58.59
C GLN H 129 41.55 46.15 -57.62
N GLU H 130 40.29 46.49 -57.88
CA GLU H 130 39.66 47.63 -57.22
C GLU H 130 39.26 47.30 -55.78
N GLY H 131 38.37 46.34 -55.58
CA GLY H 131 37.80 46.12 -54.27
C GLY H 131 38.03 44.75 -53.64
N SER H 132 38.49 44.76 -52.39
CA SER H 132 38.59 43.54 -51.58
C SER H 132 37.54 43.60 -50.47
N ILE H 133 36.81 42.50 -50.28
CA ILE H 133 35.83 42.45 -49.20
C ILE H 133 36.13 41.25 -48.30
N LEU H 134 35.64 41.33 -47.08
CA LEU H 134 35.89 40.31 -46.08
C LEU H 134 34.62 39.52 -45.78
N VAL H 135 34.74 38.19 -45.82
CA VAL H 135 33.64 37.27 -45.57
C VAL H 135 33.94 36.47 -44.31
N THR H 136 32.89 35.90 -43.72
CA THR H 136 33.02 34.86 -42.70
C THR H 136 32.04 33.72 -42.99
N LYS H 137 32.25 32.60 -42.31
CA LYS H 137 31.44 31.40 -42.47
C LYS H 137 30.44 31.30 -41.32
N VAL H 138 29.17 31.55 -41.64
CA VAL H 138 28.14 31.76 -40.64
C VAL H 138 27.10 30.65 -40.75
N GLU H 139 26.50 30.33 -39.59
CA GLU H 139 25.18 29.74 -39.44
C GLU H 139 24.19 30.28 -40.47
N GLU H 140 23.45 29.34 -41.11
CA GLU H 140 22.16 29.49 -41.78
C GLU H 140 22.15 30.62 -42.81
N PRO H 141 22.64 30.33 -44.03
CA PRO H 141 22.74 31.34 -45.12
C PRO H 141 21.45 32.04 -45.52
N SER H 142 20.30 31.57 -45.03
CA SER H 142 18.99 31.99 -45.51
C SER H 142 18.35 33.09 -44.67
N LYS H 143 19.14 33.83 -43.88
CA LYS H 143 18.60 34.97 -43.15
C LYS H 143 19.19 36.30 -43.55
N TYR H 144 20.48 36.35 -43.87
CA TYR H 144 21.13 37.53 -44.41
C TYR H 144 21.88 37.12 -45.67
N GLY H 145 22.38 38.13 -46.39
CA GLY H 145 22.90 37.90 -47.72
C GLY H 145 24.15 37.04 -47.74
N VAL H 146 24.39 36.41 -48.88
CA VAL H 146 25.46 35.42 -49.03
C VAL H 146 26.13 35.63 -50.38
N VAL H 147 27.46 35.71 -50.38
CA VAL H 147 28.23 35.85 -51.60
C VAL H 147 28.54 34.46 -52.16
N VAL H 148 28.92 34.38 -53.42
CA VAL H 148 29.46 33.16 -54.01
C VAL H 148 30.88 33.46 -54.49
N CYS H 149 31.77 32.50 -54.32
CA CYS H 149 33.20 32.73 -54.48
C CYS H 149 33.87 31.71 -55.42
N GLU H 150 35.20 31.72 -55.44
CA GLU H 150 36.02 30.79 -56.22
C GLU H 150 36.93 30.03 -55.28
N ALA H 151 37.72 29.09 -55.84
CA ALA H 151 38.45 28.11 -55.03
C ALA H 151 39.76 28.68 -54.48
N ASP H 152 40.67 29.06 -55.38
CA ASP H 152 41.89 29.76 -55.01
C ASP H 152 41.91 31.19 -55.53
N THR H 153 40.92 31.57 -56.35
CA THR H 153 40.89 32.90 -56.94
C THR H 153 40.26 33.90 -55.99
N GLY H 154 39.04 33.63 -55.55
CA GLY H 154 38.31 34.54 -54.70
C GLY H 154 37.49 35.57 -55.42
N ARG H 155 37.28 35.42 -56.73
CA ARG H 155 36.54 36.40 -57.51
C ARG H 155 35.05 36.28 -57.24
N ILE H 156 34.40 37.42 -57.05
CA ILE H 156 32.96 37.46 -56.77
C ILE H 156 32.23 37.61 -58.09
N HIS H 157 31.33 36.68 -58.39
CA HIS H 157 30.47 36.85 -59.55
C HIS H 157 29.13 37.48 -59.20
N ARG H 158 28.57 37.18 -58.04
CA ARG H 158 27.23 37.66 -57.73
C ARG H 158 27.06 37.87 -56.23
N PHE H 159 26.00 38.60 -55.89
CA PHE H 159 25.53 38.78 -54.52
C PHE H 159 24.09 38.27 -54.51
N VAL H 160 23.88 37.05 -54.01
CA VAL H 160 22.57 36.41 -54.04
C VAL H 160 21.87 36.61 -52.69
N GLU H 161 20.58 36.91 -52.76
CA GLU H 161 19.70 37.04 -51.60
C GLU H 161 19.33 35.66 -51.07
N LYS H 162 18.94 35.61 -49.78
CA LYS H 162 18.67 34.43 -48.94
C LYS H 162 17.75 33.40 -49.59
N PRO H 163 18.31 32.27 -50.04
CA PRO H 163 17.51 31.28 -50.77
C PRO H 163 17.03 30.14 -49.89
N GLN H 164 16.22 29.25 -50.46
CA GLN H 164 16.03 27.96 -49.82
C GLN H 164 17.25 27.07 -50.01
N VAL H 165 18.01 27.26 -51.08
CA VAL H 165 19.17 26.43 -51.32
C VAL H 165 20.26 26.65 -50.28
N PHE H 166 21.33 25.88 -50.41
CA PHE H 166 22.49 26.05 -49.55
C PHE H 166 23.15 27.35 -49.94
N VAL H 167 23.17 27.59 -51.25
CA VAL H 167 23.78 28.78 -51.85
C VAL H 167 25.24 28.83 -51.39
N SER H 168 25.68 29.96 -50.87
CA SER H 168 27.04 30.08 -50.38
C SER H 168 26.98 30.52 -48.93
N ASN H 169 27.67 29.79 -48.06
CA ASN H 169 27.69 30.09 -46.65
C ASN H 169 28.34 31.43 -46.28
N LYS H 170 29.43 31.78 -46.95
CA LYS H 170 30.15 32.99 -46.61
C LYS H 170 29.18 34.18 -46.55
N ILE H 171 29.58 35.22 -45.81
CA ILE H 171 28.76 36.39 -45.58
C ILE H 171 29.70 37.59 -45.51
N ASN H 172 29.20 38.75 -45.92
CA ASN H 172 29.90 40.02 -45.71
C ASN H 172 30.19 40.23 -44.22
N ALA H 173 31.40 40.69 -43.92
CA ALA H 173 31.79 40.94 -42.54
C ALA H 173 31.88 42.42 -42.21
N GLY H 174 31.81 43.31 -43.20
CA GLY H 174 31.89 44.74 -42.94
C GLY H 174 33.28 45.32 -43.01
N MET H 175 34.22 44.64 -43.66
CA MET H 175 35.55 45.17 -43.97
C MET H 175 35.73 45.18 -45.47
N TYR H 176 36.02 46.35 -46.02
CA TYR H 176 36.35 46.44 -47.43
C TYR H 176 37.63 47.27 -47.53
N ILE H 177 38.48 46.90 -48.49
CA ILE H 177 39.54 47.76 -48.98
C ILE H 177 39.14 48.23 -50.36
N LEU H 178 39.19 49.53 -50.58
CA LEU H 178 38.71 50.10 -51.82
C LEU H 178 39.81 50.93 -52.46
N SER H 179 39.98 50.75 -53.77
CA SER H 179 40.89 51.54 -54.55
C SER H 179 40.36 52.97 -54.68
N PRO H 180 41.22 53.91 -55.09
CA PRO H 180 40.70 55.25 -55.42
C PRO H 180 39.79 55.26 -56.64
N ALA H 181 39.94 54.29 -57.56
CA ALA H 181 39.26 54.36 -58.85
C ALA H 181 37.81 53.90 -58.82
N VAL H 182 37.42 53.09 -57.83
CA VAL H 182 36.00 52.74 -57.72
C VAL H 182 35.20 53.92 -57.17
N LEU H 183 35.85 54.77 -56.37
CA LEU H 183 35.21 55.95 -55.78
C LEU H 183 34.77 56.98 -56.82
N GLN H 184 35.24 56.86 -58.07
CA GLN H 184 34.57 57.51 -59.21
C GLN H 184 33.09 57.16 -59.28
N ARG H 185 32.79 55.86 -59.25
CA ARG H 185 31.46 55.37 -59.62
C ARG H 185 30.39 55.79 -58.61
N ILE H 186 30.77 55.97 -57.37
CA ILE H 186 29.83 56.39 -56.34
C ILE H 186 29.79 57.90 -56.27
N GLN H 187 28.61 58.45 -56.03
CA GLN H 187 28.36 59.88 -56.11
C GLN H 187 27.84 60.41 -54.77
N LEU H 188 27.55 61.71 -54.75
CA LEU H 188 27.13 62.45 -53.58
C LEU H 188 25.66 62.27 -53.24
N GLN H 189 24.98 61.43 -53.92
CA GLN H 189 23.57 61.11 -53.73
C GLN H 189 23.42 59.86 -52.87
N PRO H 190 22.33 59.74 -52.12
CA PRO H 190 22.15 58.58 -51.21
C PRO H 190 21.99 57.26 -51.96
N THR H 191 22.89 56.32 -51.66
CA THR H 191 22.97 55.01 -52.30
C THR H 191 23.29 53.98 -51.23
N SER H 192 23.14 52.70 -51.56
CA SER H 192 23.51 51.60 -50.67
C SER H 192 24.39 50.63 -51.43
N ILE H 193 25.58 50.36 -50.90
CA ILE H 193 26.66 49.81 -51.71
C ILE H 193 26.52 48.29 -51.88
N GLU H 194 25.96 47.60 -50.89
CA GLU H 194 25.88 46.14 -50.94
C GLU H 194 24.77 45.69 -51.88
N LYS H 195 23.67 46.43 -51.92
CA LYS H 195 22.55 46.12 -52.80
C LYS H 195 22.93 46.28 -54.27
N GLU H 196 23.46 47.44 -54.67
CA GLU H 196 23.69 47.66 -56.10
C GLU H 196 25.13 47.90 -56.51
N VAL H 197 25.91 48.77 -55.85
CA VAL H 197 27.25 49.13 -56.35
C VAL H 197 28.20 47.92 -56.35
N PHE H 198 28.19 47.16 -55.25
CA PHE H 198 28.94 45.90 -55.21
C PHE H 198 28.44 44.87 -56.21
N PRO H 199 27.17 44.88 -56.64
CA PRO H 199 26.75 43.96 -57.72
C PRO H 199 27.27 44.33 -59.10
N ILE H 200 27.20 45.62 -59.47
CA ILE H 200 27.72 46.03 -60.77
C ILE H 200 29.23 45.84 -60.81
N MET H 201 29.89 46.02 -59.67
CA MET H 201 31.33 45.84 -59.60
C MET H 201 31.74 44.41 -59.31
N ALA H 202 30.78 43.52 -59.01
CA ALA H 202 31.08 42.08 -59.02
C ALA H 202 30.93 41.49 -60.41
N LYS H 203 30.03 42.05 -61.23
CA LYS H 203 30.05 41.76 -62.66
C LYS H 203 31.30 42.29 -63.36
N GLU H 204 32.04 43.20 -62.72
CA GLU H 204 33.25 43.77 -63.30
C GLU H 204 34.37 42.73 -63.43
N GLY H 205 34.60 41.96 -62.37
CA GLY H 205 35.83 41.22 -62.22
C GLY H 205 36.84 41.89 -61.33
N GLN H 206 36.48 43.03 -60.73
CA GLN H 206 37.37 43.76 -59.84
C GLN H 206 37.33 43.21 -58.42
N LEU H 207 36.17 42.69 -58.01
CA LEU H 207 35.95 42.30 -56.62
C LEU H 207 36.71 41.01 -56.27
N TYR H 208 37.22 40.96 -55.05
CA TYR H 208 37.76 39.72 -54.50
C TYR H 208 37.35 39.60 -53.04
N ALA H 209 37.56 38.42 -52.47
CA ALA H 209 37.03 38.08 -51.16
C ALA H 209 38.08 37.34 -50.34
N MET H 210 38.26 37.78 -49.10
CA MET H 210 39.14 37.12 -48.14
C MET H 210 38.32 36.69 -46.94
N GLU H 211 38.57 35.47 -46.41
CA GLU H 211 37.78 35.06 -45.27
C GLU H 211 38.56 35.29 -43.97
N LEU H 212 37.81 35.53 -42.90
CA LEU H 212 38.37 35.82 -41.59
C LEU H 212 38.58 34.51 -40.84
N GLN H 213 39.66 34.45 -40.06
CA GLN H 213 40.05 33.21 -39.39
C GLN H 213 39.22 32.90 -38.14
N GLY H 214 38.26 33.75 -37.78
CA GLY H 214 37.32 33.41 -36.72
C GLY H 214 37.00 34.62 -35.87
N PHE H 215 35.91 34.48 -35.09
CA PHE H 215 35.37 35.53 -34.21
C PHE H 215 35.03 36.77 -35.02
N TRP H 216 33.90 36.79 -35.70
CA TRP H 216 33.30 38.04 -36.16
C TRP H 216 31.90 38.17 -35.60
N MET H 217 31.53 39.38 -35.17
CA MET H 217 30.14 39.59 -34.77
C MET H 217 29.66 40.98 -35.11
N ASP H 218 28.48 41.03 -35.70
CA ASP H 218 27.66 42.24 -35.77
C ASP H 218 27.02 42.50 -34.41
N ILE H 219 27.37 43.60 -33.77
CA ILE H 219 26.83 43.84 -32.43
C ILE H 219 25.84 45.00 -32.44
N GLY H 220 25.11 45.17 -33.53
CA GLY H 220 24.09 46.20 -33.59
C GLY H 220 22.81 45.88 -32.83
N GLN H 221 22.40 44.63 -32.83
CA GLN H 221 21.26 44.18 -32.06
C GLN H 221 21.63 44.06 -30.59
N PRO H 222 20.66 44.13 -29.69
CA PRO H 222 20.97 43.88 -28.27
C PRO H 222 21.32 42.43 -27.93
N LYS H 223 20.76 41.45 -28.63
CA LYS H 223 21.11 40.05 -28.35
C LYS H 223 22.44 39.68 -28.98
N ASP H 224 22.69 40.20 -30.18
CA ASP H 224 23.94 39.97 -30.86
C ASP H 224 25.09 40.72 -30.19
N PHE H 225 24.79 41.80 -29.50
CA PHE H 225 25.73 42.42 -28.56
C PHE H 225 26.24 41.41 -27.54
N LEU H 226 25.34 40.64 -26.93
CA LEU H 226 25.75 39.69 -25.91
C LEU H 226 26.44 38.48 -26.50
N THR H 227 26.03 38.09 -27.71
CA THR H 227 26.76 37.05 -28.45
C THR H 227 28.18 37.49 -28.74
N GLY H 228 28.34 38.73 -29.18
CA GLY H 228 29.66 39.27 -29.43
C GLY H 228 30.47 39.41 -28.16
N MET H 229 29.81 39.70 -27.05
CA MET H 229 30.51 39.78 -25.77
C MET H 229 31.05 38.43 -25.35
N CYS H 230 30.25 37.38 -25.56
CA CYS H 230 30.71 36.01 -25.27
C CYS H 230 31.90 35.62 -26.14
N LEU H 231 31.79 35.84 -27.45
CA LEU H 231 32.88 35.48 -28.35
C LEU H 231 34.11 36.36 -28.17
N PHE H 232 33.90 37.63 -27.83
CA PHE H 232 35.02 38.53 -27.62
C PHE H 232 35.80 38.13 -26.38
N LEU H 233 35.08 37.63 -25.37
CA LEU H 233 35.71 37.19 -24.14
C LEU H 233 36.49 35.89 -24.39
N GLN H 234 36.02 35.08 -25.33
CA GLN H 234 36.73 33.85 -25.67
C GLN H 234 37.97 34.30 -26.44
N SER H 235 37.85 35.36 -27.24
CA SER H 235 39.05 35.83 -27.96
C SER H 235 40.09 36.38 -27.00
N LEU H 236 39.66 37.16 -26.01
CA LEU H 236 40.53 37.75 -25.00
C LEU H 236 41.01 36.74 -23.98
N ARG H 237 40.39 35.56 -23.91
CA ARG H 237 40.98 34.48 -23.13
C ARG H 237 42.25 33.96 -23.80
N GLN H 238 42.22 33.78 -25.11
CA GLN H 238 43.40 33.24 -25.77
C GLN H 238 44.46 34.30 -26.01
N LYS H 239 44.06 35.55 -26.25
CA LYS H 239 45.03 36.59 -26.52
C LYS H 239 45.67 37.13 -25.25
N GLN H 240 44.87 37.57 -24.28
CA GLN H 240 45.36 38.22 -23.07
C GLN H 240 44.80 37.53 -21.84
N PRO H 241 45.27 36.32 -21.52
CA PRO H 241 44.64 35.51 -20.48
C PRO H 241 44.85 36.00 -19.06
N GLU H 242 45.71 37.00 -18.88
CA GLU H 242 45.91 37.60 -17.57
C GLU H 242 44.93 38.72 -17.27
N ARG H 243 44.37 39.35 -18.32
CA ARG H 243 43.45 40.47 -18.14
C ARG H 243 42.12 40.03 -17.55
N LEU H 244 41.72 38.78 -17.81
CA LEU H 244 40.46 38.25 -17.29
C LEU H 244 40.55 38.04 -15.78
N CYS H 245 39.39 38.05 -15.14
CA CYS H 245 39.33 37.87 -13.70
C CYS H 245 39.47 36.40 -13.34
N SER H 246 40.05 36.17 -12.17
CA SER H 246 40.13 34.84 -11.57
C SER H 246 39.54 34.93 -10.18
N GLY H 247 38.99 33.82 -9.69
CA GLY H 247 38.44 33.84 -8.36
C GLY H 247 37.90 32.52 -7.85
N PRO H 248 37.45 32.51 -6.60
CA PRO H 248 36.75 31.34 -6.08
C PRO H 248 35.33 31.22 -6.58
N GLY H 249 34.58 32.31 -6.58
CA GLY H 249 33.21 32.33 -7.03
C GLY H 249 33.06 33.02 -8.36
N ILE H 250 34.09 32.92 -9.20
CA ILE H 250 34.08 33.49 -10.55
C ILE H 250 34.11 32.32 -11.52
N VAL H 251 33.14 32.29 -12.43
CA VAL H 251 33.01 31.22 -13.41
C VAL H 251 33.27 31.79 -14.79
N GLY H 252 33.95 31.01 -15.63
CA GLY H 252 34.15 31.38 -17.02
C GLY H 252 35.05 32.59 -17.19
N ASN H 253 35.01 33.14 -18.40
CA ASN H 253 35.74 34.36 -18.71
C ASN H 253 34.97 35.55 -18.15
N VAL H 254 35.57 36.26 -17.21
CA VAL H 254 34.90 37.37 -16.54
C VAL H 254 35.82 38.58 -16.62
N LEU H 255 35.32 39.69 -17.15
CA LEU H 255 36.10 40.90 -17.32
C LEU H 255 35.63 41.92 -16.29
N VAL H 256 36.40 42.08 -15.23
CA VAL H 256 36.09 43.00 -14.15
C VAL H 256 36.88 44.28 -14.37
N ASP H 257 36.27 45.43 -14.08
CA ASP H 257 37.08 46.63 -14.04
C ASP H 257 37.77 46.76 -12.68
N PRO H 258 38.97 47.35 -12.64
CA PRO H 258 39.62 47.57 -11.34
C PRO H 258 38.86 48.51 -10.41
N SER H 259 38.14 49.48 -10.96
CA SER H 259 37.27 50.32 -10.15
C SER H 259 35.99 49.59 -9.74
N ALA H 260 35.62 48.54 -10.44
CA ALA H 260 34.43 47.77 -10.13
C ALA H 260 34.68 46.86 -8.93
N ARG H 261 33.84 46.98 -7.91
CA ARG H 261 33.94 46.08 -6.76
C ARG H 261 32.83 45.04 -6.79
N ILE H 262 33.17 43.85 -6.33
CA ILE H 262 32.26 42.72 -6.27
C ILE H 262 32.15 42.31 -4.81
N GLY H 263 30.93 42.00 -4.36
CA GLY H 263 30.70 41.61 -2.99
C GLY H 263 31.09 40.16 -2.76
N GLN H 264 30.69 39.67 -1.58
CA GLN H 264 30.97 38.31 -1.15
C GLN H 264 29.80 37.41 -1.50
N ASN H 265 30.05 36.08 -1.60
CA ASN H 265 29.03 35.07 -1.91
C ASN H 265 28.30 35.30 -3.23
N CYS H 266 28.98 35.89 -4.19
CA CYS H 266 28.30 36.37 -5.37
C CYS H 266 28.96 35.73 -6.59
N SER H 267 28.18 34.92 -7.31
CA SER H 267 28.71 33.97 -8.29
C SER H 267 28.66 34.57 -9.68
N ILE H 268 29.73 35.27 -10.08
CA ILE H 268 29.79 35.90 -11.38
C ILE H 268 30.09 34.83 -12.41
N GLY H 269 29.05 34.35 -13.10
CA GLY H 269 29.16 33.24 -14.00
C GLY H 269 29.81 33.62 -15.31
N PRO H 270 29.69 32.76 -16.31
CA PRO H 270 30.49 32.92 -17.53
C PRO H 270 30.08 34.12 -18.37
N ASN H 271 31.09 34.70 -19.03
CA ASN H 271 30.96 35.77 -20.04
C ASN H 271 30.31 37.03 -19.46
N VAL H 272 30.87 37.56 -18.38
CA VAL H 272 30.34 38.74 -17.71
C VAL H 272 31.38 39.84 -17.75
N SER H 273 30.99 41.01 -18.24
CA SER H 273 31.87 42.16 -18.34
C SER H 273 31.35 43.26 -17.43
N LEU H 274 31.90 43.35 -16.21
CA LEU H 274 31.58 44.41 -15.27
C LEU H 274 32.36 45.67 -15.60
N GLY H 275 31.66 46.79 -15.73
CA GLY H 275 32.27 48.02 -16.15
C GLY H 275 32.77 48.87 -14.99
N PRO H 276 33.31 50.04 -15.29
CA PRO H 276 33.98 50.86 -14.25
C PRO H 276 33.00 51.46 -13.26
N GLY H 277 33.34 51.37 -11.98
CA GLY H 277 32.51 51.94 -10.95
C GLY H 277 31.32 51.09 -10.56
N VAL H 278 31.27 49.83 -10.98
CA VAL H 278 30.13 48.97 -10.69
C VAL H 278 30.33 48.32 -9.33
N VAL H 279 29.34 48.46 -8.46
CA VAL H 279 29.30 47.75 -7.20
C VAL H 279 28.26 46.66 -7.31
N VAL H 280 28.67 45.42 -7.06
CA VAL H 280 27.80 44.27 -7.05
C VAL H 280 27.79 43.73 -5.63
N GLU H 281 26.61 43.61 -5.04
CA GLU H 281 26.49 43.37 -3.61
C GLU H 281 26.57 41.87 -3.31
N ASP H 282 26.18 41.49 -2.10
CA ASP H 282 26.41 40.14 -1.61
C ASP H 282 25.28 39.21 -2.01
N GLY H 283 25.63 38.07 -2.60
CA GLY H 283 24.65 37.08 -2.98
C GLY H 283 24.12 37.19 -4.40
N VAL H 284 24.83 37.86 -5.28
CA VAL H 284 24.33 38.18 -6.61
C VAL H 284 24.89 37.19 -7.62
N CYS H 285 24.03 36.56 -8.38
CA CYS H 285 24.44 35.70 -9.47
C CYS H 285 24.33 36.49 -10.76
N ILE H 286 25.41 36.56 -11.52
CA ILE H 286 25.42 37.19 -12.84
C ILE H 286 26.06 36.24 -13.83
N ARG H 287 25.35 35.90 -14.89
CA ARG H 287 25.88 35.12 -16.00
C ARG H 287 25.55 35.84 -17.28
N ARG H 288 26.49 35.88 -18.24
CA ARG H 288 26.24 36.33 -19.61
C ARG H 288 25.76 37.79 -19.72
N CYS H 289 26.07 38.63 -18.75
CA CYS H 289 25.59 40.00 -18.76
C CYS H 289 26.70 41.00 -19.04
N THR H 290 26.29 42.15 -19.52
CA THR H 290 27.12 43.33 -19.60
C THR H 290 26.55 44.36 -18.62
N VAL H 291 27.36 44.77 -17.65
CA VAL H 291 26.98 45.83 -16.73
C VAL H 291 27.83 47.04 -17.06
N LEU H 292 27.17 48.15 -17.36
CA LEU H 292 27.85 49.34 -17.83
C LEU H 292 28.24 50.22 -16.64
N ARG H 293 28.89 51.34 -16.94
CA ARG H 293 29.57 52.15 -15.92
C ARG H 293 28.59 52.76 -14.92
N ASP H 294 28.91 52.64 -13.63
CA ASP H 294 28.30 53.21 -12.43
C ASP H 294 27.07 52.48 -11.93
N ALA H 295 26.70 51.33 -12.50
CA ALA H 295 25.52 50.61 -12.04
C ALA H 295 25.77 49.96 -10.67
N ARG H 296 24.69 49.73 -9.94
CA ARG H 296 24.73 49.03 -8.66
C ARG H 296 23.69 47.93 -8.68
N ILE H 297 24.11 46.71 -8.41
CA ILE H 297 23.25 45.54 -8.45
C ILE H 297 23.15 44.99 -7.03
N ARG H 298 22.01 45.22 -6.39
CA ARG H 298 21.86 44.96 -4.97
C ARG H 298 21.73 43.47 -4.71
N SER H 299 21.58 43.12 -3.43
CA SER H 299 21.83 41.78 -2.94
C SER H 299 20.80 40.79 -3.46
N HIS H 300 21.21 39.52 -3.53
CA HIS H 300 20.36 38.35 -3.80
C HIS H 300 19.67 38.42 -5.16
N SER H 301 20.26 39.10 -6.12
CA SER H 301 19.68 39.25 -7.45
C SER H 301 20.31 38.27 -8.41
N TRP H 302 19.51 37.77 -9.34
CA TRP H 302 19.97 36.82 -10.35
C TRP H 302 19.78 37.46 -11.71
N LEU H 303 20.84 37.50 -12.48
CA LEU H 303 20.85 38.20 -13.76
C LEU H 303 21.49 37.29 -14.79
N GLU H 304 20.79 37.02 -15.87
CA GLU H 304 21.36 36.23 -16.95
C GLU H 304 20.98 36.81 -18.28
N SER H 305 21.98 37.10 -19.10
CA SER H 305 21.81 37.65 -20.45
C SER H 305 21.02 38.94 -20.44
N CYS H 306 21.57 39.94 -19.76
CA CYS H 306 21.00 41.27 -19.72
C CYS H 306 22.03 42.27 -20.20
N ILE H 307 21.61 43.51 -20.31
CA ILE H 307 22.49 44.66 -20.38
C ILE H 307 22.01 45.64 -19.35
N VAL H 308 22.85 45.93 -18.36
CA VAL H 308 22.52 46.86 -17.30
C VAL H 308 23.19 48.19 -17.64
N GLY H 309 22.39 49.21 -17.89
CA GLY H 309 22.91 50.46 -18.40
C GLY H 309 23.63 51.26 -17.34
N TRP H 310 23.96 52.49 -17.72
CA TRP H 310 24.64 53.42 -16.82
C TRP H 310 23.76 53.80 -15.65
N ARG H 311 24.34 53.71 -14.45
CA ARG H 311 23.75 54.18 -13.19
C ARG H 311 22.43 53.49 -12.86
N CYS H 312 22.27 52.24 -13.28
CA CYS H 312 21.06 51.52 -12.91
C CYS H 312 21.19 50.95 -11.52
N ARG H 313 20.18 51.11 -10.72
CA ARG H 313 20.09 50.46 -9.43
C ARG H 313 19.09 49.33 -9.57
N VAL H 314 19.60 48.12 -9.76
CA VAL H 314 18.76 46.93 -9.65
C VAL H 314 18.58 46.63 -8.17
N GLY H 315 17.33 46.49 -7.75
CA GLY H 315 17.04 46.18 -6.37
C GLY H 315 17.32 44.72 -6.04
N GLN H 316 16.85 44.33 -4.86
CA GLN H 316 17.13 43.02 -4.29
C GLN H 316 16.10 41.99 -4.70
N TRP H 317 16.52 40.72 -4.71
CA TRP H 317 15.72 39.55 -5.11
C TRP H 317 15.10 39.73 -6.50
N VAL H 318 15.80 40.44 -7.37
CA VAL H 318 15.33 40.72 -8.72
C VAL H 318 15.88 39.67 -9.65
N ARG H 319 15.00 39.03 -10.41
CA ARG H 319 15.38 38.17 -11.51
C ARG H 319 15.26 38.95 -12.80
N MET H 320 16.36 39.07 -13.52
CA MET H 320 16.39 39.76 -14.80
C MET H 320 16.96 38.78 -15.79
N GLU H 321 16.24 38.47 -16.85
CA GLU H 321 16.75 37.51 -17.83
C GLU H 321 16.23 37.73 -19.24
N ASN H 322 16.63 36.82 -20.13
CA ASN H 322 16.21 36.84 -21.52
C ASN H 322 16.36 38.18 -22.22
N VAL H 323 17.60 38.64 -22.36
CA VAL H 323 17.92 39.90 -23.03
C VAL H 323 17.12 41.11 -22.58
N THR H 324 17.12 41.41 -21.29
CA THR H 324 16.41 42.55 -20.75
C THR H 324 17.43 43.68 -20.84
N VAL H 325 17.05 44.81 -21.43
CA VAL H 325 18.04 45.87 -21.59
C VAL H 325 17.54 47.09 -20.84
N LEU H 326 18.27 47.53 -19.83
CA LEU H 326 17.92 48.72 -19.09
C LEU H 326 18.65 49.92 -19.68
N GLY H 327 17.94 51.03 -19.85
CA GLY H 327 18.56 52.28 -20.26
C GLY H 327 19.25 52.94 -19.09
N GLU H 328 19.70 54.18 -19.31
CA GLU H 328 20.46 54.90 -18.28
C GLU H 328 19.59 55.26 -17.09
N ASP H 329 20.07 54.92 -15.89
CA ASP H 329 19.48 55.32 -14.61
C ASP H 329 18.08 54.76 -14.41
N VAL H 330 17.94 53.47 -14.65
CA VAL H 330 16.70 52.74 -14.40
C VAL H 330 16.78 52.11 -13.01
N ILE H 331 15.79 52.38 -12.18
CA ILE H 331 15.69 51.75 -10.87
C ILE H 331 14.68 50.62 -10.95
N VAL H 332 15.10 49.41 -10.60
CA VAL H 332 14.19 48.30 -10.43
C VAL H 332 13.91 48.16 -8.93
N ASN H 333 12.64 48.06 -8.57
CA ASN H 333 12.28 47.82 -7.19
C ASN H 333 12.58 46.37 -6.80
N ASP H 334 12.38 46.07 -5.52
CA ASP H 334 12.70 44.76 -4.98
C ASP H 334 11.74 43.69 -5.45
N GLU H 335 12.26 42.46 -5.58
CA GLU H 335 11.51 41.22 -5.86
C GLU H 335 10.73 41.29 -7.15
N LEU H 336 11.33 41.86 -8.18
CA LEU H 336 10.71 41.97 -9.49
C LEU H 336 11.33 40.98 -10.46
N TYR H 337 10.50 40.49 -11.37
CA TYR H 337 10.96 39.64 -12.47
C TYR H 337 10.83 40.42 -13.76
N LEU H 338 11.89 40.46 -14.55
CA LEU H 338 11.88 41.17 -15.81
C LEU H 338 12.36 40.26 -16.93
N ASN H 339 11.48 39.97 -17.86
CA ASN H 339 11.73 39.08 -18.98
C ASN H 339 11.59 39.88 -20.26
N GLY H 340 12.68 40.09 -20.97
CA GLY H 340 12.63 40.79 -22.24
C GLY H 340 12.33 42.25 -22.16
N ALA H 341 12.38 42.83 -20.97
CA ALA H 341 11.97 44.21 -20.79
C ALA H 341 13.01 45.15 -21.37
N SER H 342 12.65 45.88 -22.40
CA SER H 342 13.48 46.96 -22.91
C SER H 342 13.01 48.22 -22.22
N VAL H 343 13.69 48.60 -21.16
CA VAL H 343 13.26 49.72 -20.34
C VAL H 343 13.92 51.00 -20.84
N LEU H 344 13.10 52.00 -21.13
CA LEU H 344 13.59 53.32 -21.47
C LEU H 344 14.27 53.95 -20.27
N PRO H 345 15.19 54.89 -20.50
CA PRO H 345 15.95 55.47 -19.38
C PRO H 345 15.08 56.24 -18.39
N HIS H 346 15.62 56.38 -17.18
CA HIS H 346 15.04 57.12 -16.06
C HIS H 346 13.68 56.59 -15.63
N LYS H 347 13.39 55.32 -15.88
CA LYS H 347 12.16 54.69 -15.46
C LYS H 347 12.39 53.95 -14.16
N SER H 348 11.45 54.06 -13.24
CA SER H 348 11.45 53.23 -12.04
C SER H 348 10.37 52.17 -12.18
N ILE H 349 10.77 50.92 -11.98
CA ILE H 349 9.94 49.77 -12.29
C ILE H 349 9.39 49.20 -10.98
N GLY H 350 8.09 49.23 -10.83
CA GLY H 350 7.46 48.74 -9.62
C GLY H 350 6.62 47.51 -9.83
N GLU H 351 6.57 47.01 -11.06
CA GLU H 351 5.81 45.82 -11.40
C GLU H 351 6.66 44.91 -12.29
N SER H 352 6.40 43.61 -12.20
CA SER H 352 7.09 42.63 -13.02
C SER H 352 6.72 42.77 -14.50
N VAL H 353 7.62 42.28 -15.35
CA VAL H 353 7.43 42.22 -16.80
C VAL H 353 7.67 40.78 -17.25
N PRO H 354 6.64 39.94 -17.35
CA PRO H 354 6.89 38.52 -17.64
C PRO H 354 6.98 38.18 -19.12
N GLU H 355 6.71 39.12 -20.01
CA GLU H 355 6.83 38.89 -21.45
C GLU H 355 7.66 40.01 -22.05
N PRO H 356 8.35 39.75 -23.17
CA PRO H 356 9.22 40.78 -23.75
C PRO H 356 8.43 41.99 -24.27
N ARG H 357 8.73 43.14 -23.71
CA ARG H 357 7.93 44.34 -23.90
C ARG H 357 8.79 45.55 -23.62
N ILE H 358 8.72 46.55 -24.51
CA ILE H 358 9.31 47.84 -24.22
C ILE H 358 8.55 48.50 -23.09
N ILE H 359 9.26 48.95 -22.07
CA ILE H 359 8.65 49.44 -20.83
C ILE H 359 8.77 50.95 -20.83
N MET H 360 7.63 51.60 -21.01
CA MET H 360 7.56 53.05 -21.14
C MET H 360 6.14 53.54 -20.93
N MET I 1 1.45 85.52 0.15
CA MET I 1 1.79 84.18 0.60
C MET I 1 2.61 83.45 -0.45
N LYS I 2 2.85 82.15 -0.25
CA LYS I 2 3.79 81.42 -1.09
C LYS I 2 3.23 80.06 -1.46
N ALA I 3 3.77 79.52 -2.55
CA ALA I 3 3.31 78.25 -3.10
C ALA I 3 4.50 77.49 -3.65
N LEU I 4 4.74 76.30 -3.12
CA LEU I 4 5.73 75.37 -3.66
C LEU I 4 5.03 74.35 -4.55
N ILE I 5 5.52 74.20 -5.77
CA ILE I 5 4.96 73.28 -6.74
C ILE I 5 6.00 72.21 -7.02
N LEU I 6 5.60 70.96 -6.93
CA LEU I 6 6.49 69.84 -7.23
C LEU I 6 6.36 69.54 -8.71
N VAL I 7 7.25 70.16 -9.48
CA VAL I 7 7.31 70.00 -10.91
C VAL I 7 7.61 68.55 -11.15
N GLY I 8 8.63 68.06 -10.48
CA GLY I 8 9.04 66.67 -10.57
C GLY I 8 10.02 66.35 -11.67
N GLY I 9 10.44 65.10 -11.73
CA GLY I 9 11.39 64.69 -12.74
C GLY I 9 11.15 63.35 -13.40
N TYR I 10 11.53 63.30 -14.68
CA TYR I 10 11.50 62.16 -15.59
C TYR I 10 10.13 61.79 -16.15
N GLY I 11 9.10 62.52 -15.76
CA GLY I 11 7.76 62.28 -16.30
C GLY I 11 7.51 60.96 -16.99
N THR I 12 7.63 59.84 -16.27
CA THR I 12 7.83 58.56 -16.96
C THR I 12 6.54 57.98 -17.52
N ARG I 13 5.40 58.33 -16.96
CA ARG I 13 4.16 58.19 -17.69
C ARG I 13 3.95 59.49 -18.46
N LEU I 14 3.12 59.41 -19.52
CA LEU I 14 3.03 60.41 -20.60
C LEU I 14 4.35 60.52 -21.37
N ARG I 15 5.07 59.41 -21.44
CA ARG I 15 6.50 59.45 -21.76
C ARG I 15 6.88 59.87 -23.18
N PRO I 16 6.19 59.49 -24.28
CA PRO I 16 6.67 59.98 -25.59
C PRO I 16 6.52 61.48 -25.77
N LEU I 17 5.65 62.13 -25.00
CA LEU I 17 5.61 63.58 -24.94
C LEU I 17 6.73 64.12 -24.06
N THR I 18 6.85 63.60 -22.83
CA THR I 18 7.84 64.04 -21.87
C THR I 18 9.23 63.44 -22.12
N LEU I 19 9.49 62.96 -23.33
CA LEU I 19 10.85 62.62 -23.75
C LEU I 19 11.56 63.79 -24.39
N SER I 20 10.86 64.87 -24.68
CA SER I 20 11.44 66.03 -25.33
C SER I 20 11.30 67.30 -24.52
N THR I 21 10.10 67.65 -24.12
CA THR I 21 9.81 68.81 -23.29
C THR I 21 9.62 68.32 -21.85
N PRO I 22 9.75 69.21 -20.86
CA PRO I 22 9.38 68.83 -19.49
C PRO I 22 7.91 68.48 -19.38
N LYS I 23 7.59 67.65 -18.39
CA LYS I 23 6.19 67.37 -18.08
C LYS I 23 5.35 68.61 -17.72
N PRO I 24 5.84 69.62 -16.97
CA PRO I 24 5.00 70.81 -16.79
C PRO I 24 4.97 71.74 -17.99
N LEU I 25 5.82 71.52 -18.99
CA LEU I 25 5.78 72.31 -20.20
C LEU I 25 4.93 71.64 -21.28
N VAL I 26 4.24 70.55 -20.96
CA VAL I 26 3.35 69.90 -21.90
C VAL I 26 2.13 70.78 -22.14
N ASP I 27 1.87 71.10 -23.39
CA ASP I 27 0.82 72.04 -23.76
C ASP I 27 -0.55 71.39 -23.59
N PHE I 28 -1.29 71.81 -22.56
CA PHE I 28 -2.59 71.21 -22.23
C PHE I 28 -3.70 72.20 -22.51
N CYS I 29 -4.48 71.93 -23.56
CA CYS I 29 -5.58 72.76 -24.04
C CYS I 29 -5.09 74.17 -24.40
N ASN I 30 -4.09 74.19 -25.29
CA ASN I 30 -3.48 75.37 -25.89
C ASN I 30 -2.78 76.26 -24.86
N LYS I 31 -2.39 75.70 -23.72
CA LYS I 31 -1.69 76.40 -22.67
C LYS I 31 -0.79 75.36 -21.99
N PRO I 32 0.40 75.73 -21.53
CA PRO I 32 1.22 74.77 -20.81
C PRO I 32 0.60 74.41 -19.47
N ILE I 33 0.84 73.18 -19.04
CA ILE I 33 0.02 72.60 -17.98
C ILE I 33 0.33 73.20 -16.61
N LEU I 34 1.51 73.77 -16.42
CA LEU I 34 1.78 74.50 -15.19
C LEU I 34 1.31 75.94 -15.25
N LEU I 35 0.99 76.47 -16.45
CA LEU I 35 0.51 77.85 -16.57
C LEU I 35 -0.88 78.02 -15.99
N HIS I 36 -1.75 77.01 -16.13
CA HIS I 36 -3.04 76.98 -15.44
C HIS I 36 -2.85 77.08 -13.93
N GLN I 37 -1.88 76.34 -13.41
CA GLN I 37 -1.65 76.30 -11.97
C GLN I 37 -1.17 77.65 -11.46
N VAL I 38 -0.17 78.24 -12.12
CA VAL I 38 0.40 79.48 -11.61
C VAL I 38 -0.54 80.65 -11.83
N GLU I 39 -1.30 80.66 -12.93
CA GLU I 39 -2.27 81.73 -13.15
C GLU I 39 -3.44 81.62 -12.18
N ALA I 40 -3.81 80.41 -11.76
CA ALA I 40 -4.88 80.28 -10.78
C ALA I 40 -4.43 80.73 -9.40
N LEU I 41 -3.19 80.42 -9.00
CA LEU I 41 -2.74 80.93 -7.71
C LEU I 41 -2.39 82.42 -7.75
N ALA I 42 -2.09 82.96 -8.94
CA ALA I 42 -1.93 84.40 -9.08
C ALA I 42 -3.28 85.10 -8.96
N ALA I 43 -4.32 84.54 -9.60
CA ALA I 43 -5.66 85.08 -9.49
C ALA I 43 -6.21 84.92 -8.08
N ALA I 44 -5.69 83.96 -7.32
CA ALA I 44 -5.96 83.90 -5.89
C ALA I 44 -5.23 84.99 -5.12
N GLY I 45 -4.10 85.46 -5.63
CA GLY I 45 -3.32 86.49 -4.97
C GLY I 45 -2.11 86.02 -4.20
N VAL I 46 -1.53 84.88 -4.55
CA VAL I 46 -0.30 84.41 -3.92
C VAL I 46 0.84 85.30 -4.37
N ASP I 47 1.66 85.75 -3.40
CA ASP I 47 2.73 86.71 -3.68
C ASP I 47 3.77 86.13 -4.64
N HIS I 48 4.45 85.05 -4.24
CA HIS I 48 5.42 84.46 -5.15
C HIS I 48 5.34 82.93 -5.12
N VAL I 49 5.92 82.35 -6.17
CA VAL I 49 5.86 80.93 -6.47
C VAL I 49 7.26 80.36 -6.29
N ILE I 50 7.33 79.12 -5.82
CA ILE I 50 8.60 78.41 -5.72
C ILE I 50 8.45 77.11 -6.52
N LEU I 51 9.37 76.89 -7.45
CA LEU I 51 9.35 75.71 -8.27
C LEU I 51 10.37 74.72 -7.72
N ALA I 52 9.95 73.47 -7.54
CA ALA I 52 10.85 72.43 -7.04
C ALA I 52 11.19 71.50 -8.20
N VAL I 53 12.22 71.90 -8.96
CA VAL I 53 12.52 71.30 -10.26
C VAL I 53 13.84 70.55 -10.19
N SER I 54 13.83 69.28 -10.58
CA SER I 54 15.05 68.50 -10.67
C SER I 54 15.30 67.95 -12.05
N TYR I 55 14.50 68.30 -13.05
CA TYR I 55 14.59 67.71 -14.39
C TYR I 55 14.27 68.76 -15.43
N MET I 56 15.22 68.99 -16.34
CA MET I 56 15.05 69.83 -17.55
C MET I 56 14.66 71.27 -17.21
N SER I 57 15.44 71.89 -16.33
CA SER I 57 15.27 73.31 -16.01
C SER I 57 15.97 74.21 -17.02
N GLN I 58 16.65 73.63 -18.01
CA GLN I 58 17.44 74.39 -18.98
C GLN I 58 16.58 75.32 -19.84
N VAL I 59 15.33 74.94 -20.11
CA VAL I 59 14.43 75.75 -20.93
C VAL I 59 13.21 76.15 -20.10
N LEU I 60 12.90 75.35 -19.08
CA LEU I 60 11.86 75.71 -18.12
C LEU I 60 12.24 76.98 -17.35
N GLU I 61 13.52 77.09 -16.96
CA GLU I 61 14.03 78.28 -16.30
C GLU I 61 13.90 79.51 -17.19
N LYS I 62 14.21 79.35 -18.48
CA LYS I 62 14.08 80.42 -19.47
C LYS I 62 12.64 80.88 -19.61
N GLU I 63 11.74 79.91 -19.81
CA GLU I 63 10.31 80.20 -19.95
C GLU I 63 9.71 80.79 -18.69
N MET I 64 10.31 80.58 -17.52
CA MET I 64 9.69 81.17 -16.36
C MET I 64 10.33 82.47 -15.88
N LYS I 65 11.57 82.79 -16.29
CA LYS I 65 11.90 84.22 -16.35
C LYS I 65 11.02 84.94 -17.35
N ALA I 66 10.65 84.29 -18.45
CA ALA I 66 9.69 84.90 -19.37
C ALA I 66 8.30 85.05 -18.73
N GLN I 67 7.92 84.08 -17.89
CA GLN I 67 6.60 84.12 -17.27
C GLN I 67 6.52 85.12 -16.12
N GLU I 68 7.66 85.43 -15.49
CA GLU I 68 7.68 86.51 -14.51
C GLU I 68 7.36 87.88 -15.14
N GLN I 69 7.56 87.99 -16.45
CA GLN I 69 7.39 89.27 -17.13
C GLN I 69 5.92 89.55 -17.38
N ARG I 70 5.21 88.54 -17.91
CA ARG I 70 3.80 88.68 -18.24
C ARG I 70 2.91 88.46 -17.02
N LEU I 71 3.37 87.67 -16.05
CA LEU I 71 2.52 87.31 -14.93
C LEU I 71 2.43 88.43 -13.89
N GLY I 72 3.45 89.28 -13.82
CA GLY I 72 3.51 90.32 -12.81
C GLY I 72 3.91 89.86 -11.43
N ILE I 73 4.08 88.55 -11.23
CA ILE I 73 4.40 87.99 -9.91
C ILE I 73 5.74 87.28 -9.99
N ARG I 74 6.38 87.17 -8.83
CA ARG I 74 7.70 86.57 -8.74
C ARG I 74 7.58 85.05 -8.77
N ILE I 75 8.48 84.41 -9.50
CA ILE I 75 8.53 82.95 -9.55
C ILE I 75 9.96 82.52 -9.23
N SER I 76 10.11 81.66 -8.23
CA SER I 76 11.40 81.21 -7.74
C SER I 76 11.60 79.73 -8.05
N MET I 77 12.85 79.31 -7.96
CA MET I 77 13.26 77.99 -8.43
C MET I 77 14.11 77.32 -7.37
N SER I 78 13.75 76.10 -7.00
CA SER I 78 14.44 75.33 -5.97
C SER I 78 14.92 74.05 -6.64
N HIS I 79 16.15 74.11 -7.15
CA HIS I 79 16.72 73.02 -7.94
C HIS I 79 17.60 72.14 -7.07
N GLU I 80 17.65 70.85 -7.38
CA GLU I 80 18.54 69.95 -6.67
C GLU I 80 19.09 68.87 -7.60
N GLU I 81 20.26 68.35 -7.26
CA GLU I 81 20.97 67.42 -8.14
C GLU I 81 20.51 65.98 -7.95
N GLU I 82 20.37 65.55 -6.70
CA GLU I 82 19.92 64.18 -6.43
C GLU I 82 18.44 64.03 -6.74
N PRO I 83 18.00 62.82 -7.13
CA PRO I 83 16.56 62.55 -7.20
C PRO I 83 15.94 62.62 -5.82
N LEU I 84 15.06 63.60 -5.60
CA LEU I 84 14.78 64.08 -4.26
C LEU I 84 13.46 63.58 -3.69
N GLY I 85 12.56 63.08 -4.52
CA GLY I 85 11.39 62.40 -3.99
C GLY I 85 10.16 63.28 -3.86
N THR I 86 9.47 63.21 -2.73
CA THR I 86 8.27 64.00 -2.55
C THR I 86 8.36 64.97 -1.38
N ALA I 87 8.69 64.49 -0.19
CA ALA I 87 8.91 65.37 0.96
C ALA I 87 10.35 65.83 1.08
N GLY I 88 11.20 65.43 0.14
CA GLY I 88 12.48 66.05 -0.08
C GLY I 88 12.44 67.50 -0.54
N PRO I 89 11.75 67.79 -1.66
CA PRO I 89 11.73 69.18 -2.16
C PRO I 89 11.06 70.20 -1.24
N LEU I 90 10.23 69.77 -0.28
CA LEU I 90 9.76 70.72 0.72
C LEU I 90 10.83 71.03 1.74
N ALA I 91 11.63 70.02 2.11
CA ALA I 91 12.70 70.21 3.07
C ALA I 91 13.93 70.88 2.48
N LEU I 92 14.03 70.95 1.15
CA LEU I 92 15.04 71.83 0.55
C LEU I 92 14.71 73.28 0.82
N ALA I 93 13.43 73.64 0.72
CA ALA I 93 12.98 75.02 0.77
C ALA I 93 12.67 75.47 2.18
N ARG I 94 13.36 74.90 3.17
CA ARG I 94 13.00 75.06 4.58
C ARG I 94 13.19 76.49 5.06
N ASP I 95 14.35 77.09 4.79
CA ASP I 95 14.56 78.44 5.28
C ASP I 95 13.96 79.52 4.38
N LEU I 96 13.33 79.14 3.27
CA LEU I 96 12.64 80.10 2.41
C LEU I 96 11.14 80.15 2.65
N LEU I 97 10.56 79.03 3.08
CA LEU I 97 9.14 78.97 3.39
C LEU I 97 8.87 79.12 4.88
N SER I 98 9.91 79.26 5.70
CA SER I 98 9.79 79.51 7.13
C SER I 98 10.47 80.81 7.54
N GLU I 99 10.76 81.69 6.59
CA GLU I 99 11.15 83.06 6.92
C GLU I 99 9.96 83.84 7.48
N THR I 100 8.75 83.44 7.12
CA THR I 100 7.51 84.03 7.58
C THR I 100 6.78 83.04 8.49
N ALA I 101 5.83 83.57 9.25
CA ALA I 101 4.82 82.74 9.90
C ALA I 101 3.58 82.86 9.04
N ASP I 102 3.53 82.03 8.00
CA ASP I 102 2.59 82.15 6.91
C ASP I 102 2.31 80.77 6.34
N PRO I 103 1.04 80.37 6.24
CA PRO I 103 0.72 79.10 5.56
C PRO I 103 0.99 79.18 4.07
N PHE I 104 1.34 78.03 3.49
CA PHE I 104 1.82 77.99 2.13
C PHE I 104 1.13 76.88 1.36
N PHE I 105 0.88 77.12 0.08
CA PHE I 105 0.32 76.13 -0.83
C PHE I 105 1.40 75.16 -1.28
N VAL I 106 1.03 73.88 -1.40
CA VAL I 106 1.87 72.85 -2.00
C VAL I 106 1.05 72.18 -3.09
N LEU I 107 1.65 71.96 -4.25
CA LEU I 107 0.86 71.54 -5.41
C LEU I 107 1.56 70.48 -6.25
N ASN I 108 0.88 69.36 -6.47
CA ASN I 108 1.26 68.46 -7.57
C ASN I 108 1.03 69.17 -8.89
N SER I 109 2.05 69.19 -9.73
CA SER I 109 2.01 69.95 -10.98
C SER I 109 1.19 69.28 -12.07
N ASP I 110 0.66 68.08 -11.84
CA ASP I 110 -0.07 67.36 -12.86
C ASP I 110 -1.57 67.33 -12.65
N VAL I 111 -2.08 67.82 -11.55
CA VAL I 111 -3.53 67.79 -11.32
C VAL I 111 -4.19 68.96 -12.02
N ILE I 112 -5.48 68.84 -12.28
CA ILE I 112 -6.22 69.83 -13.05
C ILE I 112 -7.59 70.05 -12.41
N CYS I 113 -7.97 71.33 -12.27
CA CYS I 113 -9.22 71.69 -11.62
C CYS I 113 -9.59 73.13 -11.96
N ASP I 114 -10.68 73.60 -11.36
CA ASP I 114 -10.97 75.02 -11.19
C ASP I 114 -10.72 75.35 -9.73
N PHE I 115 -9.45 75.62 -9.43
CA PHE I 115 -8.85 75.47 -8.11
C PHE I 115 -9.46 76.38 -7.06
N PRO I 116 -10.11 75.83 -6.04
CA PRO I 116 -10.68 76.66 -4.97
C PRO I 116 -9.61 77.08 -3.97
N PHE I 117 -8.78 78.04 -4.36
CA PHE I 117 -7.75 78.52 -3.44
C PHE I 117 -8.34 79.41 -2.35
N GLN I 118 -9.41 80.12 -2.67
CA GLN I 118 -10.06 80.99 -1.70
C GLN I 118 -10.71 80.20 -0.58
N ALA I 119 -11.50 79.18 -0.95
CA ALA I 119 -12.09 78.32 0.07
C ALA I 119 -11.02 77.48 0.77
N MET I 120 -9.90 77.19 0.10
CA MET I 120 -8.76 76.52 0.72
C MET I 120 -8.22 77.30 1.90
N VAL I 121 -7.86 78.56 1.66
CA VAL I 121 -7.28 79.35 2.74
C VAL I 121 -8.35 79.73 3.77
N GLN I 122 -9.62 79.87 3.36
CA GLN I 122 -10.69 80.14 4.31
C GLN I 122 -10.89 78.98 5.28
N PHE I 123 -10.94 77.76 4.74
CA PHE I 123 -11.09 76.56 5.56
C PHE I 123 -9.87 76.35 6.46
N HIS I 124 -8.66 76.59 5.94
CA HIS I 124 -7.46 76.39 6.75
C HIS I 124 -7.36 77.41 7.88
N ARG I 125 -7.65 78.69 7.59
CA ARG I 125 -7.67 79.69 8.65
C ARG I 125 -8.83 79.51 9.60
N HIS I 126 -9.87 78.77 9.20
CA HIS I 126 -10.93 78.41 10.13
C HIS I 126 -10.48 77.35 11.12
N HIS I 127 -10.01 76.19 10.63
CA HIS I 127 -9.73 75.11 11.58
C HIS I 127 -8.46 75.33 12.39
N GLY I 128 -7.61 76.27 12.00
CA GLY I 128 -6.45 76.65 12.79
C GLY I 128 -5.32 75.65 12.84
N GLN I 129 -5.45 74.49 12.21
CA GLN I 129 -4.51 73.41 12.40
C GLN I 129 -3.30 73.60 11.50
N GLU I 130 -2.48 72.57 11.39
CA GLU I 130 -1.21 72.68 10.68
C GLU I 130 -1.19 71.96 9.34
N GLY I 131 -2.24 71.26 8.98
CA GLY I 131 -2.35 70.66 7.67
C GLY I 131 -3.76 70.67 7.12
N SER I 132 -3.94 71.17 5.91
CA SER I 132 -5.22 71.12 5.22
C SER I 132 -4.98 70.60 3.82
N ILE I 133 -5.80 69.65 3.40
CA ILE I 133 -5.67 69.04 2.09
C ILE I 133 -6.98 69.23 1.34
N LEU I 134 -6.88 69.13 0.02
CA LEU I 134 -8.07 69.08 -0.82
C LEU I 134 -8.32 67.64 -1.22
N VAL I 135 -9.52 67.11 -0.95
CA VAL I 135 -9.86 65.75 -1.34
C VAL I 135 -11.04 65.77 -2.31
N THR I 136 -11.12 64.73 -3.14
CA THR I 136 -12.19 64.59 -4.12
C THR I 136 -12.67 63.15 -4.16
N LYS I 137 -13.79 62.92 -4.84
CA LYS I 137 -14.45 61.62 -4.86
C LYS I 137 -14.20 60.96 -6.22
N VAL I 138 -13.33 59.97 -6.24
CA VAL I 138 -13.01 59.23 -7.45
C VAL I 138 -13.69 57.87 -7.34
N GLU I 139 -13.81 57.21 -8.50
CA GLU I 139 -14.41 55.88 -8.59
C GLU I 139 -13.40 54.76 -8.71
N GLU I 140 -12.12 55.06 -8.52
CA GLU I 140 -11.06 54.04 -8.44
C GLU I 140 -10.09 54.45 -7.34
N PRO I 141 -10.51 54.30 -6.07
CA PRO I 141 -9.70 54.87 -4.98
C PRO I 141 -8.37 54.18 -4.73
N SER I 142 -8.15 52.96 -5.23
CA SER I 142 -6.89 52.29 -4.96
C SER I 142 -5.74 52.81 -5.79
N LYS I 143 -5.99 53.65 -6.80
CA LYS I 143 -4.92 54.24 -7.58
C LYS I 143 -4.27 55.43 -6.88
N TYR I 144 -4.94 56.01 -5.89
CA TYR I 144 -4.56 57.29 -5.30
C TYR I 144 -4.54 57.17 -3.79
N GLY I 145 -4.11 58.25 -3.14
CA GLY I 145 -4.04 58.31 -1.69
C GLY I 145 -5.35 58.64 -1.01
N VAL I 146 -5.86 57.75 -0.16
CA VAL I 146 -7.22 57.91 0.35
C VAL I 146 -7.20 58.38 1.78
N VAL I 147 -8.28 59.07 2.16
CA VAL I 147 -8.46 59.62 3.50
C VAL I 147 -9.80 59.16 4.03
N VAL I 148 -9.95 59.23 5.34
CA VAL I 148 -11.25 59.22 6.00
C VAL I 148 -11.40 60.51 6.78
N CYS I 149 -12.51 61.21 6.56
CA CYS I 149 -12.83 62.41 7.33
C CYS I 149 -14.33 62.47 7.53
N GLU I 150 -14.75 63.10 8.62
CA GLU I 150 -16.18 63.32 8.80
C GLU I 150 -16.64 64.48 7.92
N ALA I 151 -17.96 64.65 7.89
CA ALA I 151 -18.60 65.45 6.85
C ALA I 151 -18.38 66.94 7.05
N ASP I 152 -18.60 67.44 8.26
CA ASP I 152 -18.75 68.87 8.46
C ASP I 152 -17.49 69.52 9.01
N THR I 153 -16.86 68.93 10.03
CA THR I 153 -15.56 69.42 10.47
C THR I 153 -14.47 69.05 9.47
N GLY I 154 -14.22 67.76 9.30
CA GLY I 154 -13.35 67.29 8.23
C GLY I 154 -11.96 66.85 8.63
N ARG I 155 -11.75 66.41 9.88
CA ARG I 155 -10.44 65.98 10.33
C ARG I 155 -10.11 64.60 9.76
N ILE I 156 -8.89 64.44 9.26
CA ILE I 156 -8.46 63.18 8.67
C ILE I 156 -8.28 62.16 9.79
N HIS I 157 -9.13 61.14 9.79
CA HIS I 157 -8.97 60.02 10.70
C HIS I 157 -7.82 59.13 10.25
N ARG I 158 -7.81 58.73 8.98
CA ARG I 158 -6.77 57.89 8.43
C ARG I 158 -6.35 58.40 7.06
N PHE I 159 -5.05 58.27 6.78
CA PHE I 159 -4.48 58.53 5.47
C PHE I 159 -3.70 57.27 5.07
N VAL I 160 -4.03 56.71 3.91
CA VAL I 160 -3.31 55.55 3.41
C VAL I 160 -3.15 55.69 1.90
N GLU I 161 -1.92 55.64 1.41
CA GLU I 161 -1.66 56.14 0.06
C GLU I 161 -2.05 55.13 -1.02
N LYS I 162 -2.04 53.82 -0.73
CA LYS I 162 -2.64 52.79 -1.58
C LYS I 162 -3.21 51.73 -0.65
N PRO I 163 -4.50 51.80 -0.30
CA PRO I 163 -5.02 50.91 0.75
C PRO I 163 -5.16 49.46 0.33
N GLN I 164 -5.56 49.20 -0.93
CA GLN I 164 -5.91 47.88 -1.46
C GLN I 164 -7.00 47.17 -0.65
N VAL I 165 -7.88 47.92 0.04
CA VAL I 165 -8.89 47.29 0.87
C VAL I 165 -10.28 47.86 0.65
N PHE I 166 -10.35 49.12 0.18
CA PHE I 166 -11.48 50.05 0.35
C PHE I 166 -11.72 50.34 1.84
N VAL I 167 -10.83 51.18 2.37
CA VAL I 167 -11.16 51.90 3.58
C VAL I 167 -12.17 53.01 3.30
N SER I 168 -12.08 53.68 2.13
CA SER I 168 -12.92 54.83 1.84
C SER I 168 -12.96 55.11 0.34
N ASN I 169 -13.66 56.20 -0.01
CA ASN I 169 -13.91 56.61 -1.39
C ASN I 169 -13.45 58.04 -1.68
N LYS I 170 -12.88 58.75 -0.70
CA LYS I 170 -12.27 60.05 -0.90
C LYS I 170 -10.79 59.89 -1.16
N ILE I 171 -10.23 60.72 -2.03
CA ILE I 171 -8.82 60.63 -2.40
C ILE I 171 -8.17 62.00 -2.37
N ASN I 172 -6.84 61.98 -2.23
CA ASN I 172 -6.00 63.16 -2.39
C ASN I 172 -6.15 63.74 -3.78
N ALA I 173 -6.59 64.99 -3.85
CA ALA I 173 -6.73 65.67 -5.12
C ALA I 173 -5.45 66.38 -5.56
N GLY I 174 -4.46 66.47 -4.68
CA GLY I 174 -3.14 66.90 -5.06
C GLY I 174 -2.77 68.34 -4.78
N MET I 175 -3.41 68.99 -3.80
CA MET I 175 -2.95 70.29 -3.37
C MET I 175 -3.32 70.53 -1.91
N TYR I 176 -2.41 71.18 -1.20
CA TYR I 176 -2.44 71.29 0.25
C TYR I 176 -2.14 72.72 0.66
N ILE I 177 -2.64 73.11 1.82
CA ILE I 177 -2.10 74.21 2.60
C ILE I 177 -1.39 73.60 3.81
N LEU I 178 -0.14 73.98 4.02
CA LEU I 178 0.56 73.58 5.23
C LEU I 178 0.92 74.82 6.05
N SER I 179 0.91 74.65 7.38
CA SER I 179 1.45 75.68 8.27
C SER I 179 2.95 75.43 8.47
N PRO I 180 3.77 76.45 8.84
CA PRO I 180 5.22 76.22 8.88
C PRO I 180 5.73 75.40 10.07
N ALA I 181 4.84 74.83 10.86
CA ALA I 181 5.26 74.03 12.01
C ALA I 181 5.51 72.57 11.66
N VAL I 182 4.98 72.07 10.55
CA VAL I 182 5.40 70.78 10.00
C VAL I 182 6.50 70.95 8.97
N LEU I 183 6.94 72.17 8.72
CA LEU I 183 7.78 72.45 7.56
C LEU I 183 9.22 71.99 7.79
N GLN I 184 9.75 72.19 8.99
CA GLN I 184 11.11 71.77 9.29
C GLN I 184 11.18 70.35 9.80
N ARG I 185 10.03 69.71 9.99
CA ARG I 185 9.97 68.37 10.59
C ARG I 185 10.60 67.33 9.68
N ILE I 186 10.28 67.38 8.39
CA ILE I 186 10.84 66.43 7.44
C ILE I 186 12.29 66.78 7.17
N GLN I 187 13.18 65.79 7.31
CA GLN I 187 14.58 65.96 7.05
C GLN I 187 14.83 66.09 5.54
N LEU I 188 16.04 66.55 5.20
CA LEU I 188 16.30 67.01 3.83
C LEU I 188 16.44 65.86 2.84
N GLN I 189 17.10 64.78 3.26
CA GLN I 189 17.33 63.58 2.45
C GLN I 189 16.01 62.97 1.97
N PRO I 190 16.00 62.23 0.85
CA PRO I 190 14.72 61.97 0.14
C PRO I 190 13.77 61.06 0.90
N THR I 191 12.61 61.61 1.27
CA THR I 191 11.44 60.88 1.75
C THR I 191 10.21 61.30 0.94
N SER I 192 9.01 60.89 1.37
CA SER I 192 7.78 61.25 0.70
C SER I 192 6.71 61.67 1.71
N ILE I 193 5.94 62.70 1.37
CA ILE I 193 5.05 63.32 2.35
C ILE I 193 3.79 62.48 2.53
N GLU I 194 3.26 61.95 1.43
CA GLU I 194 2.10 61.08 1.48
C GLU I 194 2.39 59.73 2.14
N LYS I 195 3.67 59.34 2.23
CA LYS I 195 4.05 58.09 2.86
C LYS I 195 4.67 58.31 4.25
N GLU I 196 5.64 59.21 4.37
CA GLU I 196 6.39 59.37 5.62
C GLU I 196 5.94 60.55 6.47
N VAL I 197 4.94 61.33 6.05
CA VAL I 197 4.58 62.53 6.80
C VAL I 197 3.09 62.61 7.11
N PHE I 198 2.24 62.44 6.09
CA PHE I 198 0.81 62.66 6.26
C PHE I 198 0.15 61.66 7.20
N PRO I 199 0.60 60.41 7.29
CA PRO I 199 -0.03 59.46 8.25
C PRO I 199 0.22 59.84 9.70
N ILE I 200 1.36 60.46 10.01
CA ILE I 200 1.67 60.83 11.39
C ILE I 200 0.77 61.99 11.83
N MET I 201 0.61 63.00 10.98
CA MET I 201 -0.26 64.11 11.32
C MET I 201 -1.72 63.68 11.33
N ALA I 202 -2.08 62.69 10.51
CA ALA I 202 -3.45 62.20 10.55
C ALA I 202 -3.70 61.33 11.78
N LYS I 203 -2.61 60.80 12.33
CA LYS I 203 -2.68 60.06 13.56
C LYS I 203 -3.01 61.13 14.60
N GLU I 204 -2.24 62.22 14.59
CA GLU I 204 -2.44 63.31 15.53
C GLU I 204 -3.81 63.96 15.36
N GLY I 205 -4.36 63.93 14.15
CA GLY I 205 -5.57 64.69 13.86
C GLY I 205 -5.29 66.09 13.39
N GLN I 206 -4.16 66.32 12.74
CA GLN I 206 -3.79 67.66 12.31
C GLN I 206 -4.26 68.00 10.90
N LEU I 207 -4.47 67.00 10.06
CA LEU I 207 -4.89 67.27 8.69
C LEU I 207 -6.39 67.48 8.63
N TYR I 208 -6.82 68.24 7.62
CA TYR I 208 -8.23 68.59 7.47
C TYR I 208 -8.59 68.63 6.00
N ALA I 209 -9.61 67.88 5.60
CA ALA I 209 -9.99 67.75 4.20
C ALA I 209 -11.06 68.75 3.83
N MET I 210 -10.92 69.34 2.65
CA MET I 210 -11.98 70.15 2.06
C MET I 210 -12.33 69.54 0.71
N GLU I 211 -13.63 69.36 0.48
CA GLU I 211 -14.09 68.56 -0.66
C GLU I 211 -14.20 69.41 -1.91
N LEU I 212 -13.82 68.82 -3.03
CA LEU I 212 -13.80 69.52 -4.29
C LEU I 212 -15.21 69.73 -4.84
N GLN I 213 -15.32 70.66 -5.77
CA GLN I 213 -16.60 70.96 -6.38
C GLN I 213 -16.68 70.48 -7.82
N GLY I 214 -15.87 69.49 -8.18
CA GLY I 214 -15.99 68.81 -9.46
C GLY I 214 -14.81 69.10 -10.36
N PHE I 215 -14.71 68.26 -11.41
CA PHE I 215 -13.73 68.38 -12.49
C PHE I 215 -12.31 68.32 -11.93
N TRP I 216 -11.96 67.13 -11.49
CA TRP I 216 -10.60 66.82 -11.07
C TRP I 216 -10.01 65.75 -12.00
N MET I 217 -8.76 65.94 -12.40
CA MET I 217 -8.06 64.88 -13.12
C MET I 217 -6.55 65.01 -12.94
N ASP I 218 -5.94 63.95 -12.42
CA ASP I 218 -4.50 63.72 -12.63
C ASP I 218 -4.29 63.34 -14.09
N ILE I 219 -3.43 64.07 -14.78
CA ILE I 219 -3.26 63.84 -16.22
C ILE I 219 -1.86 63.33 -16.53
N GLY I 220 -1.24 62.62 -15.58
CA GLY I 220 0.09 62.09 -15.77
C GLY I 220 0.21 60.97 -16.79
N GLN I 221 -0.90 60.36 -17.16
CA GLN I 221 -0.97 59.33 -18.19
C GLN I 221 -1.68 59.87 -19.42
N PRO I 222 -1.42 59.31 -20.61
CA PRO I 222 -2.07 59.84 -21.83
C PRO I 222 -3.58 59.61 -21.89
N LYS I 223 -4.10 58.50 -21.37
CA LYS I 223 -5.54 58.32 -21.39
C LYS I 223 -6.23 59.23 -20.38
N ASP I 224 -5.59 59.47 -19.23
CA ASP I 224 -6.12 60.44 -18.28
C ASP I 224 -5.87 61.86 -18.74
N PHE I 225 -4.83 62.07 -19.55
CA PHE I 225 -4.67 63.34 -20.27
C PHE I 225 -5.88 63.61 -21.16
N LEU I 226 -6.36 62.59 -21.86
CA LEU I 226 -7.49 62.78 -22.78
C LEU I 226 -8.80 63.00 -22.02
N THR I 227 -9.03 62.25 -20.94
CA THR I 227 -10.25 62.50 -20.17
C THR I 227 -10.20 63.84 -19.43
N GLY I 228 -9.05 64.24 -18.90
CA GLY I 228 -8.94 65.56 -18.30
C GLY I 228 -9.08 66.67 -19.32
N MET I 229 -8.66 66.43 -20.56
CA MET I 229 -8.86 67.39 -21.62
C MET I 229 -10.34 67.56 -21.94
N CYS I 230 -11.08 66.44 -22.00
CA CYS I 230 -12.51 66.56 -22.29
C CYS I 230 -13.27 67.18 -21.12
N LEU I 231 -12.83 66.91 -19.89
CA LEU I 231 -13.43 67.54 -18.71
C LEU I 231 -13.16 69.04 -18.69
N PHE I 232 -11.94 69.46 -19.05
CA PHE I 232 -11.62 70.90 -19.12
C PHE I 232 -12.42 71.58 -20.21
N LEU I 233 -12.60 70.92 -21.36
CA LEU I 233 -13.41 71.51 -22.42
C LEU I 233 -14.88 71.62 -22.02
N GLN I 234 -15.40 70.63 -21.29
CA GLN I 234 -16.78 70.70 -20.85
C GLN I 234 -17.00 71.79 -19.82
N SER I 235 -16.08 71.93 -18.86
CA SER I 235 -16.22 73.01 -17.88
C SER I 235 -16.01 74.38 -18.51
N LEU I 236 -15.20 74.47 -19.56
CA LEU I 236 -15.06 75.74 -20.26
C LEU I 236 -16.31 76.07 -21.08
N ARG I 237 -16.90 75.06 -21.74
CA ARG I 237 -18.14 75.28 -22.49
C ARG I 237 -19.28 75.67 -21.57
N GLN I 238 -19.29 75.12 -20.36
CA GLN I 238 -20.21 75.59 -19.32
C GLN I 238 -19.93 77.03 -18.94
N LYS I 239 -18.69 77.35 -18.58
CA LYS I 239 -18.41 78.66 -17.98
C LYS I 239 -18.22 79.75 -19.05
N GLN I 240 -17.21 79.60 -19.91
CA GLN I 240 -16.83 80.63 -20.88
C GLN I 240 -16.95 80.05 -22.29
N PRO I 241 -18.15 80.05 -22.88
CA PRO I 241 -18.37 79.31 -24.13
C PRO I 241 -17.71 79.93 -25.34
N GLU I 242 -17.09 81.10 -25.25
CA GLU I 242 -16.65 81.78 -26.46
C GLU I 242 -15.18 81.59 -26.76
N ARG I 243 -14.40 81.04 -25.82
CA ARG I 243 -13.12 80.44 -26.20
C ARG I 243 -13.36 79.13 -26.94
N LEU I 244 -14.47 78.46 -26.67
CA LEU I 244 -14.90 77.33 -27.47
C LEU I 244 -15.34 77.82 -28.85
N CYS I 245 -15.19 76.97 -29.85
CA CYS I 245 -15.37 77.38 -31.23
C CYS I 245 -16.63 76.77 -31.81
N SER I 246 -17.46 77.61 -32.41
CA SER I 246 -18.65 77.18 -33.12
C SER I 246 -18.39 77.24 -34.62
N GLY I 247 -19.05 76.35 -35.35
CA GLY I 247 -18.94 76.31 -36.78
C GLY I 247 -19.93 75.32 -37.37
N PRO I 248 -20.00 75.26 -38.70
CA PRO I 248 -20.86 74.23 -39.31
C PRO I 248 -20.28 72.83 -39.23
N GLY I 249 -18.98 72.68 -39.47
CA GLY I 249 -18.34 71.39 -39.37
C GLY I 249 -17.60 71.20 -38.07
N ILE I 250 -18.16 71.69 -36.98
CA ILE I 250 -17.57 71.59 -35.64
C ILE I 250 -18.61 70.97 -34.71
N VAL I 251 -18.33 69.78 -34.20
CA VAL I 251 -19.23 69.03 -33.32
C VAL I 251 -18.67 69.05 -31.91
N GLY I 252 -19.52 69.35 -30.93
CA GLY I 252 -19.12 69.29 -29.54
C GLY I 252 -18.22 70.45 -29.13
N ASN I 253 -17.49 70.23 -28.04
CA ASN I 253 -16.59 71.23 -27.49
C ASN I 253 -15.26 71.16 -28.24
N VAL I 254 -14.94 72.19 -29.01
CA VAL I 254 -13.72 72.24 -29.79
C VAL I 254 -13.00 73.54 -29.50
N LEU I 255 -11.83 73.45 -28.88
CA LEU I 255 -10.94 74.59 -28.64
C LEU I 255 -9.94 74.67 -29.79
N VAL I 256 -9.96 75.77 -30.52
CA VAL I 256 -9.06 76.00 -31.64
C VAL I 256 -8.28 77.27 -31.35
N ASP I 257 -6.96 77.17 -31.35
CA ASP I 257 -6.12 78.35 -31.24
C ASP I 257 -6.28 79.20 -32.49
N PRO I 258 -6.36 80.53 -32.36
CA PRO I 258 -6.61 81.39 -33.54
C PRO I 258 -5.48 81.38 -34.56
N SER I 259 -4.28 80.90 -34.19
CA SER I 259 -3.22 80.74 -35.16
C SER I 259 -3.39 79.49 -36.02
N ALA I 260 -4.34 78.63 -35.70
CA ALA I 260 -4.52 77.37 -36.42
C ALA I 260 -5.62 77.48 -37.46
N ARG I 261 -5.52 76.65 -38.49
CA ARG I 261 -6.50 76.65 -39.57
C ARG I 261 -7.06 75.25 -39.77
N ILE I 262 -8.37 75.17 -39.91
CA ILE I 262 -9.08 73.97 -40.30
C ILE I 262 -9.62 74.21 -41.70
N GLY I 263 -9.28 73.34 -42.62
CA GLY I 263 -9.79 73.44 -43.97
C GLY I 263 -11.28 73.14 -44.04
N GLN I 264 -11.82 73.28 -45.24
CA GLN I 264 -13.21 72.93 -45.45
C GLN I 264 -13.35 71.43 -45.65
N ASN I 265 -14.62 70.98 -45.75
CA ASN I 265 -15.00 69.62 -46.14
C ASN I 265 -14.58 68.57 -45.11
N CYS I 266 -14.65 68.89 -43.82
CA CYS I 266 -14.20 67.92 -42.83
C CYS I 266 -14.92 68.13 -41.50
N SER I 267 -15.02 67.05 -40.73
CA SER I 267 -15.62 67.03 -39.41
C SER I 267 -14.55 67.08 -38.34
N ILE I 268 -14.74 67.91 -37.32
CA ILE I 268 -13.82 67.98 -36.20
C ILE I 268 -14.62 67.66 -34.94
N GLY I 269 -14.67 66.38 -34.58
CA GLY I 269 -15.61 65.88 -33.61
C GLY I 269 -15.32 66.32 -32.20
N PRO I 270 -16.13 65.83 -31.26
CA PRO I 270 -16.15 66.42 -29.92
C PRO I 270 -14.88 66.17 -29.13
N ASN I 271 -14.60 67.14 -28.24
CA ASN I 271 -13.48 67.12 -27.29
C ASN I 271 -12.13 67.04 -27.98
N VAL I 272 -11.89 68.00 -28.87
CA VAL I 272 -10.58 68.13 -29.49
C VAL I 272 -10.00 69.49 -29.17
N SER I 273 -8.67 69.55 -29.15
CA SER I 273 -7.93 70.75 -28.79
C SER I 273 -6.79 70.90 -29.78
N LEU I 274 -6.93 71.82 -30.72
CA LEU I 274 -5.91 72.05 -31.73
C LEU I 274 -5.06 73.23 -31.28
N GLY I 275 -3.74 73.03 -31.26
CA GLY I 275 -2.82 74.02 -30.79
C GLY I 275 -2.61 75.17 -31.76
N PRO I 276 -1.55 75.95 -31.56
CA PRO I 276 -1.27 77.06 -32.47
C PRO I 276 -0.43 76.63 -33.66
N GLY I 277 -0.73 77.21 -34.82
CA GLY I 277 -0.02 76.84 -36.01
C GLY I 277 -0.34 75.47 -36.54
N VAL I 278 -1.40 74.83 -36.03
CA VAL I 278 -1.86 73.55 -36.53
C VAL I 278 -2.54 73.78 -37.86
N VAL I 279 -2.21 72.96 -38.85
CA VAL I 279 -2.90 72.96 -40.13
C VAL I 279 -3.62 71.63 -40.29
N VAL I 280 -4.91 71.70 -40.62
CA VAL I 280 -5.74 70.53 -40.84
C VAL I 280 -6.22 70.59 -42.29
N GLU I 281 -5.88 69.58 -43.08
CA GLU I 281 -6.20 69.61 -44.50
C GLU I 281 -7.66 69.28 -44.73
N ASP I 282 -8.05 69.13 -46.00
CA ASP I 282 -9.45 68.93 -46.36
C ASP I 282 -9.78 67.45 -46.30
N GLY I 283 -10.68 67.08 -45.40
CA GLY I 283 -11.13 65.70 -45.28
C GLY I 283 -10.76 64.99 -44.00
N VAL I 284 -10.29 65.71 -42.99
CA VAL I 284 -9.75 65.09 -41.78
C VAL I 284 -10.83 65.03 -40.72
N CYS I 285 -11.11 63.84 -40.22
CA CYS I 285 -11.99 63.65 -39.08
C CYS I 285 -11.15 63.55 -37.82
N ILE I 286 -11.31 64.49 -36.90
CA ILE I 286 -10.61 64.50 -35.63
C ILE I 286 -11.66 64.53 -34.53
N ARG I 287 -11.82 63.43 -33.82
CA ARG I 287 -12.63 63.39 -32.62
C ARG I 287 -11.75 63.02 -31.45
N ARG I 288 -12.11 63.53 -30.27
CA ARG I 288 -11.56 63.14 -28.95
C ARG I 288 -10.03 63.20 -28.87
N CYS I 289 -9.37 63.99 -29.71
CA CYS I 289 -7.91 64.04 -29.75
C CYS I 289 -7.41 65.34 -29.12
N THR I 290 -6.10 65.53 -29.21
CA THR I 290 -5.47 66.81 -28.90
C THR I 290 -4.23 66.92 -29.75
N VAL I 291 -4.20 67.95 -30.60
CA VAL I 291 -3.13 68.16 -31.54
C VAL I 291 -2.26 69.29 -31.01
N LEU I 292 -0.94 69.09 -31.00
CA LEU I 292 -0.03 70.04 -30.40
C LEU I 292 0.62 70.89 -31.49
N ARG I 293 1.52 71.78 -31.06
CA ARG I 293 1.86 72.99 -31.80
C ARG I 293 2.63 72.69 -33.09
N ASP I 294 2.28 73.41 -34.16
CA ASP I 294 2.86 73.34 -35.50
C ASP I 294 2.65 72.01 -36.20
N ALA I 295 1.74 71.17 -35.72
CA ALA I 295 1.53 69.88 -36.34
C ALA I 295 0.73 70.03 -37.63
N ARG I 296 0.99 69.13 -38.58
CA ARG I 296 0.29 69.09 -39.84
C ARG I 296 -0.41 67.74 -39.97
N ILE I 297 -1.70 67.77 -40.29
CA ILE I 297 -2.47 66.55 -40.56
C ILE I 297 -2.98 66.66 -41.97
N ARG I 298 -2.46 65.81 -42.85
CA ARG I 298 -2.82 65.91 -44.25
C ARG I 298 -4.19 65.29 -44.49
N SER I 299 -4.62 65.30 -45.75
CA SER I 299 -6.02 65.15 -46.11
C SER I 299 -6.52 63.74 -45.83
N HIS I 300 -7.85 63.63 -45.68
CA HIS I 300 -8.57 62.35 -45.72
C HIS I 300 -8.18 61.38 -44.62
N SER I 301 -7.71 61.86 -43.48
CA SER I 301 -7.27 60.98 -42.41
C SER I 301 -8.24 60.99 -41.24
N TRP I 302 -8.28 59.90 -40.49
CA TRP I 302 -9.24 59.73 -39.40
C TRP I 302 -8.48 59.57 -38.10
N LEU I 303 -9.01 60.18 -37.02
CA LEU I 303 -8.26 60.28 -35.78
C LEU I 303 -9.25 60.29 -34.62
N GLU I 304 -9.13 59.32 -33.72
CA GLU I 304 -9.92 59.32 -32.49
C GLU I 304 -9.02 58.97 -31.33
N SER I 305 -9.11 59.74 -30.25
CA SER I 305 -8.44 59.47 -28.98
C SER I 305 -6.93 59.39 -29.18
N CYS I 306 -6.33 60.53 -29.50
CA CYS I 306 -4.94 60.54 -29.91
C CYS I 306 -4.28 61.81 -29.41
N ILE I 307 -2.96 61.75 -29.27
CA ILE I 307 -2.16 62.94 -29.01
C ILE I 307 -1.17 63.08 -30.15
N VAL I 308 -1.29 64.14 -30.93
CA VAL I 308 -0.38 64.42 -32.03
C VAL I 308 0.62 65.46 -31.55
N GLY I 309 1.90 65.10 -31.58
CA GLY I 309 2.93 65.91 -30.97
C GLY I 309 3.27 67.16 -31.76
N TRP I 310 4.25 67.88 -31.24
CA TRP I 310 4.69 69.10 -31.89
C TRP I 310 5.44 68.79 -33.17
N ARG I 311 5.16 69.59 -34.21
CA ARG I 311 5.84 69.48 -35.52
C ARG I 311 5.68 68.10 -36.14
N CYS I 312 4.49 67.52 -36.01
CA CYS I 312 4.21 66.18 -36.49
C CYS I 312 3.55 66.23 -37.86
N ARG I 313 3.82 65.23 -38.67
CA ARG I 313 3.20 65.11 -39.97
C ARG I 313 2.45 63.79 -40.05
N VAL I 314 1.16 63.87 -40.35
CA VAL I 314 0.31 62.71 -40.54
C VAL I 314 -0.12 62.71 -41.99
N GLY I 315 0.16 61.61 -42.70
CA GLY I 315 -0.08 61.55 -44.12
C GLY I 315 -1.55 61.47 -44.48
N GLN I 316 -1.79 61.26 -45.76
CA GLN I 316 -3.15 61.08 -46.23
C GLN I 316 -3.65 59.69 -45.91
N TRP I 317 -4.95 59.58 -45.63
CA TRP I 317 -5.66 58.32 -45.42
C TRP I 317 -5.11 57.53 -44.24
N VAL I 318 -4.71 58.24 -43.19
CA VAL I 318 -4.14 57.64 -42.00
C VAL I 318 -5.24 57.49 -40.96
N ARG I 319 -5.39 56.30 -40.41
CA ARG I 319 -6.39 56.04 -39.38
C ARG I 319 -5.64 55.80 -38.08
N MET I 320 -5.72 56.78 -37.18
CA MET I 320 -5.07 56.72 -35.88
C MET I 320 -6.18 56.57 -34.86
N GLU I 321 -5.99 55.69 -33.88
CA GLU I 321 -7.01 55.44 -32.87
C GLU I 321 -6.47 54.81 -31.59
N ASN I 322 -7.34 54.66 -30.61
CA ASN I 322 -7.02 54.00 -29.35
C ASN I 322 -5.83 54.47 -28.51
N VAL I 323 -5.83 55.74 -28.12
CA VAL I 323 -4.77 56.37 -27.29
C VAL I 323 -3.34 56.27 -27.82
N THR I 324 -3.21 56.58 -29.11
CA THR I 324 -1.96 56.59 -29.83
C THR I 324 -1.24 57.92 -29.57
N VAL I 325 -0.03 57.87 -29.03
CA VAL I 325 0.69 59.11 -28.73
C VAL I 325 1.82 59.26 -29.73
N LEU I 326 2.04 60.47 -30.21
CA LEU I 326 3.09 60.77 -31.19
C LEU I 326 4.08 61.76 -30.58
N GLY I 327 5.36 61.39 -30.53
CA GLY I 327 6.37 62.30 -30.05
C GLY I 327 6.63 63.42 -31.04
N GLU I 328 7.49 64.36 -30.67
CA GLU I 328 7.66 65.53 -31.52
C GLU I 328 8.51 65.21 -32.74
N ASP I 329 8.08 65.72 -33.90
CA ASP I 329 8.54 65.33 -35.23
C ASP I 329 8.46 63.82 -35.45
N VAL I 330 7.23 63.29 -35.44
CA VAL I 330 6.97 61.94 -35.92
C VAL I 330 6.31 62.06 -37.28
N ILE I 331 6.90 61.44 -38.29
CA ILE I 331 6.32 61.36 -39.62
C ILE I 331 5.55 60.05 -39.71
N VAL I 332 4.29 60.11 -40.16
CA VAL I 332 3.49 58.93 -40.42
C VAL I 332 3.17 58.92 -41.92
N ASN I 333 3.58 57.85 -42.60
CA ASN I 333 3.34 57.73 -44.03
C ASN I 333 1.86 57.56 -44.33
N ASP I 334 1.53 57.62 -45.62
CA ASP I 334 0.15 57.61 -46.00
C ASP I 334 -0.42 56.21 -45.96
N GLU I 335 -1.75 56.14 -45.81
CA GLU I 335 -2.55 54.92 -45.90
C GLU I 335 -2.16 53.91 -44.83
N LEU I 336 -1.74 54.42 -43.67
CA LEU I 336 -1.25 53.61 -42.57
C LEU I 336 -2.24 53.66 -41.41
N TYR I 337 -2.35 52.54 -40.72
CA TYR I 337 -3.29 52.38 -39.63
C TYR I 337 -2.49 52.20 -38.34
N LEU I 338 -2.86 52.94 -37.30
CA LEU I 338 -2.21 52.87 -35.99
C LEU I 338 -3.25 52.65 -34.90
N ASN I 339 -3.05 51.59 -34.12
CA ASN I 339 -3.91 51.27 -32.98
C ASN I 339 -2.99 51.19 -31.77
N GLY I 340 -2.92 52.25 -30.98
CA GLY I 340 -2.12 52.20 -29.77
C GLY I 340 -0.64 52.46 -29.95
N ALA I 341 -0.23 53.12 -31.02
CA ALA I 341 1.19 53.34 -31.26
C ALA I 341 1.68 54.47 -30.37
N SER I 342 2.55 54.15 -29.44
CA SER I 342 3.35 55.15 -28.75
C SER I 342 4.65 55.27 -29.52
N VAL I 343 4.86 56.40 -30.16
CA VAL I 343 6.00 56.61 -31.04
C VAL I 343 6.99 57.53 -30.36
N LEU I 344 8.27 57.18 -30.44
CA LEU I 344 9.32 58.03 -29.94
C LEU I 344 9.52 59.21 -30.89
N PRO I 345 10.03 60.33 -30.38
CA PRO I 345 10.30 61.47 -31.25
C PRO I 345 11.37 61.17 -32.29
N HIS I 346 11.29 61.89 -33.41
CA HIS I 346 12.17 61.74 -34.56
C HIS I 346 12.16 60.32 -35.11
N LYS I 347 10.96 59.78 -35.26
CA LYS I 347 10.73 58.52 -35.94
C LYS I 347 9.99 58.80 -37.24
N SER I 348 9.99 57.83 -38.13
CA SER I 348 9.19 57.92 -39.33
C SER I 348 8.60 56.54 -39.58
N ILE I 349 7.28 56.49 -39.66
CA ILE I 349 6.54 55.24 -39.65
C ILE I 349 6.16 54.88 -41.08
N GLY I 350 6.57 53.70 -41.53
CA GLY I 350 6.27 53.23 -42.86
C GLY I 350 5.68 51.83 -42.89
N GLU I 351 5.14 51.40 -41.76
CA GLU I 351 4.43 50.13 -41.63
C GLU I 351 3.26 50.34 -40.68
N SER I 352 2.23 49.53 -40.82
CA SER I 352 1.02 49.68 -40.03
C SER I 352 1.17 49.03 -38.65
N VAL I 353 0.57 49.66 -37.64
CA VAL I 353 0.60 49.17 -36.27
C VAL I 353 -0.78 48.63 -35.92
N PRO I 354 -1.00 47.31 -35.95
CA PRO I 354 -2.36 46.78 -35.80
C PRO I 354 -2.89 46.69 -34.37
N GLU I 355 -2.03 46.49 -33.39
CA GLU I 355 -2.42 46.43 -31.99
C GLU I 355 -1.39 47.22 -31.19
N PRO I 356 -1.75 47.68 -29.94
CA PRO I 356 -0.82 48.47 -29.11
C PRO I 356 0.62 48.02 -28.97
N ARG I 357 1.53 48.98 -29.09
CA ARG I 357 2.95 48.73 -29.04
C ARG I 357 3.63 50.04 -28.66
N ILE I 358 4.96 49.99 -28.61
CA ILE I 358 5.80 51.16 -28.46
C ILE I 358 6.80 51.11 -29.62
N ILE I 359 6.66 52.05 -30.56
CA ILE I 359 7.55 52.13 -31.71
C ILE I 359 8.79 52.89 -31.27
N MET I 360 9.93 52.19 -31.20
CA MET I 360 11.16 52.78 -30.72
C MET I 360 12.12 53.06 -31.87
N MET J 1 -62.73 40.84 -39.95
CA MET J 1 -61.93 42.05 -40.02
C MET J 1 -60.93 41.92 -41.17
N LYS J 2 -60.21 42.99 -41.48
CA LYS J 2 -59.10 42.91 -42.42
C LYS J 2 -57.79 43.06 -41.66
N ALA J 3 -56.83 42.18 -41.95
CA ALA J 3 -55.61 42.10 -41.19
C ALA J 3 -54.41 42.23 -42.13
N LEU J 4 -53.22 42.25 -41.54
CA LEU J 4 -52.00 42.53 -42.29
C LEU J 4 -50.81 41.94 -41.54
N ILE J 5 -50.16 40.95 -42.13
CA ILE J 5 -48.88 40.46 -41.61
C ILE J 5 -47.82 40.89 -42.61
N LEU J 6 -46.90 41.74 -42.15
CA LEU J 6 -45.80 42.23 -42.98
C LEU J 6 -44.78 41.11 -43.13
N VAL J 7 -44.83 40.39 -44.26
CA VAL J 7 -43.94 39.24 -44.43
C VAL J 7 -43.06 39.42 -45.67
N GLY J 8 -41.95 40.12 -45.51
CA GLY J 8 -41.03 40.29 -46.61
C GLY J 8 -39.58 40.43 -46.19
N GLY J 9 -39.33 40.32 -44.89
CA GLY J 9 -38.02 40.69 -44.37
C GLY J 9 -36.96 39.66 -44.71
N TYR J 10 -35.75 40.15 -44.98
CA TYR J 10 -34.59 39.28 -45.02
C TYR J 10 -34.35 38.73 -43.63
N GLY J 11 -34.35 37.42 -43.51
CA GLY J 11 -34.12 36.85 -42.19
C GLY J 11 -32.66 36.83 -41.87
N THR J 12 -32.08 37.98 -41.48
CA THR J 12 -30.65 38.02 -41.26
C THR J 12 -30.27 37.42 -39.91
N ARG J 13 -31.08 37.64 -38.88
CA ARG J 13 -31.15 36.67 -37.81
C ARG J 13 -31.85 35.44 -38.33
N LEU J 14 -31.44 34.26 -37.86
CA LEU J 14 -31.79 32.95 -38.43
C LEU J 14 -31.30 32.83 -39.86
N ARG J 15 -30.01 33.16 -40.08
CA ARG J 15 -29.53 33.40 -41.44
C ARG J 15 -29.39 32.16 -42.32
N PRO J 16 -28.76 31.04 -41.91
CA PRO J 16 -28.65 29.92 -42.86
C PRO J 16 -29.98 29.27 -43.16
N LEU J 17 -30.91 29.28 -42.21
CA LEU J 17 -32.25 28.80 -42.50
C LEU J 17 -32.97 29.73 -43.47
N THR J 18 -32.85 31.03 -43.27
CA THR J 18 -33.50 32.01 -44.12
C THR J 18 -32.68 32.39 -45.34
N LEU J 19 -31.67 31.59 -45.69
CA LEU J 19 -31.04 31.71 -47.00
C LEU J 19 -31.74 30.90 -48.08
N SER J 20 -32.23 29.70 -47.74
CA SER J 20 -33.00 28.91 -48.68
C SER J 20 -34.42 29.45 -48.82
N THR J 21 -35.19 29.40 -47.75
CA THR J 21 -36.59 29.79 -47.74
C THR J 21 -36.77 31.13 -47.02
N PRO J 22 -37.86 31.84 -47.25
CA PRO J 22 -38.12 33.06 -46.46
C PRO J 22 -38.35 32.76 -44.99
N LYS J 23 -38.18 33.80 -44.18
CA LYS J 23 -38.46 33.71 -42.75
C LYS J 23 -39.86 33.24 -42.35
N PRO J 24 -40.96 33.62 -43.02
CA PRO J 24 -42.26 33.04 -42.63
C PRO J 24 -42.48 31.61 -43.10
N LEU J 25 -41.71 31.12 -44.06
CA LEU J 25 -41.85 29.75 -44.53
C LEU J 25 -40.86 28.82 -43.89
N VAL J 26 -40.11 29.27 -42.89
CA VAL J 26 -39.35 28.34 -42.07
C VAL J 26 -40.34 27.54 -41.23
N ASP J 27 -40.26 26.23 -41.38
CA ASP J 27 -41.18 25.29 -40.71
C ASP J 27 -40.93 25.31 -39.21
N PHE J 28 -41.88 25.82 -38.45
CA PHE J 28 -41.78 25.86 -36.99
C PHE J 28 -42.78 24.88 -36.39
N CYS J 29 -42.28 23.77 -35.86
CA CYS J 29 -43.07 22.65 -35.33
C CYS J 29 -44.03 22.13 -36.40
N ASN J 30 -43.43 21.68 -37.50
CA ASN J 30 -44.08 20.89 -38.56
C ASN J 30 -45.18 21.65 -39.28
N LYS J 31 -45.12 22.98 -39.25
CA LYS J 31 -46.07 23.87 -39.88
C LYS J 31 -45.47 25.27 -39.92
N PRO J 32 -45.42 25.95 -41.07
CA PRO J 32 -44.79 27.28 -41.15
C PRO J 32 -45.45 28.31 -40.25
N ILE J 33 -44.66 29.32 -39.88
CA ILE J 33 -45.08 30.24 -38.83
C ILE J 33 -46.10 31.25 -39.36
N LEU J 34 -45.99 31.62 -40.64
CA LEU J 34 -47.06 32.36 -41.28
C LEU J 34 -48.36 31.58 -41.28
N LEU J 35 -48.27 30.26 -41.47
CA LEU J 35 -49.47 29.42 -41.39
C LEU J 35 -50.03 29.38 -39.98
N HIS J 36 -49.17 29.47 -38.95
CA HIS J 36 -49.66 29.57 -37.57
C HIS J 36 -50.47 30.85 -37.37
N GLN J 37 -49.91 31.99 -37.77
CA GLN J 37 -50.57 33.26 -37.53
C GLN J 37 -51.84 33.41 -38.37
N VAL J 38 -51.80 32.99 -39.65
CA VAL J 38 -52.97 33.15 -40.50
C VAL J 38 -54.03 32.10 -40.15
N GLU J 39 -53.64 30.95 -39.60
CA GLU J 39 -54.63 29.98 -39.13
C GLU J 39 -55.30 30.48 -37.86
N ALA J 40 -54.56 31.19 -37.00
CA ALA J 40 -55.17 31.80 -35.83
C ALA J 40 -56.09 32.95 -36.22
N LEU J 41 -55.73 33.69 -37.28
CA LEU J 41 -56.60 34.73 -37.80
C LEU J 41 -57.90 34.15 -38.35
N ALA J 42 -57.80 33.01 -39.07
CA ALA J 42 -59.00 32.36 -39.57
C ALA J 42 -59.82 31.73 -38.44
N ALA J 43 -59.19 31.37 -37.34
CA ALA J 43 -59.96 30.98 -36.16
C ALA J 43 -60.65 32.17 -35.52
N ALA J 44 -60.04 33.35 -35.60
CA ALA J 44 -60.59 34.52 -34.92
C ALA J 44 -61.75 35.18 -35.65
N GLY J 45 -61.94 34.89 -36.93
CA GLY J 45 -62.99 35.51 -37.69
C GLY J 45 -62.55 36.62 -38.62
N VAL J 46 -61.24 36.83 -38.77
CA VAL J 46 -60.75 37.78 -39.76
C VAL J 46 -61.02 37.20 -41.14
N ASP J 47 -61.78 37.94 -41.95
CA ASP J 47 -62.17 37.43 -43.25
C ASP J 47 -61.09 37.62 -44.30
N HIS J 48 -60.11 38.48 -44.05
CA HIS J 48 -59.24 38.93 -45.14
C HIS J 48 -57.91 39.41 -44.56
N VAL J 49 -56.81 38.88 -45.06
CA VAL J 49 -55.48 39.36 -44.70
C VAL J 49 -54.70 39.46 -46.01
N ILE J 50 -53.77 40.41 -46.08
CA ILE J 50 -52.92 40.54 -47.25
C ILE J 50 -51.46 40.57 -46.83
N LEU J 51 -50.64 39.82 -47.55
CA LEU J 51 -49.21 39.76 -47.27
C LEU J 51 -48.52 41.01 -47.77
N ALA J 52 -47.56 41.49 -47.00
CA ALA J 52 -46.79 42.68 -47.37
C ALA J 52 -45.37 42.22 -47.73
N VAL J 53 -45.19 41.88 -49.01
CA VAL J 53 -44.06 41.08 -49.49
C VAL J 53 -42.94 41.99 -49.97
N SER J 54 -41.70 41.62 -49.67
CA SER J 54 -40.55 42.39 -50.14
C SER J 54 -39.46 41.53 -50.77
N TYR J 55 -39.37 40.26 -50.37
CA TYR J 55 -38.20 39.46 -50.69
C TYR J 55 -38.58 37.99 -50.74
N MET J 56 -38.14 37.30 -51.79
CA MET J 56 -38.53 35.94 -52.16
C MET J 56 -40.06 35.78 -52.23
N SER J 57 -40.64 36.57 -53.12
CA SER J 57 -42.09 36.58 -53.33
C SER J 57 -42.61 35.32 -53.99
N GLN J 58 -41.74 34.57 -54.66
CA GLN J 58 -42.13 33.43 -55.46
C GLN J 58 -42.76 32.33 -54.61
N VAL J 59 -41.98 31.83 -53.65
CA VAL J 59 -42.38 30.70 -52.82
C VAL J 59 -43.52 31.10 -51.90
N LEU J 60 -43.46 32.31 -51.35
CA LEU J 60 -44.49 32.81 -50.47
C LEU J 60 -45.81 32.96 -51.20
N GLU J 61 -45.77 33.53 -52.40
CA GLU J 61 -46.95 33.67 -53.24
C GLU J 61 -47.57 32.32 -53.59
N LYS J 62 -46.73 31.34 -53.93
CA LYS J 62 -47.24 30.03 -54.33
C LYS J 62 -47.93 29.31 -53.17
N GLU J 63 -47.22 29.16 -52.03
CA GLU J 63 -47.76 28.45 -50.88
C GLU J 63 -48.97 29.17 -50.30
N MET J 64 -48.96 30.51 -50.31
CA MET J 64 -50.08 31.24 -49.71
C MET J 64 -51.28 31.30 -50.64
N LYS J 65 -51.07 31.30 -51.96
CA LYS J 65 -52.19 31.20 -52.87
C LYS J 65 -52.84 29.84 -52.80
N ALA J 66 -52.07 28.78 -52.48
CA ALA J 66 -52.68 27.49 -52.22
C ALA J 66 -53.49 27.50 -50.92
N GLN J 67 -52.90 28.02 -49.84
CA GLN J 67 -53.60 27.99 -48.55
C GLN J 67 -54.77 28.96 -48.48
N GLU J 68 -54.84 29.93 -49.41
CA GLU J 68 -56.03 30.76 -49.60
C GLU J 68 -57.29 29.92 -49.78
N GLN J 69 -57.27 29.02 -50.77
CA GLN J 69 -58.40 28.14 -50.98
C GLN J 69 -58.39 26.95 -50.04
N ARG J 70 -57.30 26.74 -49.33
CA ARG J 70 -57.29 25.64 -48.38
C ARG J 70 -58.33 25.94 -47.30
N LEU J 71 -58.37 27.20 -46.86
CA LEU J 71 -59.34 27.62 -45.85
C LEU J 71 -60.15 28.82 -46.34
N GLY J 72 -61.46 28.68 -46.38
CA GLY J 72 -62.41 29.71 -46.78
C GLY J 72 -62.23 31.21 -46.56
N ILE J 73 -61.15 31.81 -47.06
CA ILE J 73 -60.94 33.26 -46.90
C ILE J 73 -60.30 33.88 -48.14
N ARG J 74 -60.51 35.18 -48.32
CA ARG J 74 -59.97 35.93 -49.43
C ARG J 74 -58.65 36.55 -49.00
N ILE J 75 -57.54 35.91 -49.36
CA ILE J 75 -56.22 36.41 -48.98
C ILE J 75 -55.39 36.83 -50.20
N SER J 76 -55.20 38.13 -50.38
CA SER J 76 -54.40 38.62 -51.48
C SER J 76 -53.02 38.96 -50.96
N MET J 77 -52.22 39.64 -51.76
CA MET J 77 -50.86 39.99 -51.37
C MET J 77 -50.42 41.27 -52.06
N SER J 78 -49.85 42.18 -51.28
CA SER J 78 -49.28 43.43 -51.78
C SER J 78 -47.78 43.27 -51.94
N HIS J 79 -47.29 43.43 -53.16
CA HIS J 79 -45.89 43.20 -53.52
C HIS J 79 -45.10 44.50 -53.50
N GLU J 80 -43.94 44.48 -52.85
CA GLU J 80 -42.99 45.59 -52.88
C GLU J 80 -41.66 45.11 -53.43
N GLU J 81 -41.04 45.93 -54.27
CA GLU J 81 -39.73 45.62 -54.82
C GLU J 81 -38.60 46.24 -54.02
N GLU J 82 -38.76 47.47 -53.58
CA GLU J 82 -37.82 48.05 -52.66
C GLU J 82 -38.32 47.87 -51.24
N PRO J 83 -37.50 47.32 -50.32
CA PRO J 83 -37.98 47.03 -48.96
C PRO J 83 -38.28 48.29 -48.15
N LEU J 84 -39.57 48.51 -47.87
CA LEU J 84 -40.03 49.71 -47.20
C LEU J 84 -40.07 49.56 -45.68
N GLY J 85 -39.36 48.59 -45.14
CA GLY J 85 -39.35 48.39 -43.70
C GLY J 85 -40.64 47.76 -43.23
N THR J 86 -40.96 48.00 -41.96
CA THR J 86 -42.16 47.44 -41.38
C THR J 86 -43.28 48.45 -41.17
N ALA J 87 -43.16 49.65 -41.74
CA ALA J 87 -44.25 50.62 -41.72
C ALA J 87 -44.79 50.95 -43.10
N GLY J 88 -43.91 51.17 -44.08
CA GLY J 88 -44.27 51.32 -45.47
C GLY J 88 -45.24 50.31 -46.07
N PRO J 89 -45.23 49.06 -45.57
CA PRO J 89 -46.37 48.16 -45.80
C PRO J 89 -47.75 48.72 -45.46
N LEU J 90 -47.88 49.56 -44.42
CA LEU J 90 -49.20 50.09 -44.05
C LEU J 90 -49.71 51.06 -45.11
N ALA J 91 -48.84 51.97 -45.57
CA ALA J 91 -49.23 52.96 -46.55
C ALA J 91 -49.26 52.41 -47.97
N LEU J 92 -48.50 51.35 -48.25
CA LEU J 92 -48.62 50.68 -49.55
C LEU J 92 -49.96 49.97 -49.67
N ALA J 93 -50.46 49.44 -48.56
CA ALA J 93 -51.71 48.72 -48.53
C ALA J 93 -52.88 49.60 -48.13
N ARG J 94 -52.65 50.91 -47.98
CA ARG J 94 -53.69 51.83 -47.51
C ARG J 94 -54.80 52.00 -48.54
N ASP J 95 -54.56 51.59 -49.80
CA ASP J 95 -55.57 51.64 -50.87
C ASP J 95 -56.84 50.90 -50.48
N LEU J 96 -56.69 49.68 -49.96
CA LEU J 96 -57.82 48.87 -49.56
C LEU J 96 -58.08 48.94 -48.05
N LEU J 97 -57.08 49.27 -47.25
CA LEU J 97 -57.28 49.32 -45.81
C LEU J 97 -57.76 50.68 -45.32
N SER J 98 -57.91 51.66 -46.21
CA SER J 98 -58.56 52.92 -45.86
C SER J 98 -60.00 52.98 -46.36
N GLU J 99 -60.57 51.84 -46.73
CA GLU J 99 -61.95 51.75 -47.20
C GLU J 99 -62.95 52.09 -46.09
N THR J 100 -62.99 51.25 -45.07
CA THR J 100 -63.96 51.37 -44.00
C THR J 100 -63.30 51.95 -42.76
N ALA J 101 -64.13 52.35 -41.81
CA ALA J 101 -63.68 52.86 -40.53
C ALA J 101 -63.73 51.74 -39.48
N ASP J 102 -62.88 50.73 -39.69
CA ASP J 102 -62.75 49.60 -38.78
C ASP J 102 -61.27 49.26 -38.59
N PRO J 103 -60.85 48.97 -37.37
CA PRO J 103 -59.42 48.74 -37.10
C PRO J 103 -58.88 47.47 -37.75
N PHE J 104 -57.61 47.51 -38.12
CA PHE J 104 -56.93 46.40 -38.77
C PHE J 104 -55.80 45.89 -37.90
N PHE J 105 -55.45 44.62 -38.10
CA PHE J 105 -54.46 43.93 -37.27
C PHE J 105 -53.13 43.88 -38.00
N VAL J 106 -52.07 44.32 -37.33
CA VAL J 106 -50.72 44.23 -37.87
C VAL J 106 -49.84 43.44 -36.91
N LEU J 107 -49.36 42.29 -37.37
CA LEU J 107 -48.55 41.37 -36.60
C LEU J 107 -47.18 41.25 -37.24
N ASN J 108 -46.16 41.07 -36.41
CA ASN J 108 -44.90 40.55 -36.92
C ASN J 108 -45.10 39.10 -37.32
N SER J 109 -44.28 38.61 -38.26
CA SER J 109 -44.37 37.19 -38.59
C SER J 109 -43.74 36.35 -37.50
N ASP J 110 -42.56 36.77 -37.03
CA ASP J 110 -41.65 35.96 -36.23
C ASP J 110 -42.10 35.81 -34.77
N VAL J 111 -43.36 36.09 -34.44
CA VAL J 111 -43.85 36.07 -33.07
C VAL J 111 -44.82 34.92 -32.92
N ILE J 112 -44.60 34.07 -31.92
CA ILE J 112 -45.50 32.95 -31.64
C ILE J 112 -45.95 33.04 -30.19
N CYS J 113 -47.27 33.15 -30.01
CA CYS J 113 -47.92 33.01 -28.72
C CYS J 113 -49.17 32.18 -28.95
N ASP J 114 -50.08 32.17 -27.97
CA ASP J 114 -51.48 31.89 -28.26
C ASP J 114 -52.18 33.23 -28.32
N PHE J 115 -52.96 33.42 -29.37
CA PHE J 115 -53.22 34.75 -29.91
C PHE J 115 -54.53 35.28 -29.38
N PRO J 116 -54.54 36.29 -28.52
CA PRO J 116 -55.81 36.85 -28.02
C PRO J 116 -56.33 37.96 -28.93
N PHE J 117 -56.87 37.55 -30.08
CA PHE J 117 -57.47 38.52 -30.98
C PHE J 117 -58.78 39.07 -30.42
N GLN J 118 -59.65 38.19 -29.89
CA GLN J 118 -60.92 38.64 -29.34
C GLN J 118 -60.72 39.39 -28.02
N ALA J 119 -59.70 38.99 -27.23
CA ALA J 119 -59.45 39.67 -25.97
C ALA J 119 -58.90 41.07 -26.22
N MET J 120 -58.10 41.23 -27.27
CA MET J 120 -57.58 42.54 -27.58
C MET J 120 -58.57 43.43 -28.31
N VAL J 121 -59.52 42.86 -29.08
CA VAL J 121 -60.55 43.73 -29.64
C VAL J 121 -61.53 44.17 -28.54
N GLN J 122 -61.77 43.30 -27.55
CA GLN J 122 -62.49 43.68 -26.34
C GLN J 122 -61.77 44.78 -25.58
N PHE J 123 -60.44 44.68 -25.51
CA PHE J 123 -59.62 45.75 -24.93
C PHE J 123 -59.76 47.05 -25.74
N HIS J 124 -59.66 46.94 -27.07
CA HIS J 124 -59.55 48.10 -27.95
C HIS J 124 -60.84 48.91 -27.99
N ARG J 125 -61.98 48.26 -27.76
CA ARG J 125 -63.24 49.01 -27.72
C ARG J 125 -63.32 49.96 -26.52
N HIS J 126 -62.58 49.68 -25.45
CA HIS J 126 -62.71 50.46 -24.22
C HIS J 126 -62.07 51.84 -24.36
N HIS J 127 -60.78 51.88 -24.67
CA HIS J 127 -60.08 53.17 -24.75
C HIS J 127 -60.48 53.96 -25.99
N GLY J 128 -60.81 53.27 -27.08
CA GLY J 128 -61.39 53.90 -28.25
C GLY J 128 -60.46 54.79 -29.06
N GLN J 129 -59.19 54.89 -28.71
CA GLN J 129 -58.26 55.71 -29.46
C GLN J 129 -57.61 54.85 -30.55
N GLU J 130 -56.52 55.36 -31.14
CA GLU J 130 -56.04 54.87 -32.43
C GLU J 130 -55.47 53.46 -32.34
N GLY J 131 -54.41 53.28 -31.56
CA GLY J 131 -53.61 52.05 -31.61
C GLY J 131 -53.62 51.25 -30.32
N SER J 132 -53.67 49.93 -30.47
CA SER J 132 -53.52 48.99 -29.38
C SER J 132 -52.32 48.09 -29.68
N ILE J 133 -51.49 47.85 -28.67
CA ILE J 133 -50.43 46.85 -28.75
C ILE J 133 -50.74 45.80 -27.70
N LEU J 134 -50.26 44.58 -27.90
CA LEU J 134 -50.09 43.69 -26.77
C LEU J 134 -48.61 43.57 -26.43
N VAL J 135 -48.32 43.35 -25.14
CA VAL J 135 -46.98 43.34 -24.60
C VAL J 135 -46.79 42.09 -23.74
N THR J 136 -45.52 41.78 -23.46
CA THR J 136 -45.15 40.62 -22.66
C THR J 136 -44.01 41.00 -21.74
N LYS J 137 -44.05 40.54 -20.49
CA LYS J 137 -43.03 40.90 -19.51
C LYS J 137 -42.04 39.75 -19.34
N VAL J 138 -40.80 39.97 -19.82
CA VAL J 138 -39.68 39.10 -19.52
C VAL J 138 -38.56 39.98 -18.97
N GLU J 139 -37.71 39.39 -18.13
CA GLU J 139 -36.71 40.15 -17.40
C GLU J 139 -35.51 40.49 -18.29
N GLU J 140 -34.90 39.47 -18.87
CA GLU J 140 -33.65 39.54 -19.61
C GLU J 140 -33.74 40.11 -21.04
N PRO J 141 -34.71 39.73 -21.91
CA PRO J 141 -34.73 40.33 -23.26
C PRO J 141 -35.16 41.79 -23.23
N SER J 142 -34.36 42.62 -23.91
CA SER J 142 -34.66 44.04 -24.09
C SER J 142 -34.43 44.44 -25.53
N LYS J 143 -34.44 43.46 -26.44
CA LYS J 143 -34.18 43.70 -27.86
C LYS J 143 -35.27 44.54 -28.49
N TYR J 144 -36.52 44.27 -28.12
CA TYR J 144 -37.64 44.91 -28.77
C TYR J 144 -37.83 46.29 -28.12
N GLY J 145 -38.89 47.00 -28.51
CA GLY J 145 -39.21 48.21 -27.78
C GLY J 145 -39.77 47.91 -26.41
N VAL J 146 -39.00 48.17 -25.35
CA VAL J 146 -39.53 48.03 -24.00
C VAL J 146 -40.46 49.21 -23.72
N VAL J 147 -41.58 48.92 -23.07
CA VAL J 147 -42.70 49.85 -22.97
C VAL J 147 -42.92 50.25 -21.51
N VAL J 148 -43.52 51.41 -21.31
CA VAL J 148 -43.92 51.89 -19.98
C VAL J 148 -45.42 52.14 -20.00
N CYS J 149 -46.14 51.47 -19.10
CA CYS J 149 -47.59 51.44 -19.11
C CYS J 149 -48.17 51.97 -17.79
N GLU J 150 -49.48 52.21 -17.85
CA GLU J 150 -50.28 52.72 -16.75
C GLU J 150 -50.84 51.56 -15.95
N ALA J 151 -51.87 51.83 -15.14
CA ALA J 151 -52.63 50.84 -14.41
C ALA J 151 -53.59 50.11 -15.35
N ASP J 152 -54.63 49.47 -14.81
CA ASP J 152 -55.56 48.70 -15.63
C ASP J 152 -56.34 49.53 -16.65
N THR J 153 -56.20 50.86 -16.65
CA THR J 153 -56.46 51.64 -17.86
C THR J 153 -55.60 51.14 -19.01
N GLY J 154 -54.28 51.25 -18.89
CA GLY J 154 -53.34 50.65 -19.82
C GLY J 154 -52.56 51.62 -20.68
N ARG J 155 -52.76 52.93 -20.51
CA ARG J 155 -52.23 53.93 -21.44
C ARG J 155 -50.71 54.01 -21.36
N ILE J 156 -50.07 54.14 -22.52
CA ILE J 156 -48.62 54.22 -22.59
C ILE J 156 -48.18 55.65 -22.30
N HIS J 157 -47.40 55.83 -21.22
CA HIS J 157 -46.68 57.08 -21.00
C HIS J 157 -45.43 57.14 -21.86
N ARG J 158 -44.61 56.08 -21.80
CA ARG J 158 -43.37 56.01 -22.60
C ARG J 158 -42.94 54.60 -23.01
N PHE J 159 -42.11 54.54 -24.06
CA PHE J 159 -41.56 53.30 -24.59
C PHE J 159 -40.37 53.64 -25.50
N VAL J 160 -39.65 52.60 -25.94
CA VAL J 160 -38.47 52.66 -26.82
C VAL J 160 -37.20 53.16 -26.14
N GLU J 161 -37.22 53.22 -24.81
CA GLU J 161 -36.02 53.61 -24.07
C GLU J 161 -35.04 52.46 -24.22
N LYS J 162 -33.76 52.77 -24.33
CA LYS J 162 -32.75 51.75 -24.54
C LYS J 162 -32.49 50.85 -23.32
N PRO J 163 -32.01 49.63 -23.59
CA PRO J 163 -31.67 48.57 -22.62
C PRO J 163 -30.90 49.07 -21.40
N GLN J 164 -31.58 48.92 -20.27
CA GLN J 164 -31.18 49.27 -18.91
C GLN J 164 -32.62 49.37 -18.48
N VAL J 165 -33.23 48.21 -18.25
CA VAL J 165 -34.68 48.22 -18.02
C VAL J 165 -35.05 49.05 -16.79
N PHE J 166 -34.51 48.67 -15.62
CA PHE J 166 -34.79 49.28 -14.32
C PHE J 166 -36.29 49.22 -13.98
N VAL J 167 -36.74 47.98 -13.77
CA VAL J 167 -38.06 47.62 -13.23
C VAL J 167 -39.22 48.02 -14.13
N SER J 168 -38.97 48.29 -15.40
CA SER J 168 -40.07 48.45 -16.34
C SER J 168 -40.82 47.14 -16.51
N ASN J 169 -40.12 46.10 -16.96
CA ASN J 169 -40.59 44.72 -17.05
C ASN J 169 -41.88 44.62 -17.85
N LYS J 170 -41.78 45.00 -19.14
CA LYS J 170 -42.77 44.74 -20.16
C LYS J 170 -42.15 45.07 -21.52
N ILE J 171 -42.24 44.14 -22.46
CA ILE J 171 -41.72 44.35 -23.80
C ILE J 171 -42.86 44.09 -24.78
N ASN J 172 -42.94 44.91 -25.83
CA ASN J 172 -44.09 44.81 -26.72
C ASN J 172 -43.94 43.59 -27.64
N ALA J 173 -45.04 42.85 -27.77
CA ALA J 173 -45.03 41.57 -28.48
C ALA J 173 -45.32 41.73 -29.97
N GLY J 174 -45.20 42.95 -30.51
CA GLY J 174 -45.21 43.14 -31.94
C GLY J 174 -46.54 42.97 -32.64
N MET J 175 -47.64 43.01 -31.90
CA MET J 175 -48.96 42.85 -32.47
C MET J 175 -49.84 44.04 -32.09
N TYR J 176 -50.43 44.64 -33.11
CA TYR J 176 -51.13 45.91 -33.01
C TYR J 176 -52.52 45.75 -33.61
N ILE J 177 -53.48 46.48 -33.05
CA ILE J 177 -54.72 46.82 -33.74
C ILE J 177 -54.67 48.32 -33.96
N LEU J 178 -54.59 48.74 -35.21
CA LEU J 178 -54.55 50.16 -35.51
C LEU J 178 -55.90 50.61 -36.07
N SER J 179 -56.31 51.81 -35.68
CA SER J 179 -57.43 52.46 -36.33
C SER J 179 -57.02 52.89 -37.74
N PRO J 180 -57.97 53.03 -38.67
CA PRO J 180 -57.60 53.51 -40.01
C PRO J 180 -57.22 54.98 -40.06
N ALA J 181 -57.38 55.74 -38.97
CA ALA J 181 -56.97 57.13 -38.97
C ALA J 181 -55.46 57.30 -38.90
N VAL J 182 -54.72 56.30 -38.40
CA VAL J 182 -53.26 56.37 -38.40
C VAL J 182 -52.67 55.84 -39.69
N LEU J 183 -53.51 55.28 -40.58
CA LEU J 183 -53.04 54.91 -41.90
C LEU J 183 -52.56 56.12 -42.68
N GLN J 184 -53.21 57.25 -42.49
CA GLN J 184 -52.81 58.47 -43.18
C GLN J 184 -51.59 59.12 -42.54
N ARG J 185 -51.29 58.79 -41.28
CA ARG J 185 -50.11 59.38 -40.64
C ARG J 185 -48.82 58.81 -41.21
N ILE J 186 -48.78 57.50 -41.46
CA ILE J 186 -47.64 56.90 -42.15
C ILE J 186 -47.67 57.34 -43.62
N GLN J 187 -46.50 57.46 -44.22
CA GLN J 187 -46.37 57.74 -45.63
C GLN J 187 -45.58 56.62 -46.30
N LEU J 188 -45.52 56.68 -47.63
CA LEU J 188 -45.00 55.63 -48.51
C LEU J 188 -43.52 55.32 -48.28
N GLN J 189 -42.79 56.21 -47.60
CA GLN J 189 -41.34 56.14 -47.51
C GLN J 189 -40.89 54.91 -46.73
N PRO J 190 -39.65 54.42 -46.97
CA PRO J 190 -39.14 53.30 -46.17
C PRO J 190 -39.03 53.65 -44.70
N THR J 191 -39.91 53.04 -43.91
CA THR J 191 -40.18 53.47 -42.55
C THR J 191 -40.35 52.22 -41.69
N SER J 192 -40.03 52.36 -40.40
CA SER J 192 -40.21 51.30 -39.43
C SER J 192 -41.35 51.67 -38.50
N ILE J 193 -42.28 50.73 -38.31
CA ILE J 193 -43.44 51.01 -37.46
C ILE J 193 -43.02 51.03 -35.99
N GLU J 194 -41.91 50.36 -35.65
CA GLU J 194 -41.53 50.17 -34.27
C GLU J 194 -40.81 51.37 -33.67
N LYS J 195 -40.27 52.27 -34.50
CA LYS J 195 -39.47 53.38 -33.99
C LYS J 195 -39.75 54.72 -34.67
N GLU J 196 -40.74 54.79 -35.55
CA GLU J 196 -41.08 56.08 -36.15
C GLU J 196 -42.48 56.54 -35.79
N VAL J 197 -43.50 55.74 -36.04
CA VAL J 197 -44.87 56.13 -35.71
C VAL J 197 -45.11 56.04 -34.21
N PHE J 198 -44.61 55.01 -33.58
CA PHE J 198 -45.01 54.62 -32.23
C PHE J 198 -44.47 55.59 -31.18
N PRO J 199 -43.36 56.29 -31.44
CA PRO J 199 -42.89 57.30 -30.47
C PRO J 199 -43.84 58.48 -30.32
N ILE J 200 -44.27 59.06 -31.45
CA ILE J 200 -45.23 60.17 -31.35
C ILE J 200 -46.60 59.61 -30.97
N MET J 201 -46.87 58.34 -31.30
CA MET J 201 -48.08 57.67 -30.81
C MET J 201 -48.09 57.55 -29.29
N ALA J 202 -46.91 57.33 -28.71
CA ALA J 202 -46.78 57.15 -27.27
C ALA J 202 -46.80 58.47 -26.53
N LYS J 203 -46.19 59.51 -27.10
CA LYS J 203 -46.28 60.84 -26.50
C LYS J 203 -47.62 61.51 -26.77
N GLU J 204 -48.41 60.99 -27.70
CA GLU J 204 -49.78 61.48 -27.88
C GLU J 204 -50.75 60.78 -26.94
N GLY J 205 -50.47 59.53 -26.59
CA GLY J 205 -51.35 58.76 -25.74
C GLY J 205 -52.31 57.85 -26.46
N GLN J 206 -52.10 57.63 -27.76
CA GLN J 206 -53.03 56.87 -28.56
C GLN J 206 -52.75 55.37 -28.50
N LEU J 207 -51.51 54.96 -28.28
CA LEU J 207 -51.24 53.56 -27.96
C LEU J 207 -51.85 53.21 -26.61
N TYR J 208 -52.49 52.05 -26.55
CA TYR J 208 -52.79 51.42 -25.28
C TYR J 208 -52.15 50.04 -25.29
N ALA J 209 -52.10 49.42 -24.11
CA ALA J 209 -51.28 48.24 -23.89
C ALA J 209 -52.11 47.15 -23.22
N MET J 210 -52.48 46.14 -23.98
CA MET J 210 -52.95 44.88 -23.42
C MET J 210 -51.72 44.03 -23.15
N GLU J 211 -51.64 43.41 -21.97
CA GLU J 211 -50.50 42.55 -21.70
C GLU J 211 -50.98 41.10 -21.70
N LEU J 212 -50.06 40.18 -22.01
CA LEU J 212 -50.39 38.84 -22.44
C LEU J 212 -50.38 37.84 -21.29
N GLN J 213 -51.19 36.79 -21.44
CA GLN J 213 -51.29 35.68 -20.51
C GLN J 213 -49.96 34.98 -20.29
N GLY J 214 -49.44 34.33 -21.33
CA GLY J 214 -48.22 33.54 -21.19
C GLY J 214 -47.97 32.72 -22.44
N PHE J 215 -46.79 32.10 -22.47
CA PHE J 215 -46.22 31.46 -23.66
C PHE J 215 -46.19 32.47 -24.81
N TRP J 216 -45.23 33.37 -24.71
CA TRP J 216 -44.81 34.20 -25.83
C TRP J 216 -43.35 33.91 -26.15
N MET J 217 -43.02 33.87 -27.44
CA MET J 217 -41.61 33.89 -27.84
C MET J 217 -41.51 34.43 -29.25
N ASP J 218 -40.58 35.35 -29.47
CA ASP J 218 -40.14 35.69 -30.80
C ASP J 218 -39.09 34.68 -31.24
N ILE J 219 -39.23 34.17 -32.46
CA ILE J 219 -38.35 33.10 -32.89
C ILE J 219 -37.55 33.52 -34.12
N GLY J 220 -37.16 34.80 -34.16
CA GLY J 220 -36.25 35.26 -35.20
C GLY J 220 -34.81 34.81 -35.02
N GLN J 221 -34.40 34.42 -33.78
CA GLN J 221 -33.04 33.92 -33.58
C GLN J 221 -33.08 32.40 -33.44
N PRO J 222 -32.00 31.69 -33.82
CA PRO J 222 -32.00 30.23 -33.68
C PRO J 222 -32.06 29.73 -32.25
N LYS J 223 -31.37 30.40 -31.32
CA LYS J 223 -31.52 30.07 -29.91
C LYS J 223 -32.94 30.35 -29.43
N ASP J 224 -33.51 31.47 -29.88
CA ASP J 224 -34.90 31.77 -29.59
C ASP J 224 -35.85 30.85 -30.35
N PHE J 225 -35.45 30.36 -31.53
CA PHE J 225 -36.22 29.35 -32.26
C PHE J 225 -36.38 28.08 -31.43
N LEU J 226 -35.30 27.60 -30.84
CA LEU J 226 -35.41 26.39 -30.02
C LEU J 226 -36.14 26.63 -28.71
N THR J 227 -35.99 27.84 -28.13
CA THR J 227 -36.71 28.17 -26.91
C THR J 227 -38.22 28.27 -27.17
N GLY J 228 -38.61 28.90 -28.27
CA GLY J 228 -40.01 28.94 -28.63
C GLY J 228 -40.57 27.58 -29.00
N MET J 229 -39.73 26.71 -29.58
CA MET J 229 -40.15 25.35 -29.84
C MET J 229 -40.41 24.59 -28.53
N CYS J 230 -39.56 24.82 -27.52
CA CYS J 230 -39.77 24.25 -26.20
C CYS J 230 -41.09 24.73 -25.58
N LEU J 231 -41.34 26.04 -25.65
CA LEU J 231 -42.57 26.62 -25.12
C LEU J 231 -43.81 26.12 -25.87
N PHE J 232 -43.71 26.00 -27.19
CA PHE J 232 -44.84 25.56 -28.00
C PHE J 232 -45.18 24.10 -27.74
N LEU J 233 -44.17 23.25 -27.53
CA LEU J 233 -44.48 21.87 -27.15
C LEU J 233 -45.04 21.78 -25.74
N GLN J 234 -44.61 22.67 -24.84
CA GLN J 234 -45.22 22.72 -23.51
C GLN J 234 -46.69 23.11 -23.57
N SER J 235 -47.02 24.10 -24.41
CA SER J 235 -48.40 24.53 -24.56
C SER J 235 -49.25 23.46 -25.22
N LEU J 236 -48.66 22.70 -26.15
CA LEU J 236 -49.41 21.58 -26.72
C LEU J 236 -49.58 20.43 -25.72
N ARG J 237 -48.65 20.28 -24.77
CA ARG J 237 -48.90 19.30 -23.70
C ARG J 237 -50.08 19.73 -22.84
N GLN J 238 -50.17 21.02 -22.54
CA GLN J 238 -51.31 21.51 -21.78
C GLN J 238 -52.58 21.63 -22.60
N LYS J 239 -52.53 21.49 -23.92
CA LYS J 239 -53.73 21.62 -24.74
C LYS J 239 -54.10 20.37 -25.52
N GLN J 240 -53.18 19.80 -26.31
CA GLN J 240 -53.47 18.63 -27.15
C GLN J 240 -52.46 17.52 -26.90
N PRO J 241 -52.64 16.72 -25.85
CA PRO J 241 -51.64 15.70 -25.51
C PRO J 241 -51.57 14.55 -26.50
N GLU J 242 -52.58 14.39 -27.36
CA GLU J 242 -52.59 13.28 -28.31
C GLU J 242 -51.70 13.56 -29.50
N ARG J 243 -51.46 14.84 -29.81
CA ARG J 243 -50.58 15.20 -30.91
C ARG J 243 -49.14 14.84 -30.62
N LEU J 244 -48.71 14.99 -29.37
CA LEU J 244 -47.33 14.69 -29.00
C LEU J 244 -47.11 13.18 -28.97
N CYS J 245 -46.02 12.74 -29.59
CA CYS J 245 -45.75 11.31 -29.73
C CYS J 245 -45.35 10.71 -28.40
N SER J 246 -45.66 9.42 -28.23
CA SER J 246 -45.50 8.76 -26.95
C SER J 246 -45.15 7.30 -27.18
N GLY J 247 -43.99 6.89 -26.67
CA GLY J 247 -43.51 5.55 -26.89
C GLY J 247 -42.46 5.21 -25.85
N PRO J 248 -41.76 4.08 -26.04
CA PRO J 248 -40.73 3.70 -25.06
C PRO J 248 -39.45 4.50 -25.21
N GLY J 249 -39.09 4.85 -26.44
CA GLY J 249 -37.92 5.68 -26.69
C GLY J 249 -38.29 7.12 -26.92
N ILE J 250 -39.22 7.64 -26.14
CA ILE J 250 -39.67 9.02 -26.21
C ILE J 250 -39.62 9.60 -24.81
N VAL J 251 -38.88 10.69 -24.64
CA VAL J 251 -38.83 11.41 -23.38
C VAL J 251 -39.49 12.77 -23.58
N GLY J 252 -40.30 13.19 -22.62
CA GLY J 252 -40.91 14.51 -22.62
C GLY J 252 -41.87 14.74 -23.77
N ASN J 253 -41.92 15.99 -24.21
CA ASN J 253 -42.77 16.41 -25.31
C ASN J 253 -42.02 16.26 -26.62
N VAL J 254 -42.47 15.35 -27.48
CA VAL J 254 -41.88 15.19 -28.80
C VAL J 254 -42.99 15.28 -29.84
N LEU J 255 -42.76 16.06 -30.89
CA LEU J 255 -43.73 16.27 -31.96
C LEU J 255 -43.23 15.60 -33.24
N VAL J 256 -43.57 14.34 -33.42
CA VAL J 256 -43.15 13.59 -34.59
C VAL J 256 -44.20 13.75 -35.68
N ASP J 257 -43.76 14.07 -36.89
CA ASP J 257 -44.65 14.08 -38.02
C ASP J 257 -44.97 12.64 -38.44
N PRO J 258 -46.18 12.37 -38.95
CA PRO J 258 -46.52 11.01 -39.41
C PRO J 258 -45.65 10.49 -40.54
N SER J 259 -45.16 11.35 -41.43
CA SER J 259 -44.32 10.90 -42.52
C SER J 259 -42.91 10.55 -42.06
N ALA J 260 -42.53 10.96 -40.86
CA ALA J 260 -41.19 10.72 -40.32
C ALA J 260 -41.05 9.27 -39.88
N ARG J 261 -39.82 8.90 -39.52
CA ARG J 261 -39.45 7.53 -39.19
C ARG J 261 -38.38 7.55 -38.10
N ILE J 262 -38.52 6.69 -37.10
CA ILE J 262 -37.58 6.63 -35.99
C ILE J 262 -37.15 5.19 -35.79
N GLY J 263 -35.85 4.93 -35.95
CA GLY J 263 -35.31 3.60 -35.74
C GLY J 263 -35.28 3.22 -34.28
N GLN J 264 -34.95 1.96 -34.04
CA GLN J 264 -35.03 1.39 -32.70
C GLN J 264 -33.76 1.65 -31.92
N ASN J 265 -33.87 1.47 -30.59
CA ASN J 265 -32.78 1.67 -29.61
C ASN J 265 -32.26 3.10 -29.67
N CYS J 266 -33.16 4.05 -29.91
CA CYS J 266 -32.83 5.43 -30.11
C CYS J 266 -33.69 6.26 -29.16
N SER J 267 -33.08 7.21 -28.48
CA SER J 267 -33.73 7.94 -27.39
C SER J 267 -33.96 9.38 -27.79
N ILE J 268 -35.10 9.64 -28.45
CA ILE J 268 -35.50 11.00 -28.80
C ILE J 268 -35.95 11.70 -27.53
N GLY J 269 -35.07 12.53 -26.97
CA GLY J 269 -35.29 13.13 -25.68
C GLY J 269 -36.27 14.28 -25.70
N PRO J 270 -36.23 15.11 -24.67
CA PRO J 270 -37.30 16.10 -24.50
C PRO J 270 -37.18 17.27 -25.46
N ASN J 271 -38.36 17.78 -25.85
CA ASN J 271 -38.54 19.01 -26.63
C ASN J 271 -37.97 18.89 -28.05
N VAL J 272 -38.34 17.84 -28.76
CA VAL J 272 -37.88 17.57 -30.11
C VAL J 272 -39.07 17.62 -31.05
N SER J 273 -38.91 18.23 -32.22
CA SER J 273 -39.98 18.30 -33.20
C SER J 273 -39.47 17.80 -34.54
N LEU J 274 -39.64 16.51 -34.82
CA LEU J 274 -39.17 15.95 -36.08
C LEU J 274 -40.12 16.32 -37.21
N GLY J 275 -39.56 16.62 -38.36
CA GLY J 275 -40.32 17.16 -39.46
C GLY J 275 -40.91 16.10 -40.35
N PRO J 276 -41.57 16.52 -41.41
CA PRO J 276 -42.21 15.55 -42.32
C PRO J 276 -41.20 14.94 -43.28
N GLY J 277 -40.84 13.69 -43.03
CA GLY J 277 -39.96 12.95 -43.91
C GLY J 277 -38.63 12.59 -43.32
N VAL J 278 -38.37 12.92 -42.04
CA VAL J 278 -37.05 12.70 -41.48
C VAL J 278 -36.85 11.21 -41.23
N VAL J 279 -35.60 10.78 -41.29
CA VAL J 279 -35.21 9.39 -41.10
C VAL J 279 -34.20 9.39 -39.97
N VAL J 280 -34.62 9.06 -38.77
CA VAL J 280 -33.73 8.97 -37.62
C VAL J 280 -33.39 7.51 -37.43
N GLU J 281 -32.13 7.16 -37.62
CA GLU J 281 -31.74 5.76 -37.73
C GLU J 281 -31.63 5.13 -36.34
N ASP J 282 -31.06 3.93 -36.29
CA ASP J 282 -31.12 3.08 -35.11
C ASP J 282 -29.98 3.43 -34.17
N GLY J 283 -30.29 4.15 -33.10
CA GLY J 283 -29.33 4.46 -32.07
C GLY J 283 -29.00 5.93 -31.89
N VAL J 284 -29.80 6.83 -32.39
CA VAL J 284 -29.56 8.26 -32.28
C VAL J 284 -30.16 8.77 -30.97
N CYS J 285 -29.47 9.69 -30.32
CA CYS J 285 -30.05 10.46 -29.22
C CYS J 285 -30.25 11.89 -29.70
N ILE J 286 -31.47 12.40 -29.55
CA ILE J 286 -31.81 13.75 -29.98
C ILE J 286 -32.61 14.41 -28.87
N ARG J 287 -32.07 15.46 -28.28
CA ARG J 287 -32.77 16.24 -27.28
C ARG J 287 -32.81 17.68 -27.72
N ARG J 288 -33.92 18.36 -27.45
CA ARG J 288 -34.08 19.81 -27.62
C ARG J 288 -33.85 20.30 -29.05
N CYS J 289 -34.16 19.49 -30.06
CA CYS J 289 -33.73 19.80 -31.42
C CYS J 289 -34.91 19.98 -32.36
N THR J 290 -34.63 20.61 -33.49
CA THR J 290 -35.60 20.82 -34.57
C THR J 290 -35.01 20.21 -35.83
N VAL J 291 -35.66 19.18 -36.36
CA VAL J 291 -35.20 18.52 -37.58
C VAL J 291 -36.24 18.77 -38.66
N LEU J 292 -35.81 19.36 -39.77
CA LEU J 292 -36.74 19.83 -40.79
C LEU J 292 -36.91 18.77 -41.86
N ARG J 293 -37.59 19.11 -42.96
CA ARG J 293 -38.10 18.13 -43.91
C ARG J 293 -36.99 17.41 -44.66
N ASP J 294 -37.10 16.08 -44.73
CA ASP J 294 -36.26 15.17 -45.50
C ASP J 294 -34.83 15.10 -44.98
N ALA J 295 -34.59 15.50 -43.74
CA ALA J 295 -33.25 15.42 -43.18
C ALA J 295 -33.02 14.03 -42.60
N ARG J 296 -31.97 13.36 -43.06
CA ARG J 296 -31.62 12.05 -42.56
C ARG J 296 -30.55 12.18 -41.49
N ILE J 297 -30.78 11.55 -40.35
CA ILE J 297 -29.84 11.56 -39.24
C ILE J 297 -29.39 10.12 -39.04
N ARG J 298 -28.17 9.82 -39.43
CA ARG J 298 -27.72 8.45 -39.38
C ARG J 298 -27.38 8.05 -37.96
N SER J 299 -27.09 6.77 -37.79
CA SER J 299 -27.15 6.11 -36.51
C SER J 299 -25.99 6.50 -35.60
N HIS J 300 -26.19 6.27 -34.31
CA HIS J 300 -25.25 6.44 -33.19
C HIS J 300 -24.87 7.88 -32.92
N SER J 301 -25.54 8.84 -33.54
CA SER J 301 -25.19 10.24 -33.36
C SER J 301 -25.96 10.83 -32.18
N TRP J 302 -25.55 12.02 -31.79
CA TRP J 302 -26.05 12.67 -30.58
C TRP J 302 -26.23 14.15 -30.89
N LEU J 303 -27.46 14.62 -30.79
CA LEU J 303 -27.79 15.99 -31.14
C LEU J 303 -28.48 16.64 -29.96
N GLU J 304 -28.03 17.83 -29.60
CA GLU J 304 -28.70 18.59 -28.55
C GLU J 304 -28.72 20.06 -28.89
N SER J 305 -29.93 20.62 -28.85
CA SER J 305 -30.17 22.05 -29.02
C SER J 305 -29.64 22.55 -30.35
N CYS J 306 -30.04 21.91 -31.44
CA CYS J 306 -29.57 22.36 -32.74
C CYS J 306 -30.64 22.15 -33.79
N ILE J 307 -30.67 23.04 -34.77
CA ILE J 307 -31.60 22.98 -35.90
C ILE J 307 -30.93 22.23 -37.03
N VAL J 308 -31.62 21.25 -37.59
CA VAL J 308 -31.12 20.47 -38.72
C VAL J 308 -32.04 20.74 -39.89
N GLY J 309 -31.56 21.51 -40.87
CA GLY J 309 -32.39 22.00 -41.94
C GLY J 309 -32.76 20.94 -42.97
N TRP J 310 -33.25 21.43 -44.10
CA TRP J 310 -33.89 20.59 -45.10
C TRP J 310 -32.87 19.78 -45.87
N ARG J 311 -33.16 18.48 -46.04
CA ARG J 311 -32.38 17.53 -46.83
C ARG J 311 -30.94 17.39 -46.34
N CYS J 312 -30.73 17.53 -45.05
CA CYS J 312 -29.41 17.35 -44.47
C CYS J 312 -29.13 15.87 -44.27
N ARG J 313 -27.85 15.52 -44.35
CA ARG J 313 -27.41 14.16 -44.08
C ARG J 313 -26.36 14.24 -42.98
N VAL J 314 -26.71 13.82 -41.78
CA VAL J 314 -25.82 13.86 -40.63
C VAL J 314 -25.22 12.48 -40.47
N GLY J 315 -23.90 12.41 -40.48
CA GLY J 315 -23.20 11.13 -40.50
C GLY J 315 -23.32 10.38 -39.18
N GLN J 316 -22.67 9.23 -39.15
CA GLN J 316 -22.68 8.42 -37.96
C GLN J 316 -21.69 8.97 -36.95
N TRP J 317 -22.04 8.81 -35.67
CA TRP J 317 -21.19 9.17 -34.52
C TRP J 317 -20.89 10.66 -34.50
N VAL J 318 -21.80 11.45 -34.97
CA VAL J 318 -21.69 12.88 -35.00
C VAL J 318 -22.25 13.43 -33.71
N ARG J 319 -21.56 14.37 -33.09
CA ARG J 319 -22.08 15.10 -31.96
C ARG J 319 -22.28 16.53 -32.41
N MET J 320 -23.51 17.04 -32.29
CA MET J 320 -23.79 18.44 -32.59
C MET J 320 -24.45 19.04 -31.38
N GLU J 321 -23.91 20.15 -30.89
CA GLU J 321 -24.48 20.76 -29.69
C GLU J 321 -24.34 22.26 -29.79
N ASN J 322 -24.80 22.93 -28.73
CA ASN J 322 -24.70 24.37 -28.58
C ASN J 322 -25.26 25.19 -29.73
N VAL J 323 -26.52 24.94 -30.07
CA VAL J 323 -27.20 25.66 -31.14
C VAL J 323 -26.46 25.67 -32.46
N THR J 324 -26.42 24.51 -33.12
CA THR J 324 -25.78 24.36 -34.41
C THR J 324 -26.83 24.43 -35.51
N VAL J 325 -26.73 25.42 -36.39
CA VAL J 325 -27.71 25.51 -37.48
C VAL J 325 -27.04 25.05 -38.76
N LEU J 326 -27.70 24.15 -39.49
CA LEU J 326 -27.23 23.70 -40.78
C LEU J 326 -28.17 24.22 -41.85
N GLY J 327 -27.61 24.66 -42.97
CA GLY J 327 -28.42 25.09 -44.09
C GLY J 327 -28.97 23.90 -44.85
N GLU J 328 -29.59 24.20 -45.98
CA GLU J 328 -30.14 23.15 -46.81
C GLU J 328 -29.02 22.35 -47.47
N ASP J 329 -29.15 21.02 -47.40
CA ASP J 329 -28.26 20.05 -48.05
C ASP J 329 -26.84 20.17 -47.50
N VAL J 330 -26.72 20.24 -46.19
CA VAL J 330 -25.43 20.19 -45.51
C VAL J 330 -25.17 18.75 -45.17
N ILE J 331 -23.99 18.26 -45.49
CA ILE J 331 -23.64 16.86 -45.29
C ILE J 331 -22.51 16.81 -44.27
N VAL J 332 -22.83 16.32 -43.07
CA VAL J 332 -21.83 16.11 -42.04
C VAL J 332 -21.24 14.73 -42.22
N ASN J 333 -19.93 14.63 -42.34
CA ASN J 333 -19.26 13.35 -42.43
C ASN J 333 -19.29 12.64 -41.08
N ASP J 334 -18.76 11.43 -41.05
CA ASP J 334 -18.88 10.62 -39.85
C ASP J 334 -17.86 11.01 -38.80
N GLU J 335 -18.23 10.79 -37.54
CA GLU J 335 -17.38 10.97 -36.35
C GLU J 335 -16.88 12.41 -36.21
N LEU J 336 -17.71 13.38 -36.55
CA LEU J 336 -17.35 14.77 -36.40
C LEU J 336 -18.08 15.39 -35.23
N TYR J 337 -17.55 16.49 -34.74
CA TYR J 337 -18.10 17.21 -33.61
C TYR J 337 -18.33 18.65 -34.03
N LEU J 338 -19.56 19.13 -33.86
CA LEU J 338 -19.92 20.48 -34.25
C LEU J 338 -20.43 21.21 -33.02
N ASN J 339 -19.78 22.31 -32.70
CA ASN J 339 -20.14 23.13 -31.55
C ASN J 339 -20.38 24.54 -32.09
N GLY J 340 -21.63 24.95 -32.15
CA GLY J 340 -21.93 26.28 -32.63
C GLY J 340 -21.70 26.50 -34.10
N ALA J 341 -21.70 25.43 -34.89
CA ALA J 341 -21.50 25.56 -36.32
C ALA J 341 -22.74 26.16 -36.96
N SER J 342 -22.64 27.37 -37.45
CA SER J 342 -23.62 27.93 -38.36
C SER J 342 -23.14 27.60 -39.77
N VAL J 343 -23.73 26.58 -40.37
CA VAL J 343 -23.29 26.10 -41.67
C VAL J 343 -24.23 26.62 -42.74
N LEU J 344 -23.66 27.24 -43.76
CA LEU J 344 -24.39 27.75 -44.89
C LEU J 344 -24.89 26.60 -45.77
N PRO J 345 -25.88 26.84 -46.64
CA PRO J 345 -26.38 25.76 -47.49
C PRO J 345 -25.39 25.25 -48.52
N HIS J 346 -25.55 23.96 -48.85
CA HIS J 346 -24.76 23.22 -49.84
C HIS J 346 -23.28 23.19 -49.46
N LYS J 347 -22.99 22.69 -48.26
CA LYS J 347 -21.63 22.58 -47.75
C LYS J 347 -21.46 21.22 -47.10
N SER J 348 -20.47 20.46 -47.54
CA SER J 348 -20.16 19.19 -46.91
C SER J 348 -19.04 19.38 -45.91
N ILE J 349 -19.25 18.90 -44.69
CA ILE J 349 -18.34 19.10 -43.57
C ILE J 349 -17.58 17.82 -43.32
N GLY J 350 -16.26 17.89 -43.34
CA GLY J 350 -15.42 16.73 -43.11
C GLY J 350 -14.44 16.94 -41.99
N GLU J 351 -14.71 17.96 -41.18
CA GLU J 351 -13.77 18.48 -40.21
C GLU J 351 -14.55 19.07 -39.05
N SER J 352 -14.15 18.74 -37.82
CA SER J 352 -14.88 19.16 -36.65
C SER J 352 -14.79 20.66 -36.45
N VAL J 353 -15.79 21.19 -35.78
CA VAL J 353 -15.90 22.61 -35.45
C VAL J 353 -16.01 22.71 -33.94
N PRO J 354 -14.90 22.76 -33.21
CA PRO J 354 -14.98 22.65 -31.75
C PRO J 354 -15.38 23.94 -31.05
N GLU J 355 -15.42 25.06 -31.74
CA GLU J 355 -15.82 26.35 -31.20
C GLU J 355 -16.85 26.95 -32.14
N PRO J 356 -17.71 27.84 -31.64
CA PRO J 356 -18.74 28.45 -32.51
C PRO J 356 -18.15 29.28 -33.63
N ARG J 357 -18.50 28.90 -34.85
CA ARG J 357 -17.96 29.48 -36.07
C ARG J 357 -19.09 29.53 -37.09
N ILE J 358 -18.84 30.23 -38.19
CA ILE J 358 -19.72 30.22 -39.35
C ILE J 358 -18.99 29.48 -40.45
N ILE J 359 -19.42 28.25 -40.74
CA ILE J 359 -18.73 27.44 -41.74
C ILE J 359 -19.18 27.91 -43.11
N MET J 360 -18.22 28.31 -43.92
CA MET J 360 -18.49 28.91 -45.19
C MET J 360 -17.29 28.68 -46.09
N MET K 1 -16.90 22.79 -83.99
CA MET K 1 -16.77 22.13 -82.70
C MET K 1 -17.98 22.37 -81.79
N LYS K 2 -18.09 21.53 -80.76
CA LYS K 2 -19.06 21.73 -79.69
C LYS K 2 -18.31 22.00 -78.39
N ALA K 3 -18.84 22.92 -77.59
CA ALA K 3 -18.33 23.21 -76.27
C ALA K 3 -19.29 22.72 -75.20
N LEU K 4 -18.74 22.30 -74.08
CA LEU K 4 -19.52 21.95 -72.90
C LEU K 4 -18.87 22.68 -71.73
N ILE K 5 -19.43 23.82 -71.36
CA ILE K 5 -19.00 24.53 -70.16
C ILE K 5 -19.86 24.06 -69.02
N LEU K 6 -19.21 23.53 -67.99
CA LEU K 6 -19.91 23.15 -66.78
C LEU K 6 -20.23 24.42 -66.02
N VAL K 7 -21.52 24.83 -65.94
CA VAL K 7 -21.89 25.97 -65.10
C VAL K 7 -23.10 25.76 -64.19
N GLY K 8 -23.00 24.93 -63.16
CA GLY K 8 -24.01 24.75 -62.13
C GLY K 8 -23.55 24.26 -60.77
N GLY K 9 -22.26 23.90 -60.59
CA GLY K 9 -21.70 23.84 -59.25
C GLY K 9 -21.94 25.09 -58.43
N TYR K 10 -22.42 24.89 -57.21
CA TYR K 10 -22.66 25.97 -56.26
C TYR K 10 -21.33 26.61 -55.88
N GLY K 11 -21.25 27.92 -55.98
CA GLY K 11 -19.99 28.58 -55.68
C GLY K 11 -19.77 28.70 -54.19
N THR K 12 -19.43 27.59 -53.52
CA THR K 12 -19.33 27.61 -52.07
C THR K 12 -18.12 28.41 -51.61
N ARG K 13 -17.05 28.33 -52.38
CA ARG K 13 -15.88 29.18 -52.21
C ARG K 13 -16.31 30.54 -52.81
N LEU K 14 -15.81 31.66 -52.30
CA LEU K 14 -16.22 33.00 -52.80
C LEU K 14 -17.74 33.01 -52.69
N ARG K 15 -18.18 32.89 -51.44
CA ARG K 15 -19.57 32.70 -51.05
C ARG K 15 -20.44 33.94 -50.96
N PRO K 16 -20.04 35.09 -50.36
CA PRO K 16 -21.00 36.20 -50.27
C PRO K 16 -21.34 36.80 -51.62
N LEU K 17 -20.49 36.60 -52.64
CA LEU K 17 -20.83 37.00 -53.99
C LEU K 17 -21.73 36.00 -54.69
N THR K 18 -21.64 34.72 -54.34
CA THR K 18 -22.46 33.69 -54.98
C THR K 18 -23.68 33.33 -54.17
N LEU K 19 -23.93 34.02 -53.07
CA LEU K 19 -25.18 33.84 -52.35
C LEU K 19 -26.33 34.61 -52.99
N SER K 20 -26.05 35.44 -53.99
CA SER K 20 -27.08 36.21 -54.67
C SER K 20 -27.16 35.89 -56.16
N THR K 21 -26.05 35.97 -56.89
CA THR K 21 -25.99 35.64 -58.31
C THR K 21 -25.15 34.39 -58.48
N PRO K 22 -25.27 33.65 -59.59
CA PRO K 22 -24.39 32.50 -59.79
C PRO K 22 -22.93 32.88 -60.00
N LYS K 23 -22.04 31.99 -59.59
CA LYS K 23 -20.62 32.07 -59.92
C LYS K 23 -20.27 32.23 -61.40
N PRO K 24 -20.99 31.65 -62.39
CA PRO K 24 -20.68 32.02 -63.77
C PRO K 24 -21.02 33.45 -64.13
N LEU K 25 -21.94 34.09 -63.43
CA LEU K 25 -22.41 35.42 -63.79
C LEU K 25 -21.82 36.51 -62.89
N VAL K 26 -20.91 36.19 -61.98
CA VAL K 26 -20.29 37.23 -61.17
C VAL K 26 -19.33 38.01 -62.05
N ASP K 27 -19.22 39.31 -61.83
CA ASP K 27 -18.35 40.11 -62.68
C ASP K 27 -16.88 40.01 -62.37
N PHE K 28 -16.13 39.63 -63.40
CA PHE K 28 -14.68 39.54 -63.30
C PHE K 28 -14.21 40.47 -64.40
N CYS K 29 -13.49 41.52 -64.04
CA CYS K 29 -13.00 42.50 -65.00
C CYS K 29 -14.11 43.06 -65.89
N ASN K 30 -15.23 43.43 -65.27
CA ASN K 30 -16.41 44.01 -65.91
C ASN K 30 -17.17 43.16 -66.93
N LYS K 31 -17.11 41.83 -66.79
CA LYS K 31 -17.88 40.94 -67.66
C LYS K 31 -18.12 39.60 -66.98
N PRO K 32 -19.30 38.98 -67.18
CA PRO K 32 -19.26 37.68 -66.51
C PRO K 32 -18.19 36.75 -67.07
N ILE K 33 -17.66 35.91 -66.18
CA ILE K 33 -16.57 35.00 -66.53
C ILE K 33 -17.03 33.99 -67.57
N LEU K 34 -18.30 33.58 -67.49
CA LEU K 34 -18.90 32.74 -68.52
C LEU K 34 -18.96 33.44 -69.87
N LEU K 35 -19.09 34.77 -69.87
CA LEU K 35 -19.08 35.48 -71.12
C LEU K 35 -17.68 35.64 -71.68
N HIS K 36 -16.65 35.72 -70.82
CA HIS K 36 -15.26 35.58 -71.30
C HIS K 36 -15.06 34.25 -72.01
N GLN K 37 -15.56 33.18 -71.37
CA GLN K 37 -15.46 31.82 -71.91
C GLN K 37 -16.15 31.69 -73.27
N VAL K 38 -17.45 32.01 -73.32
CA VAL K 38 -18.20 31.80 -74.57
C VAL K 38 -17.83 32.83 -75.62
N GLU K 39 -17.31 34.01 -75.25
CA GLU K 39 -16.93 34.98 -76.26
C GLU K 39 -15.62 34.58 -76.92
N ALA K 40 -14.65 34.09 -76.15
CA ALA K 40 -13.43 33.58 -76.78
C ALA K 40 -13.68 32.26 -77.48
N LEU K 41 -14.70 31.50 -77.06
CA LEU K 41 -15.11 30.32 -77.82
C LEU K 41 -15.72 30.72 -79.16
N ALA K 42 -16.61 31.71 -79.16
CA ALA K 42 -17.22 32.18 -80.40
C ALA K 42 -16.21 32.86 -81.32
N ALA K 43 -15.18 33.50 -80.75
CA ALA K 43 -14.07 33.99 -81.57
C ALA K 43 -13.27 32.83 -82.15
N ALA K 44 -13.08 31.75 -81.39
CA ALA K 44 -12.24 30.67 -81.87
C ALA K 44 -12.92 29.82 -82.93
N GLY K 45 -14.25 29.71 -82.88
CA GLY K 45 -14.93 29.01 -83.94
C GLY K 45 -15.58 27.69 -83.57
N VAL K 46 -16.15 27.60 -82.38
CA VAL K 46 -17.04 26.47 -82.07
C VAL K 46 -18.41 26.74 -82.69
N ASP K 47 -19.14 25.67 -82.97
CA ASP K 47 -20.49 25.82 -83.50
C ASP K 47 -21.46 26.25 -82.43
N HIS K 48 -21.53 25.51 -81.33
CA HIS K 48 -22.44 25.84 -80.24
C HIS K 48 -21.86 25.29 -78.94
N VAL K 49 -22.49 25.69 -77.83
CA VAL K 49 -21.99 25.38 -76.49
C VAL K 49 -23.14 24.85 -75.64
N ILE K 50 -22.91 23.70 -75.00
CA ILE K 50 -23.87 23.12 -74.07
C ILE K 50 -23.50 23.56 -72.66
N LEU K 51 -24.48 24.08 -71.93
CA LEU K 51 -24.31 24.45 -70.54
C LEU K 51 -24.97 23.43 -69.63
N ALA K 52 -24.33 23.11 -68.51
CA ALA K 52 -24.88 22.21 -67.50
C ALA K 52 -25.35 23.06 -66.33
N VAL K 53 -26.64 23.34 -66.27
CA VAL K 53 -27.16 24.39 -65.40
C VAL K 53 -28.04 23.76 -64.31
N SER K 54 -27.57 23.80 -63.06
CA SER K 54 -28.35 23.36 -61.89
C SER K 54 -28.72 24.53 -60.99
N TYR K 55 -27.73 25.25 -60.49
CA TYR K 55 -27.89 26.17 -59.38
C TYR K 55 -28.20 27.55 -59.92
N MET K 56 -29.31 28.12 -59.46
CA MET K 56 -29.92 29.33 -60.03
C MET K 56 -30.08 29.19 -61.54
N SER K 57 -30.94 28.26 -61.92
CA SER K 57 -31.07 27.87 -63.31
C SER K 57 -31.74 28.95 -64.14
N GLN K 58 -32.84 29.50 -63.64
CA GLN K 58 -33.64 30.44 -64.41
C GLN K 58 -32.91 31.77 -64.62
N VAL K 59 -32.19 32.25 -63.60
CA VAL K 59 -31.56 33.57 -63.70
C VAL K 59 -30.30 33.50 -64.54
N LEU K 60 -29.64 32.34 -64.59
CA LEU K 60 -28.49 32.19 -65.47
C LEU K 60 -28.94 32.04 -66.92
N GLU K 61 -29.96 31.20 -67.16
CA GLU K 61 -30.41 30.99 -68.53
C GLU K 61 -31.10 32.23 -69.11
N LYS K 62 -31.66 33.08 -68.24
CA LYS K 62 -32.35 34.29 -68.68
C LYS K 62 -31.38 35.29 -69.30
N GLU K 63 -30.10 35.24 -68.93
CA GLU K 63 -29.07 36.05 -69.56
C GLU K 63 -28.33 35.32 -70.65
N MET K 64 -28.14 33.99 -70.51
CA MET K 64 -27.41 33.24 -71.53
C MET K 64 -28.16 33.17 -72.84
N LYS K 65 -29.48 32.97 -72.79
CA LYS K 65 -30.27 32.93 -74.02
C LYS K 65 -30.49 34.33 -74.61
N ALA K 66 -30.23 35.39 -73.84
CA ALA K 66 -30.24 36.73 -74.41
C ALA K 66 -28.87 37.10 -74.96
N GLN K 67 -27.81 36.43 -74.55
CA GLN K 67 -26.50 36.69 -75.13
C GLN K 67 -26.23 35.89 -76.40
N GLU K 68 -26.85 34.70 -76.54
CA GLU K 68 -26.55 33.83 -77.68
C GLU K 68 -26.90 34.47 -79.03
N GLN K 69 -27.99 35.25 -79.06
CA GLN K 69 -28.40 35.90 -80.31
C GLN K 69 -27.46 37.03 -80.67
N ARG K 70 -26.90 37.71 -79.66
CA ARG K 70 -25.93 38.77 -79.93
C ARG K 70 -24.58 38.22 -80.34
N LEU K 71 -24.23 37.01 -79.87
CA LEU K 71 -22.92 36.47 -80.25
C LEU K 71 -22.93 35.96 -81.69
N GLY K 72 -24.02 35.34 -82.12
CA GLY K 72 -24.08 34.67 -83.41
C GLY K 72 -23.94 33.17 -83.33
N ILE K 73 -23.71 32.63 -82.14
CA ILE K 73 -23.58 31.19 -81.92
C ILE K 73 -24.82 30.68 -81.23
N ARG K 74 -25.07 29.38 -81.40
CA ARG K 74 -26.20 28.73 -80.74
C ARG K 74 -25.81 28.31 -79.32
N ILE K 75 -26.81 28.22 -78.45
CA ILE K 75 -26.61 27.78 -77.07
C ILE K 75 -27.70 26.77 -76.72
N SER K 76 -27.29 25.55 -76.41
CA SER K 76 -28.14 24.58 -75.73
C SER K 76 -27.78 24.56 -74.25
N MET K 77 -28.69 24.03 -73.44
CA MET K 77 -28.49 24.04 -71.99
C MET K 77 -29.00 22.73 -71.41
N SER K 78 -28.07 21.82 -71.11
CA SER K 78 -28.38 20.53 -70.50
C SER K 78 -28.82 20.77 -69.06
N HIS K 79 -30.13 20.76 -68.83
CA HIS K 79 -30.66 21.21 -67.55
C HIS K 79 -30.52 20.15 -66.48
N GLU K 80 -29.71 20.46 -65.48
CA GLU K 80 -29.47 19.54 -64.40
C GLU K 80 -30.52 19.71 -63.33
N GLU K 81 -31.18 18.61 -63.01
CA GLU K 81 -32.17 18.65 -61.93
C GLU K 81 -31.62 18.05 -60.64
N GLU K 82 -31.17 16.81 -60.68
CA GLU K 82 -30.21 16.60 -59.60
C GLU K 82 -28.87 17.17 -60.03
N PRO K 83 -28.11 17.83 -59.15
CA PRO K 83 -26.75 18.23 -59.54
C PRO K 83 -25.85 17.02 -59.70
N LEU K 84 -25.49 16.70 -60.94
CA LEU K 84 -24.77 15.48 -61.26
C LEU K 84 -23.27 15.62 -61.17
N GLY K 85 -22.78 16.55 -60.35
CA GLY K 85 -21.35 16.72 -60.19
C GLY K 85 -20.75 17.51 -61.33
N THR K 86 -19.52 17.15 -61.68
CA THR K 86 -18.80 17.80 -62.77
C THR K 86 -18.44 16.82 -63.88
N ALA K 87 -19.06 15.64 -63.91
CA ALA K 87 -18.94 14.71 -65.02
C ALA K 87 -20.29 14.21 -65.54
N GLY K 88 -21.25 13.96 -64.65
CA GLY K 88 -22.62 13.68 -65.03
C GLY K 88 -23.33 14.64 -65.98
N PRO K 89 -22.88 15.94 -66.08
CA PRO K 89 -23.20 16.77 -67.25
C PRO K 89 -23.14 16.13 -68.63
N LEU K 90 -21.99 15.63 -69.06
CA LEU K 90 -21.95 15.09 -70.40
C LEU K 90 -22.55 13.68 -70.49
N ALA K 91 -22.88 13.06 -69.37
CA ALA K 91 -23.79 11.92 -69.42
C ALA K 91 -25.22 12.36 -69.65
N LEU K 92 -25.59 13.54 -69.13
CA LEU K 92 -26.92 14.07 -69.41
C LEU K 92 -27.05 14.46 -70.87
N ALA K 93 -26.07 15.20 -71.40
CA ALA K 93 -26.07 15.65 -72.78
C ALA K 93 -25.26 14.70 -73.66
N ARG K 94 -25.38 13.40 -73.40
CA ARG K 94 -24.68 12.39 -74.18
C ARG K 94 -25.11 12.39 -75.64
N ASP K 95 -26.41 12.51 -75.89
CA ASP K 95 -26.88 12.49 -77.28
C ASP K 95 -26.54 13.79 -78.00
N LEU K 96 -26.39 14.89 -77.27
CA LEU K 96 -25.97 16.13 -77.90
C LEU K 96 -24.50 16.11 -78.28
N LEU K 97 -23.66 15.53 -77.43
CA LEU K 97 -22.24 15.38 -77.72
C LEU K 97 -21.93 14.11 -78.51
N SER K 98 -22.94 13.32 -78.86
CA SER K 98 -22.76 12.10 -79.64
C SER K 98 -23.37 12.22 -81.03
N GLU K 99 -23.54 13.44 -81.54
CA GLU K 99 -24.12 13.62 -82.87
C GLU K 99 -23.10 13.26 -83.95
N THR K 100 -21.81 13.40 -83.66
CA THR K 100 -20.76 13.03 -84.60
C THR K 100 -19.49 12.69 -83.85
N ALA K 101 -18.69 11.79 -84.43
CA ALA K 101 -17.37 11.46 -83.90
C ALA K 101 -16.47 12.68 -84.07
N ASP K 102 -16.24 13.38 -82.98
CA ASP K 102 -15.59 14.68 -82.93
C ASP K 102 -15.16 14.94 -81.49
N PRO K 103 -13.92 15.34 -81.27
CA PRO K 103 -13.57 15.92 -79.96
C PRO K 103 -14.34 17.19 -79.70
N PHE K 104 -14.72 17.38 -78.45
CA PHE K 104 -15.44 18.56 -77.99
C PHE K 104 -14.67 19.20 -76.85
N PHE K 105 -14.81 20.52 -76.73
CA PHE K 105 -14.23 21.25 -75.61
C PHE K 105 -15.04 21.00 -74.36
N VAL K 106 -14.37 20.82 -73.24
CA VAL K 106 -15.00 20.89 -71.92
C VAL K 106 -14.28 21.96 -71.12
N LEU K 107 -15.05 22.91 -70.59
CA LEU K 107 -14.52 24.07 -69.90
C LEU K 107 -15.10 24.21 -68.51
N ASN K 108 -14.31 24.81 -67.64
CA ASN K 108 -14.71 25.14 -66.27
C ASN K 108 -15.25 26.56 -66.20
N SER K 109 -16.11 26.77 -65.21
CA SER K 109 -16.80 28.04 -65.02
C SER K 109 -15.89 29.13 -64.45
N ASP K 110 -14.81 28.76 -63.77
CA ASP K 110 -14.02 29.68 -62.98
C ASP K 110 -12.70 30.10 -63.62
N VAL K 111 -12.23 29.37 -64.61
CA VAL K 111 -10.88 29.59 -65.14
C VAL K 111 -10.90 30.76 -66.12
N ILE K 112 -9.85 31.57 -66.06
CA ILE K 112 -9.66 32.69 -66.98
C ILE K 112 -8.19 32.72 -67.37
N CYS K 113 -7.95 32.77 -68.68
CA CYS K 113 -6.63 32.67 -69.29
C CYS K 113 -6.76 33.12 -70.74
N ASP K 114 -5.62 33.25 -71.42
CA ASP K 114 -5.66 33.36 -72.87
C ASP K 114 -5.98 31.98 -73.42
N PHE K 115 -7.25 31.76 -73.72
CA PHE K 115 -7.77 30.46 -74.12
C PHE K 115 -7.16 30.00 -75.44
N PRO K 116 -6.25 29.03 -75.43
CA PRO K 116 -5.49 28.68 -76.64
C PRO K 116 -6.19 27.60 -77.44
N PHE K 117 -7.39 27.92 -77.93
CA PHE K 117 -8.32 26.91 -78.44
C PHE K 117 -7.79 26.25 -79.71
N GLN K 118 -7.15 27.03 -80.59
CA GLN K 118 -6.70 26.49 -81.86
C GLN K 118 -5.41 25.69 -81.71
N ALA K 119 -4.51 26.11 -80.82
CA ALA K 119 -3.31 25.33 -80.56
C ALA K 119 -3.66 24.04 -79.82
N MET K 120 -4.68 24.10 -78.96
CA MET K 120 -5.18 22.90 -78.29
C MET K 120 -5.82 21.92 -79.28
N VAL K 121 -6.62 22.43 -80.22
CA VAL K 121 -7.25 21.54 -81.18
C VAL K 121 -6.26 21.06 -82.24
N GLN K 122 -5.12 21.75 -82.40
CA GLN K 122 -4.03 21.19 -83.19
C GLN K 122 -3.29 20.12 -82.42
N PHE K 123 -3.12 20.32 -81.11
CA PHE K 123 -2.35 19.38 -80.30
C PHE K 123 -3.09 18.06 -80.13
N HIS K 124 -4.42 18.11 -80.03
CA HIS K 124 -5.20 16.91 -79.73
C HIS K 124 -5.14 15.87 -80.86
N ARG K 125 -5.03 16.31 -82.11
CA ARG K 125 -5.04 15.38 -83.22
C ARG K 125 -3.73 14.62 -83.34
N HIS K 126 -2.61 15.23 -82.92
CA HIS K 126 -1.30 14.64 -83.16
C HIS K 126 -1.05 13.45 -82.27
N HIS K 127 -1.61 13.45 -81.06
CA HIS K 127 -1.32 12.40 -80.09
C HIS K 127 -2.24 11.21 -80.23
N GLY K 128 -3.34 11.34 -80.96
CA GLY K 128 -4.19 10.21 -81.30
C GLY K 128 -5.29 9.88 -80.32
N GLN K 129 -4.98 9.94 -79.02
CA GLN K 129 -5.72 9.20 -78.01
C GLN K 129 -7.06 9.87 -77.66
N GLU K 130 -7.67 9.41 -76.58
CA GLU K 130 -9.07 9.69 -76.28
C GLU K 130 -9.31 11.02 -75.59
N GLY K 131 -8.32 11.59 -74.92
CA GLY K 131 -8.54 12.82 -74.18
C GLY K 131 -7.28 13.57 -73.82
N SER K 132 -7.34 14.90 -73.90
CA SER K 132 -6.18 15.74 -73.61
C SER K 132 -6.59 16.86 -72.67
N ILE K 133 -5.66 17.26 -71.81
CA ILE K 133 -5.93 18.28 -70.80
C ILE K 133 -4.90 19.39 -70.93
N LEU K 134 -5.31 20.60 -70.59
CA LEU K 134 -4.44 21.77 -70.58
C LEU K 134 -3.90 21.98 -69.18
N VAL K 135 -2.59 21.83 -69.02
CA VAL K 135 -1.92 22.01 -67.74
C VAL K 135 -1.22 23.35 -67.73
N THR K 136 -0.78 23.75 -66.53
CA THR K 136 -0.07 25.01 -66.40
C THR K 136 0.92 24.85 -65.25
N LYS K 137 1.97 25.66 -65.30
CA LYS K 137 3.03 25.62 -64.30
C LYS K 137 2.72 26.58 -63.17
N VAL K 138 2.85 26.12 -61.93
CA VAL K 138 2.64 26.95 -60.77
C VAL K 138 3.98 27.40 -60.23
N GLU K 139 3.94 28.34 -59.28
CA GLU K 139 5.14 28.76 -58.57
C GLU K 139 5.47 27.79 -57.44
N GLU K 140 4.51 27.60 -56.54
CA GLU K 140 4.66 26.66 -55.44
C GLU K 140 3.47 25.69 -55.41
N PRO K 141 3.72 24.41 -55.75
CA PRO K 141 2.69 23.37 -55.78
C PRO K 141 2.53 22.72 -54.43
N SER K 142 2.03 23.46 -53.45
CA SER K 142 1.88 22.94 -52.09
C SER K 142 0.69 22.01 -51.84
N LYS K 143 -0.54 22.51 -51.98
CA LYS K 143 -1.74 21.69 -51.78
C LYS K 143 -2.72 22.01 -52.91
N TYR K 144 -2.64 21.24 -53.99
CA TYR K 144 -3.60 21.22 -55.08
C TYR K 144 -3.34 19.96 -55.90
N GLY K 145 -4.35 19.53 -56.66
CA GLY K 145 -4.20 18.38 -57.54
C GLY K 145 -3.16 18.62 -58.62
N VAL K 146 -1.99 17.99 -58.46
CA VAL K 146 -0.84 18.29 -59.29
C VAL K 146 -0.57 17.10 -60.21
N VAL K 147 0.13 17.38 -61.31
CA VAL K 147 0.14 16.50 -62.48
C VAL K 147 1.58 16.27 -62.93
N VAL K 148 1.96 14.99 -63.10
CA VAL K 148 3.29 14.61 -63.56
C VAL K 148 3.15 13.90 -64.89
N CYS K 149 3.94 14.33 -65.86
CA CYS K 149 3.70 14.00 -67.26
C CYS K 149 4.94 13.33 -67.85
N GLU K 150 4.95 13.21 -69.18
CA GLU K 150 6.11 12.73 -69.91
C GLU K 150 6.85 13.92 -70.50
N ALA K 151 7.88 13.64 -71.31
CA ALA K 151 8.73 14.70 -71.84
C ALA K 151 8.09 15.37 -73.05
N ASP K 152 7.76 14.60 -74.08
CA ASP K 152 7.26 15.19 -75.31
C ASP K 152 5.88 14.69 -75.72
N THR K 153 5.47 13.50 -75.32
CA THR K 153 4.07 13.12 -75.50
C THR K 153 3.20 13.82 -74.47
N GLY K 154 3.66 13.93 -73.23
CA GLY K 154 2.84 14.46 -72.18
C GLY K 154 1.89 13.46 -71.59
N ARG K 155 2.23 12.17 -71.68
CA ARG K 155 1.38 11.09 -71.18
C ARG K 155 1.41 11.11 -69.67
N ILE K 156 0.35 11.63 -69.06
CA ILE K 156 0.33 11.87 -67.63
C ILE K 156 0.12 10.55 -66.90
N HIS K 157 1.06 10.21 -66.01
CA HIS K 157 1.03 8.93 -65.32
C HIS K 157 -0.07 8.91 -64.26
N ARG K 158 -0.08 9.92 -63.38
CA ARG K 158 -1.02 10.02 -62.27
C ARG K 158 -1.67 11.40 -62.28
N PHE K 159 -2.99 11.46 -62.07
CA PHE K 159 -3.70 12.74 -62.17
C PHE K 159 -3.85 13.46 -60.83
N VAL K 160 -4.63 12.89 -59.93
CA VAL K 160 -5.03 13.64 -58.76
C VAL K 160 -4.05 13.32 -57.64
N GLU K 161 -3.79 14.31 -56.81
CA GLU K 161 -2.71 14.20 -55.84
C GLU K 161 -3.01 15.07 -54.64
N LYS K 162 -3.08 14.42 -53.49
CA LYS K 162 -3.08 15.08 -52.21
C LYS K 162 -1.69 15.70 -51.98
N PRO K 163 -1.57 16.70 -51.05
CA PRO K 163 -0.31 17.45 -50.92
C PRO K 163 0.93 16.67 -50.49
N GLN K 164 2.03 17.43 -50.34
CA GLN K 164 3.43 17.01 -50.44
C GLN K 164 3.67 16.06 -51.61
N VAL K 165 3.09 16.39 -52.77
CA VAL K 165 3.63 15.96 -54.05
C VAL K 165 4.44 17.15 -54.58
N PHE K 166 5.76 17.04 -54.46
CA PHE K 166 6.66 18.12 -54.85
C PHE K 166 7.26 17.93 -56.22
N VAL K 167 7.33 16.69 -56.70
CA VAL K 167 7.98 16.37 -57.97
C VAL K 167 7.23 16.88 -59.18
N SER K 168 5.94 17.17 -59.05
CA SER K 168 5.04 17.41 -60.17
C SER K 168 5.20 18.80 -60.79
N ASN K 169 4.83 19.83 -60.02
CA ASN K 169 4.89 21.25 -60.38
C ASN K 169 4.00 21.61 -61.57
N LYS K 170 3.02 20.78 -61.93
CA LYS K 170 2.08 21.08 -63.01
C LYS K 170 0.68 20.79 -62.53
N ILE K 171 -0.28 21.67 -62.85
CA ILE K 171 -1.65 21.51 -62.41
C ILE K 171 -2.60 21.60 -63.60
N ASN K 172 -3.79 21.06 -63.39
CA ASN K 172 -4.85 21.09 -64.40
C ASN K 172 -5.47 22.49 -64.48
N ALA K 173 -5.37 23.12 -65.65
CA ALA K 173 -5.94 24.44 -65.87
C ALA K 173 -7.41 24.41 -66.26
N GLY K 174 -8.06 23.26 -66.18
CA GLY K 174 -9.51 23.22 -66.36
C GLY K 174 -10.00 23.29 -67.78
N MET K 175 -9.17 22.91 -68.75
CA MET K 175 -9.56 22.87 -70.15
C MET K 175 -9.28 21.50 -70.72
N TYR K 176 -10.28 20.88 -71.35
CA TYR K 176 -10.12 19.51 -71.82
C TYR K 176 -10.63 19.37 -73.25
N ILE K 177 -9.93 18.58 -74.06
CA ILE K 177 -10.40 18.14 -75.37
C ILE K 177 -10.78 16.68 -75.23
N LEU K 178 -11.99 16.32 -75.66
CA LEU K 178 -12.50 14.99 -75.35
C LEU K 178 -13.16 14.34 -76.55
N SER K 179 -12.68 13.16 -76.92
CA SER K 179 -13.27 12.37 -77.98
C SER K 179 -14.58 11.74 -77.48
N PRO K 180 -15.52 11.40 -78.39
CA PRO K 180 -16.83 10.90 -77.93
C PRO K 180 -16.80 9.54 -77.23
N ALA K 181 -15.71 8.77 -77.35
CA ALA K 181 -15.64 7.49 -76.66
C ALA K 181 -15.47 7.66 -75.16
N VAL K 182 -14.86 8.77 -74.71
CA VAL K 182 -14.90 9.17 -73.30
C VAL K 182 -16.35 9.36 -72.87
N LEU K 183 -17.20 9.82 -73.78
CA LEU K 183 -18.63 9.94 -73.56
C LEU K 183 -19.29 8.61 -73.17
N GLN K 184 -18.72 7.46 -73.59
CA GLN K 184 -19.25 6.18 -73.16
C GLN K 184 -18.37 5.52 -72.09
N ARG K 185 -17.72 6.34 -71.26
CA ARG K 185 -17.18 5.90 -69.98
C ARG K 185 -18.05 6.38 -68.81
N ILE K 186 -19.04 7.22 -69.10
CA ILE K 186 -19.75 7.97 -68.08
C ILE K 186 -21.08 7.29 -67.79
N GLN K 187 -21.72 7.69 -66.69
CA GLN K 187 -23.02 7.20 -66.26
C GLN K 187 -23.83 8.39 -65.80
N LEU K 188 -25.16 8.24 -65.84
CA LEU K 188 -26.08 9.31 -65.44
C LEU K 188 -25.99 9.66 -63.96
N GLN K 189 -25.36 8.83 -63.12
CA GLN K 189 -25.24 9.13 -61.70
C GLN K 189 -24.28 10.31 -61.48
N PRO K 190 -24.43 11.05 -60.36
CA PRO K 190 -23.52 12.16 -60.09
C PRO K 190 -22.08 11.68 -59.88
N THR K 191 -21.16 12.32 -60.59
CA THR K 191 -19.75 11.96 -60.55
C THR K 191 -18.92 13.19 -60.88
N SER K 192 -17.62 13.08 -60.63
CA SER K 192 -16.68 14.15 -60.92
C SER K 192 -15.72 13.72 -62.02
N ILE K 193 -15.27 14.69 -62.81
CA ILE K 193 -14.38 14.35 -63.91
C ILE K 193 -12.93 14.27 -63.43
N GLU K 194 -12.55 15.15 -62.49
CA GLU K 194 -11.19 15.10 -61.94
C GLU K 194 -11.00 13.91 -61.01
N LYS K 195 -12.07 13.44 -60.39
CA LYS K 195 -11.97 12.43 -59.35
C LYS K 195 -11.97 11.02 -59.92
N GLU K 196 -12.85 10.71 -60.87
CA GLU K 196 -12.96 9.32 -61.30
C GLU K 196 -12.70 9.06 -62.78
N VAL K 197 -13.18 9.89 -63.70
CA VAL K 197 -12.99 9.58 -65.11
C VAL K 197 -11.57 9.88 -65.56
N PHE K 198 -11.01 10.98 -65.11
CA PHE K 198 -9.62 11.30 -65.43
C PHE K 198 -8.67 10.33 -64.72
N PRO K 199 -9.03 9.81 -63.55
CA PRO K 199 -8.15 8.81 -62.92
C PRO K 199 -7.99 7.53 -63.72
N ILE K 200 -9.10 6.98 -64.22
CA ILE K 200 -8.98 5.77 -65.02
C ILE K 200 -8.50 6.08 -66.44
N MET K 201 -8.69 7.30 -66.93
CA MET K 201 -8.11 7.65 -68.23
C MET K 201 -6.60 7.85 -68.14
N ALA K 202 -6.09 8.23 -66.96
CA ALA K 202 -4.65 8.19 -66.74
C ALA K 202 -4.16 6.81 -66.36
N LYS K 203 -5.06 5.91 -65.96
CA LYS K 203 -4.69 4.50 -65.90
C LYS K 203 -4.52 3.91 -67.31
N GLU K 204 -5.35 4.38 -68.25
CA GLU K 204 -5.37 3.80 -69.59
C GLU K 204 -4.10 4.10 -70.36
N GLY K 205 -3.72 5.38 -70.42
CA GLY K 205 -2.75 5.86 -71.38
C GLY K 205 -3.35 6.77 -72.42
N GLN K 206 -4.62 7.17 -72.25
CA GLN K 206 -5.26 8.07 -73.19
C GLN K 206 -5.03 9.55 -72.84
N LEU K 207 -4.83 9.87 -71.57
CA LEU K 207 -4.76 11.26 -71.14
C LEU K 207 -3.41 11.88 -71.45
N TYR K 208 -3.43 13.05 -72.09
CA TYR K 208 -2.23 13.71 -72.58
C TYR K 208 -2.23 15.18 -72.16
N ALA K 209 -1.02 15.76 -72.06
CA ALA K 209 -0.83 17.07 -71.44
C ALA K 209 -0.04 18.00 -72.35
N MET K 210 -0.33 19.30 -72.24
CA MET K 210 0.38 20.33 -73.00
C MET K 210 0.21 21.67 -72.30
N GLU K 211 1.31 22.27 -71.87
CA GLU K 211 1.24 23.31 -70.86
C GLU K 211 1.15 24.70 -71.48
N LEU K 212 0.48 25.60 -70.76
CA LEU K 212 0.17 26.91 -71.30
C LEU K 212 1.36 27.86 -71.13
N GLN K 213 1.12 29.11 -71.50
CA GLN K 213 2.16 30.06 -71.80
C GLN K 213 2.06 31.31 -70.95
N GLY K 214 1.23 31.31 -69.91
CA GLY K 214 1.18 32.41 -68.97
C GLY K 214 -0.21 32.94 -68.78
N PHE K 215 -0.45 33.54 -67.59
CA PHE K 215 -1.75 34.08 -67.17
C PHE K 215 -2.80 32.97 -67.18
N TRP K 216 -2.76 32.12 -66.16
CA TRP K 216 -3.92 31.30 -65.80
C TRP K 216 -4.35 31.66 -64.39
N MET K 217 -5.67 31.76 -64.16
CA MET K 217 -6.15 31.88 -62.79
C MET K 217 -7.60 31.40 -62.70
N ASP K 218 -7.95 30.80 -61.57
CA ASP K 218 -9.34 30.54 -61.23
C ASP K 218 -9.89 31.69 -60.39
N ILE K 219 -11.21 31.76 -60.32
CA ILE K 219 -11.85 32.74 -59.45
C ILE K 219 -12.71 32.06 -58.38
N GLY K 220 -12.38 30.80 -58.05
CA GLY K 220 -13.13 30.09 -57.03
C GLY K 220 -12.93 30.67 -55.64
N GLN K 221 -11.72 30.96 -55.28
CA GLN K 221 -11.50 31.70 -54.04
C GLN K 221 -11.63 33.19 -54.31
N PRO K 222 -11.90 34.00 -53.28
CA PRO K 222 -11.96 35.45 -53.50
C PRO K 222 -10.60 36.13 -53.63
N LYS K 223 -9.61 35.65 -52.88
CA LYS K 223 -8.26 36.19 -53.10
C LYS K 223 -7.69 35.71 -54.42
N ASP K 224 -8.07 34.51 -54.85
CA ASP K 224 -7.73 34.07 -56.20
C ASP K 224 -8.44 34.88 -57.26
N PHE K 225 -9.66 35.35 -56.96
CA PHE K 225 -10.38 36.29 -57.83
C PHE K 225 -9.62 37.61 -57.94
N LEU K 226 -9.06 38.11 -56.84
CA LEU K 226 -8.38 39.41 -56.90
C LEU K 226 -7.03 39.32 -57.62
N THR K 227 -6.26 38.25 -57.39
CA THR K 227 -5.02 38.13 -58.15
C THR K 227 -5.29 37.79 -59.61
N GLY K 228 -6.41 37.12 -59.93
CA GLY K 228 -6.78 36.94 -61.31
C GLY K 228 -7.20 38.23 -61.98
N MET K 229 -7.80 39.13 -61.22
CA MET K 229 -8.21 40.41 -61.75
C MET K 229 -7.01 41.05 -62.43
N CYS K 230 -5.98 41.36 -61.66
CA CYS K 230 -4.77 41.98 -62.18
C CYS K 230 -4.02 41.12 -63.17
N LEU K 231 -4.08 39.80 -63.01
CA LEU K 231 -3.44 38.88 -63.94
C LEU K 231 -4.08 39.19 -65.28
N PHE K 232 -5.30 39.68 -65.21
CA PHE K 232 -6.02 40.10 -66.42
C PHE K 232 -5.71 41.55 -66.77
N LEU K 233 -5.53 42.40 -65.77
CA LEU K 233 -5.26 43.80 -66.06
C LEU K 233 -3.84 44.00 -66.57
N GLN K 234 -2.89 43.16 -66.10
CA GLN K 234 -1.57 43.12 -66.72
C GLN K 234 -1.66 42.62 -68.16
N SER K 235 -2.59 41.68 -68.43
CA SER K 235 -2.82 41.25 -69.81
C SER K 235 -3.40 42.38 -70.68
N LEU K 236 -4.36 43.15 -70.15
CA LEU K 236 -4.96 44.26 -70.89
C LEU K 236 -4.00 45.43 -71.03
N ARG K 237 -2.96 45.50 -70.20
CA ARG K 237 -1.86 46.42 -70.49
C ARG K 237 -0.95 45.88 -71.58
N GLN K 238 -0.71 44.56 -71.57
CA GLN K 238 0.19 43.97 -72.56
C GLN K 238 -0.40 43.96 -73.96
N LYS K 239 -1.71 43.77 -74.10
CA LYS K 239 -2.30 43.43 -75.39
C LYS K 239 -3.15 44.56 -75.97
N GLN K 240 -4.19 45.00 -75.27
CA GLN K 240 -5.09 46.06 -75.76
C GLN K 240 -5.10 47.19 -74.75
N PRO K 241 -4.09 48.08 -74.78
CA PRO K 241 -4.01 49.16 -73.77
C PRO K 241 -5.01 50.29 -73.97
N GLU K 242 -5.88 50.22 -74.98
CA GLU K 242 -6.88 51.26 -75.17
C GLU K 242 -8.02 51.17 -74.16
N ARG K 243 -8.32 49.95 -73.70
CA ARG K 243 -9.47 49.75 -72.82
C ARG K 243 -9.20 50.26 -71.41
N LEU K 244 -7.94 50.29 -70.98
CA LEU K 244 -7.60 50.70 -69.62
C LEU K 244 -7.69 52.21 -69.47
N CYS K 245 -8.26 52.66 -68.37
CA CYS K 245 -8.44 54.08 -68.15
C CYS K 245 -7.12 54.74 -67.75
N SER K 246 -7.00 56.03 -68.10
CA SER K 246 -5.84 56.83 -67.74
C SER K 246 -6.28 58.26 -67.45
N GLY K 247 -5.69 58.84 -66.42
CA GLY K 247 -6.02 60.18 -65.99
C GLY K 247 -5.01 60.70 -65.00
N PRO K 248 -5.27 61.90 -64.45
CA PRO K 248 -4.31 62.51 -63.51
C PRO K 248 -4.19 61.78 -62.19
N GLY K 249 -5.33 61.44 -61.58
CA GLY K 249 -5.34 60.67 -60.34
C GLY K 249 -5.34 59.18 -60.54
N ILE K 250 -5.49 58.72 -61.78
CA ILE K 250 -5.55 57.30 -62.10
C ILE K 250 -4.12 56.79 -62.30
N VAL K 251 -3.71 55.81 -61.51
CA VAL K 251 -2.39 55.24 -61.59
C VAL K 251 -2.53 53.75 -61.87
N GLY K 252 -1.55 53.19 -62.57
CA GLY K 252 -1.53 51.76 -62.84
C GLY K 252 -2.62 51.29 -63.79
N ASN K 253 -2.90 49.99 -63.69
CA ASN K 253 -3.90 49.31 -64.52
C ASN K 253 -5.28 49.46 -63.89
N VAL K 254 -6.10 50.35 -64.44
CA VAL K 254 -7.45 50.59 -63.93
C VAL K 254 -8.44 50.25 -65.04
N LEU K 255 -9.56 49.64 -64.68
CA LEU K 255 -10.68 49.39 -65.57
C LEU K 255 -11.90 50.17 -65.06
N VAL K 256 -12.45 51.03 -65.91
CA VAL K 256 -13.62 51.84 -65.55
C VAL K 256 -14.67 51.69 -66.64
N ASP K 257 -15.91 51.40 -66.24
CA ASP K 257 -16.99 51.40 -67.21
C ASP K 257 -17.44 52.84 -67.49
N PRO K 258 -18.00 53.09 -68.68
CA PRO K 258 -18.48 54.45 -68.98
C PRO K 258 -19.62 54.95 -68.10
N SER K 259 -20.40 54.05 -67.50
CA SER K 259 -21.40 54.50 -66.53
C SER K 259 -20.78 54.90 -65.20
N ALA K 260 -19.60 54.39 -64.89
CA ALA K 260 -18.96 54.65 -63.60
C ALA K 260 -18.43 56.07 -63.54
N ARG K 261 -18.75 56.79 -62.46
CA ARG K 261 -18.29 58.15 -62.30
C ARG K 261 -17.44 58.26 -61.03
N ILE K 262 -16.48 59.18 -61.08
CA ILE K 262 -15.49 59.36 -60.03
C ILE K 262 -15.34 60.85 -59.78
N GLY K 263 -15.47 61.26 -58.51
CA GLY K 263 -15.18 62.63 -58.14
C GLY K 263 -13.69 62.95 -58.20
N GLN K 264 -13.37 64.20 -57.94
CA GLN K 264 -11.99 64.64 -58.09
C GLN K 264 -11.23 64.52 -56.76
N ASN K 265 -9.92 64.79 -56.84
CA ASN K 265 -8.99 64.77 -55.70
C ASN K 265 -8.97 63.43 -54.99
N CYS K 266 -9.16 62.35 -55.76
CA CYS K 266 -9.10 61.00 -55.24
C CYS K 266 -7.93 60.28 -55.90
N SER K 267 -7.69 59.03 -55.48
CA SER K 267 -6.53 58.28 -55.94
C SER K 267 -6.93 56.83 -56.20
N ILE K 268 -7.34 56.54 -57.43
CA ILE K 268 -7.66 55.17 -57.81
C ILE K 268 -6.35 54.46 -58.11
N GLY K 269 -5.98 53.51 -57.25
CA GLY K 269 -4.72 52.83 -57.37
C GLY K 269 -4.71 51.80 -58.47
N PRO K 270 -3.62 51.04 -58.54
CA PRO K 270 -3.53 50.00 -59.56
C PRO K 270 -4.45 48.83 -59.27
N ASN K 271 -4.78 48.09 -60.34
CA ASN K 271 -5.60 46.87 -60.31
C ASN K 271 -7.00 47.12 -59.76
N VAL K 272 -7.64 48.16 -60.27
CA VAL K 272 -9.00 48.50 -59.88
C VAL K 272 -9.91 48.25 -61.08
N SER K 273 -11.06 47.62 -60.83
CA SER K 273 -12.07 47.32 -61.84
C SER K 273 -13.40 47.89 -61.34
N LEU K 274 -13.65 49.16 -61.63
CA LEU K 274 -14.92 49.78 -61.26
C LEU K 274 -16.01 49.37 -62.25
N GLY K 275 -17.06 48.73 -61.74
CA GLY K 275 -18.15 48.26 -62.57
C GLY K 275 -19.07 49.37 -62.99
N PRO K 276 -20.17 48.98 -63.65
CA PRO K 276 -21.07 49.99 -64.25
C PRO K 276 -21.91 50.70 -63.20
N GLY K 277 -21.93 52.02 -63.29
CA GLY K 277 -22.79 52.85 -62.49
C GLY K 277 -22.23 53.24 -61.14
N VAL K 278 -21.02 52.79 -60.79
CA VAL K 278 -20.52 52.98 -59.45
C VAL K 278 -20.10 54.43 -59.24
N VAL K 279 -20.26 54.90 -58.02
CA VAL K 279 -20.07 56.29 -57.65
C VAL K 279 -18.92 56.34 -56.65
N VAL K 280 -17.78 56.85 -57.09
CA VAL K 280 -16.63 57.06 -56.23
C VAL K 280 -16.54 58.54 -55.94
N GLU K 281 -16.64 58.91 -54.68
CA GLU K 281 -16.73 60.29 -54.26
C GLU K 281 -15.33 60.89 -54.12
N ASP K 282 -15.22 62.01 -53.43
CA ASP K 282 -13.96 62.73 -53.30
C ASP K 282 -13.02 62.02 -52.34
N GLY K 283 -11.72 62.05 -52.67
CA GLY K 283 -10.68 61.58 -51.78
C GLY K 283 -10.68 60.10 -51.49
N VAL K 284 -11.35 59.30 -52.32
CA VAL K 284 -11.51 57.87 -52.06
C VAL K 284 -10.34 57.14 -52.71
N CYS K 285 -9.43 56.63 -51.88
CA CYS K 285 -8.30 55.86 -52.37
C CYS K 285 -8.72 54.41 -52.51
N ILE K 286 -8.88 53.96 -53.75
CA ILE K 286 -9.24 52.57 -54.05
C ILE K 286 -8.05 51.94 -54.77
N ARG K 287 -7.52 50.86 -54.22
CA ARG K 287 -6.37 50.22 -54.83
C ARG K 287 -6.57 48.71 -54.75
N ARG K 288 -6.26 48.00 -55.84
CA ARG K 288 -6.36 46.54 -55.91
C ARG K 288 -7.77 46.01 -55.59
N CYS K 289 -8.81 46.76 -55.94
CA CYS K 289 -10.16 46.43 -55.51
C CYS K 289 -11.10 46.43 -56.71
N THR K 290 -11.92 45.39 -56.81
CA THR K 290 -12.98 45.30 -57.80
C THR K 290 -14.27 45.78 -57.17
N VAL K 291 -14.90 46.75 -57.80
CA VAL K 291 -16.14 47.35 -57.31
C VAL K 291 -17.25 46.97 -58.28
N LEU K 292 -18.17 46.12 -57.84
CA LEU K 292 -19.24 45.66 -58.70
C LEU K 292 -20.34 46.71 -58.77
N ARG K 293 -21.40 46.41 -59.54
CA ARG K 293 -22.30 47.41 -60.07
C ARG K 293 -23.10 48.14 -59.00
N ASP K 294 -23.35 49.43 -59.28
CA ASP K 294 -24.24 50.30 -58.49
C ASP K 294 -23.76 50.50 -57.05
N ALA K 295 -22.46 50.32 -56.80
CA ALA K 295 -21.92 50.45 -55.46
C ALA K 295 -21.45 51.89 -55.27
N ARG K 296 -21.95 52.54 -54.22
CA ARG K 296 -21.55 53.89 -53.88
C ARG K 296 -20.52 53.83 -52.77
N ILE K 297 -19.38 54.46 -52.98
CA ILE K 297 -18.31 54.52 -51.99
C ILE K 297 -18.14 55.97 -51.59
N ARG K 298 -18.53 56.30 -50.37
CA ARG K 298 -18.59 57.70 -49.96
C ARG K 298 -17.19 58.23 -49.68
N SER K 299 -17.13 59.53 -49.40
CA SER K 299 -15.89 60.28 -49.48
C SER K 299 -14.95 59.95 -48.34
N HIS K 300 -13.66 60.20 -48.60
CA HIS K 300 -12.54 60.01 -47.68
C HIS K 300 -12.34 58.56 -47.26
N SER K 301 -12.71 57.63 -48.12
CA SER K 301 -12.61 56.22 -47.81
C SER K 301 -11.29 55.66 -48.34
N TRP K 302 -10.91 54.51 -47.80
CA TRP K 302 -9.71 53.81 -48.24
C TRP K 302 -10.03 52.33 -48.40
N LEU K 303 -9.69 51.79 -49.56
CA LEU K 303 -10.05 50.43 -49.95
C LEU K 303 -8.82 49.77 -50.55
N GLU K 304 -8.49 48.57 -50.09
CA GLU K 304 -7.34 47.85 -50.62
C GLU K 304 -7.56 46.35 -50.50
N SER K 305 -7.41 45.62 -51.61
CA SER K 305 -7.65 44.18 -51.69
C SER K 305 -9.06 43.86 -51.20
N CYS K 306 -10.05 44.32 -51.93
CA CYS K 306 -11.42 44.20 -51.46
C CYS K 306 -12.33 43.95 -52.66
N ILE K 307 -13.45 43.28 -52.40
CA ILE K 307 -14.51 43.13 -53.40
C ILE K 307 -15.78 43.72 -52.81
N VAL K 308 -16.29 44.76 -53.46
CA VAL K 308 -17.57 45.36 -53.10
C VAL K 308 -18.61 44.78 -54.03
N GLY K 309 -19.67 44.22 -53.48
CA GLY K 309 -20.68 43.56 -54.28
C GLY K 309 -21.61 44.53 -54.99
N TRP K 310 -22.79 44.04 -55.32
CA TRP K 310 -23.74 44.83 -56.07
C TRP K 310 -24.57 45.70 -55.14
N ARG K 311 -24.65 46.99 -55.45
CA ARG K 311 -25.50 47.97 -54.79
C ARG K 311 -25.15 48.15 -53.30
N CYS K 312 -23.86 48.05 -52.98
CA CYS K 312 -23.42 48.33 -51.62
C CYS K 312 -23.22 49.81 -51.39
N ARG K 313 -23.10 50.17 -50.12
CA ARG K 313 -22.86 51.54 -49.70
C ARG K 313 -21.77 51.53 -48.65
N VAL K 314 -20.64 52.14 -48.99
CA VAL K 314 -19.51 52.29 -48.08
C VAL K 314 -19.54 53.71 -47.53
N GLY K 315 -19.48 53.85 -46.22
CA GLY K 315 -19.62 55.14 -45.57
C GLY K 315 -18.36 55.97 -45.64
N GLN K 316 -18.43 57.12 -44.97
CA GLN K 316 -17.30 58.04 -44.94
C GLN K 316 -16.24 57.56 -43.96
N TRP K 317 -14.98 57.81 -44.31
CA TRP K 317 -13.80 57.49 -43.50
C TRP K 317 -13.73 56.01 -43.13
N VAL K 318 -14.21 55.16 -44.01
CA VAL K 318 -14.18 53.71 -43.81
C VAL K 318 -12.86 53.19 -44.35
N ARG K 319 -12.22 52.30 -43.60
CA ARG K 319 -10.96 51.68 -44.00
C ARG K 319 -11.22 50.19 -44.17
N MET K 320 -11.36 49.74 -45.41
CA MET K 320 -11.61 48.35 -45.71
C MET K 320 -10.38 47.76 -46.37
N GLU K 321 -9.85 46.69 -45.80
CA GLU K 321 -8.66 46.07 -46.39
C GLU K 321 -8.72 44.56 -46.17
N ASN K 322 -7.63 43.91 -46.56
CA ASN K 322 -7.40 42.49 -46.41
C ASN K 322 -8.53 41.60 -46.86
N VAL K 323 -8.72 41.55 -48.19
CA VAL K 323 -9.79 40.76 -48.84
C VAL K 323 -11.12 40.75 -48.10
N THR K 324 -11.61 41.94 -47.79
CA THR K 324 -12.88 42.15 -47.11
C THR K 324 -13.89 42.09 -48.24
N VAL K 325 -14.77 41.09 -48.23
CA VAL K 325 -15.70 41.01 -49.34
C VAL K 325 -17.09 41.35 -48.83
N LEU K 326 -17.72 42.35 -49.42
CA LEU K 326 -19.09 42.70 -49.09
C LEU K 326 -20.05 42.02 -50.07
N GLY K 327 -21.09 41.41 -49.54
CA GLY K 327 -22.13 40.87 -50.39
C GLY K 327 -23.05 41.96 -50.93
N GLU K 328 -24.09 41.51 -51.62
CA GLU K 328 -25.02 42.42 -52.28
C GLU K 328 -25.81 43.24 -51.27
N ASP K 329 -25.83 44.56 -51.47
CA ASP K 329 -26.59 45.52 -50.66
C ASP K 329 -26.17 45.49 -49.18
N VAL K 330 -24.86 45.63 -48.95
CA VAL K 330 -24.31 45.74 -47.61
C VAL K 330 -23.96 47.20 -47.38
N ILE K 331 -24.55 47.80 -46.35
CA ILE K 331 -24.33 49.20 -46.01
C ILE K 331 -23.31 49.28 -44.87
N VAL K 332 -22.18 49.91 -45.12
CA VAL K 332 -21.14 50.07 -44.12
C VAL K 332 -21.23 51.48 -43.55
N ASN K 333 -21.38 51.58 -42.24
CA ASN K 333 -21.55 52.87 -41.58
C ASN K 333 -20.21 53.58 -41.46
N ASP K 334 -20.30 54.88 -41.22
CA ASP K 334 -19.14 55.76 -41.31
C ASP K 334 -18.13 55.50 -40.20
N GLU K 335 -16.87 55.79 -40.52
CA GLU K 335 -15.72 55.71 -39.61
C GLU K 335 -15.54 54.29 -39.04
N LEU K 336 -15.33 53.34 -39.95
CA LEU K 336 -15.31 51.92 -39.60
C LEU K 336 -14.12 51.23 -40.23
N TYR K 337 -13.47 50.35 -39.47
CA TYR K 337 -12.31 49.61 -39.93
C TYR K 337 -12.71 48.15 -40.14
N LEU K 338 -12.56 47.66 -41.36
CA LEU K 338 -12.95 46.31 -41.72
C LEU K 338 -11.73 45.58 -42.26
N ASN K 339 -11.40 44.46 -41.64
CA ASN K 339 -10.21 43.68 -41.96
C ASN K 339 -10.62 42.22 -42.00
N GLY K 340 -10.69 41.64 -43.19
CA GLY K 340 -11.08 40.24 -43.30
C GLY K 340 -12.56 39.98 -43.30
N ALA K 341 -13.38 41.02 -43.31
CA ALA K 341 -14.81 40.88 -43.12
C ALA K 341 -15.45 40.35 -44.40
N SER K 342 -15.95 39.12 -44.35
CA SER K 342 -16.86 38.60 -45.36
C SER K 342 -18.27 38.90 -44.88
N VAL K 343 -18.97 39.78 -45.56
CA VAL K 343 -20.27 40.25 -45.10
C VAL K 343 -21.35 39.69 -46.01
N LEU K 344 -22.28 38.97 -45.41
CA LEU K 344 -23.36 38.33 -46.13
C LEU K 344 -24.35 39.37 -46.62
N PRO K 345 -25.08 39.11 -47.71
CA PRO K 345 -25.87 40.17 -48.34
C PRO K 345 -27.04 40.64 -47.49
N HIS K 346 -27.42 41.90 -47.71
CA HIS K 346 -28.50 42.61 -47.00
C HIS K 346 -28.24 42.63 -45.49
N LYS K 347 -27.19 43.35 -45.14
CA LYS K 347 -26.76 43.42 -43.74
C LYS K 347 -25.97 44.70 -43.52
N SER K 348 -26.36 45.48 -42.52
CA SER K 348 -25.67 46.73 -42.18
C SER K 348 -24.72 46.52 -41.02
N ILE K 349 -23.52 47.08 -41.12
CA ILE K 349 -22.47 46.91 -40.12
C ILE K 349 -22.27 48.23 -39.42
N GLY K 350 -22.45 48.24 -38.10
CA GLY K 350 -22.29 49.45 -37.33
C GLY K 350 -21.01 49.46 -36.52
N GLU K 351 -20.41 48.29 -36.36
CA GLU K 351 -19.15 48.14 -35.64
C GLU K 351 -18.01 47.89 -36.61
N SER K 352 -16.82 48.36 -36.24
CA SER K 352 -15.59 47.99 -36.92
C SER K 352 -15.20 46.56 -36.56
N VAL K 353 -14.55 45.90 -37.50
CA VAL K 353 -14.17 44.50 -37.30
C VAL K 353 -12.67 44.35 -37.58
N PRO K 354 -11.86 44.16 -36.54
CA PRO K 354 -10.40 44.12 -36.73
C PRO K 354 -9.86 42.78 -37.20
N GLU K 355 -10.48 41.74 -36.87
CA GLU K 355 -9.98 40.42 -37.21
C GLU K 355 -10.81 39.81 -38.34
N PRO K 356 -10.21 38.93 -39.15
CA PRO K 356 -10.98 38.26 -40.20
C PRO K 356 -12.09 37.39 -39.64
N ARG K 357 -13.29 37.58 -40.19
CA ARG K 357 -14.50 37.02 -39.65
C ARG K 357 -15.58 37.10 -40.70
N ILE K 358 -16.47 36.10 -40.69
CA ILE K 358 -17.68 36.13 -41.49
C ILE K 358 -18.77 36.80 -40.68
N ILE K 359 -19.36 37.86 -41.22
CA ILE K 359 -20.52 38.49 -40.64
C ILE K 359 -21.76 37.87 -41.27
N MET K 360 -22.55 37.16 -40.48
CA MET K 360 -23.73 36.50 -41.04
C MET K 360 -24.98 37.34 -40.91
N MET L 1 -35.70 -33.48 70.78
CA MET L 1 -35.21 -34.76 70.25
C MET L 1 -33.69 -34.75 70.12
N LYS L 2 -33.16 -35.71 69.36
CA LYS L 2 -31.71 -35.89 69.26
C LYS L 2 -31.22 -35.57 67.84
N ALA L 3 -29.94 -35.24 67.73
CA ALA L 3 -29.35 -34.90 66.44
C ALA L 3 -27.87 -35.22 66.47
N LEU L 4 -27.45 -36.14 65.61
CA LEU L 4 -26.07 -36.57 65.51
C LEU L 4 -25.46 -36.01 64.23
N ILE L 5 -24.27 -35.42 64.34
CA ILE L 5 -23.51 -34.90 63.23
C ILE L 5 -22.28 -35.77 63.06
N LEU L 6 -22.05 -36.25 61.85
CA LEU L 6 -20.92 -37.13 61.56
C LEU L 6 -19.70 -36.27 61.20
N VAL L 7 -18.71 -36.25 62.07
CA VAL L 7 -17.52 -35.42 61.93
C VAL L 7 -16.38 -36.32 61.46
N GLY L 8 -16.02 -36.21 60.18
CA GLY L 8 -14.98 -37.06 59.63
C GLY L 8 -13.61 -36.72 60.19
N GLY L 9 -12.84 -37.78 60.49
CA GLY L 9 -11.62 -37.64 61.24
C GLY L 9 -10.39 -37.75 60.36
N TYR L 10 -9.66 -36.64 60.25
CA TYR L 10 -8.45 -36.49 59.44
C TYR L 10 -8.70 -36.91 57.99
N GLY L 11 -9.68 -36.25 57.37
CA GLY L 11 -9.91 -36.45 55.95
C GLY L 11 -8.78 -35.86 55.14
N THR L 12 -8.64 -36.33 53.91
CA THR L 12 -7.59 -35.83 53.04
C THR L 12 -8.08 -34.77 52.06
N ARG L 13 -9.37 -34.52 52.00
CA ARG L 13 -9.86 -33.36 51.27
C ARG L 13 -9.78 -32.14 52.17
N LEU L 14 -9.69 -30.96 51.53
CA LEU L 14 -9.47 -29.66 52.21
C LEU L 14 -8.17 -29.63 53.01
N ARG L 15 -7.17 -30.39 52.56
CA ARG L 15 -6.02 -30.83 53.35
C ARG L 15 -5.02 -29.79 53.83
N PRO L 16 -4.60 -28.77 53.04
CA PRO L 16 -3.68 -27.78 53.62
C PRO L 16 -4.30 -26.94 54.72
N LEU L 17 -5.59 -26.62 54.59
CA LEU L 17 -6.26 -25.92 55.68
C LEU L 17 -6.43 -26.82 56.89
N THR L 18 -6.87 -28.05 56.67
CA THR L 18 -7.14 -28.97 57.76
C THR L 18 -5.90 -29.67 58.28
N LEU L 19 -4.71 -29.25 57.87
CA LEU L 19 -3.50 -29.67 58.56
C LEU L 19 -3.17 -28.79 59.76
N SER L 20 -3.76 -27.59 59.84
CA SER L 20 -3.50 -26.67 60.94
C SER L 20 -4.61 -26.69 61.97
N THR L 21 -5.83 -26.40 61.56
CA THR L 21 -7.02 -26.50 62.40
C THR L 21 -7.85 -27.69 61.97
N PRO L 22 -8.68 -28.26 62.84
CA PRO L 22 -9.60 -29.31 62.42
C PRO L 22 -10.63 -28.83 61.41
N LYS L 23 -11.18 -29.80 60.65
CA LYS L 23 -12.05 -29.50 59.53
C LYS L 23 -13.38 -28.83 59.91
N PRO L 24 -14.09 -29.18 60.98
CA PRO L 24 -15.27 -28.37 61.32
C PRO L 24 -14.97 -27.05 62.00
N LEU L 25 -13.71 -26.63 62.07
CA LEU L 25 -13.35 -25.34 62.67
C LEU L 25 -12.90 -24.31 61.65
N VAL L 26 -12.75 -24.68 60.38
CA VAL L 26 -12.33 -23.71 59.37
C VAL L 26 -13.55 -22.87 58.97
N ASP L 27 -13.34 -21.55 58.93
CA ASP L 27 -14.45 -20.60 58.85
C ASP L 27 -15.00 -20.52 57.44
N PHE L 28 -16.11 -21.19 57.20
CA PHE L 28 -16.86 -21.04 55.95
C PHE L 28 -17.78 -19.83 56.09
N CYS L 29 -17.46 -18.75 55.36
CA CYS L 29 -18.19 -17.49 55.36
C CYS L 29 -18.28 -16.86 56.75
N ASN L 30 -17.09 -16.48 57.25
CA ASN L 30 -16.82 -15.74 58.48
C ASN L 30 -17.11 -16.51 59.77
N LYS L 31 -17.65 -17.73 59.68
CA LYS L 31 -17.94 -18.54 60.85
C LYS L 31 -17.59 -19.98 60.52
N PRO L 32 -17.22 -20.79 61.53
CA PRO L 32 -16.81 -22.18 61.29
C PRO L 32 -17.88 -23.04 60.60
N ILE L 33 -17.44 -24.21 60.17
CA ILE L 33 -18.31 -25.13 59.44
C ILE L 33 -19.39 -25.67 60.37
N LEU L 34 -18.99 -26.12 61.56
CA LEU L 34 -19.92 -26.77 62.46
C LEU L 34 -20.84 -25.78 63.16
N LEU L 35 -20.47 -24.49 63.19
CA LEU L 35 -21.32 -23.51 63.84
C LEU L 35 -22.62 -23.30 63.06
N HIS L 36 -22.53 -23.37 61.72
CA HIS L 36 -23.70 -23.40 60.84
C HIS L 36 -24.69 -24.47 61.27
N GLN L 37 -24.22 -25.71 61.40
CA GLN L 37 -25.12 -26.82 61.68
C GLN L 37 -25.57 -26.85 63.14
N VAL L 38 -24.71 -26.44 64.08
CA VAL L 38 -25.16 -26.56 65.47
C VAL L 38 -26.10 -25.41 65.84
N GLU L 39 -25.94 -24.23 65.25
CA GLU L 39 -26.93 -23.21 65.53
C GLU L 39 -28.16 -23.38 64.65
N ALA L 40 -28.03 -24.08 63.51
CA ALA L 40 -29.20 -24.57 62.80
C ALA L 40 -30.04 -25.51 63.67
N LEU L 41 -29.38 -26.42 64.39
CA LEU L 41 -30.11 -27.34 65.24
C LEU L 41 -30.65 -26.64 66.48
N ALA L 42 -29.93 -25.66 67.02
CA ALA L 42 -30.46 -24.89 68.14
C ALA L 42 -31.66 -24.04 67.72
N ALA L 43 -31.71 -23.59 66.46
CA ALA L 43 -32.94 -23.01 65.93
C ALA L 43 -34.02 -24.06 65.73
N ALA L 44 -33.63 -25.30 65.39
CA ALA L 44 -34.60 -26.36 65.15
C ALA L 44 -35.28 -26.85 66.41
N GLY L 45 -34.76 -26.50 67.58
CA GLY L 45 -35.33 -26.96 68.84
C GLY L 45 -34.68 -28.21 69.37
N VAL L 46 -33.44 -28.49 69.01
CA VAL L 46 -32.77 -29.71 69.44
C VAL L 46 -32.07 -29.45 70.76
N ASP L 47 -32.37 -30.30 71.76
CA ASP L 47 -31.74 -30.17 73.07
C ASP L 47 -30.30 -30.62 73.04
N HIS L 48 -30.05 -31.81 72.50
CA HIS L 48 -28.79 -32.51 72.65
C HIS L 48 -28.25 -32.83 71.27
N VAL L 49 -26.97 -32.51 71.03
CA VAL L 49 -26.31 -32.71 69.75
C VAL L 49 -25.11 -33.63 69.93
N ILE L 50 -25.07 -34.72 69.16
CA ILE L 50 -24.00 -35.72 69.19
C ILE L 50 -23.04 -35.44 68.04
N LEU L 51 -21.73 -35.53 68.30
CA LEU L 51 -20.74 -35.42 67.23
C LEU L 51 -19.85 -36.66 67.27
N ALA L 52 -19.78 -37.37 66.15
CA ALA L 52 -19.05 -38.65 66.07
C ALA L 52 -17.79 -38.44 65.25
N VAL L 53 -16.67 -38.32 65.95
CA VAL L 53 -15.39 -37.92 65.38
C VAL L 53 -14.33 -38.97 65.71
N SER L 54 -13.47 -39.25 64.73
CA SER L 54 -12.42 -40.26 64.91
C SER L 54 -11.35 -39.78 65.88
N TYR L 55 -10.95 -38.51 65.80
CA TYR L 55 -9.91 -38.00 66.66
C TYR L 55 -10.50 -37.36 67.92
N MET L 56 -9.62 -37.07 68.86
CA MET L 56 -9.95 -36.30 70.05
C MET L 56 -8.97 -35.15 70.15
N SER L 57 -9.49 -33.92 70.11
CA SER L 57 -8.65 -32.74 70.14
C SER L 57 -9.25 -31.73 71.10
N GLN L 58 -8.49 -30.68 71.36
CA GLN L 58 -8.83 -29.75 72.44
C GLN L 58 -9.38 -28.42 71.96
N VAL L 59 -8.97 -27.98 70.77
CA VAL L 59 -9.53 -26.77 70.18
C VAL L 59 -11.01 -26.93 69.92
N LEU L 60 -11.40 -28.12 69.46
CA LEU L 60 -12.80 -28.35 69.11
C LEU L 60 -13.67 -28.53 70.36
N GLU L 61 -13.16 -29.23 71.37
CA GLU L 61 -13.93 -29.42 72.61
C GLU L 61 -14.04 -28.10 73.38
N LYS L 62 -12.99 -27.28 73.36
CA LYS L 62 -13.07 -25.92 73.89
C LYS L 62 -14.13 -25.09 73.15
N GLU L 63 -14.08 -25.10 71.81
CA GLU L 63 -15.01 -24.33 70.99
C GLU L 63 -16.45 -24.73 71.23
N MET L 64 -16.72 -26.02 71.36
CA MET L 64 -18.10 -26.42 71.52
C MET L 64 -18.57 -26.40 72.95
N LYS L 65 -17.68 -26.40 73.94
CA LYS L 65 -18.19 -26.10 75.28
C LYS L 65 -18.46 -24.61 75.45
N ALA L 66 -17.74 -23.76 74.71
CA ALA L 66 -18.14 -22.35 74.63
C ALA L 66 -19.47 -22.19 73.92
N GLN L 67 -19.74 -23.00 72.89
CA GLN L 67 -21.03 -22.91 72.23
C GLN L 67 -22.16 -23.46 73.09
N GLU L 68 -21.84 -24.49 73.88
CA GLU L 68 -22.74 -24.99 74.91
C GLU L 68 -23.08 -23.89 75.92
N GLN L 69 -22.11 -23.04 76.25
CA GLN L 69 -22.42 -21.88 77.08
C GLN L 69 -23.28 -20.86 76.34
N ARG L 70 -23.02 -20.67 75.04
CA ARG L 70 -23.69 -19.61 74.29
C ARG L 70 -25.17 -19.91 74.09
N LEU L 71 -25.47 -20.98 73.36
CA LEU L 71 -26.80 -21.11 72.78
C LEU L 71 -27.75 -21.92 73.66
N GLY L 72 -27.25 -22.49 74.75
CA GLY L 72 -28.11 -23.17 75.70
C GLY L 72 -28.43 -24.61 75.38
N ILE L 73 -27.79 -25.18 74.39
CA ILE L 73 -27.97 -26.58 74.07
C ILE L 73 -26.76 -27.35 74.62
N ARG L 74 -26.97 -28.61 74.96
CA ARG L 74 -25.91 -29.43 75.50
C ARG L 74 -25.34 -30.34 74.42
N ILE L 75 -24.02 -30.44 74.38
CA ILE L 75 -23.31 -31.16 73.33
C ILE L 75 -22.34 -32.12 74.00
N SER L 76 -22.59 -33.42 73.86
CA SER L 76 -21.66 -34.46 74.28
C SER L 76 -21.09 -35.09 73.02
N MET L 77 -19.77 -35.10 72.91
CA MET L 77 -19.11 -35.68 71.76
C MET L 77 -18.81 -37.15 72.04
N SER L 78 -19.40 -38.04 71.25
CA SER L 78 -19.12 -39.47 71.36
C SER L 78 -17.95 -39.79 70.44
N HIS L 79 -16.78 -39.98 71.03
CA HIS L 79 -15.52 -40.06 70.30
C HIS L 79 -15.30 -41.49 69.84
N GLU L 80 -15.52 -41.73 68.55
CA GLU L 80 -15.27 -43.05 67.99
C GLU L 80 -13.82 -43.47 68.00
N GLU L 81 -13.51 -44.47 68.82
CA GLU L 81 -12.11 -44.88 69.02
C GLU L 81 -11.36 -45.39 67.80
N GLU L 82 -12.03 -46.17 66.98
CA GLU L 82 -11.44 -46.70 65.77
C GLU L 82 -12.35 -46.34 64.60
N PRO L 83 -11.80 -46.32 63.37
CA PRO L 83 -12.72 -45.94 62.31
C PRO L 83 -13.79 -47.02 62.18
N LEU L 84 -15.03 -46.57 62.33
CA LEU L 84 -16.20 -47.41 62.27
C LEU L 84 -16.99 -47.11 61.03
N GLY L 85 -16.35 -46.46 60.06
CA GLY L 85 -17.10 -46.11 58.86
C GLY L 85 -18.12 -45.01 59.11
N THR L 86 -19.32 -45.19 58.57
CA THR L 86 -20.40 -44.24 58.76
C THR L 86 -21.64 -44.85 59.41
N ALA L 87 -21.77 -46.17 59.44
CA ALA L 87 -22.83 -46.84 60.19
C ALA L 87 -22.44 -47.12 61.62
N GLY L 88 -21.15 -47.39 61.86
CA GLY L 88 -20.60 -47.44 63.19
C GLY L 88 -20.77 -46.21 64.06
N PRO L 89 -20.66 -44.99 63.50
CA PRO L 89 -21.09 -43.80 64.28
C PRO L 89 -22.50 -43.87 64.81
N LEU L 90 -23.41 -44.51 64.09
CA LEU L 90 -24.72 -44.80 64.66
C LEU L 90 -24.62 -45.90 65.71
N ALA L 91 -23.72 -46.86 65.49
CA ALA L 91 -23.70 -48.08 66.29
C ALA L 91 -23.16 -47.86 67.69
N LEU L 92 -22.09 -47.07 67.83
CA LEU L 92 -21.46 -46.90 69.13
C LEU L 92 -22.28 -45.97 70.03
N ALA L 93 -22.94 -44.97 69.47
CA ALA L 93 -23.70 -44.02 70.26
C ALA L 93 -25.14 -44.47 70.47
N ARG L 94 -25.43 -45.76 70.23
CA ARG L 94 -26.75 -46.39 70.41
C ARG L 94 -27.33 -46.13 71.80
N ASP L 95 -26.47 -46.07 72.82
CA ASP L 95 -26.89 -45.82 74.19
C ASP L 95 -27.56 -44.45 74.34
N LEU L 96 -26.82 -43.37 74.05
CA LEU L 96 -27.37 -42.02 74.17
C LEU L 96 -28.41 -41.73 73.10
N LEU L 97 -28.42 -42.52 72.02
CA LEU L 97 -29.38 -42.32 70.95
C LEU L 97 -30.74 -42.90 71.30
N SER L 98 -30.77 -43.98 72.08
CA SER L 98 -32.02 -44.66 72.44
C SER L 98 -32.61 -44.14 73.73
N GLU L 99 -32.36 -42.87 74.07
CA GLU L 99 -32.84 -42.29 75.32
C GLU L 99 -34.36 -42.15 75.32
N THR L 100 -34.89 -41.38 74.38
CA THR L 100 -36.32 -41.14 74.24
C THR L 100 -36.67 -41.36 72.78
N ALA L 101 -37.73 -42.15 72.53
CA ALA L 101 -38.11 -42.54 71.17
C ALA L 101 -38.71 -41.34 70.45
N ASP L 102 -37.82 -40.47 69.98
CA ASP L 102 -38.10 -39.36 69.09
C ASP L 102 -37.16 -39.49 67.90
N PRO L 103 -37.64 -39.23 66.68
CA PRO L 103 -36.81 -39.46 65.49
C PRO L 103 -35.66 -38.46 65.41
N PHE L 104 -34.45 -38.97 65.32
CA PHE L 104 -33.27 -38.14 65.46
C PHE L 104 -32.72 -37.73 64.11
N PHE L 105 -32.22 -36.49 64.06
CA PHE L 105 -31.49 -35.99 62.90
C PHE L 105 -30.15 -36.69 62.80
N VAL L 106 -29.70 -36.91 61.57
CA VAL L 106 -28.31 -37.28 61.30
C VAL L 106 -27.81 -36.45 60.14
N LEU L 107 -26.65 -35.82 60.34
CA LEU L 107 -26.20 -34.70 59.53
C LEU L 107 -24.77 -34.93 59.07
N ASN L 108 -24.55 -34.86 57.76
CA ASN L 108 -23.21 -34.91 57.22
C ASN L 108 -22.56 -33.53 57.36
N SER L 109 -21.38 -33.49 57.99
CA SER L 109 -20.79 -32.23 58.40
C SER L 109 -20.14 -31.44 57.28
N ASP L 110 -19.99 -31.99 56.08
CA ASP L 110 -19.48 -31.22 54.97
C ASP L 110 -20.59 -30.65 54.10
N VAL L 111 -21.82 -30.68 54.58
CA VAL L 111 -23.00 -30.30 53.81
C VAL L 111 -23.45 -28.93 54.29
N ILE L 112 -23.62 -28.00 53.37
CA ILE L 112 -24.04 -26.65 53.70
C ILE L 112 -25.27 -26.37 52.83
N CYS L 113 -26.32 -25.84 53.46
CA CYS L 113 -27.68 -25.97 52.95
C CYS L 113 -28.61 -25.12 53.81
N ASP L 114 -29.75 -24.70 53.23
CA ASP L 114 -30.78 -24.03 54.02
C ASP L 114 -31.64 -25.09 54.69
N PHE L 115 -31.70 -25.05 56.02
CA PHE L 115 -32.08 -26.22 56.80
C PHE L 115 -33.59 -26.31 56.92
N PRO L 116 -34.26 -27.25 56.22
CA PRO L 116 -35.70 -27.42 56.36
C PRO L 116 -36.02 -28.49 57.40
N PHE L 117 -35.50 -28.30 58.62
CA PHE L 117 -35.61 -29.31 59.66
C PHE L 117 -37.06 -29.54 60.06
N GLN L 118 -37.81 -28.46 60.23
CA GLN L 118 -39.22 -28.56 60.60
C GLN L 118 -40.03 -29.23 59.50
N ALA L 119 -39.80 -28.86 58.24
CA ALA L 119 -40.50 -29.46 57.11
C ALA L 119 -40.19 -30.94 56.96
N MET L 120 -39.01 -31.36 57.38
CA MET L 120 -38.69 -32.78 57.25
C MET L 120 -39.14 -33.58 58.47
N VAL L 121 -39.32 -32.94 59.63
CA VAL L 121 -40.10 -33.57 60.70
C VAL L 121 -41.57 -33.73 60.27
N GLN L 122 -42.13 -32.74 59.57
CA GLN L 122 -43.51 -32.86 59.07
C GLN L 122 -43.63 -33.98 58.03
N PHE L 123 -42.63 -34.10 57.15
CA PHE L 123 -42.56 -35.20 56.21
C PHE L 123 -42.44 -36.55 56.92
N HIS L 124 -41.65 -36.59 58.00
CA HIS L 124 -41.46 -37.81 58.77
C HIS L 124 -42.72 -38.21 59.51
N ARG L 125 -43.50 -37.23 59.97
CA ARG L 125 -44.77 -37.53 60.63
C ARG L 125 -45.84 -37.91 59.62
N HIS L 126 -45.71 -37.47 58.37
CA HIS L 126 -46.70 -37.86 57.37
C HIS L 126 -46.47 -39.28 56.87
N HIS L 127 -45.21 -39.65 56.58
CA HIS L 127 -45.00 -40.93 55.91
C HIS L 127 -45.01 -42.12 56.88
N GLY L 128 -44.58 -41.94 58.13
CA GLY L 128 -44.77 -42.94 59.18
C GLY L 128 -43.74 -44.04 59.28
N GLN L 129 -42.83 -44.18 58.34
CA GLN L 129 -41.92 -45.32 58.31
C GLN L 129 -40.63 -44.98 59.07
N GLU L 130 -39.58 -45.77 58.85
CA GLU L 130 -38.36 -45.68 59.65
C GLU L 130 -37.57 -44.41 59.32
N GLY L 131 -37.17 -44.25 58.07
CA GLY L 131 -36.17 -43.25 57.69
C GLY L 131 -36.65 -42.31 56.60
N SER L 132 -36.23 -41.05 56.70
CA SER L 132 -36.49 -40.05 55.67
C SER L 132 -35.18 -39.42 55.23
N ILE L 133 -35.07 -39.14 53.93
CA ILE L 133 -33.84 -38.65 53.31
C ILE L 133 -34.13 -37.30 52.66
N LEU L 134 -33.19 -36.36 52.80
CA LEU L 134 -33.18 -35.15 51.99
C LEU L 134 -32.40 -35.46 50.72
N VAL L 135 -33.00 -35.15 49.57
CA VAL L 135 -32.36 -35.38 48.27
C VAL L 135 -32.38 -34.08 47.48
N THR L 136 -31.39 -33.92 46.60
CA THR L 136 -31.25 -32.70 45.81
C THR L 136 -31.00 -33.00 44.34
N LYS L 137 -31.42 -32.07 43.48
CA LYS L 137 -31.14 -32.12 42.06
C LYS L 137 -29.66 -31.93 41.77
N VAL L 138 -29.11 -32.80 40.93
CA VAL L 138 -27.88 -32.54 40.21
C VAL L 138 -28.24 -32.50 38.73
N GLU L 139 -27.44 -31.80 37.94
CA GLU L 139 -27.79 -31.67 36.53
C GLU L 139 -26.96 -32.57 35.63
N GLU L 140 -25.83 -33.11 36.10
CA GLU L 140 -25.44 -34.39 35.54
C GLU L 140 -25.63 -35.48 36.59
N PRO L 141 -26.11 -36.67 36.23
CA PRO L 141 -26.39 -37.70 37.23
C PRO L 141 -25.21 -38.60 37.56
N SER L 142 -24.15 -38.62 36.76
CA SER L 142 -23.10 -39.59 36.97
C SER L 142 -22.19 -39.21 38.14
N LYS L 143 -21.41 -40.19 38.60
CA LYS L 143 -20.41 -40.17 39.67
C LYS L 143 -21.01 -40.09 41.07
N TYR L 144 -22.32 -39.95 41.21
CA TYR L 144 -22.93 -39.80 42.52
C TYR L 144 -23.92 -40.93 42.78
N GLY L 145 -24.17 -41.18 44.07
CA GLY L 145 -25.10 -42.22 44.46
C GLY L 145 -26.52 -41.77 44.19
N VAL L 146 -27.19 -42.44 43.27
CA VAL L 146 -28.45 -41.95 42.70
C VAL L 146 -29.59 -42.78 43.28
N VAL L 147 -30.47 -42.12 43.99
CA VAL L 147 -31.68 -42.77 44.46
C VAL L 147 -32.67 -42.87 43.30
N VAL L 148 -33.51 -43.89 43.35
CA VAL L 148 -34.60 -44.04 42.39
C VAL L 148 -35.88 -43.97 43.20
N CYS L 149 -36.69 -42.96 42.91
CA CYS L 149 -37.79 -42.56 43.77
C CYS L 149 -39.12 -42.68 43.05
N GLU L 150 -40.18 -42.77 43.84
CA GLU L 150 -41.54 -42.83 43.34
C GLU L 150 -42.16 -41.43 43.36
N ALA L 151 -43.44 -41.34 43.00
CA ALA L 151 -44.02 -40.07 42.58
C ALA L 151 -44.42 -39.19 43.77
N ASP L 152 -45.37 -39.66 44.58
CA ASP L 152 -45.91 -38.85 45.67
C ASP L 152 -45.74 -39.45 47.05
N THR L 153 -45.56 -40.77 47.16
CA THR L 153 -45.06 -41.32 48.42
C THR L 153 -43.64 -40.84 48.67
N GLY L 154 -42.78 -40.97 47.66
CA GLY L 154 -41.38 -40.62 47.82
C GLY L 154 -40.54 -41.70 48.46
N ARG L 155 -41.08 -42.90 48.61
CA ARG L 155 -40.31 -44.02 49.14
C ARG L 155 -39.17 -44.36 48.18
N ILE L 156 -37.98 -44.54 48.73
CA ILE L 156 -36.88 -45.07 47.92
C ILE L 156 -37.07 -46.57 47.82
N HIS L 157 -37.44 -47.04 46.64
CA HIS L 157 -37.53 -48.47 46.38
C HIS L 157 -36.23 -49.04 45.85
N ARG L 158 -35.47 -48.27 45.08
CA ARG L 158 -34.29 -48.77 44.39
C ARG L 158 -33.16 -47.77 44.54
N PHE L 159 -32.23 -48.05 45.44
CA PHE L 159 -30.94 -47.39 45.41
C PHE L 159 -30.18 -47.80 44.15
N VAL L 160 -29.37 -46.86 43.68
CA VAL L 160 -28.54 -47.05 42.51
C VAL L 160 -27.12 -46.83 42.95
N GLU L 161 -26.25 -47.78 42.63
CA GLU L 161 -24.84 -47.65 42.96
C GLU L 161 -24.13 -47.48 41.64
N LYS L 162 -23.40 -46.36 41.54
CA LYS L 162 -22.63 -45.88 40.38
C LYS L 162 -23.52 -45.24 39.31
N PRO L 163 -22.91 -44.79 38.21
CA PRO L 163 -23.71 -44.14 37.17
C PRO L 163 -24.74 -45.04 36.49
N GLN L 164 -25.85 -44.41 36.09
CA GLN L 164 -26.98 -45.02 35.40
C GLN L 164 -27.22 -44.21 34.12
N VAL L 165 -27.91 -44.74 33.13
CA VAL L 165 -28.04 -43.93 31.93
C VAL L 165 -28.79 -42.61 32.21
N PHE L 166 -30.09 -42.65 32.55
CA PHE L 166 -30.81 -41.50 33.08
C PHE L 166 -32.09 -41.99 33.77
N VAL L 167 -32.12 -41.89 35.10
CA VAL L 167 -33.34 -41.93 35.88
C VAL L 167 -33.33 -40.60 36.63
N SER L 168 -34.27 -40.42 37.58
CA SER L 168 -34.34 -39.29 38.51
C SER L 168 -32.99 -38.87 39.03
N ASN L 169 -32.70 -37.59 38.91
CA ASN L 169 -31.39 -36.99 39.19
C ASN L 169 -31.29 -36.49 40.62
N LYS L 170 -31.97 -37.14 41.55
CA LYS L 170 -31.94 -36.76 42.95
C LYS L 170 -30.87 -37.58 43.66
N ILE L 171 -29.94 -36.89 44.30
CA ILE L 171 -28.87 -37.54 45.03
C ILE L 171 -29.06 -37.25 46.51
N ASN L 172 -28.35 -38.02 47.33
CA ASN L 172 -28.41 -37.89 48.78
C ASN L 172 -27.82 -36.55 49.22
N ALA L 173 -28.61 -35.75 49.93
CA ALA L 173 -28.13 -34.49 50.46
C ALA L 173 -27.49 -34.63 51.85
N GLY L 174 -27.17 -35.84 52.27
CA GLY L 174 -26.46 -36.05 53.51
C GLY L 174 -27.25 -35.84 54.78
N MET L 175 -28.51 -35.44 54.70
CA MET L 175 -29.34 -35.13 55.85
C MET L 175 -30.46 -36.15 55.94
N TYR L 176 -30.55 -36.85 57.06
CA TYR L 176 -31.53 -37.92 57.22
C TYR L 176 -32.23 -37.77 58.57
N ILE L 177 -33.42 -38.36 58.64
CA ILE L 177 -34.15 -38.54 59.90
C ILE L 177 -34.29 -40.03 60.12
N LEU L 178 -33.83 -40.49 61.27
CA LEU L 178 -33.79 -41.91 61.55
C LEU L 178 -34.52 -42.23 62.85
N SER L 179 -35.17 -43.41 62.87
CA SER L 179 -36.01 -43.92 63.93
C SER L 179 -35.18 -44.64 65.00
N PRO L 180 -35.72 -44.84 66.19
CA PRO L 180 -35.00 -45.63 67.20
C PRO L 180 -34.99 -47.13 67.00
N ALA L 181 -35.46 -47.65 65.85
CA ALA L 181 -35.46 -49.08 65.59
C ALA L 181 -34.30 -49.54 64.70
N VAL L 182 -34.00 -48.81 63.63
CA VAL L 182 -32.82 -49.10 62.81
C VAL L 182 -31.56 -48.90 63.63
N LEU L 183 -31.60 -47.95 64.56
CA LEU L 183 -30.56 -47.78 65.58
C LEU L 183 -30.38 -49.03 66.45
N GLN L 184 -31.41 -49.87 66.59
CA GLN L 184 -31.25 -51.21 67.16
C GLN L 184 -30.88 -52.26 66.13
N ARG L 185 -31.13 -52.00 64.83
CA ARG L 185 -30.81 -52.99 63.80
C ARG L 185 -29.33 -53.06 63.51
N ILE L 186 -28.57 -51.99 63.80
CA ILE L 186 -27.23 -51.84 63.28
C ILE L 186 -26.23 -52.48 64.24
N GLN L 187 -25.40 -53.38 63.70
CA GLN L 187 -24.35 -54.01 64.48
C GLN L 187 -23.22 -53.01 64.76
N LEU L 188 -22.44 -53.31 65.80
CA LEU L 188 -21.35 -52.45 66.23
C LEU L 188 -20.13 -52.51 65.31
N GLN L 189 -20.17 -53.36 64.29
CA GLN L 189 -19.03 -53.62 63.43
C GLN L 189 -18.87 -52.52 62.38
N PRO L 190 -17.65 -52.34 61.82
CA PRO L 190 -17.48 -51.31 60.79
C PRO L 190 -18.11 -51.70 59.47
N THR L 191 -19.39 -51.43 59.34
CA THR L 191 -20.08 -51.42 58.06
C THR L 191 -20.50 -50.00 57.72
N SER L 192 -21.17 -49.84 56.59
CA SER L 192 -21.55 -48.52 56.11
C SER L 192 -23.07 -48.44 55.99
N ILE L 193 -23.62 -47.28 56.34
CA ILE L 193 -25.07 -47.18 56.41
C ILE L 193 -25.66 -46.97 55.03
N GLU L 194 -25.03 -46.15 54.20
CA GLU L 194 -25.52 -46.00 52.84
C GLU L 194 -25.07 -47.14 51.92
N LYS L 195 -24.05 -47.90 52.31
CA LYS L 195 -23.59 -49.00 51.46
C LYS L 195 -24.07 -50.37 51.91
N GLU L 196 -24.51 -50.53 53.16
CA GLU L 196 -25.15 -51.78 53.56
C GLU L 196 -26.60 -51.56 54.00
N VAL L 197 -26.86 -50.69 54.97
CA VAL L 197 -28.17 -50.61 55.60
C VAL L 197 -29.20 -49.96 54.66
N PHE L 198 -28.80 -48.87 53.99
CA PHE L 198 -29.69 -48.19 53.07
C PHE L 198 -30.08 -49.03 51.86
N PRO L 199 -29.27 -50.00 51.39
CA PRO L 199 -29.67 -50.81 50.22
C PRO L 199 -30.87 -51.71 50.46
N ILE L 200 -30.85 -52.49 51.55
CA ILE L 200 -31.99 -53.36 51.83
C ILE L 200 -33.15 -52.54 52.41
N MET L 201 -32.85 -51.50 53.22
CA MET L 201 -33.90 -50.61 53.70
C MET L 201 -34.53 -49.81 52.57
N ALA L 202 -33.89 -49.73 51.41
CA ALA L 202 -34.53 -49.24 50.21
C ALA L 202 -35.31 -50.32 49.48
N LYS L 203 -34.75 -51.55 49.45
CA LYS L 203 -35.36 -52.62 48.66
C LYS L 203 -36.74 -53.01 49.19
N GLU L 204 -36.96 -52.95 50.50
CA GLU L 204 -38.34 -53.09 50.95
C GLU L 204 -38.98 -51.76 51.36
N GLY L 205 -38.25 -50.65 51.23
CA GLY L 205 -38.89 -49.35 51.10
C GLY L 205 -39.14 -48.57 52.36
N GLN L 206 -38.32 -48.74 53.40
CA GLN L 206 -38.53 -47.98 54.62
C GLN L 206 -37.96 -46.58 54.50
N LEU L 207 -37.05 -46.35 53.56
CA LEU L 207 -36.57 -45.00 53.29
C LEU L 207 -37.54 -44.27 52.37
N TYR L 208 -37.93 -43.08 52.79
CA TYR L 208 -38.63 -42.15 51.94
C TYR L 208 -37.68 -40.98 51.68
N ALA L 209 -37.86 -40.32 50.55
CA ALA L 209 -37.05 -39.16 50.21
C ALA L 209 -37.92 -37.92 50.20
N MET L 210 -37.35 -36.81 50.67
CA MET L 210 -37.94 -35.49 50.57
C MET L 210 -37.02 -34.64 49.72
N GLU L 211 -37.59 -33.93 48.76
CA GLU L 211 -36.78 -33.15 47.83
C GLU L 211 -36.38 -31.83 48.46
N LEU L 212 -35.09 -31.51 48.39
CA LEU L 212 -34.59 -30.28 48.94
C LEU L 212 -34.94 -29.12 48.02
N GLN L 213 -35.18 -27.95 48.62
CA GLN L 213 -35.71 -26.82 47.88
C GLN L 213 -34.66 -26.10 47.06
N GLY L 214 -33.39 -26.27 47.38
CA GLY L 214 -32.31 -25.64 46.66
C GLY L 214 -31.21 -25.26 47.62
N PHE L 215 -30.09 -24.78 47.03
CA PHE L 215 -28.89 -24.35 47.75
C PHE L 215 -28.37 -25.49 48.63
N TRP L 216 -27.82 -26.48 47.95
CA TRP L 216 -27.11 -27.56 48.62
C TRP L 216 -25.68 -27.62 48.09
N MET L 217 -24.73 -27.88 48.99
CA MET L 217 -23.36 -28.12 48.55
C MET L 217 -22.62 -28.97 49.55
N ASP L 218 -21.85 -29.93 49.04
CA ASP L 218 -20.80 -30.60 49.79
C ASP L 218 -19.56 -29.71 49.70
N ILE L 219 -18.95 -29.41 50.84
CA ILE L 219 -17.81 -28.49 50.82
C ILE L 219 -16.53 -29.20 51.28
N GLY L 220 -16.41 -30.49 50.96
CA GLY L 220 -15.22 -31.23 51.32
C GLY L 220 -14.01 -30.87 50.48
N GLN L 221 -14.20 -30.75 49.17
CA GLN L 221 -13.13 -30.41 48.24
C GLN L 221 -12.96 -28.89 48.18
N PRO L 222 -11.74 -28.40 47.92
CA PRO L 222 -11.50 -26.94 47.96
C PRO L 222 -12.12 -26.17 46.82
N LYS L 223 -12.46 -26.81 45.70
CA LYS L 223 -13.22 -26.14 44.67
C LYS L 223 -14.70 -26.09 44.99
N ASP L 224 -15.22 -27.17 45.58
CA ASP L 224 -16.61 -27.20 46.04
C ASP L 224 -16.82 -26.26 47.22
N PHE L 225 -15.78 -26.03 48.02
CA PHE L 225 -15.80 -24.98 49.04
C PHE L 225 -16.14 -23.61 48.45
N LEU L 226 -15.48 -23.23 47.36
CA LEU L 226 -15.74 -21.92 46.78
C LEU L 226 -17.05 -21.88 46.00
N THR L 227 -17.44 -23.01 45.40
CA THR L 227 -18.77 -23.11 44.80
C THR L 227 -19.87 -22.92 45.85
N GLY L 228 -19.71 -23.56 47.00
CA GLY L 228 -20.66 -23.39 48.08
C GLY L 228 -20.62 -22.00 48.69
N MET L 229 -19.45 -21.36 48.67
CA MET L 229 -19.36 -20.00 49.16
C MET L 229 -20.12 -19.04 48.26
N CYS L 230 -20.05 -19.26 46.95
CA CYS L 230 -20.90 -18.56 46.00
C CYS L 230 -22.38 -18.77 46.29
N LEU L 231 -22.77 -20.02 46.52
CA LEU L 231 -24.17 -20.33 46.76
C LEU L 231 -24.66 -19.72 48.07
N PHE L 232 -23.81 -19.70 49.08
CA PHE L 232 -24.20 -19.13 50.37
C PHE L 232 -24.30 -17.61 50.31
N LEU L 233 -23.42 -16.96 49.53
CA LEU L 233 -23.55 -15.52 49.40
C LEU L 233 -24.77 -15.14 48.58
N GLN L 234 -25.16 -15.97 47.61
CA GLN L 234 -26.40 -15.67 46.90
C GLN L 234 -27.62 -15.93 47.79
N SER L 235 -27.54 -16.94 48.65
CA SER L 235 -28.54 -17.16 49.68
C SER L 235 -28.68 -15.95 50.58
N LEU L 236 -27.57 -15.38 51.00
CA LEU L 236 -27.59 -14.21 51.87
C LEU L 236 -28.03 -12.96 51.12
N ARG L 237 -27.84 -12.91 49.81
CA ARG L 237 -28.42 -11.81 49.05
C ARG L 237 -29.93 -11.93 48.98
N GLN L 238 -30.45 -13.14 48.74
CA GLN L 238 -31.89 -13.33 48.66
C GLN L 238 -32.56 -13.32 50.03
N LYS L 239 -31.80 -13.45 51.12
CA LYS L 239 -32.36 -13.60 52.45
C LYS L 239 -32.06 -12.45 53.40
N GLN L 240 -30.84 -11.90 53.38
CA GLN L 240 -30.40 -10.90 54.35
C GLN L 240 -29.45 -9.89 53.69
N PRO L 241 -29.98 -8.98 52.87
CA PRO L 241 -29.09 -8.13 52.07
C PRO L 241 -28.41 -7.01 52.82
N GLU L 242 -28.62 -6.88 54.13
CA GLU L 242 -27.86 -5.92 54.93
C GLU L 242 -26.56 -6.49 55.47
N ARG L 243 -26.44 -7.81 55.56
CA ARG L 243 -25.18 -8.42 55.97
C ARG L 243 -24.11 -8.34 54.89
N LEU L 244 -24.52 -8.20 53.63
CA LEU L 244 -23.57 -8.13 52.53
C LEU L 244 -23.04 -6.71 52.38
N CYS L 245 -21.73 -6.61 52.16
CA CYS L 245 -21.09 -5.31 52.09
C CYS L 245 -21.38 -4.61 50.77
N SER L 246 -21.67 -3.32 50.86
CA SER L 246 -21.92 -2.45 49.72
C SER L 246 -20.83 -1.39 49.66
N GLY L 247 -20.58 -0.88 48.46
CA GLY L 247 -19.57 0.14 48.30
C GLY L 247 -19.29 0.50 46.85
N PRO L 248 -18.42 1.46 46.64
CA PRO L 248 -17.98 1.76 45.27
C PRO L 248 -17.07 0.70 44.66
N GLY L 249 -16.06 0.26 45.43
CA GLY L 249 -15.17 -0.77 44.91
C GLY L 249 -15.73 -2.17 44.93
N ILE L 250 -16.75 -2.40 45.75
CA ILE L 250 -17.33 -3.72 45.93
C ILE L 250 -18.13 -4.10 44.69
N VAL L 251 -17.92 -5.32 44.20
CA VAL L 251 -18.68 -5.90 43.10
C VAL L 251 -19.38 -7.14 43.61
N GLY L 252 -20.61 -7.38 43.13
CA GLY L 252 -21.29 -8.61 43.44
C GLY L 252 -21.69 -8.71 44.91
N ASN L 253 -21.55 -9.91 45.47
CA ASN L 253 -21.87 -10.22 46.85
C ASN L 253 -20.58 -10.41 47.63
N VAL L 254 -20.27 -9.47 48.53
CA VAL L 254 -19.05 -9.51 49.33
C VAL L 254 -19.42 -9.45 50.80
N LEU L 255 -18.83 -10.33 51.60
CA LEU L 255 -19.07 -10.43 53.04
C LEU L 255 -17.79 -10.04 53.78
N VAL L 256 -17.65 -8.76 54.10
CA VAL L 256 -16.51 -8.29 54.89
C VAL L 256 -16.90 -8.31 56.36
N ASP L 257 -15.98 -8.80 57.19
CA ASP L 257 -16.08 -8.66 58.62
C ASP L 257 -16.03 -7.17 59.01
N PRO L 258 -16.61 -6.80 60.14
CA PRO L 258 -16.38 -5.45 60.68
C PRO L 258 -14.92 -5.13 60.98
N SER L 259 -14.15 -6.11 61.47
CA SER L 259 -12.76 -5.89 61.84
C SER L 259 -11.80 -5.91 60.67
N ALA L 260 -12.24 -6.40 59.51
CA ALA L 260 -11.39 -6.41 58.33
C ALA L 260 -11.36 -5.03 57.71
N ARG L 261 -10.18 -4.60 57.25
CA ARG L 261 -10.06 -3.29 56.62
C ARG L 261 -9.53 -3.44 55.20
N ILE L 262 -9.98 -2.54 54.34
CA ILE L 262 -9.77 -2.61 52.90
C ILE L 262 -9.13 -1.29 52.47
N GLY L 263 -8.07 -1.38 51.68
CA GLY L 263 -7.37 -0.21 51.21
C GLY L 263 -8.13 0.55 50.15
N GLN L 264 -7.51 1.61 49.66
CA GLN L 264 -8.14 2.44 48.64
C GLN L 264 -7.85 1.86 47.26
N ASN L 265 -8.70 2.23 46.30
CA ASN L 265 -8.51 2.00 44.86
C ASN L 265 -8.46 0.52 44.49
N CYS L 266 -9.01 -0.34 45.34
CA CYS L 266 -9.05 -1.77 45.10
C CYS L 266 -10.43 -2.18 44.59
N SER L 267 -10.54 -3.40 44.09
CA SER L 267 -11.76 -3.86 43.44
C SER L 267 -12.13 -5.25 43.95
N ILE L 268 -12.84 -5.31 45.06
CA ILE L 268 -13.18 -6.59 45.69
C ILE L 268 -14.39 -7.15 44.95
N GLY L 269 -14.14 -8.09 44.05
CA GLY L 269 -15.11 -8.54 43.09
C GLY L 269 -16.14 -9.47 43.67
N PRO L 270 -16.87 -10.17 42.82
CA PRO L 270 -18.01 -10.97 43.30
C PRO L 270 -17.57 -12.20 44.09
N ASN L 271 -18.43 -12.57 45.04
CA ASN L 271 -18.36 -13.82 45.82
C ASN L 271 -17.10 -13.90 46.68
N VAL L 272 -16.89 -12.90 47.53
CA VAL L 272 -15.68 -12.81 48.33
C VAL L 272 -16.04 -12.86 49.81
N SER L 273 -15.28 -13.63 50.58
CA SER L 273 -15.45 -13.74 52.03
C SER L 273 -14.17 -13.29 52.72
N LEU L 274 -14.13 -12.05 53.19
CA LEU L 274 -12.98 -11.56 53.95
C LEU L 274 -13.23 -11.76 55.43
N GLY L 275 -12.36 -12.54 56.08
CA GLY L 275 -12.57 -12.95 57.45
C GLY L 275 -12.32 -11.87 58.47
N PRO L 276 -12.31 -12.23 59.74
CA PRO L 276 -11.99 -11.25 60.78
C PRO L 276 -10.55 -10.76 60.79
N GLY L 277 -10.35 -9.51 60.41
CA GLY L 277 -9.06 -8.85 60.57
C GLY L 277 -8.17 -8.80 59.36
N VAL L 278 -8.62 -9.31 58.21
CA VAL L 278 -7.77 -9.36 57.02
C VAL L 278 -7.58 -7.96 56.47
N VAL L 279 -6.33 -7.57 56.31
CA VAL L 279 -5.96 -6.28 55.76
C VAL L 279 -5.70 -6.45 54.27
N VAL L 280 -6.62 -5.98 53.46
CA VAL L 280 -6.39 -5.85 52.03
C VAL L 280 -5.77 -4.48 51.80
N GLU L 281 -4.65 -4.44 51.09
CA GLU L 281 -3.93 -3.20 50.87
C GLU L 281 -4.50 -2.48 49.65
N ASP L 282 -3.77 -1.49 49.15
CA ASP L 282 -4.31 -0.55 48.15
C ASP L 282 -4.24 -1.12 46.74
N GLY L 283 -5.40 -1.33 46.11
CA GLY L 283 -5.38 -1.73 44.72
C GLY L 283 -5.28 -3.22 44.47
N VAL L 284 -6.01 -4.01 45.24
CA VAL L 284 -6.02 -5.46 45.14
C VAL L 284 -7.37 -5.89 44.58
N CYS L 285 -7.35 -6.66 43.51
CA CYS L 285 -8.56 -7.24 42.93
C CYS L 285 -8.71 -8.63 43.48
N ILE L 286 -9.76 -8.86 44.26
CA ILE L 286 -10.07 -10.18 44.79
C ILE L 286 -11.43 -10.59 44.28
N ARG L 287 -11.49 -11.72 43.57
CA ARG L 287 -12.76 -12.29 43.12
C ARG L 287 -12.79 -13.75 43.50
N ARG L 288 -13.96 -14.21 43.97
CA ARG L 288 -14.25 -15.64 44.23
C ARG L 288 -13.30 -16.26 45.26
N CYS L 289 -12.92 -15.49 46.27
CA CYS L 289 -11.94 -15.96 47.24
C CYS L 289 -12.51 -15.99 48.66
N THR L 290 -12.04 -16.98 49.42
CA THR L 290 -12.20 -17.02 50.86
C THR L 290 -10.86 -16.61 51.45
N VAL L 291 -10.82 -15.44 52.08
CA VAL L 291 -9.65 -14.99 52.82
C VAL L 291 -9.95 -15.11 54.30
N LEU L 292 -9.15 -15.91 55.01
CA LEU L 292 -9.41 -16.22 56.40
C LEU L 292 -8.74 -15.21 57.31
N ARG L 293 -8.82 -15.46 58.62
CA ARG L 293 -8.52 -14.46 59.63
C ARG L 293 -7.02 -14.14 59.67
N ASP L 294 -6.72 -12.84 59.75
CA ASP L 294 -5.40 -12.24 59.94
C ASP L 294 -4.50 -12.39 58.73
N ALA L 295 -5.04 -12.73 57.57
CA ALA L 295 -4.26 -12.73 56.35
C ALA L 295 -4.06 -11.32 55.84
N ARG L 296 -2.84 -11.00 55.43
CA ARG L 296 -2.58 -9.73 54.78
C ARG L 296 -2.38 -9.97 53.30
N ILE L 297 -3.09 -9.22 52.49
CA ILE L 297 -2.92 -9.26 51.05
C ILE L 297 -2.34 -7.92 50.65
N ARG L 298 -1.04 -7.87 50.39
CA ARG L 298 -0.39 -6.62 50.05
C ARG L 298 -0.81 -6.18 48.66
N SER L 299 -0.36 -4.99 48.30
CA SER L 299 -1.04 -4.20 47.29
C SER L 299 -0.68 -4.67 45.88
N HIS L 300 -1.47 -4.21 44.91
CA HIS L 300 -1.34 -4.46 43.48
C HIS L 300 -1.46 -5.94 43.09
N SER L 301 -2.08 -6.77 43.93
CA SER L 301 -2.19 -8.17 43.60
C SER L 301 -3.49 -8.44 42.86
N TRP L 302 -3.72 -9.70 42.51
CA TRP L 302 -4.92 -10.11 41.79
C TRP L 302 -5.19 -11.56 42.13
N LEU L 303 -6.37 -11.84 42.65
CA LEU L 303 -6.71 -13.15 43.19
C LEU L 303 -8.03 -13.59 42.61
N GLU L 304 -8.10 -14.83 42.16
CA GLU L 304 -9.32 -15.38 41.62
C GLU L 304 -9.45 -16.81 42.06
N SER L 305 -10.64 -17.21 42.51
CA SER L 305 -10.97 -18.60 42.82
C SER L 305 -10.03 -19.20 43.86
N CYS L 306 -9.49 -18.39 44.75
CA CYS L 306 -8.42 -18.80 45.64
C CYS L 306 -8.95 -18.98 47.05
N ILE L 307 -8.08 -19.49 47.92
CA ILE L 307 -8.34 -19.60 49.35
C ILE L 307 -7.06 -19.18 50.05
N VAL L 308 -7.11 -18.07 50.77
CA VAL L 308 -5.98 -17.59 51.55
C VAL L 308 -6.19 -18.03 52.99
N GLY L 309 -5.20 -18.72 53.56
CA GLY L 309 -5.31 -19.27 54.89
C GLY L 309 -5.12 -18.22 55.97
N TRP L 310 -5.00 -18.70 57.20
CA TRP L 310 -4.83 -17.81 58.34
C TRP L 310 -3.41 -17.27 58.38
N ARG L 311 -3.30 -15.98 58.70
CA ARG L 311 -2.05 -15.27 58.95
C ARG L 311 -1.11 -15.26 57.76
N CYS L 312 -1.64 -15.44 56.55
CA CYS L 312 -0.81 -15.40 55.36
C CYS L 312 -0.41 -13.98 55.02
N ARG L 313 0.57 -13.86 54.15
CA ARG L 313 1.09 -12.56 53.73
C ARG L 313 1.39 -12.65 52.24
N VAL L 314 0.41 -12.30 51.42
CA VAL L 314 0.56 -12.31 49.97
C VAL L 314 1.30 -11.05 49.55
N GLY L 315 2.40 -11.20 48.83
CA GLY L 315 3.23 -10.09 48.45
C GLY L 315 2.60 -9.22 47.38
N GLN L 316 3.38 -8.27 46.91
CA GLN L 316 2.86 -7.35 45.92
C GLN L 316 3.01 -7.91 44.51
N TRP L 317 2.07 -7.54 43.64
CA TRP L 317 1.99 -7.98 42.24
C TRP L 317 1.93 -9.49 42.11
N VAL L 318 1.31 -10.16 43.07
CA VAL L 318 1.16 -11.60 43.07
C VAL L 318 -0.16 -11.95 42.41
N ARG L 319 -0.11 -12.86 41.44
CA ARG L 319 -1.31 -13.34 40.77
C ARG L 319 -1.58 -14.78 41.19
N MET L 320 -2.70 -15.01 41.83
CA MET L 320 -3.10 -16.36 42.18
C MET L 320 -4.44 -16.66 41.54
N GLU L 321 -4.64 -17.91 41.12
CA GLU L 321 -5.92 -18.32 40.53
C GLU L 321 -6.12 -19.84 40.59
N ASN L 322 -7.11 -20.31 39.85
CA ASN L 322 -7.42 -21.74 39.75
C ASN L 322 -7.44 -22.51 41.07
N VAL L 323 -8.39 -22.17 41.94
CA VAL L 323 -8.55 -22.80 43.27
C VAL L 323 -7.25 -23.12 44.01
N THR L 324 -6.41 -22.11 44.16
CA THR L 324 -5.15 -22.23 44.87
C THR L 324 -5.49 -22.25 46.33
N VAL L 325 -4.75 -22.99 47.14
CA VAL L 325 -5.06 -22.96 48.55
C VAL L 325 -3.76 -22.70 49.28
N LEU L 326 -3.73 -21.67 50.11
CA LEU L 326 -2.58 -21.40 50.95
C LEU L 326 -2.85 -21.90 52.35
N GLY L 327 -1.90 -22.66 52.89
CA GLY L 327 -2.00 -23.12 54.26
C GLY L 327 -1.82 -22.00 55.25
N GLU L 328 -1.81 -22.36 56.53
CA GLU L 328 -1.68 -21.37 57.58
C GLU L 328 -0.27 -20.79 57.60
N ASP L 329 -0.19 -19.46 57.68
CA ASP L 329 1.07 -18.71 57.83
C ASP L 329 2.00 -18.92 56.64
N VAL L 330 1.46 -18.92 55.44
CA VAL L 330 2.24 -19.02 54.21
C VAL L 330 2.62 -17.62 53.75
N ILE L 331 3.90 -17.39 53.50
CA ILE L 331 4.37 -16.14 52.93
C ILE L 331 4.63 -16.34 51.44
N VAL L 332 4.00 -15.52 50.61
CA VAL L 332 4.25 -15.52 49.17
C VAL L 332 5.05 -14.28 48.84
N ASN L 333 6.20 -14.46 48.20
CA ASN L 333 7.05 -13.33 47.86
C ASN L 333 6.42 -12.55 46.70
N ASP L 334 6.98 -11.36 46.45
CA ASP L 334 6.39 -10.45 45.48
C ASP L 334 6.60 -10.92 44.05
N GLU L 335 5.63 -10.60 43.19
CA GLU L 335 5.64 -10.80 41.73
C GLU L 335 5.70 -12.27 41.34
N LEU L 336 4.94 -13.11 42.02
CA LEU L 336 4.86 -14.51 41.69
C LEU L 336 3.50 -14.82 41.08
N TYR L 337 3.41 -15.99 40.49
CA TYR L 337 2.17 -16.46 39.90
C TYR L 337 1.91 -17.86 40.39
N LEU L 338 0.72 -18.10 40.94
CA LEU L 338 0.35 -19.38 41.52
C LEU L 338 -0.90 -19.88 40.81
N ASN L 339 -0.81 -21.06 40.23
CA ASN L 339 -1.89 -21.71 39.51
C ASN L 339 -2.05 -23.09 40.14
N GLY L 340 -3.03 -23.26 41.01
CA GLY L 340 -3.23 -24.55 41.63
C GLY L 340 -2.22 -24.94 42.68
N ALA L 341 -1.64 -23.96 43.37
CA ALA L 341 -0.60 -24.24 44.34
C ALA L 341 -1.25 -24.58 45.67
N SER L 342 -1.36 -25.86 45.99
CA SER L 342 -1.86 -26.28 47.29
C SER L 342 -0.69 -26.28 48.26
N VAL L 343 -0.53 -25.20 49.01
CA VAL L 343 0.70 -24.92 49.71
C VAL L 343 0.59 -25.33 51.17
N LEU L 344 1.53 -26.17 51.60
CA LEU L 344 1.66 -26.59 52.97
C LEU L 344 1.95 -25.40 53.87
N PRO L 345 1.60 -25.47 55.16
CA PRO L 345 1.77 -24.30 56.04
C PRO L 345 3.21 -23.91 56.29
N HIS L 346 3.37 -22.66 56.74
CA HIS L 346 4.63 -22.04 57.15
C HIS L 346 5.64 -21.91 56.02
N LYS L 347 5.19 -22.03 54.78
CA LYS L 347 6.08 -22.05 53.63
C LYS L 347 6.36 -20.64 53.16
N SER L 348 7.58 -20.41 52.71
CA SER L 348 7.93 -19.20 51.99
C SER L 348 8.11 -19.56 50.52
N ILE L 349 7.25 -19.00 49.68
CA ILE L 349 7.23 -19.26 48.26
C ILE L 349 8.00 -18.14 47.56
N GLY L 350 9.05 -18.50 46.85
CA GLY L 350 9.83 -17.50 46.13
C GLY L 350 9.86 -17.75 44.64
N GLU L 351 9.18 -18.81 44.21
CA GLU L 351 9.11 -19.24 42.82
C GLU L 351 7.67 -19.40 42.39
N SER L 352 7.38 -19.02 41.14
CA SER L 352 6.05 -19.18 40.61
C SER L 352 5.71 -20.66 40.40
N VAL L 353 4.43 -20.97 40.51
CA VAL L 353 3.88 -22.31 40.36
C VAL L 353 2.86 -22.24 39.24
N PRO L 354 3.27 -22.48 37.98
CA PRO L 354 2.32 -22.32 36.87
C PRO L 354 1.48 -23.55 36.58
N GLU L 355 1.74 -24.66 37.25
CA GLU L 355 0.97 -25.86 37.10
C GLU L 355 0.42 -26.28 38.45
N PRO L 356 -0.74 -26.95 38.49
CA PRO L 356 -1.35 -27.31 39.78
C PRO L 356 -0.58 -28.35 40.58
N ARG L 357 0.40 -27.85 41.34
CA ARG L 357 1.34 -28.66 42.10
C ARG L 357 1.17 -28.41 43.59
N ILE L 358 1.28 -29.46 44.40
CA ILE L 358 1.35 -29.31 45.84
C ILE L 358 2.74 -28.82 46.21
N ILE L 359 2.83 -27.78 47.03
CA ILE L 359 4.09 -27.10 47.29
C ILE L 359 4.51 -27.45 48.71
N MET L 360 5.40 -28.43 48.84
CA MET L 360 5.80 -28.94 50.13
C MET L 360 7.31 -29.10 50.22
#